data_6HDD
#
_entry.id   6HDD
#
_cell.length_a   1.00
_cell.length_b   1.00
_cell.length_c   1.00
_cell.angle_alpha   90.00
_cell.angle_beta   90.00
_cell.angle_gamma   90.00
#
_symmetry.space_group_name_H-M   'P 1'
#
_entity_poly.entity_id   1
_entity_poly.type   'polypeptide(L)'
_entity_poly.pdbx_seq_one_letter_code
;TEISFTNKNDTREIVDEVVENAFSSVCSTMGPNGNYVVINQLNSPKVTKDGVSVARALDFNEARRNMIAKIITEPSIKTD
AEVGDGTTTTVFITYHLYQKFKDAMSFANTRYLDTLIKQVLQYIGTLIQPGEIESEMFRNMLLTSSNYEEEIVDKILDIY
REHKNPNIHLEKSPMLPADEVKMTKEIYFEGSFPIETQVPANGAYVVGPEKVGVVLIDGSIRAYPTQLINALLNRFIDNP
VVLMARNFEPEVIAAINNENQRLGTSRIFAYKVNAAGLLGAGTIDDLGRLLNIGPVFDVNSVDPALVKYNDVTLWLGRKG
ILLDKSIEEVESRADSILEGLDNRYEALGIIERQTPIGRELNRRIGRLRANNVTIKVTGVTVSDASERWARYEDVMKAAR
TGQQFGVIPGIGYGYLMASKWLEANVPQQSDEKLEKCRIGLIEVLRAQYEHLTGHDGSAENPIFIDLVTGQESDTPMNVY
DNAAATMIALEGAWQTAKTLGKISNVMGRSNTNYA
;
_entity_poly.pdbx_strand_id   A,B,C,D,E,F,G
#
# COMPACT_ATOMS: atom_id res chain seq x y z
N THR A 1 -13.66 0.33 15.90
CA THR A 1 -13.63 1.73 16.31
C THR A 1 -15.00 2.16 16.78
N GLU A 2 -15.93 1.21 16.82
CA GLU A 2 -17.34 1.54 17.02
C GLU A 2 -17.71 1.34 18.49
N ILE A 3 -16.89 1.96 19.33
CA ILE A 3 -17.15 2.17 20.74
C ILE A 3 -17.75 3.57 20.88
N SER A 4 -19.02 3.60 21.24
CA SER A 4 -19.69 4.82 21.66
C SER A 4 -20.77 4.36 22.62
N PHE A 5 -21.83 5.14 22.73
CA PHE A 5 -22.72 5.01 23.89
C PHE A 5 -23.49 3.71 23.90
N THR A 6 -22.90 2.70 24.49
CA THR A 6 -23.64 1.49 24.83
C THR A 6 -24.74 1.81 25.84
N ASN A 7 -25.81 1.03 25.80
CA ASN A 7 -27.09 1.49 26.30
C ASN A 7 -27.94 0.31 26.72
N LYS A 8 -28.26 0.22 28.01
CA LYS A 8 -27.37 0.44 29.14
C LYS A 8 -27.02 -0.97 29.49
N ASN A 9 -27.98 -1.83 29.16
CA ASN A 9 -27.86 -3.26 29.34
C ASN A 9 -26.68 -3.82 28.57
N ASP A 10 -26.25 -3.15 27.51
CA ASP A 10 -24.96 -3.40 26.90
C ASP A 10 -23.84 -2.65 27.64
N THR A 11 -24.06 -2.26 28.88
CA THR A 11 -22.98 -1.99 29.82
C THR A 11 -23.30 -2.62 31.16
N ARG A 12 -24.41 -3.34 31.27
CA ARG A 12 -24.49 -4.38 32.29
C ARG A 12 -23.87 -5.66 31.79
N GLU A 13 -23.97 -5.93 30.50
CA GLU A 13 -23.34 -7.09 29.87
C GLU A 13 -22.03 -6.73 29.23
N ILE A 14 -21.27 -5.89 29.90
CA ILE A 14 -19.89 -5.71 29.52
C ILE A 14 -19.15 -5.75 30.83
N VAL A 15 -19.89 -5.75 31.92
CA VAL A 15 -19.34 -6.04 33.24
C VAL A 15 -19.81 -7.37 33.80
N ASP A 16 -20.94 -7.91 33.35
CA ASP A 16 -21.32 -9.28 33.65
C ASP A 16 -20.41 -10.30 32.98
N GLU A 17 -19.68 -9.91 31.95
CA GLU A 17 -18.71 -10.80 31.32
C GLU A 17 -17.31 -10.29 31.54
N VAL A 18 -17.13 -9.42 32.50
CA VAL A 18 -15.80 -9.04 32.94
C VAL A 18 -15.56 -9.47 34.38
N VAL A 19 -16.53 -9.26 35.27
CA VAL A 19 -16.30 -9.77 36.62
C VAL A 19 -16.41 -11.27 36.64
N GLU A 20 -17.21 -11.85 35.75
CA GLU A 20 -17.35 -13.30 35.68
C GLU A 20 -16.07 -13.98 35.21
N ASN A 21 -15.48 -13.52 34.14
CA ASN A 21 -14.31 -14.23 33.67
C ASN A 21 -13.01 -13.73 34.27
N ALA A 22 -12.97 -12.52 34.81
CA ALA A 22 -11.87 -12.20 35.71
C ALA A 22 -12.03 -12.89 37.04
N PHE A 23 -13.19 -13.44 37.33
CA PHE A 23 -13.38 -14.24 38.52
C PHE A 23 -12.99 -15.69 38.30
N SER A 24 -13.40 -16.29 37.19
CA SER A 24 -12.92 -17.64 36.92
C SER A 24 -11.49 -17.65 36.42
N SER A 25 -10.89 -16.51 36.16
CA SER A 25 -9.46 -16.48 35.98
C SER A 25 -8.73 -16.82 37.26
N VAL A 26 -8.96 -16.06 38.34
CA VAL A 26 -8.15 -16.11 39.55
C VAL A 26 -8.93 -16.63 40.75
N CYS A 27 -10.08 -17.24 40.55
CA CYS A 27 -10.59 -18.09 41.61
C CYS A 27 -10.20 -19.53 41.34
N SER A 28 -9.55 -19.78 40.20
CA SER A 28 -8.98 -21.09 39.93
C SER A 28 -7.61 -21.24 40.56
N THR A 29 -6.82 -20.18 40.61
CA THR A 29 -5.50 -20.31 41.19
C THR A 29 -5.51 -20.30 42.70
N MET A 30 -6.62 -20.55 43.36
CA MET A 30 -6.64 -20.50 44.80
C MET A 30 -6.66 -21.90 45.39
N GLY A 31 -6.25 -21.99 46.65
CA GLY A 31 -6.48 -23.16 47.45
C GLY A 31 -5.43 -24.23 47.31
N PRO A 32 -5.79 -25.44 47.68
CA PRO A 32 -4.88 -26.57 47.44
C PRO A 32 -4.91 -27.01 45.98
N ASN A 33 -6.05 -26.88 45.31
CA ASN A 33 -6.21 -27.43 43.95
C ASN A 33 -5.73 -26.41 42.92
N GLY A 34 -4.46 -26.06 43.05
CA GLY A 34 -3.87 -24.91 42.39
C GLY A 34 -3.80 -25.08 40.90
N ASN A 35 -4.66 -24.35 40.21
CA ASN A 35 -5.08 -24.66 38.85
C ASN A 35 -4.56 -23.53 37.96
N TYR A 36 -3.36 -23.71 37.42
CA TYR A 36 -2.45 -22.67 36.92
C TYR A 36 -3.06 -21.86 35.78
N VAL A 37 -2.34 -20.80 35.42
CA VAL A 37 -2.74 -19.93 34.33
C VAL A 37 -1.55 -19.75 33.42
N VAL A 38 -1.72 -19.95 32.13
CA VAL A 38 -0.62 -19.78 31.19
C VAL A 38 -0.69 -18.36 30.65
N ILE A 39 0.13 -17.49 31.22
CA ILE A 39 0.28 -16.14 30.72
C ILE A 39 1.17 -16.21 29.51
N ASN A 40 0.71 -15.68 28.42
CA ASN A 40 1.59 -15.60 27.28
C ASN A 40 2.57 -14.46 27.47
N GLN A 41 3.45 -14.28 26.52
CA GLN A 41 4.13 -13.03 26.26
C GLN A 41 3.60 -12.66 24.88
N LEU A 42 4.32 -11.81 24.16
CA LEU A 42 4.13 -11.98 22.72
C LEU A 42 5.07 -13.07 22.20
N ASN A 43 5.91 -13.57 23.08
CA ASN A 43 6.91 -14.61 22.95
C ASN A 43 6.30 -15.97 23.34
N SER A 44 7.16 -16.90 23.71
CA SER A 44 6.95 -18.16 24.41
C SER A 44 6.12 -18.00 25.69
N PRO A 45 5.48 -19.06 26.18
CA PRO A 45 4.60 -18.91 27.34
C PRO A 45 5.34 -18.91 28.67
N LYS A 46 4.64 -18.38 29.67
CA LYS A 46 4.95 -18.54 31.07
C LYS A 46 3.77 -19.26 31.70
N VAL A 47 4.01 -20.20 32.59
CA VAL A 47 2.90 -20.80 33.33
C VAL A 47 3.06 -20.44 34.79
N THR A 48 2.07 -19.76 35.34
CA THR A 48 2.16 -19.16 36.65
C THR A 48 1.01 -19.57 37.53
N LYS A 49 1.10 -19.15 38.78
CA LYS A 49 0.01 -19.28 39.74
C LYS A 49 -0.55 -17.92 40.11
N ASP A 50 0.30 -17.03 40.60
CA ASP A 50 -0.15 -15.95 41.48
C ASP A 50 -0.97 -14.90 40.76
N GLY A 51 -2.03 -14.46 41.41
CA GLY A 51 -2.95 -13.50 40.83
C GLY A 51 -2.35 -12.16 40.56
N VAL A 52 -1.17 -11.89 41.12
CA VAL A 52 -0.36 -10.75 40.72
C VAL A 52 -0.16 -10.76 39.21
N SER A 53 0.48 -11.81 38.72
CA SER A 53 0.79 -11.90 37.31
C SER A 53 -0.26 -12.64 36.50
N VAL A 54 -1.47 -12.77 37.01
CA VAL A 54 -2.62 -13.01 36.15
C VAL A 54 -3.40 -11.72 35.95
N ALA A 55 -3.57 -10.97 37.03
CA ALA A 55 -4.22 -9.68 36.98
C ALA A 55 -3.37 -8.62 36.28
N ARG A 56 -2.06 -8.84 36.14
CA ARG A 56 -1.30 -8.03 35.20
C ARG A 56 -1.81 -8.23 33.79
N ALA A 57 -2.17 -9.46 33.45
CA ALA A 57 -2.30 -9.86 32.05
C ALA A 57 -3.70 -10.28 31.71
N LEU A 58 -4.70 -9.73 32.36
CA LEU A 58 -6.07 -9.94 31.88
C LEU A 58 -6.30 -8.88 30.83
N ASP A 59 -6.28 -9.29 29.57
CA ASP A 59 -6.21 -8.36 28.46
C ASP A 59 -7.12 -8.88 27.37
N PHE A 60 -8.36 -8.41 27.37
CA PHE A 60 -9.29 -8.74 26.32
C PHE A 60 -8.90 -8.06 25.03
N ASN A 61 -9.36 -8.65 23.93
CA ASN A 61 -9.09 -8.13 22.60
C ASN A 61 -9.78 -6.79 22.37
N GLU A 62 -11.02 -6.67 22.81
CA GLU A 62 -11.86 -5.50 22.61
C GLU A 62 -11.30 -4.31 23.38
N ALA A 63 -11.73 -3.11 23.00
CA ALA A 63 -11.42 -1.93 23.78
C ALA A 63 -12.49 -1.57 24.78
N ARG A 64 -13.57 -2.33 24.87
CA ARG A 64 -14.50 -2.07 25.96
C ARG A 64 -14.14 -2.88 27.19
N ARG A 65 -13.94 -4.18 27.00
CA ARG A 65 -13.67 -5.06 28.10
C ARG A 65 -12.33 -4.75 28.73
N ASN A 66 -11.38 -4.30 27.92
CA ASN A 66 -10.11 -3.84 28.43
C ASN A 66 -10.28 -2.60 29.29
N MET A 67 -11.11 -1.67 28.82
CA MET A 67 -11.42 -0.44 29.54
C MET A 67 -12.09 -0.73 30.86
N ILE A 68 -13.04 -1.66 30.88
CA ILE A 68 -13.70 -2.01 32.11
C ILE A 68 -12.76 -2.76 33.04
N ALA A 69 -12.08 -3.76 32.53
CA ALA A 69 -11.22 -4.53 33.39
C ALA A 69 -9.90 -3.86 33.65
N LYS A 70 -9.74 -2.57 33.36
CA LYS A 70 -8.69 -1.78 33.99
C LYS A 70 -9.09 -1.17 35.31
N ILE A 71 -10.32 -1.37 35.78
CA ILE A 71 -10.68 -0.87 37.10
C ILE A 71 -10.98 -1.98 38.08
N ILE A 72 -11.08 -3.22 37.61
CA ILE A 72 -11.20 -4.34 38.53
C ILE A 72 -9.82 -4.86 38.90
N THR A 73 -8.81 -4.62 38.06
CA THR A 73 -7.46 -5.09 38.27
C THR A 73 -6.52 -4.01 38.76
N GLU A 74 -6.95 -2.78 38.82
CA GLU A 74 -5.98 -1.77 39.20
C GLU A 74 -5.82 -1.68 40.72
N PRO A 75 -6.88 -1.77 41.56
CA PRO A 75 -6.60 -2.05 42.97
C PRO A 75 -6.07 -3.44 43.24
N SER A 76 -6.24 -4.40 42.34
CA SER A 76 -5.66 -5.72 42.56
C SER A 76 -4.15 -5.70 42.37
N ILE A 77 -3.61 -4.76 41.60
CA ILE A 77 -2.18 -4.60 41.63
C ILE A 77 -1.75 -3.55 42.64
N LYS A 78 -2.65 -2.64 43.05
CA LYS A 78 -2.28 -1.76 44.15
C LYS A 78 -2.15 -2.50 45.47
N THR A 79 -2.96 -3.54 45.67
CA THR A 79 -3.07 -4.21 46.96
C THR A 79 -1.78 -4.91 47.31
N ASP A 80 -1.16 -5.54 46.33
CA ASP A 80 0.13 -6.17 46.50
C ASP A 80 1.30 -5.28 46.11
N ALA A 81 1.06 -4.15 45.43
CA ALA A 81 2.12 -3.16 45.33
C ALA A 81 2.42 -2.56 46.70
N GLU A 82 1.41 -2.49 47.56
CA GLU A 82 1.68 -2.15 48.95
C GLU A 82 2.45 -3.26 49.65
N VAL A 83 2.08 -4.52 49.42
CA VAL A 83 2.72 -5.58 50.18
C VAL A 83 3.33 -6.70 49.33
N GLY A 84 2.54 -7.35 48.48
CA GLY A 84 3.01 -8.53 47.79
C GLY A 84 1.99 -9.66 47.68
N ASP A 85 0.96 -9.63 48.51
CA ASP A 85 -0.03 -10.70 48.51
C ASP A 85 -1.36 -10.21 49.04
N GLY A 86 -2.43 -10.57 48.35
CA GLY A 86 -3.70 -9.94 48.58
C GLY A 86 -4.41 -9.59 47.29
N THR A 87 -3.90 -10.10 46.18
CA THR A 87 -4.55 -9.83 44.91
C THR A 87 -5.82 -10.63 44.74
N THR A 88 -5.73 -11.93 44.98
CA THR A 88 -6.86 -12.80 44.69
C THR A 88 -8.02 -12.55 45.62
N THR A 89 -7.78 -12.05 46.82
CA THR A 89 -8.89 -11.75 47.70
C THR A 89 -9.60 -10.48 47.26
N THR A 90 -8.85 -9.49 46.75
CA THR A 90 -9.44 -8.32 46.11
C THR A 90 -10.33 -8.71 44.93
N VAL A 91 -9.77 -9.36 43.93
CA VAL A 91 -10.47 -9.58 42.66
C VAL A 91 -11.28 -10.87 42.77
N PHE A 92 -11.39 -11.39 43.97
CA PHE A 92 -12.32 -12.44 44.30
C PHE A 92 -13.54 -11.92 45.07
N ILE A 93 -13.32 -11.16 46.14
CA ILE A 93 -14.50 -10.73 46.88
C ILE A 93 -15.10 -9.49 46.27
N THR A 94 -14.48 -8.90 45.24
CA THR A 94 -15.25 -7.96 44.45
C THR A 94 -16.31 -8.66 43.60
N TYR A 95 -16.03 -9.87 43.12
CA TYR A 95 -17.08 -10.62 42.46
C TYR A 95 -18.12 -11.09 43.46
N HIS A 96 -17.69 -11.49 44.64
CA HIS A 96 -18.73 -11.90 45.58
C HIS A 96 -19.54 -10.74 46.12
N LEU A 97 -19.02 -9.52 46.09
CA LEU A 97 -19.80 -8.35 46.43
C LEU A 97 -20.55 -7.79 45.24
N TYR A 98 -20.34 -8.36 44.08
CA TYR A 98 -21.14 -8.03 42.92
C TYR A 98 -22.49 -8.77 42.93
N GLN A 99 -22.96 -9.24 44.07
CA GLN A 99 -24.36 -9.55 44.27
C GLN A 99 -25.15 -8.36 44.76
N LYS A 100 -24.48 -7.28 45.15
CA LYS A 100 -25.15 -6.02 45.45
C LYS A 100 -25.68 -5.37 44.18
N PHE A 101 -25.09 -5.71 43.04
CA PHE A 101 -25.35 -5.27 41.66
C PHE A 101 -26.80 -5.02 41.29
N LYS A 102 -27.71 -5.69 41.96
CA LYS A 102 -29.13 -5.51 41.75
C LYS A 102 -29.73 -4.45 42.68
N ASP A 103 -29.02 -4.04 43.74
CA ASP A 103 -29.39 -2.86 44.51
C ASP A 103 -28.65 -1.61 44.02
N ALA A 104 -28.69 -1.38 42.71
CA ALA A 104 -28.04 -0.20 42.14
C ALA A 104 -28.72 1.07 42.63
N MET A 105 -30.04 1.02 42.80
CA MET A 105 -30.71 1.92 43.74
C MET A 105 -30.16 1.57 45.12
N SER A 106 -29.35 2.47 45.66
CA SER A 106 -28.39 2.09 46.67
C SER A 106 -28.40 2.97 47.89
N PHE A 107 -28.83 4.22 47.80
CA PHE A 107 -28.56 5.16 48.87
C PHE A 107 -29.43 4.93 50.09
N ALA A 108 -30.35 3.97 50.02
CA ALA A 108 -30.95 3.43 51.24
C ALA A 108 -30.05 2.37 51.88
N ASN A 109 -29.49 1.47 51.08
CA ASN A 109 -28.72 0.35 51.60
C ASN A 109 -27.30 0.36 51.05
N THR A 110 -26.67 1.53 51.10
CA THR A 110 -25.23 1.63 51.02
C THR A 110 -24.68 2.63 52.03
N ARG A 111 -25.52 3.54 52.53
CA ARG A 111 -25.25 4.17 53.82
C ARG A 111 -25.12 3.12 54.90
N TYR A 112 -25.95 2.08 54.84
CA TYR A 112 -25.92 1.02 55.83
C TYR A 112 -24.73 0.11 55.67
N LEU A 113 -24.30 -0.12 54.44
CA LEU A 113 -23.31 -1.14 54.19
C LEU A 113 -21.92 -0.67 54.60
N ASP A 114 -21.64 0.61 54.50
CA ASP A 114 -20.38 1.07 55.05
C ASP A 114 -20.45 1.35 56.55
N THR A 115 -21.62 1.29 57.17
CA THR A 115 -21.64 1.20 58.62
C THR A 115 -21.47 -0.22 59.08
N LEU A 116 -21.75 -1.17 58.22
CA LEU A 116 -21.55 -2.57 58.53
C LEU A 116 -20.11 -3.01 58.29
N ILE A 117 -19.56 -2.68 57.13
CA ILE A 117 -18.21 -3.11 56.77
C ILE A 117 -17.16 -2.36 57.57
N LYS A 118 -17.48 -1.18 58.07
CA LYS A 118 -16.57 -0.54 59.01
C LYS A 118 -16.50 -1.31 60.32
N GLN A 119 -17.63 -1.85 60.77
CA GLN A 119 -17.65 -2.67 61.97
C GLN A 119 -16.98 -4.02 61.74
N VAL A 120 -17.10 -4.57 60.54
CA VAL A 120 -16.39 -5.79 60.20
C VAL A 120 -14.89 -5.56 60.21
N LEU A 121 -14.43 -4.48 59.58
CA LEU A 121 -13.01 -4.14 59.58
C LEU A 121 -12.47 -3.92 60.97
N GLN A 122 -13.27 -3.31 61.84
CA GLN A 122 -12.90 -3.21 63.24
C GLN A 122 -12.77 -4.58 63.88
N TYR A 123 -13.66 -5.51 63.55
CA TYR A 123 -13.62 -6.81 64.20
C TYR A 123 -12.50 -7.68 63.66
N ILE A 124 -12.15 -7.50 62.38
CA ILE A 124 -11.03 -8.23 61.82
C ILE A 124 -9.75 -7.71 62.42
N GLY A 125 -9.59 -6.38 62.50
CA GLY A 125 -8.44 -5.80 63.16
C GLY A 125 -8.40 -6.04 64.65
N THR A 126 -9.51 -6.45 65.24
CA THR A 126 -9.50 -6.89 66.62
C THR A 126 -8.66 -8.14 66.79
N LEU A 127 -8.99 -9.19 66.04
CA LEU A 127 -8.36 -10.50 66.24
C LEU A 127 -7.20 -10.68 65.25
N ILE A 128 -6.05 -10.11 65.63
CA ILE A 128 -4.80 -10.27 64.91
C ILE A 128 -3.81 -10.89 65.89
N GLN A 129 -3.01 -11.85 65.41
CA GLN A 129 -1.97 -12.48 66.22
C GLN A 129 -0.61 -12.15 65.61
N PRO A 130 -0.08 -10.94 65.86
CA PRO A 130 1.14 -10.52 65.16
C PRO A 130 2.36 -11.24 65.69
N GLY A 131 2.91 -12.14 64.87
CA GLY A 131 4.13 -12.81 65.24
C GLY A 131 5.32 -11.90 65.06
N GLU A 132 6.07 -11.67 66.13
CA GLU A 132 7.33 -10.95 66.03
C GLU A 132 8.50 -11.72 66.63
N ILE A 133 8.25 -12.52 67.65
CA ILE A 133 9.21 -13.53 68.07
C ILE A 133 9.01 -14.74 67.17
N GLU A 134 9.90 -15.71 67.28
CA GLU A 134 9.89 -16.88 66.41
C GLU A 134 9.21 -18.09 67.05
N SER A 135 8.16 -17.88 67.84
CA SER A 135 7.44 -19.02 68.41
C SER A 135 6.54 -19.67 67.36
N GLU A 136 5.54 -18.94 66.88
CA GLU A 136 4.74 -19.39 65.76
C GLU A 136 5.25 -18.88 64.43
N MET A 137 6.21 -17.96 64.45
CA MET A 137 6.92 -17.66 63.21
C MET A 137 7.80 -18.84 62.81
N PHE A 138 8.24 -19.63 63.79
CA PHE A 138 8.82 -20.92 63.47
C PHE A 138 7.82 -21.81 62.77
N ARG A 139 6.56 -21.77 63.17
CA ARG A 139 5.53 -22.54 62.49
C ARG A 139 5.29 -22.01 61.08
N ASN A 140 5.35 -20.69 60.91
CA ASN A 140 5.19 -20.08 59.58
C ASN A 140 6.29 -20.53 58.63
N MET A 141 7.54 -20.42 59.07
CA MET A 141 8.65 -20.83 58.22
C MET A 141 8.73 -22.35 58.08
N LEU A 142 8.30 -23.07 59.11
CA LEU A 142 8.28 -24.52 59.07
C LEU A 142 7.21 -25.03 58.12
N LEU A 143 6.17 -24.24 57.91
CA LEU A 143 5.04 -24.66 57.10
C LEU A 143 5.10 -24.12 55.68
N THR A 144 5.76 -22.99 55.45
CA THR A 144 5.77 -22.42 54.11
C THR A 144 6.70 -23.16 53.15
N SER A 145 7.55 -24.05 53.66
CA SER A 145 8.41 -24.86 52.80
C SER A 145 8.25 -26.34 53.08
N SER A 146 7.20 -26.74 53.81
CA SER A 146 6.95 -28.11 54.27
C SER A 146 8.12 -28.64 55.09
N ASN A 147 8.80 -27.72 55.80
CA ASN A 147 10.13 -27.92 56.37
C ASN A 147 11.07 -28.52 55.34
N TYR A 148 11.33 -27.72 54.31
CA TYR A 148 12.29 -28.12 53.27
C TYR A 148 13.69 -28.26 53.87
N GLU A 149 14.24 -27.16 54.36
CA GLU A 149 15.56 -27.16 54.95
C GLU A 149 15.50 -26.33 56.22
N GLU A 150 15.87 -26.96 57.34
CA GLU A 150 15.86 -26.31 58.63
C GLU A 150 16.90 -25.20 58.71
N GLU A 151 17.93 -25.26 57.88
CA GLU A 151 18.85 -24.13 57.76
C GLU A 151 18.14 -22.93 57.17
N ILE A 152 17.22 -23.15 56.22
CA ILE A 152 16.50 -22.04 55.62
C ILE A 152 15.52 -21.43 56.63
N VAL A 153 14.91 -22.28 57.45
CA VAL A 153 14.01 -21.79 58.48
C VAL A 153 14.79 -21.09 59.58
N ASP A 154 15.95 -21.61 59.93
CA ASP A 154 16.71 -21.03 61.04
C ASP A 154 17.47 -19.78 60.61
N LYS A 155 17.87 -19.69 59.34
CA LYS A 155 18.79 -18.66 58.90
C LYS A 155 18.10 -17.33 58.67
N ILE A 156 16.92 -17.35 58.05
CA ILE A 156 16.19 -16.11 57.87
C ILE A 156 15.68 -15.58 59.21
N LEU A 157 15.32 -16.49 60.13
CA LEU A 157 14.91 -16.06 61.45
C LEU A 157 16.10 -15.61 62.28
N ASP A 158 17.28 -16.13 61.99
CA ASP A 158 18.47 -15.68 62.69
C ASP A 158 18.95 -14.33 62.19
N ILE A 159 18.68 -13.99 60.93
CA ILE A 159 18.94 -12.63 60.51
C ILE A 159 17.94 -11.68 61.14
N TYR A 160 16.67 -12.07 61.19
CA TYR A 160 15.68 -11.27 61.92
C TYR A 160 15.87 -11.28 63.43
N ARG A 161 16.74 -12.13 63.96
CA ARG A 161 16.94 -12.23 65.40
C ARG A 161 17.57 -10.97 65.97
N GLU A 162 18.61 -10.44 65.32
CA GLU A 162 19.34 -9.31 65.88
C GLU A 162 18.95 -7.98 65.24
N HIS A 163 19.11 -7.85 63.93
CA HIS A 163 18.98 -6.55 63.31
C HIS A 163 17.52 -6.25 62.98
N LYS A 164 17.08 -5.05 63.31
CA LYS A 164 15.72 -4.64 63.03
C LYS A 164 15.54 -4.44 61.54
N ASN A 165 14.45 -5.02 60.99
CA ASN A 165 13.92 -5.06 59.63
C ASN A 165 14.97 -4.93 58.52
N PRO A 166 15.93 -5.87 58.41
CA PRO A 166 17.01 -5.70 57.45
C PRO A 166 16.54 -6.00 56.03
N ASN A 167 17.29 -5.45 55.08
CA ASN A 167 17.05 -5.74 53.67
C ASN A 167 17.66 -7.11 53.37
N ILE A 168 16.82 -8.12 53.23
CA ILE A 168 17.26 -9.45 52.87
C ILE A 168 17.59 -9.45 51.37
N HIS A 169 18.85 -9.70 51.04
CA HIS A 169 19.28 -9.84 49.67
C HIS A 169 20.09 -11.12 49.51
N LEU A 170 19.88 -11.80 48.39
CA LEU A 170 20.33 -13.17 48.22
C LEU A 170 20.86 -13.38 46.81
N GLU A 171 21.94 -14.15 46.69
CA GLU A 171 22.59 -14.37 45.41
C GLU A 171 22.83 -15.86 45.15
N LYS A 172 23.39 -16.15 43.99
CA LYS A 172 23.81 -17.49 43.61
C LYS A 172 25.33 -17.55 43.54
N SER A 173 25.87 -18.76 43.72
CA SER A 173 27.31 -18.94 43.61
C SER A 173 27.61 -20.41 43.39
N PRO A 174 28.71 -20.73 42.73
CA PRO A 174 29.21 -22.12 42.75
C PRO A 174 30.13 -22.38 43.95
N MET A 175 29.63 -22.09 45.14
CA MET A 175 30.27 -22.52 46.37
C MET A 175 29.19 -23.01 47.33
N LEU A 176 29.45 -24.12 47.98
CA LEU A 176 28.56 -24.70 49.00
C LEU A 176 28.61 -24.18 50.44
N PRO A 177 29.80 -23.86 51.08
CA PRO A 177 29.77 -23.66 52.55
C PRO A 177 29.06 -22.39 53.01
N ALA A 178 29.18 -22.12 54.32
CA ALA A 178 28.26 -21.28 55.09
C ALA A 178 28.06 -19.89 54.48
N ASP A 179 26.81 -19.45 54.50
CA ASP A 179 26.39 -18.33 53.69
C ASP A 179 26.80 -17.00 54.34
N GLU A 180 26.62 -15.93 53.58
CA GLU A 180 27.37 -14.69 53.74
C GLU A 180 26.56 -13.64 54.50
N VAL A 181 26.49 -13.79 55.81
CA VAL A 181 25.81 -12.82 56.66
C VAL A 181 26.57 -11.48 56.61
N LYS A 182 25.94 -10.46 56.03
CA LYS A 182 26.57 -9.15 55.81
C LYS A 182 25.65 -8.03 56.31
N MET A 183 25.68 -7.77 57.62
CA MET A 183 24.98 -6.62 58.19
C MET A 183 25.81 -5.37 57.89
N THR A 184 25.59 -4.80 56.72
CA THR A 184 26.41 -3.72 56.19
C THR A 184 25.59 -2.43 56.11
N LYS A 185 26.11 -1.36 56.72
CA LYS A 185 25.42 -0.08 56.74
C LYS A 185 25.58 0.60 55.39
N GLU A 186 24.54 0.54 54.57
CA GLU A 186 24.41 1.42 53.41
C GLU A 186 22.97 1.90 53.35
N ILE A 187 22.80 3.12 52.85
CA ILE A 187 21.50 3.77 52.82
C ILE A 187 21.14 4.01 51.36
N TYR A 188 20.13 3.29 50.90
CA TYR A 188 19.70 3.44 49.52
C TYR A 188 18.78 4.63 49.36
N PHE A 189 19.01 5.39 48.30
CA PHE A 189 18.08 6.36 47.75
C PHE A 189 18.52 6.61 46.31
N GLU A 190 17.80 7.46 45.60
CA GLU A 190 17.94 7.56 44.16
C GLU A 190 18.69 8.82 43.76
N GLY A 191 19.53 8.69 42.72
CA GLY A 191 20.18 9.84 42.12
C GLY A 191 21.12 9.46 41.00
N SER A 192 20.99 10.12 39.86
CA SER A 192 21.75 9.76 38.66
C SER A 192 22.08 11.04 37.90
N PHE A 193 22.38 10.90 36.62
CA PHE A 193 22.77 12.06 35.83
C PHE A 193 21.58 12.61 35.06
N PRO A 194 21.42 13.92 34.99
CA PRO A 194 20.61 14.49 33.92
C PRO A 194 21.39 14.48 32.61
N ILE A 195 22.67 14.83 32.69
CA ILE A 195 23.62 14.82 31.60
C ILE A 195 24.88 14.20 32.17
N GLU A 196 25.65 13.49 31.32
CA GLU A 196 26.89 12.85 31.74
C GLU A 196 27.94 13.84 32.25
N THR A 197 27.84 15.12 31.89
CA THR A 197 28.79 16.11 32.38
C THR A 197 28.60 16.46 33.85
N GLN A 198 27.50 16.03 34.48
CA GLN A 198 27.27 16.38 35.86
C GLN A 198 28.02 15.48 36.82
N VAL A 199 28.18 14.21 36.47
CA VAL A 199 28.80 13.23 37.35
C VAL A 199 30.31 13.40 37.27
N PRO A 200 31.03 13.42 38.39
CA PRO A 200 32.51 13.47 38.31
C PRO A 200 33.13 12.20 37.75
N ALA A 201 32.47 11.05 37.88
CA ALA A 201 32.97 9.81 37.31
C ALA A 201 32.13 9.39 36.11
N ASN A 202 32.54 8.28 35.48
CA ASN A 202 31.75 7.69 34.41
C ASN A 202 31.61 6.19 34.47
N GLY A 203 32.53 5.46 35.12
CA GLY A 203 32.42 4.02 35.19
C GLY A 203 31.35 3.57 36.16
N ALA A 204 31.56 3.84 37.45
CA ALA A 204 30.57 3.54 38.48
C ALA A 204 29.94 4.81 39.04
N TYR A 205 30.20 5.96 38.40
CA TYR A 205 29.60 7.26 38.69
C TYR A 205 29.94 7.78 40.09
N VAL A 206 30.97 7.25 40.73
CA VAL A 206 31.20 7.50 42.15
C VAL A 206 31.80 8.88 42.34
N VAL A 207 31.19 9.66 43.23
CA VAL A 207 31.69 10.99 43.56
C VAL A 207 32.98 10.86 44.37
N GLY A 208 33.69 11.98 44.51
CA GLY A 208 35.03 12.04 45.06
C GLY A 208 35.12 12.77 46.37
N PRO A 209 34.30 12.36 47.39
CA PRO A 209 33.77 13.30 48.38
C PRO A 209 34.81 14.00 49.26
N GLU A 210 35.00 15.27 48.98
CA GLU A 210 35.83 16.15 49.77
C GLU A 210 35.32 17.56 49.58
N LYS A 211 35.29 18.32 50.67
CA LYS A 211 34.75 19.69 50.80
C LYS A 211 33.40 19.83 50.11
N VAL A 212 32.52 18.87 50.38
CA VAL A 212 31.32 18.65 49.56
C VAL A 212 30.32 19.75 49.89
N GLY A 213 30.27 20.78 49.02
CA GLY A 213 29.39 21.90 49.20
C GLY A 213 28.13 21.73 48.38
N VAL A 214 27.02 21.45 49.08
CA VAL A 214 25.76 21.14 48.42
C VAL A 214 24.77 22.25 48.73
N VAL A 215 24.15 22.79 47.69
CA VAL A 215 23.01 23.68 47.84
C VAL A 215 21.76 22.87 47.56
N LEU A 216 20.66 23.24 48.20
CA LEU A 216 19.41 22.51 48.04
C LEU A 216 18.33 23.43 47.53
N ILE A 217 17.86 23.17 46.32
CA ILE A 217 16.54 23.64 45.92
C ILE A 217 15.74 22.36 45.82
N ASP A 218 15.15 21.94 46.93
CA ASP A 218 14.88 20.53 47.13
C ASP A 218 13.49 20.14 46.66
N GLY A 219 12.57 21.09 46.59
CA GLY A 219 11.19 20.78 46.28
C GLY A 219 10.94 20.59 44.80
N SER A 220 9.65 20.45 44.49
CA SER A 220 9.13 20.37 43.13
C SER A 220 9.25 21.74 42.47
N ILE A 221 10.42 22.01 41.88
CA ILE A 221 10.68 23.33 41.32
C ILE A 221 10.16 23.39 39.88
N ARG A 222 9.26 24.33 39.62
CA ARG A 222 8.81 24.66 38.27
C ARG A 222 9.47 25.93 37.76
N ALA A 223 10.22 26.63 38.61
CA ALA A 223 10.71 27.98 38.34
C ALA A 223 11.85 28.05 37.34
N TYR A 224 12.23 26.91 36.72
CA TYR A 224 13.21 26.77 35.64
C TYR A 224 14.56 27.33 36.08
N PRO A 225 15.29 26.65 36.96
CA PRO A 225 16.50 27.25 37.54
C PRO A 225 17.67 27.32 36.57
N THR A 226 17.60 28.27 35.63
CA THR A 226 18.76 28.60 34.82
C THR A 226 19.64 29.65 35.48
N GLN A 227 19.24 30.16 36.65
CA GLN A 227 19.92 31.22 37.35
C GLN A 227 21.03 30.70 38.26
N LEU A 228 21.53 29.50 37.99
CA LEU A 228 22.35 28.77 38.96
C LEU A 228 23.84 28.94 38.72
N ILE A 229 24.27 30.10 38.24
CA ILE A 229 25.65 30.25 37.81
C ILE A 229 26.43 31.23 38.66
N ASN A 230 25.75 32.10 39.42
CA ASN A 230 26.44 33.18 40.11
C ASN A 230 27.13 32.69 41.38
N ALA A 231 26.42 32.00 42.27
CA ALA A 231 27.10 31.36 43.38
C ALA A 231 27.89 30.14 42.93
N LEU A 232 27.57 29.61 41.74
CA LEU A 232 28.44 28.60 41.14
C LEU A 232 29.81 29.20 40.81
N LEU A 233 29.82 30.43 40.30
CA LEU A 233 31.07 31.15 40.06
C LEU A 233 31.72 31.56 41.37
N ASN A 234 30.90 31.86 42.38
CA ASN A 234 31.40 32.15 43.71
C ASN A 234 31.92 30.90 44.42
N ARG A 235 31.62 29.72 43.90
CA ARG A 235 31.95 28.45 44.51
C ARG A 235 32.51 27.50 43.46
N PHE A 236 33.40 28.00 42.60
CA PHE A 236 33.83 27.26 41.42
C PHE A 236 34.75 26.09 41.79
N ILE A 237 35.91 26.40 42.34
CA ILE A 237 36.81 25.40 42.88
C ILE A 237 36.77 25.36 44.40
N ASP A 238 35.84 26.11 45.01
CA ASP A 238 35.72 26.15 46.46
C ASP A 238 35.07 24.91 47.02
N ASN A 239 34.32 24.18 46.20
CA ASN A 239 33.59 22.97 46.57
C ASN A 239 33.08 22.26 45.32
N PRO A 240 32.87 20.94 45.38
CA PRO A 240 32.02 20.30 44.38
C PRO A 240 30.56 20.70 44.62
N VAL A 241 30.07 21.63 43.80
CA VAL A 241 28.74 22.19 44.00
C VAL A 241 27.71 21.17 43.57
N VAL A 242 26.80 20.85 44.47
CA VAL A 242 25.74 19.92 44.18
C VAL A 242 24.42 20.62 44.42
N LEU A 243 23.54 20.59 43.44
CA LEU A 243 22.14 20.93 43.64
C LEU A 243 21.39 19.62 43.84
N MET A 244 20.37 19.65 44.68
CA MET A 244 19.53 18.49 44.91
C MET A 244 18.08 18.93 44.93
N ALA A 245 17.23 18.19 44.21
CA ALA A 245 15.84 18.55 44.06
C ALA A 245 14.92 17.35 44.28
N ARG A 246 13.65 17.53 43.98
CA ARG A 246 12.65 16.47 44.01
C ARG A 246 12.74 15.73 42.67
N ASN A 247 11.80 14.83 42.37
CA ASN A 247 11.71 14.27 41.03
C ASN A 247 11.28 15.31 40.00
N PHE A 248 10.65 16.40 40.44
CA PHE A 248 10.13 17.40 39.51
C PHE A 248 11.24 18.40 39.21
N GLU A 249 12.07 18.05 38.23
CA GLU A 249 12.92 19.03 37.58
C GLU A 249 12.26 19.46 36.28
N PRO A 250 12.36 20.73 35.91
CA PRO A 250 11.90 21.12 34.56
C PRO A 250 12.87 20.70 33.48
N GLU A 251 12.66 21.18 32.27
CA GLU A 251 13.53 20.86 31.15
C GLU A 251 14.67 21.86 31.00
N VAL A 252 15.18 22.36 32.13
CA VAL A 252 16.25 23.35 32.22
C VAL A 252 17.60 22.73 31.90
N ILE A 253 17.61 21.42 31.61
CA ILE A 253 18.81 20.72 31.14
C ILE A 253 19.37 21.31 29.86
N ALA A 254 18.53 21.91 29.02
CA ALA A 254 19.02 22.70 27.90
C ALA A 254 19.75 23.95 28.39
N ALA A 255 19.32 24.50 29.52
CA ALA A 255 20.04 25.59 30.16
C ALA A 255 21.07 25.10 31.17
N ILE A 256 21.37 23.80 31.14
CA ILE A 256 22.47 23.23 31.91
C ILE A 256 23.63 22.84 30.99
N ASN A 257 23.35 22.05 29.95
CA ASN A 257 24.40 21.57 29.07
C ASN A 257 25.03 22.68 28.24
N ASN A 258 24.33 23.80 28.09
CA ASN A 258 24.82 24.94 27.34
C ASN A 258 25.28 26.08 28.23
N GLU A 259 25.02 26.01 29.54
CA GLU A 259 25.38 27.09 30.44
C GLU A 259 26.31 26.66 31.55
N ASN A 260 25.97 25.58 32.25
CA ASN A 260 26.67 25.14 33.44
C ASN A 260 27.66 24.02 33.10
N GLN A 261 27.37 23.23 32.06
CA GLN A 261 28.43 22.46 31.41
C GLN A 261 29.43 23.41 30.74
N ARG A 262 28.92 24.49 30.17
CA ARG A 262 29.76 25.53 29.58
C ARG A 262 30.21 26.50 30.67
N LEU A 263 30.67 27.68 30.26
CA LEU A 263 31.38 28.66 31.11
C LEU A 263 30.66 28.93 32.42
N GLY A 264 31.37 28.71 33.52
CA GLY A 264 30.73 28.38 34.77
C GLY A 264 30.64 26.87 34.89
N THR A 265 31.79 26.19 34.79
CA THR A 265 31.85 24.75 34.58
C THR A 265 32.44 23.99 35.77
N SER A 266 31.98 24.30 36.97
CA SER A 266 32.45 23.64 38.18
C SER A 266 31.92 22.20 38.23
N ARG A 267 32.33 21.44 39.24
CA ARG A 267 31.86 20.07 39.41
C ARG A 267 30.41 20.10 39.89
N ILE A 268 29.51 20.33 38.94
CA ILE A 268 28.12 20.62 39.26
C ILE A 268 27.29 19.35 39.19
N PHE A 269 26.47 19.13 40.23
CA PHE A 269 25.45 18.10 40.21
C PHE A 269 24.10 18.74 40.44
N ALA A 270 23.09 18.27 39.69
CA ALA A 270 21.71 18.74 39.90
C ALA A 270 20.77 17.64 39.40
N TYR A 271 20.26 16.82 40.33
CA TYR A 271 19.29 15.80 39.94
C TYR A 271 18.42 15.48 41.15
N LYS A 272 17.71 14.37 41.09
CA LYS A 272 16.54 14.10 41.94
C LYS A 272 16.92 13.38 43.23
N VAL A 273 15.93 13.27 44.09
CA VAL A 273 15.90 12.35 45.22
C VAL A 273 14.57 11.63 45.01
N ASN A 274 14.15 10.76 45.92
CA ASN A 274 13.08 9.82 45.64
C ASN A 274 11.70 10.51 45.64
N ALA A 275 10.65 9.70 45.66
CA ALA A 275 9.27 10.15 45.41
C ALA A 275 8.74 10.96 46.59
N ALA A 276 7.45 11.29 46.52
CA ALA A 276 6.82 12.30 47.39
C ALA A 276 6.70 11.78 48.80
N GLY A 277 7.69 12.12 49.63
CA GLY A 277 7.69 11.66 51.01
C GLY A 277 8.46 12.60 51.91
N LEU A 278 8.22 12.45 53.22
CA LEU A 278 8.89 13.26 54.20
C LEU A 278 10.36 12.89 54.32
N LEU A 279 10.70 11.61 54.15
CA LEU A 279 12.11 11.27 54.05
C LEU A 279 12.71 11.63 52.71
N GLY A 280 11.90 12.01 51.72
CA GLY A 280 12.43 12.74 50.58
C GLY A 280 13.10 14.05 50.99
N ALA A 281 12.62 14.66 52.06
CA ALA A 281 13.32 15.76 52.69
C ALA A 281 14.13 15.32 53.90
N GLY A 282 14.06 14.05 54.27
CA GLY A 282 14.67 13.56 55.50
C GLY A 282 16.02 12.90 55.34
N THR A 283 16.18 12.07 54.30
CA THR A 283 17.50 11.49 54.04
C THR A 283 18.45 12.51 53.45
N ILE A 284 17.93 13.64 52.97
CA ILE A 284 18.77 14.74 52.58
C ILE A 284 19.06 15.65 53.77
N ASP A 285 18.38 15.44 54.89
CA ASP A 285 18.55 16.26 56.09
C ASP A 285 19.41 15.60 57.15
N ASP A 286 19.15 14.34 57.46
CA ASP A 286 19.94 13.68 58.48
C ASP A 286 21.32 13.29 57.94
N LEU A 287 21.44 13.16 56.63
CA LEU A 287 22.73 13.10 55.98
C LEU A 287 23.16 14.49 55.54
N GLY A 288 22.48 15.52 56.01
CA GLY A 288 22.63 16.89 55.59
C GLY A 288 23.36 17.68 56.67
N ARG A 289 22.57 18.30 57.54
CA ARG A 289 23.05 18.99 58.73
C ARG A 289 23.98 18.14 59.58
N LEU A 290 23.76 16.82 59.63
CA LEU A 290 24.68 15.96 60.35
C LEU A 290 25.85 15.52 59.49
N LEU A 291 25.61 15.16 58.22
CA LEU A 291 26.65 14.51 57.43
C LEU A 291 26.84 15.18 56.06
N ASN A 292 26.89 16.52 56.04
CA ASN A 292 27.35 17.35 54.93
C ASN A 292 26.54 17.16 53.64
N ILE A 293 25.28 17.57 53.69
CA ILE A 293 24.57 17.93 52.47
C ILE A 293 24.03 19.34 52.68
N GLY A 294 23.18 19.52 53.67
CA GLY A 294 22.69 20.83 54.00
C GLY A 294 21.40 20.81 54.79
N PRO A 295 20.80 21.97 54.98
CA PRO A 295 19.56 22.05 55.75
C PRO A 295 18.35 21.69 54.91
N VAL A 296 17.21 21.66 55.59
CA VAL A 296 15.93 21.45 54.94
C VAL A 296 15.59 22.67 54.12
N PHE A 297 15.17 22.46 52.87
CA PHE A 297 14.60 23.52 52.07
C PHE A 297 13.28 23.04 51.48
N ASP A 298 12.20 23.77 51.79
CA ASP A 298 10.87 23.41 51.33
C ASP A 298 10.71 23.83 49.88
N VAL A 299 9.56 23.57 49.26
CA VAL A 299 9.40 23.76 47.82
C VAL A 299 9.32 25.25 47.50
N ASN A 300 10.42 25.78 46.97
CA ASN A 300 10.53 27.16 46.51
C ASN A 300 11.77 27.19 45.63
N SER A 301 12.11 28.37 45.11
CA SER A 301 13.38 28.55 44.44
C SER A 301 14.17 29.69 45.07
N VAL A 302 13.86 30.06 46.30
CA VAL A 302 14.53 31.15 46.96
C VAL A 302 15.89 30.66 47.46
N ASP A 303 16.86 31.58 47.47
CA ASP A 303 18.30 31.33 47.43
C ASP A 303 18.67 30.27 46.40
N PRO A 304 18.63 30.61 45.10
CA PRO A 304 19.29 29.74 44.11
C PRO A 304 20.79 30.00 44.11
N ALA A 305 21.49 29.54 43.08
CA ALA A 305 22.93 29.76 43.06
C ALA A 305 23.28 31.12 42.45
N LEU A 306 22.42 32.12 42.66
CA LEU A 306 22.89 33.48 42.84
C LEU A 306 23.73 33.59 44.10
N VAL A 307 23.14 33.26 45.25
CA VAL A 307 23.84 33.19 46.53
C VAL A 307 23.08 32.21 47.43
N LYS A 308 23.83 31.43 48.20
CA LYS A 308 23.25 30.37 49.01
C LYS A 308 22.71 30.92 50.31
N TYR A 309 21.89 30.09 50.98
CA TYR A 309 21.69 30.24 52.42
C TYR A 309 23.01 30.12 53.16
N ASN A 310 23.63 28.96 53.06
CA ASN A 310 24.84 28.63 53.80
C ASN A 310 25.83 27.99 52.83
N ASP A 311 27.11 28.15 53.15
CA ASP A 311 28.19 27.54 52.40
C ASP A 311 28.72 26.40 53.26
N VAL A 312 28.09 25.24 53.16
CA VAL A 312 28.44 24.08 53.98
C VAL A 312 29.17 23.06 53.12
N THR A 313 30.49 23.01 53.27
CA THR A 313 31.36 22.19 52.43
C THR A 313 32.09 21.13 53.22
N LEU A 314 32.79 21.52 54.29
CA LEU A 314 33.70 20.64 55.03
C LEU A 314 33.05 20.01 56.25
N TRP A 315 31.76 19.71 56.18
CA TRP A 315 31.04 19.06 57.26
C TRP A 315 31.10 17.53 57.12
N LEU A 316 32.12 17.00 56.45
CA LEU A 316 32.24 15.58 56.15
C LEU A 316 32.38 14.74 57.41
N GLY A 317 31.30 14.06 57.79
CA GLY A 317 31.30 13.21 58.95
C GLY A 317 31.80 11.81 58.62
N ARG A 318 31.54 10.91 59.55
CA ARG A 318 32.00 9.54 59.41
C ARG A 318 31.07 8.76 58.49
N LYS A 319 31.39 8.73 57.21
CA LYS A 319 30.47 8.29 56.17
C LYS A 319 31.27 8.02 54.90
N GLY A 320 30.58 7.57 53.86
CA GLY A 320 31.10 7.66 52.52
C GLY A 320 30.03 7.96 51.50
N ILE A 321 30.15 9.07 50.77
CA ILE A 321 29.21 9.42 49.71
C ILE A 321 29.62 8.66 48.46
N LEU A 322 28.64 8.12 47.73
CA LEU A 322 28.93 7.58 46.41
C LEU A 322 27.73 7.85 45.51
N LEU A 323 27.93 8.67 44.50
CA LEU A 323 26.94 8.80 43.45
C LEU A 323 26.99 7.54 42.60
N ASP A 324 25.84 7.15 42.06
CA ASP A 324 25.75 5.95 41.25
C ASP A 324 24.62 6.17 40.26
N LYS A 325 24.07 5.09 39.71
CA LYS A 325 22.76 5.19 39.08
C LYS A 325 21.71 5.56 40.12
N SER A 326 21.92 5.18 41.37
CA SER A 326 21.19 5.74 42.49
C SER A 326 22.19 5.99 43.61
N ILE A 327 22.29 7.26 44.03
CA ILE A 327 23.33 7.67 44.98
C ILE A 327 23.08 7.07 46.37
N GLU A 328 24.14 6.54 46.97
CA GLU A 328 24.04 5.97 48.30
C GLU A 328 25.18 6.51 49.16
N GLU A 329 25.20 6.03 50.39
CA GLU A 329 26.32 6.24 51.29
C GLU A 329 26.67 4.90 51.92
N VAL A 330 27.83 4.88 52.57
CA VAL A 330 28.32 3.71 53.27
C VAL A 330 28.72 4.12 54.68
N GLU A 331 28.13 3.43 55.68
CA GLU A 331 28.61 3.40 57.07
C GLU A 331 28.61 4.79 57.70
N SER A 332 27.40 5.30 57.91
CA SER A 332 27.23 6.45 58.77
C SER A 332 27.55 6.09 60.21
N ARG A 333 28.00 7.08 60.98
CA ARG A 333 28.25 6.88 62.40
C ARG A 333 27.50 7.87 63.28
N ALA A 334 27.11 9.02 62.75
CA ALA A 334 26.28 9.94 63.49
C ALA A 334 24.89 9.35 63.70
N ASP A 335 24.19 9.85 64.71
CA ASP A 335 22.84 9.36 65.03
C ASP A 335 21.80 10.05 64.15
N SER A 336 22.00 9.90 62.84
CA SER A 336 21.15 10.53 61.85
C SER A 336 19.76 9.91 61.84
N ILE A 337 19.68 8.60 62.06
CA ILE A 337 18.40 7.95 62.20
C ILE A 337 17.73 8.36 63.51
N LEU A 338 18.50 8.69 64.54
CA LEU A 338 17.91 9.15 65.79
C LEU A 338 17.38 10.57 65.70
N GLU A 339 17.70 11.29 64.62
CA GLU A 339 17.15 12.62 64.43
C GLU A 339 15.65 12.58 64.12
N GLY A 340 15.27 11.79 63.11
CA GLY A 340 13.86 11.76 62.73
C GLY A 340 13.20 10.41 62.72
N LEU A 341 13.98 9.34 62.52
CA LEU A 341 13.41 8.01 62.36
C LEU A 341 12.97 7.42 63.68
N ASP A 342 13.61 7.81 64.78
CA ASP A 342 13.18 7.36 66.09
C ASP A 342 11.80 7.91 66.45
N ASN A 343 11.45 9.07 65.90
CA ASN A 343 10.10 9.61 66.09
C ASN A 343 9.04 8.73 65.44
N ARG A 344 9.33 8.20 64.25
CA ARG A 344 8.43 7.25 63.66
C ARG A 344 8.52 5.89 64.35
N TYR A 345 9.64 5.61 65.01
CA TYR A 345 9.76 4.35 65.74
C TYR A 345 8.91 4.36 66.99
N GLU A 346 8.80 5.52 67.64
CA GLU A 346 7.83 5.64 68.72
C GLU A 346 6.42 5.88 68.19
N ALA A 347 6.28 6.34 66.95
CA ALA A 347 4.99 6.37 66.28
C ALA A 347 4.59 5.00 65.75
N LEU A 348 5.47 4.00 65.90
CA LEU A 348 5.15 2.60 65.64
C LEU A 348 4.43 1.95 66.82
N GLY A 349 3.81 2.76 67.69
CA GLY A 349 2.81 2.24 68.59
C GLY A 349 1.51 1.84 67.90
N ILE A 350 1.32 2.27 66.65
CA ILE A 350 0.15 1.86 65.87
C ILE A 350 0.20 0.38 65.48
N ILE A 351 1.38 -0.25 65.53
CA ILE A 351 1.63 -1.55 64.90
C ILE A 351 0.85 -2.68 65.56
N GLU A 352 0.26 -2.44 66.74
CA GLU A 352 -0.80 -3.30 67.25
C GLU A 352 -1.93 -3.42 66.23
N ARG A 353 -2.55 -2.29 65.89
CA ARG A 353 -3.48 -2.29 64.78
C ARG A 353 -2.75 -2.21 63.45
N GLN A 354 -1.83 -1.24 63.32
CA GLN A 354 -1.10 -0.91 62.10
C GLN A 354 -2.08 -0.59 60.96
N THR A 355 -2.74 0.55 61.17
CA THR A 355 -3.66 1.15 60.22
C THR A 355 -3.00 1.36 58.86
N PRO A 356 -3.77 1.25 57.76
CA PRO A 356 -3.17 1.39 56.41
C PRO A 356 -2.56 2.74 56.15
N ILE A 357 -3.26 3.81 56.52
CA ILE A 357 -2.64 5.13 56.60
C ILE A 357 -1.67 5.02 57.76
N GLY A 358 -0.40 4.82 57.44
CA GLY A 358 0.54 4.32 58.41
C GLY A 358 1.26 3.10 57.87
N ARG A 359 0.53 2.18 57.22
CA ARG A 359 1.22 1.09 56.53
C ARG A 359 1.98 1.60 55.32
N GLU A 360 1.48 2.64 54.66
CA GLU A 360 2.34 3.36 53.74
C GLU A 360 3.33 4.21 54.50
N LEU A 361 2.84 4.97 55.49
CA LEU A 361 3.56 6.12 56.02
C LEU A 361 4.78 5.71 56.83
N ASN A 362 4.57 4.96 57.90
CA ASN A 362 5.64 4.62 58.84
C ASN A 362 6.56 3.55 58.27
N ARG A 363 6.16 2.87 57.19
CA ARG A 363 7.14 2.02 56.55
C ARG A 363 7.97 2.81 55.54
N ARG A 364 7.33 3.76 54.84
CA ARG A 364 8.08 4.63 53.94
C ARG A 364 9.00 5.55 54.71
N ILE A 365 8.64 5.89 55.95
CA ILE A 365 9.37 6.85 56.75
C ILE A 365 9.85 6.06 57.96
N GLY A 366 11.11 5.62 57.91
CA GLY A 366 11.68 4.91 59.02
C GLY A 366 12.50 3.71 58.61
N ARG A 367 12.20 3.15 57.44
CA ARG A 367 12.86 1.92 57.01
C ARG A 367 14.06 2.21 56.13
N LEU A 368 14.63 3.40 56.24
CA LEU A 368 15.90 3.76 55.61
C LEU A 368 17.00 3.76 56.65
N ARG A 369 16.90 2.81 57.58
CA ARG A 369 17.60 2.94 58.85
C ARG A 369 19.07 2.53 58.74
N ALA A 370 19.31 1.26 58.47
CA ALA A 370 20.55 0.63 58.84
C ALA A 370 20.79 -0.56 57.91
N ASN A 371 21.54 -1.55 58.43
CA ASN A 371 22.15 -2.67 57.71
C ASN A 371 21.25 -3.33 56.69
N ASN A 372 21.86 -3.77 55.59
CA ASN A 372 21.17 -4.44 54.50
C ASN A 372 21.93 -5.74 54.23
N VAL A 373 21.25 -6.87 54.43
CA VAL A 373 21.94 -8.16 54.49
C VAL A 373 22.03 -8.75 53.08
N THR A 374 23.25 -9.07 52.67
CA THR A 374 23.54 -9.56 51.32
C THR A 374 24.22 -10.92 51.43
N ILE A 375 23.46 -11.99 51.17
CA ILE A 375 23.94 -13.35 51.30
C ILE A 375 23.94 -14.02 49.93
N LYS A 376 24.35 -15.28 49.90
CA LYS A 376 24.25 -16.11 48.70
C LYS A 376 23.62 -17.45 49.06
N VAL A 377 22.84 -18.01 48.15
CA VAL A 377 22.25 -19.32 48.35
C VAL A 377 23.01 -20.31 47.50
N THR A 378 23.12 -21.55 47.98
CA THR A 378 24.00 -22.55 47.40
C THR A 378 23.18 -23.67 46.79
N GLY A 379 23.86 -24.75 46.39
CA GLY A 379 23.20 -25.93 45.88
C GLY A 379 24.24 -26.85 45.29
N VAL A 380 23.99 -28.17 45.29
CA VAL A 380 25.01 -29.09 44.80
C VAL A 380 25.12 -29.10 43.29
N THR A 381 24.21 -28.42 42.59
CA THR A 381 24.33 -28.13 41.18
C THR A 381 23.90 -26.67 41.02
N VAL A 382 23.69 -26.22 39.79
CA VAL A 382 23.05 -24.93 39.58
C VAL A 382 21.53 -25.06 39.64
N SER A 383 21.00 -26.25 39.34
CA SER A 383 19.56 -26.46 39.30
C SER A 383 18.94 -26.39 40.69
N ASP A 384 19.50 -27.11 41.65
CA ASP A 384 18.98 -27.01 43.01
C ASP A 384 19.30 -25.68 43.64
N ALA A 385 20.37 -25.02 43.17
CA ALA A 385 20.66 -23.66 43.59
C ALA A 385 19.52 -22.72 43.18
N SER A 386 19.02 -22.87 41.95
CA SER A 386 17.87 -22.10 41.53
C SER A 386 16.59 -22.53 42.23
N GLU A 387 16.51 -23.82 42.60
CA GLU A 387 15.34 -24.29 43.33
C GLU A 387 15.24 -23.65 44.72
N ARG A 388 16.30 -23.77 45.51
CA ARG A 388 16.22 -23.13 46.82
C ARG A 388 16.43 -21.63 46.75
N TRP A 389 16.89 -21.08 45.63
CA TRP A 389 16.71 -19.66 45.33
C TRP A 389 15.23 -19.28 45.35
N ALA A 390 14.42 -20.01 44.58
CA ALA A 390 13.00 -19.70 44.53
C ALA A 390 12.31 -19.92 45.87
N ARG A 391 12.66 -21.01 46.55
CA ARG A 391 12.02 -21.28 47.83
C ARG A 391 12.52 -20.33 48.93
N TYR A 392 13.75 -19.86 48.81
CA TYR A 392 14.27 -18.89 49.77
C TYR A 392 13.61 -17.54 49.56
N GLU A 393 13.36 -17.19 48.29
CA GLU A 393 12.57 -16.00 48.00
C GLU A 393 11.13 -16.15 48.50
N ASP A 394 10.63 -17.37 48.56
CA ASP A 394 9.32 -17.57 49.17
C ASP A 394 9.37 -17.45 50.69
N VAL A 395 10.50 -17.76 51.31
CA VAL A 395 10.49 -17.72 52.78
C VAL A 395 10.74 -16.30 53.28
N MET A 396 11.50 -15.49 52.54
CA MET A 396 11.79 -14.15 53.05
C MET A 396 10.57 -13.26 53.03
N LYS A 397 9.65 -13.47 52.10
CA LYS A 397 8.49 -12.60 52.01
C LYS A 397 7.49 -12.93 53.10
N ALA A 398 7.30 -14.20 53.41
CA ALA A 398 6.41 -14.57 54.50
C ALA A 398 6.98 -14.16 55.84
N ALA A 399 8.30 -14.19 56.00
CA ALA A 399 8.87 -13.69 57.24
C ALA A 399 8.79 -12.16 57.29
N ARG A 400 8.85 -11.51 56.13
CA ARG A 400 8.64 -10.07 56.06
C ARG A 400 7.24 -9.69 56.52
N THR A 401 6.22 -10.37 55.99
CA THR A 401 4.85 -10.03 56.40
C THR A 401 4.54 -10.54 57.80
N GLY A 402 5.35 -11.45 58.34
CA GLY A 402 5.26 -11.72 59.76
C GLY A 402 5.75 -10.54 60.57
N GLN A 403 6.92 -10.01 60.22
CA GLN A 403 7.53 -8.96 61.02
C GLN A 403 6.86 -7.61 60.84
N GLN A 404 6.32 -7.35 59.66
CA GLN A 404 6.01 -5.99 59.23
C GLN A 404 4.55 -5.61 59.46
N PHE A 405 3.63 -6.46 59.03
CA PHE A 405 2.23 -6.10 58.97
C PHE A 405 1.33 -6.97 59.82
N GLY A 406 1.90 -7.80 60.68
CA GLY A 406 1.10 -8.67 61.51
C GLY A 406 0.53 -9.85 60.74
N VAL A 407 0.04 -10.82 61.50
CA VAL A 407 -0.35 -12.12 61.00
C VAL A 407 -1.70 -12.49 61.60
N ILE A 408 -2.65 -12.87 60.77
CA ILE A 408 -3.94 -13.33 61.24
C ILE A 408 -4.10 -14.77 60.77
N PRO A 409 -4.71 -15.65 61.57
CA PRO A 409 -5.06 -16.98 61.05
C PRO A 409 -6.04 -16.87 59.91
N GLY A 410 -5.74 -17.59 58.84
CA GLY A 410 -5.99 -17.19 57.47
C GLY A 410 -7.25 -17.83 56.94
N ILE A 411 -7.10 -19.01 56.33
CA ILE A 411 -7.83 -19.58 55.20
C ILE A 411 -9.30 -19.23 55.11
N GLY A 412 -10.05 -19.45 56.17
CA GLY A 412 -11.41 -18.99 56.20
C GLY A 412 -11.74 -18.51 57.59
N TYR A 413 -10.71 -18.44 58.42
CA TYR A 413 -10.91 -18.18 59.83
C TYR A 413 -11.22 -16.71 60.07
N GLY A 414 -10.67 -15.82 59.26
CA GLY A 414 -10.96 -14.41 59.43
C GLY A 414 -12.38 -14.07 59.07
N TYR A 415 -12.81 -14.46 57.87
CA TYR A 415 -14.16 -14.11 57.46
C TYR A 415 -15.21 -14.94 58.18
N LEU A 416 -14.85 -16.04 58.81
CA LEU A 416 -15.83 -16.75 59.62
C LEU A 416 -15.58 -16.60 61.10
N MET A 417 -14.78 -15.61 61.48
CA MET A 417 -15.11 -14.89 62.69
C MET A 417 -15.97 -13.67 62.37
N ALA A 418 -15.82 -13.13 61.15
CA ALA A 418 -16.63 -11.99 60.73
C ALA A 418 -18.10 -12.36 60.58
N SER A 419 -18.39 -13.52 60.00
CA SER A 419 -19.78 -13.93 59.88
C SER A 419 -20.37 -14.30 61.22
N LYS A 420 -19.54 -14.73 62.17
CA LYS A 420 -20.01 -14.87 63.54
C LYS A 420 -20.39 -13.52 64.12
N TRP A 421 -19.55 -12.52 63.89
CA TRP A 421 -19.80 -11.16 64.34
C TRP A 421 -20.95 -10.49 63.60
N LEU A 422 -21.41 -11.09 62.50
CA LEU A 422 -22.58 -10.61 61.76
C LEU A 422 -23.79 -11.54 61.83
N GLU A 423 -23.71 -12.62 62.59
CA GLU A 423 -24.92 -13.31 63.02
C GLU A 423 -25.35 -12.83 64.40
N ALA A 424 -24.44 -12.80 65.37
CA ALA A 424 -24.56 -11.91 66.52
C ALA A 424 -24.09 -10.54 66.06
N ASN A 425 -24.96 -9.89 65.30
CA ASN A 425 -24.57 -8.85 64.35
C ASN A 425 -24.39 -7.51 65.05
N VAL A 426 -24.21 -6.47 64.24
CA VAL A 426 -24.58 -5.12 64.66
C VAL A 426 -26.04 -5.27 65.02
N PRO A 427 -26.40 -5.16 66.30
CA PRO A 427 -27.63 -5.79 66.81
C PRO A 427 -28.94 -5.20 66.29
N GLN A 428 -28.88 -4.22 65.39
CA GLN A 428 -30.05 -3.85 64.62
C GLN A 428 -30.42 -5.00 63.71
N GLN A 429 -31.48 -5.72 64.05
CA GLN A 429 -32.19 -6.48 63.05
C GLN A 429 -32.80 -5.48 62.08
N SER A 430 -32.35 -5.51 60.84
CA SER A 430 -32.67 -4.47 59.87
C SER A 430 -34.15 -4.54 59.50
N ASP A 431 -34.93 -3.60 60.03
CA ASP A 431 -36.35 -3.54 59.70
C ASP A 431 -36.56 -3.10 58.26
N GLU A 432 -35.61 -2.36 57.71
CA GLU A 432 -35.59 -2.10 56.28
C GLU A 432 -35.32 -3.41 55.55
N LYS A 433 -36.25 -3.77 54.65
CA LYS A 433 -36.11 -5.00 53.88
C LYS A 433 -34.93 -4.91 52.92
N LEU A 434 -34.61 -3.70 52.46
CA LEU A 434 -33.39 -3.51 51.70
C LEU A 434 -32.15 -3.81 52.54
N GLU A 435 -32.10 -3.28 53.76
CA GLU A 435 -30.97 -3.59 54.63
C GLU A 435 -31.06 -4.99 55.23
N LYS A 436 -32.25 -5.55 55.35
CA LYS A 436 -32.35 -6.93 55.82
C LYS A 436 -31.82 -7.89 54.78
N CYS A 437 -32.18 -7.66 53.52
CA CYS A 437 -31.53 -8.36 52.41
C CYS A 437 -30.05 -8.06 52.35
N ARG A 438 -29.63 -6.88 52.81
CA ARG A 438 -28.21 -6.59 52.73
C ARG A 438 -27.41 -7.38 53.75
N ILE A 439 -27.86 -7.46 55.01
CA ILE A 439 -27.10 -8.34 55.92
C ILE A 439 -27.34 -9.79 55.61
N GLY A 440 -28.46 -10.14 54.96
CA GLY A 440 -28.66 -11.49 54.47
C GLY A 440 -27.73 -11.86 53.35
N LEU A 441 -27.16 -10.88 52.65
CA LEU A 441 -26.12 -11.19 51.67
C LEU A 441 -24.70 -10.83 52.13
N ILE A 442 -24.54 -10.16 53.26
CA ILE A 442 -23.19 -9.96 53.81
C ILE A 442 -22.85 -10.99 54.87
N GLU A 443 -23.84 -11.73 55.35
CA GLU A 443 -23.58 -13.00 55.98
C GLU A 443 -23.17 -14.06 54.96
N VAL A 444 -23.27 -13.75 53.68
CA VAL A 444 -22.83 -14.58 52.58
C VAL A 444 -21.54 -13.92 52.07
N LEU A 445 -20.75 -13.38 52.99
CA LEU A 445 -19.32 -13.47 52.78
C LEU A 445 -18.68 -14.49 53.68
N ARG A 446 -19.44 -15.57 53.90
CA ARG A 446 -18.98 -16.94 54.09
C ARG A 446 -18.48 -17.54 52.79
N ALA A 447 -18.69 -16.86 51.67
CA ALA A 447 -18.44 -17.42 50.35
C ALA A 447 -16.96 -17.57 50.06
N GLN A 448 -16.09 -16.83 50.72
CA GLN A 448 -14.67 -17.05 50.49
C GLN A 448 -14.24 -18.37 51.09
N TYR A 449 -14.64 -18.61 52.33
CA TYR A 449 -14.40 -19.89 52.98
C TYR A 449 -15.01 -21.04 52.18
N GLU A 450 -16.22 -20.83 51.66
CA GLU A 450 -16.85 -21.86 50.82
C GLU A 450 -16.05 -22.10 49.56
N HIS A 451 -15.95 -21.12 48.66
CA HIS A 451 -15.25 -21.33 47.39
C HIS A 451 -13.72 -21.44 47.57
N LEU A 452 -13.21 -21.55 48.79
CA LEU A 452 -11.89 -22.13 48.94
C LEU A 452 -11.95 -23.59 49.38
N THR A 453 -12.58 -23.92 50.51
CA THR A 453 -12.45 -25.27 51.02
C THR A 453 -13.63 -26.18 50.72
N GLY A 454 -14.75 -25.65 50.22
CA GLY A 454 -15.87 -26.43 49.75
C GLY A 454 -15.62 -27.16 48.46
N HIS A 455 -14.47 -26.91 47.81
CA HIS A 455 -13.87 -27.87 46.90
C HIS A 455 -13.77 -29.25 47.56
N ASP A 456 -13.41 -29.29 48.84
CA ASP A 456 -13.50 -30.49 49.68
C ASP A 456 -14.63 -30.45 50.69
N GLY A 457 -14.98 -29.27 51.19
CA GLY A 457 -15.98 -29.10 52.22
C GLY A 457 -15.40 -28.46 53.47
N SER A 458 -16.27 -27.95 54.33
CA SER A 458 -17.72 -27.81 54.15
C SER A 458 -18.11 -26.47 54.77
N ALA A 459 -19.07 -25.77 54.18
CA ALA A 459 -19.39 -24.39 54.56
C ALA A 459 -20.88 -24.19 54.74
N GLU A 460 -21.33 -24.22 55.98
CA GLU A 460 -22.67 -23.78 56.34
C GLU A 460 -22.57 -22.95 57.60
N ASN A 461 -23.36 -21.88 57.65
CA ASN A 461 -23.32 -21.00 58.81
C ASN A 461 -23.77 -21.58 60.17
N PRO A 462 -24.59 -22.64 60.27
CA PRO A 462 -24.68 -23.33 61.57
C PRO A 462 -23.55 -24.31 61.83
N ILE A 463 -22.61 -24.48 60.92
CA ILE A 463 -21.58 -25.50 61.03
C ILE A 463 -20.27 -24.75 61.21
N PHE A 464 -20.34 -23.64 61.94
CA PHE A 464 -19.13 -22.93 62.35
C PHE A 464 -18.22 -23.83 63.18
N ILE A 465 -18.69 -24.24 64.35
CA ILE A 465 -17.84 -24.81 65.39
C ILE A 465 -17.40 -26.23 65.01
N ASP A 466 -18.14 -26.88 64.11
CA ASP A 466 -17.82 -28.25 63.75
C ASP A 466 -16.61 -28.32 62.83
N LEU A 467 -16.69 -27.70 61.66
CA LEU A 467 -15.62 -27.84 60.68
C LEU A 467 -14.87 -26.56 60.42
N VAL A 468 -15.51 -25.39 60.57
CA VAL A 468 -14.81 -24.13 60.33
C VAL A 468 -13.78 -23.89 61.41
N THR A 469 -14.23 -23.93 62.66
CA THR A 469 -13.34 -23.84 63.82
C THR A 469 -13.26 -25.17 64.56
N GLY A 470 -13.27 -26.27 63.81
CA GLY A 470 -12.80 -27.55 64.32
C GLY A 470 -11.75 -28.12 63.40
N GLN A 471 -10.48 -28.14 63.82
CA GLN A 471 -10.03 -27.74 65.15
C GLN A 471 -9.47 -26.31 65.25
N GLU A 472 -10.37 -25.37 65.61
CA GLU A 472 -10.11 -24.04 66.18
C GLU A 472 -9.07 -23.19 65.42
N SER A 473 -8.88 -23.44 64.14
CA SER A 473 -7.81 -22.77 63.42
C SER A 473 -8.23 -22.63 61.96
N ASP A 474 -7.26 -22.44 61.08
CA ASP A 474 -7.46 -22.74 59.68
C ASP A 474 -7.65 -24.24 59.54
N THR A 475 -8.87 -24.67 59.19
CA THR A 475 -9.23 -26.09 59.24
C THR A 475 -9.62 -26.63 57.87
N PRO A 476 -8.67 -27.02 57.03
CA PRO A 476 -8.96 -27.98 55.98
C PRO A 476 -8.81 -29.39 56.54
N MET A 477 -9.37 -30.35 55.81
CA MET A 477 -9.44 -31.73 56.30
C MET A 477 -8.12 -32.48 56.01
N ASN A 478 -7.03 -31.90 56.52
CA ASN A 478 -5.74 -32.59 56.62
C ASN A 478 -5.21 -32.61 58.04
N VAL A 479 -5.08 -31.45 58.67
CA VAL A 479 -4.39 -31.36 59.96
C VAL A 479 -5.17 -30.43 60.90
N TYR A 480 -6.13 -29.68 60.33
CA TYR A 480 -7.05 -28.76 61.00
C TYR A 480 -6.39 -27.53 61.62
N ASP A 481 -5.11 -27.28 61.36
CA ASP A 481 -4.44 -26.10 61.92
C ASP A 481 -3.23 -25.73 61.07
N ASN A 482 -2.39 -24.85 61.64
CA ASN A 482 -1.07 -24.49 61.15
C ASN A 482 -1.13 -23.90 59.73
N ALA A 483 -1.76 -22.74 59.66
CA ALA A 483 -1.70 -21.91 58.46
C ALA A 483 -1.90 -20.47 58.91
N ALA A 484 -1.46 -19.53 58.08
CA ALA A 484 -1.59 -18.12 58.42
C ALA A 484 -1.51 -17.31 57.15
N ALA A 485 -2.59 -16.61 56.80
CA ALA A 485 -2.50 -15.61 55.77
C ALA A 485 -1.96 -14.32 56.36
N THR A 486 -1.43 -13.46 55.50
CA THR A 486 -0.99 -12.17 55.98
C THR A 486 -2.20 -11.29 56.28
N MET A 487 -2.03 -10.37 57.24
CA MET A 487 -3.11 -9.47 57.64
C MET A 487 -3.60 -8.62 56.50
N ILE A 488 -2.66 -8.04 55.75
CA ILE A 488 -2.94 -6.96 54.84
C ILE A 488 -3.78 -7.42 53.67
N ALA A 489 -3.70 -8.70 53.31
CA ALA A 489 -4.60 -9.30 52.33
C ALA A 489 -6.04 -9.20 52.79
N LEU A 490 -6.39 -9.92 53.85
CA LEU A 490 -7.77 -9.92 54.30
C LEU A 490 -8.17 -8.69 55.07
N GLU A 491 -7.44 -7.59 55.01
CA GLU A 491 -8.05 -6.35 55.45
C GLU A 491 -8.03 -5.29 54.35
N GLY A 492 -6.88 -4.98 53.76
CA GLY A 492 -6.84 -3.98 52.72
C GLY A 492 -7.50 -4.43 51.43
N ALA A 493 -7.45 -5.74 51.15
CA ALA A 493 -8.12 -6.29 49.98
C ALA A 493 -9.63 -6.23 50.13
N TRP A 494 -10.11 -6.55 51.33
CA TRP A 494 -11.51 -6.45 51.69
C TRP A 494 -12.03 -5.03 51.54
N GLN A 495 -11.24 -4.06 51.97
CA GLN A 495 -11.60 -2.65 51.81
C GLN A 495 -11.71 -2.25 50.34
N THR A 496 -10.66 -2.49 49.56
CA THR A 496 -10.73 -1.99 48.19
C THR A 496 -11.64 -2.83 47.31
N ALA A 497 -11.99 -4.03 47.72
CA ALA A 497 -12.98 -4.71 46.91
C ALA A 497 -14.38 -4.30 47.30
N LYS A 498 -14.60 -3.80 48.51
CA LYS A 498 -15.86 -3.10 48.72
C LYS A 498 -15.94 -1.85 47.85
N THR A 499 -14.86 -1.10 47.76
CA THR A 499 -15.00 0.05 46.88
C THR A 499 -14.79 -0.27 45.40
N LEU A 500 -14.68 -1.53 45.01
CA LEU A 500 -14.89 -1.90 43.62
C LEU A 500 -16.16 -2.68 43.40
N GLY A 501 -16.88 -3.03 44.45
CA GLY A 501 -18.22 -3.53 44.32
C GLY A 501 -19.24 -2.48 44.64
N LYS A 502 -18.79 -1.27 44.96
CA LYS A 502 -19.61 -0.05 44.96
C LYS A 502 -19.48 0.75 43.67
N ILE A 503 -18.32 0.70 43.03
CA ILE A 503 -18.18 0.96 41.60
C ILE A 503 -18.61 -0.34 40.94
N SER A 504 -18.76 -0.37 39.62
CA SER A 504 -19.02 -1.53 38.79
C SER A 504 -20.42 -2.10 39.00
N ASN A 505 -21.18 -1.55 39.92
CA ASN A 505 -22.61 -1.76 39.96
C ASN A 505 -23.40 -0.48 39.97
N VAL A 506 -22.75 0.63 40.33
CA VAL A 506 -23.28 1.94 40.05
C VAL A 506 -22.69 2.41 38.72
N MET A 507 -22.19 1.49 37.89
CA MET A 507 -21.80 1.88 36.54
C MET A 507 -22.98 1.79 35.60
N GLY A 508 -23.15 2.80 34.75
CA GLY A 508 -24.30 2.85 33.89
C GLY A 508 -24.07 3.01 32.41
N ARG A 509 -22.93 3.58 32.00
CA ARG A 509 -22.61 3.67 30.57
C ARG A 509 -21.11 3.56 30.37
N SER A 510 -20.71 3.74 29.11
CA SER A 510 -19.31 3.57 28.73
C SER A 510 -19.04 4.36 27.45
N ASN A 511 -18.48 5.56 27.59
CA ASN A 511 -18.30 6.46 26.47
C ASN A 511 -16.91 6.26 25.90
N THR A 512 -16.52 7.14 24.97
CA THR A 512 -15.11 7.31 24.62
C THR A 512 -14.91 8.73 24.13
N ASN A 513 -13.66 9.20 24.25
CA ASN A 513 -13.15 10.33 23.48
C ASN A 513 -11.64 10.21 23.47
N TYR A 514 -10.97 11.26 23.03
CA TYR A 514 -9.55 11.44 23.28
C TYR A 514 -9.35 12.77 24.01
N ALA A 515 -9.18 12.68 25.32
CA ALA A 515 -9.19 13.79 26.28
C ALA A 515 -10.42 14.67 26.13
N THR B 1 -10.71 -10.45 16.21
CA THR B 1 -10.03 -11.52 15.48
C THR B 1 -8.61 -11.70 15.98
N GLU B 2 -8.41 -11.63 17.30
CA GLU B 2 -7.06 -11.64 17.86
C GLU B 2 -7.04 -12.48 19.13
N ILE B 3 -5.92 -12.37 19.84
CA ILE B 3 -5.63 -13.17 21.02
C ILE B 3 -6.44 -12.64 22.20
N SER B 4 -6.71 -13.52 23.16
CA SER B 4 -7.88 -13.29 24.00
C SER B 4 -7.75 -14.08 25.28
N PHE B 5 -8.84 -14.09 26.05
CA PHE B 5 -9.12 -15.22 26.91
C PHE B 5 -9.35 -16.49 26.13
N THR B 6 -9.20 -17.61 26.84
CA THR B 6 -9.93 -18.83 26.59
C THR B 6 -10.35 -19.35 27.94
N ASN B 7 -11.62 -19.70 28.11
CA ASN B 7 -12.14 -19.94 29.45
C ASN B 7 -13.46 -20.67 29.44
N LYS B 8 -13.60 -21.81 30.15
CA LYS B 8 -12.55 -22.79 30.42
C LYS B 8 -12.70 -23.89 29.44
N ASN B 9 -13.95 -24.22 29.12
CA ASN B 9 -14.18 -25.33 28.21
C ASN B 9 -13.94 -24.94 26.75
N ASP B 10 -13.55 -23.69 26.49
CA ASP B 10 -12.83 -23.34 25.28
C ASP B 10 -11.34 -23.48 25.48
N THR B 11 -10.88 -24.00 26.61
CA THR B 11 -9.49 -24.44 26.65
C THR B 11 -9.33 -25.74 27.44
N ARG B 12 -10.41 -26.48 27.68
CA ARG B 12 -10.29 -27.92 27.66
C ARG B 12 -10.08 -28.42 26.24
N GLU B 13 -10.88 -27.91 25.32
CA GLU B 13 -10.81 -28.37 23.93
C GLU B 13 -9.94 -27.50 23.08
N ILE B 14 -8.85 -27.00 23.65
CA ILE B 14 -7.70 -26.55 22.89
C ILE B 14 -6.41 -27.06 23.49
N VAL B 15 -6.47 -27.77 24.61
CA VAL B 15 -5.36 -28.61 25.07
C VAL B 15 -5.76 -30.06 25.15
N ASP B 16 -6.95 -30.43 24.73
CA ASP B 16 -7.25 -31.80 24.33
C ASP B 16 -7.02 -32.01 22.85
N GLU B 17 -6.45 -31.04 22.20
CA GLU B 17 -6.29 -31.00 20.78
C GLU B 17 -4.84 -30.81 20.39
N VAL B 18 -3.99 -30.42 21.33
CA VAL B 18 -2.57 -30.43 21.12
C VAL B 18 -1.88 -31.51 21.92
N VAL B 19 -2.61 -32.25 22.73
CA VAL B 19 -2.09 -33.50 23.26
C VAL B 19 -2.92 -34.57 22.57
N GLU B 20 -3.33 -34.29 21.35
CA GLU B 20 -3.76 -35.32 20.42
C GLU B 20 -2.83 -35.41 19.24
N ASN B 21 -2.61 -34.33 18.51
CA ASN B 21 -1.68 -34.38 17.41
C ASN B 21 -0.28 -33.99 17.83
N ALA B 22 0.05 -34.20 19.08
CA ALA B 22 1.43 -34.48 19.44
C ALA B 22 1.58 -35.88 19.97
N PHE B 23 0.49 -36.53 20.36
CA PHE B 23 0.59 -37.93 20.74
C PHE B 23 0.57 -38.82 19.52
N SER B 24 -0.34 -38.55 18.59
CA SER B 24 -0.42 -39.29 17.33
C SER B 24 0.48 -38.74 16.25
N SER B 25 1.45 -37.91 16.61
CA SER B 25 2.54 -37.53 15.71
C SER B 25 3.89 -38.05 16.15
N VAL B 26 4.03 -38.49 17.39
CA VAL B 26 5.27 -39.11 17.85
C VAL B 26 5.02 -40.49 18.43
N CYS B 27 3.79 -40.97 18.50
CA CYS B 27 3.61 -42.39 18.61
C CYS B 27 3.49 -43.03 17.23
N SER B 28 3.59 -42.22 16.18
CA SER B 28 3.85 -42.77 14.85
C SER B 28 5.18 -43.49 14.85
N THR B 29 6.26 -42.73 15.02
CA THR B 29 7.61 -43.22 14.81
C THR B 29 8.08 -44.21 15.86
N MET B 30 7.26 -44.55 16.84
CA MET B 30 7.59 -45.65 17.75
C MET B 30 7.60 -46.97 17.00
N GLY B 31 8.57 -47.80 17.36
CA GLY B 31 8.51 -49.20 17.02
C GLY B 31 9.45 -49.61 15.90
N PRO B 32 9.25 -50.83 15.39
CA PRO B 32 9.94 -51.21 14.14
C PRO B 32 9.25 -50.62 12.93
N ASN B 33 7.91 -50.60 12.93
CA ASN B 33 7.14 -50.01 11.84
C ASN B 33 7.24 -48.49 11.89
N GLY B 34 8.43 -47.96 11.62
CA GLY B 34 8.63 -46.58 11.96
C GLY B 34 8.09 -45.64 10.91
N ASN B 35 6.86 -45.23 11.13
CA ASN B 35 6.09 -44.41 10.22
C ASN B 35 6.69 -42.99 10.21
N TYR B 36 7.16 -42.54 9.05
CA TYR B 36 7.99 -41.34 8.94
C TYR B 36 7.20 -40.06 9.13
N VAL B 37 7.90 -38.94 9.14
CA VAL B 37 7.32 -37.60 9.20
C VAL B 37 8.00 -36.77 8.12
N VAL B 38 7.25 -35.91 7.45
CA VAL B 38 7.87 -34.97 6.51
C VAL B 38 7.84 -33.59 7.14
N ILE B 39 8.97 -33.19 7.70
CA ILE B 39 9.12 -31.89 8.32
C ILE B 39 9.50 -30.91 7.23
N ASN B 40 8.71 -29.87 7.08
CA ASN B 40 9.05 -28.83 6.13
C ASN B 40 10.29 -28.08 6.60
N GLN B 41 11.05 -27.59 5.65
CA GLN B 41 12.21 -26.77 5.95
C GLN B 41 12.04 -25.47 5.20
N LEU B 42 13.07 -24.63 5.26
CA LEU B 42 13.16 -23.58 4.26
C LEU B 42 13.40 -24.19 2.90
N ASN B 43 14.25 -25.20 2.87
CA ASN B 43 14.66 -25.94 1.68
C ASN B 43 13.65 -27.01 1.32
N SER B 44 14.12 -27.97 0.54
CA SER B 44 13.45 -29.24 0.33
C SER B 44 13.08 -29.91 1.66
N PRO B 45 11.99 -30.66 1.69
CA PRO B 45 11.54 -31.26 2.95
C PRO B 45 12.49 -32.31 3.52
N LYS B 46 12.58 -32.32 4.83
CA LYS B 46 13.26 -33.34 5.60
C LYS B 46 12.33 -34.52 5.87
N VAL B 47 12.87 -35.72 5.78
CA VAL B 47 12.08 -36.92 6.09
C VAL B 47 12.74 -37.63 7.27
N THR B 48 11.94 -37.93 8.30
CA THR B 48 12.48 -38.28 9.60
C THR B 48 11.81 -39.52 10.18
N LYS B 49 12.63 -40.31 10.88
CA LYS B 49 12.17 -41.12 11.99
C LYS B 49 12.23 -40.36 13.30
N ASP B 50 13.05 -39.32 13.37
CA ASP B 50 13.70 -38.89 14.59
C ASP B 50 12.74 -38.07 15.45
N GLY B 51 12.38 -38.59 16.63
CA GLY B 51 11.38 -37.94 17.47
C GLY B 51 11.81 -36.61 18.06
N VAL B 52 13.12 -36.35 18.13
CA VAL B 52 13.62 -35.04 18.53
C VAL B 52 13.13 -33.98 17.57
N SER B 53 13.22 -34.24 16.28
CA SER B 53 12.92 -33.20 15.32
C SER B 53 11.43 -33.09 15.05
N VAL B 54 10.68 -34.18 15.24
CA VAL B 54 9.22 -34.11 15.29
C VAL B 54 8.79 -33.25 16.48
N ALA B 55 9.50 -33.36 17.60
CA ALA B 55 9.21 -32.50 18.73
C ALA B 55 9.52 -31.05 18.43
N ARG B 56 10.62 -30.78 17.74
CA ARG B 56 10.99 -29.39 17.49
C ARG B 56 10.05 -28.71 16.52
N ALA B 57 9.51 -29.43 15.56
CA ALA B 57 8.74 -28.78 14.51
C ALA B 57 7.25 -28.98 14.66
N LEU B 58 6.70 -28.83 15.85
CA LEU B 58 5.29 -29.10 16.09
C LEU B 58 4.55 -27.77 15.95
N ASP B 59 4.83 -27.08 14.86
CA ASP B 59 4.59 -25.64 14.77
C ASP B 59 3.27 -25.40 14.07
N PHE B 60 2.24 -25.09 14.85
CA PHE B 60 0.94 -24.66 14.35
C PHE B 60 1.02 -23.20 13.91
N ASN B 61 -0.13 -22.56 13.78
CA ASN B 61 -0.12 -21.14 13.52
C ASN B 61 -0.86 -20.34 14.57
N GLU B 62 -2.03 -20.82 14.98
CA GLU B 62 -2.85 -20.07 15.93
C GLU B 62 -2.16 -20.06 17.27
N ALA B 63 -1.71 -18.88 17.70
CA ALA B 63 -0.71 -18.74 18.73
C ALA B 63 -1.16 -19.23 20.10
N ARG B 64 -2.47 -19.47 20.27
CA ARG B 64 -2.92 -20.24 21.42
C ARG B 64 -2.30 -21.63 21.40
N ARG B 65 -2.41 -22.34 20.28
CA ARG B 65 -1.96 -23.73 20.24
C ARG B 65 -0.44 -23.86 20.16
N ASN B 66 0.23 -22.93 19.49
CA ASN B 66 1.69 -22.91 19.54
C ASN B 66 2.18 -22.55 20.94
N MET B 67 1.49 -21.63 21.60
CA MET B 67 1.76 -21.27 22.98
C MET B 67 1.56 -22.45 23.92
N ILE B 68 0.62 -23.34 23.60
CA ILE B 68 0.47 -24.52 24.45
C ILE B 68 1.55 -25.53 24.14
N ALA B 69 1.79 -25.80 22.86
CA ALA B 69 2.73 -26.85 22.48
C ALA B 69 4.15 -26.54 22.90
N LYS B 70 4.47 -25.28 23.16
CA LYS B 70 5.76 -24.96 23.74
C LYS B 70 5.94 -25.48 25.16
N ILE B 71 4.90 -25.90 25.86
CA ILE B 71 5.12 -26.52 27.16
C ILE B 71 4.85 -27.99 27.16
N ILE B 72 4.67 -28.62 26.00
CA ILE B 72 4.74 -30.07 25.97
C ILE B 72 6.03 -30.47 25.27
N THR B 73 6.49 -29.68 24.31
CA THR B 73 7.76 -30.04 23.68
C THR B 73 8.96 -29.65 24.52
N GLU B 74 8.77 -29.15 25.72
CA GLU B 74 9.90 -28.74 26.53
C GLU B 74 10.60 -29.89 27.26
N PRO B 75 9.92 -30.82 27.95
CA PRO B 75 10.68 -31.96 28.47
C PRO B 75 11.06 -32.98 27.42
N SER B 76 10.36 -33.01 26.29
CA SER B 76 10.72 -33.90 25.20
C SER B 76 12.07 -33.52 24.60
N ILE B 77 12.46 -32.25 24.68
CA ILE B 77 13.81 -31.88 24.29
C ILE B 77 14.72 -31.75 25.51
N LYS B 78 14.17 -31.66 26.71
CA LYS B 78 15.03 -31.69 27.89
C LYS B 78 15.65 -33.07 28.07
N THR B 79 14.87 -34.12 27.79
CA THR B 79 15.41 -35.47 27.79
C THR B 79 16.45 -35.63 26.70
N ASP B 80 16.29 -34.90 25.58
CA ASP B 80 17.31 -34.93 24.54
C ASP B 80 18.60 -34.26 25.00
N ALA B 81 18.47 -33.16 25.73
CA ALA B 81 19.66 -32.51 26.26
C ALA B 81 20.34 -33.38 27.31
N GLU B 82 19.58 -34.20 28.03
CA GLU B 82 20.20 -35.09 29.00
C GLU B 82 20.86 -36.30 28.35
N VAL B 83 20.06 -37.14 27.68
CA VAL B 83 20.54 -38.40 27.13
C VAL B 83 20.47 -38.39 25.60
N GLY B 84 19.40 -37.87 25.02
CA GLY B 84 19.32 -37.84 23.57
C GLY B 84 18.16 -38.63 23.00
N ASP B 85 17.84 -39.76 23.60
CA ASP B 85 16.70 -40.57 23.20
C ASP B 85 15.81 -40.82 24.40
N GLY B 86 14.52 -40.97 24.14
CA GLY B 86 13.55 -41.05 25.21
C GLY B 86 12.50 -39.97 25.02
N THR B 87 12.64 -39.22 23.94
CA THR B 87 11.68 -38.18 23.61
C THR B 87 10.31 -38.74 23.34
N THR B 88 10.24 -39.77 22.53
CA THR B 88 8.96 -40.38 22.25
C THR B 88 8.48 -41.28 23.36
N THR B 89 9.15 -41.32 24.50
CA THR B 89 8.59 -41.94 25.68
C THR B 89 8.00 -40.89 26.63
N THR B 90 8.67 -39.75 26.76
CA THR B 90 8.10 -38.60 27.46
C THR B 90 6.79 -38.17 26.82
N VAL B 91 6.81 -37.88 25.51
CA VAL B 91 5.62 -37.34 24.87
C VAL B 91 4.61 -38.41 24.52
N PHE B 92 4.92 -39.66 24.85
CA PHE B 92 3.93 -40.73 24.88
C PHE B 92 3.25 -40.81 26.23
N ILE B 93 4.06 -40.95 27.27
CA ILE B 93 3.50 -41.28 28.57
C ILE B 93 2.97 -40.03 29.26
N THR B 94 3.28 -38.84 28.75
CA THR B 94 2.53 -37.66 29.13
C THR B 94 1.16 -37.61 28.54
N TYR B 95 0.84 -38.44 27.56
CA TYR B 95 -0.54 -38.54 27.15
C TYR B 95 -1.24 -39.67 27.86
N HIS B 96 -0.56 -40.78 28.06
CA HIS B 96 -1.23 -41.80 28.85
C HIS B 96 -1.29 -41.49 30.34
N LEU B 97 -0.62 -40.45 30.82
CA LEU B 97 -0.94 -39.88 32.13
C LEU B 97 -1.91 -38.72 32.03
N TYR B 98 -2.30 -38.33 30.83
CA TYR B 98 -3.31 -37.30 30.68
C TYR B 98 -4.69 -37.92 30.62
N GLN B 99 -4.91 -38.99 31.38
CA GLN B 99 -6.21 -39.39 31.88
C GLN B 99 -6.47 -38.86 33.29
N LYS B 100 -5.77 -37.79 33.67
CA LYS B 100 -6.09 -36.94 34.81
C LYS B 100 -6.76 -35.66 34.30
N PHE B 101 -7.70 -35.82 33.36
CA PHE B 101 -8.52 -34.71 32.93
C PHE B 101 -9.24 -34.09 34.11
N LYS B 102 -9.80 -34.94 34.96
CA LYS B 102 -10.71 -34.51 36.00
C LYS B 102 -10.09 -34.49 37.39
N ASP B 103 -9.14 -35.37 37.65
CA ASP B 103 -8.69 -35.64 39.01
C ASP B 103 -7.48 -34.78 39.38
N ALA B 104 -7.58 -33.46 39.20
CA ALA B 104 -6.45 -32.57 39.41
C ALA B 104 -6.31 -32.11 40.86
N MET B 105 -7.13 -32.61 41.77
CA MET B 105 -7.09 -32.12 43.15
C MET B 105 -5.87 -32.65 43.88
N SER B 106 -5.61 -32.08 45.05
CA SER B 106 -4.33 -32.33 45.69
C SER B 106 -4.32 -33.67 46.42
N PHE B 107 -5.19 -33.84 47.40
CA PHE B 107 -4.90 -34.74 48.52
C PHE B 107 -4.74 -36.20 48.15
N ALA B 108 -5.83 -36.86 47.78
CA ALA B 108 -5.77 -38.31 47.59
C ALA B 108 -5.01 -38.68 46.32
N ASN B 109 -5.33 -38.04 45.21
CA ASN B 109 -4.82 -38.43 43.91
C ASN B 109 -3.73 -37.52 43.39
N THR B 110 -3.04 -36.79 44.27
CA THR B 110 -1.62 -36.57 44.05
C THR B 110 -0.76 -37.00 45.21
N ARG B 111 -1.30 -37.36 46.36
CA ARG B 111 -0.46 -38.12 47.29
C ARG B 111 -0.25 -39.53 46.77
N TYR B 112 -1.27 -40.16 46.16
CA TYR B 112 -1.02 -41.37 45.41
C TYR B 112 -0.75 -41.08 43.94
N LEU B 113 -0.19 -39.94 43.63
CA LEU B 113 0.52 -39.82 42.38
C LEU B 113 1.90 -39.26 42.67
N ASP B 114 2.22 -38.99 43.91
CA ASP B 114 3.59 -38.71 44.32
C ASP B 114 4.23 -39.91 44.98
N THR B 115 3.60 -40.48 46.01
CA THR B 115 4.17 -41.62 46.68
C THR B 115 4.12 -42.86 45.82
N LEU B 116 3.08 -43.01 45.00
CA LEU B 116 2.97 -44.19 44.17
C LEU B 116 4.05 -44.19 43.11
N ILE B 117 4.32 -43.03 42.53
CA ILE B 117 5.40 -42.92 41.56
C ILE B 117 6.74 -43.02 42.26
N LYS B 118 6.82 -42.64 43.52
CA LYS B 118 8.05 -42.84 44.27
C LYS B 118 8.32 -44.32 44.50
N GLN B 119 7.30 -45.09 44.87
CA GLN B 119 7.49 -46.53 45.08
C GLN B 119 7.78 -47.28 43.76
N VAL B 120 7.14 -46.87 42.68
CA VAL B 120 7.42 -47.49 41.37
C VAL B 120 8.84 -47.16 40.91
N LEU B 121 9.31 -45.93 41.13
CA LEU B 121 10.68 -45.62 40.75
C LEU B 121 11.70 -46.27 41.65
N GLN B 122 11.35 -46.48 42.92
CA GLN B 122 12.17 -47.31 43.81
C GLN B 122 12.30 -48.73 43.28
N TYR B 123 11.19 -49.31 42.83
CA TYR B 123 11.21 -50.66 42.30
C TYR B 123 11.94 -50.74 40.96
N ILE B 124 11.83 -49.69 40.14
CA ILE B 124 12.55 -49.66 38.87
C ILE B 124 14.04 -49.54 39.13
N GLY B 125 14.43 -48.74 40.11
CA GLY B 125 15.83 -48.65 40.47
C GLY B 125 16.38 -49.93 41.04
N THR B 126 15.51 -50.75 41.65
CA THR B 126 15.92 -52.10 41.97
C THR B 126 16.09 -52.94 40.71
N LEU B 127 15.23 -52.74 39.72
CA LEU B 127 15.18 -53.59 38.53
C LEU B 127 16.40 -53.43 37.60
N ILE B 128 17.18 -52.36 37.77
CA ILE B 128 18.20 -51.98 36.79
C ILE B 128 19.35 -52.96 36.80
N GLN B 129 19.55 -53.64 35.70
CA GLN B 129 20.73 -54.46 35.49
C GLN B 129 21.89 -53.59 35.06
N PRO B 130 23.11 -53.94 35.46
CA PRO B 130 24.26 -53.11 35.06
C PRO B 130 24.59 -53.31 33.60
N GLY B 131 24.20 -52.35 32.77
CA GLY B 131 24.60 -52.38 31.39
C GLY B 131 25.90 -51.61 31.22
N GLU B 132 27.03 -52.31 31.25
CA GLU B 132 28.32 -51.63 31.25
C GLU B 132 29.29 -52.14 30.18
N ILE B 133 29.33 -53.46 29.98
CA ILE B 133 30.38 -54.01 29.12
C ILE B 133 30.00 -53.87 27.66
N GLU B 134 30.96 -54.14 26.79
CA GLU B 134 30.81 -53.88 25.37
C GLU B 134 30.05 -54.97 24.62
N SER B 135 29.78 -56.12 25.25
CA SER B 135 28.78 -57.03 24.69
C SER B 135 27.37 -56.60 25.06
N GLU B 136 27.23 -55.81 26.12
CA GLU B 136 26.01 -55.09 26.43
C GLU B 136 25.88 -53.81 25.62
N MET B 137 27.00 -53.15 25.32
CA MET B 137 26.98 -52.04 24.39
C MET B 137 26.74 -52.55 22.97
N PHE B 138 27.14 -53.79 22.70
CA PHE B 138 26.72 -54.49 21.49
C PHE B 138 25.20 -54.59 21.41
N ARG B 139 24.56 -54.90 22.52
CA ARG B 139 23.11 -54.90 22.57
C ARG B 139 22.55 -53.48 22.44
N ASN B 140 23.28 -52.51 22.96
CA ASN B 140 22.85 -51.11 22.89
C ASN B 140 22.84 -50.61 21.46
N MET B 141 23.93 -50.84 20.72
CA MET B 141 24.08 -50.33 19.37
C MET B 141 23.16 -51.00 18.37
N LEU B 142 22.47 -52.08 18.78
CA LEU B 142 21.40 -52.64 17.98
C LEU B 142 20.27 -51.65 17.75
N LEU B 143 20.00 -50.79 18.73
CA LEU B 143 18.87 -49.88 18.63
C LEU B 143 19.22 -48.42 18.81
N THR B 144 20.27 -48.10 19.58
CA THR B 144 20.58 -46.70 19.88
C THR B 144 21.13 -45.96 18.68
N SER B 145 21.45 -46.66 17.60
CA SER B 145 21.92 -46.06 16.39
C SER B 145 20.79 -45.40 15.60
N SER B 146 19.57 -45.90 15.78
CA SER B 146 18.43 -45.66 14.88
C SER B 146 18.83 -45.93 13.43
N ASN B 147 19.57 -47.03 13.24
CA ASN B 147 20.09 -47.66 12.03
C ASN B 147 20.48 -46.69 10.91
N TYR B 148 21.20 -45.63 11.27
CA TYR B 148 21.63 -44.61 10.31
C TYR B 148 23.06 -44.83 9.81
N GLU B 149 24.03 -44.80 10.72
CA GLU B 149 25.43 -44.91 10.33
C GLU B 149 26.16 -45.77 11.34
N GLU B 150 26.57 -46.96 10.91
CA GLU B 150 27.29 -47.89 11.75
C GLU B 150 28.79 -47.61 11.76
N GLU B 151 29.26 -46.67 10.95
CA GLU B 151 30.63 -46.21 11.09
C GLU B 151 30.83 -45.45 12.39
N ILE B 152 29.83 -44.65 12.77
CA ILE B 152 29.85 -43.97 14.06
C ILE B 152 29.74 -44.99 15.20
N VAL B 153 29.03 -46.09 14.94
CA VAL B 153 28.98 -47.20 15.89
C VAL B 153 30.36 -47.82 16.07
N ASP B 154 31.09 -48.02 14.95
CA ASP B 154 32.46 -48.50 15.02
C ASP B 154 33.36 -47.54 15.76
N LYS B 155 33.12 -46.23 15.57
CA LYS B 155 33.89 -45.22 16.29
C LYS B 155 33.65 -45.31 17.79
N ILE B 156 32.39 -45.39 18.21
CA ILE B 156 32.12 -45.34 19.65
C ILE B 156 32.46 -46.68 20.31
N LEU B 157 32.41 -47.78 19.56
CA LEU B 157 32.93 -49.03 20.07
C LEU B 157 34.45 -49.03 20.15
N ASP B 158 35.12 -48.26 19.27
CA ASP B 158 36.55 -48.06 19.44
C ASP B 158 36.85 -47.17 20.64
N ILE B 159 35.93 -46.23 20.93
CA ILE B 159 36.09 -45.37 22.09
C ILE B 159 36.05 -46.18 23.38
N TYR B 160 34.94 -46.87 23.63
CA TYR B 160 34.80 -47.59 24.89
C TYR B 160 35.11 -49.07 24.75
N ARG B 161 35.86 -49.43 23.72
CA ARG B 161 36.65 -50.65 23.70
C ARG B 161 38.08 -50.37 24.13
N GLU B 162 38.54 -49.14 23.94
CA GLU B 162 39.84 -48.68 24.35
C GLU B 162 39.71 -48.19 25.80
N HIS B 163 40.67 -47.38 26.27
CA HIS B 163 40.89 -47.04 27.67
C HIS B 163 39.64 -46.45 28.33
N LYS B 164 39.51 -46.70 29.64
CA LYS B 164 38.28 -46.46 30.36
C LYS B 164 38.01 -44.96 30.50
N ASN B 165 36.85 -44.54 29.98
CA ASN B 165 36.17 -43.24 29.95
C ASN B 165 37.06 -42.00 29.99
N PRO B 166 37.91 -41.74 28.97
CA PRO B 166 38.72 -40.52 29.00
C PRO B 166 37.91 -39.29 28.61
N ASN B 167 38.59 -38.16 28.46
CA ASN B 167 37.92 -36.91 28.10
C ASN B 167 37.51 -36.99 26.65
N ILE B 168 36.27 -37.37 26.41
CA ILE B 168 35.78 -37.54 25.05
C ILE B 168 35.51 -36.16 24.48
N HIS B 169 36.27 -35.78 23.46
CA HIS B 169 36.26 -34.41 22.98
C HIS B 169 35.02 -34.16 22.12
N LEU B 170 34.81 -32.90 21.77
CA LEU B 170 33.75 -32.44 20.87
C LEU B 170 34.41 -31.60 19.78
N GLU B 171 34.53 -32.14 18.58
CA GLU B 171 35.19 -31.44 17.48
C GLU B 171 34.68 -31.93 16.15
N LYS B 172 34.22 -31.00 15.32
CA LYS B 172 33.71 -31.36 14.01
C LYS B 172 34.86 -31.65 13.05
N SER B 173 34.51 -32.21 11.89
CA SER B 173 35.40 -32.29 10.75
C SER B 173 34.56 -32.38 9.47
N PRO B 174 34.31 -31.26 8.79
CA PRO B 174 33.57 -31.34 7.52
C PRO B 174 34.46 -31.63 6.33
N MET B 175 35.74 -31.89 6.53
CA MET B 175 36.62 -32.37 5.48
C MET B 175 36.54 -33.89 5.40
N LEU B 176 37.03 -34.43 4.28
CA LEU B 176 36.69 -35.81 3.91
C LEU B 176 37.35 -36.87 4.81
N PRO B 177 38.70 -36.95 4.96
CA PRO B 177 39.24 -38.10 5.70
C PRO B 177 39.23 -37.92 7.20
N ALA B 178 39.96 -38.82 7.87
CA ALA B 178 40.41 -38.69 9.26
C ALA B 178 39.25 -38.66 10.27
N ASP B 179 38.59 -39.81 10.37
CA ASP B 179 38.00 -40.17 11.65
C ASP B 179 39.14 -40.29 12.64
N GLU B 180 39.26 -39.35 13.57
CA GLU B 180 40.40 -39.30 14.48
C GLU B 180 39.96 -39.67 15.88
N VAL B 181 40.64 -40.65 16.47
CA VAL B 181 40.54 -41.01 17.88
C VAL B 181 41.96 -41.00 18.41
N LYS B 182 42.31 -39.97 19.16
CA LYS B 182 43.67 -39.81 19.67
C LYS B 182 43.63 -39.59 21.17
N MET B 183 44.71 -39.96 21.84
CA MET B 183 44.83 -39.76 23.28
C MET B 183 46.03 -38.89 23.58
N THR B 184 45.90 -38.01 24.57
CA THR B 184 46.98 -37.19 25.05
C THR B 184 47.25 -37.55 26.52
N LYS B 185 48.10 -36.75 27.16
CA LYS B 185 48.28 -36.76 28.61
C LYS B 185 47.90 -35.36 29.07
N GLU B 186 46.72 -35.24 29.65
CA GLU B 186 46.13 -33.93 29.91
C GLU B 186 45.04 -34.04 30.96
N ILE B 187 45.16 -33.28 32.05
CA ILE B 187 44.09 -33.13 33.01
C ILE B 187 43.64 -31.68 32.94
N TYR B 188 42.33 -31.46 32.92
CA TYR B 188 41.78 -30.19 32.46
C TYR B 188 40.52 -29.84 33.25
N PHE B 189 40.64 -28.90 34.18
CA PHE B 189 39.46 -28.34 34.82
C PHE B 189 39.73 -26.89 35.21
N GLU B 190 38.65 -26.23 35.64
CA GLU B 190 38.51 -24.77 35.52
C GLU B 190 39.48 -23.98 36.39
N GLY B 191 40.19 -23.08 35.74
CA GLY B 191 40.86 -21.96 36.39
C GLY B 191 41.37 -21.04 35.31
N SER B 192 41.01 -19.77 35.35
CA SER B 192 41.27 -18.85 34.24
C SER B 192 41.68 -17.50 34.80
N PHE B 193 41.67 -16.48 33.96
CA PHE B 193 42.13 -15.18 34.44
C PHE B 193 40.99 -14.39 35.05
N PRO B 194 41.18 -13.78 36.22
CA PRO B 194 40.34 -12.64 36.58
C PRO B 194 40.78 -11.41 35.79
N ILE B 195 42.10 -11.18 35.77
CA ILE B 195 42.78 -10.14 35.03
C ILE B 195 43.90 -10.85 34.28
N GLU B 196 44.28 -10.32 33.10
CA GLU B 196 45.33 -10.93 32.30
C GLU B 196 46.72 -10.86 32.93
N THR B 197 46.92 -9.99 33.93
CA THR B 197 48.19 -9.93 34.62
C THR B 197 48.35 -11.01 35.69
N GLN B 198 47.38 -11.90 35.83
CA GLN B 198 47.41 -12.93 36.87
C GLN B 198 47.94 -14.26 36.35
N VAL B 199 47.81 -14.52 35.05
CA VAL B 199 48.25 -15.76 34.41
C VAL B 199 49.68 -15.54 33.96
N PRO B 200 50.59 -16.55 34.08
CA PRO B 200 51.97 -16.39 33.59
C PRO B 200 52.15 -15.95 32.15
N ALA B 201 51.46 -16.57 31.20
CA ALA B 201 51.43 -16.04 29.85
C ALA B 201 50.08 -15.40 29.56
N ASN B 202 50.00 -14.69 28.44
CA ASN B 202 48.74 -14.13 27.99
C ASN B 202 48.40 -14.48 26.55
N GLY B 203 49.35 -14.95 25.76
CA GLY B 203 49.05 -15.42 24.43
C GLY B 203 48.37 -16.78 24.47
N ALA B 204 49.06 -17.78 24.99
CA ALA B 204 48.54 -19.13 25.07
C ALA B 204 48.46 -19.66 26.49
N TYR B 205 48.70 -18.82 27.49
CA TYR B 205 48.58 -19.10 28.91
C TYR B 205 49.45 -20.26 29.38
N VAL B 206 50.65 -20.42 28.82
CA VAL B 206 51.56 -21.44 29.29
C VAL B 206 52.30 -20.91 30.52
N VAL B 207 52.63 -21.78 31.47
CA VAL B 207 53.41 -21.35 32.62
C VAL B 207 54.81 -20.96 32.15
N GLY B 208 55.39 -19.96 32.82
CA GLY B 208 56.72 -19.53 32.47
C GLY B 208 57.76 -20.54 32.90
N PRO B 209 57.99 -20.65 34.21
CA PRO B 209 58.89 -21.68 34.69
C PRO B 209 58.13 -22.95 35.04
N GLU B 210 58.87 -24.04 35.15
CA GLU B 210 58.38 -25.20 35.89
C GLU B 210 58.93 -25.08 37.31
N LYS B 211 58.32 -25.83 38.25
CA LYS B 211 58.60 -25.83 39.70
C LYS B 211 58.62 -24.39 40.25
N VAL B 212 57.41 -23.85 40.31
CA VAL B 212 57.16 -22.49 40.77
C VAL B 212 56.48 -22.58 42.14
N GLY B 213 56.52 -21.49 42.89
CA GLY B 213 55.76 -21.41 44.13
C GLY B 213 54.29 -21.15 43.88
N VAL B 214 53.48 -22.19 44.01
CA VAL B 214 52.06 -22.16 43.66
C VAL B 214 51.29 -22.58 44.90
N VAL B 215 50.70 -21.63 45.59
CA VAL B 215 50.01 -21.88 46.84
C VAL B 215 48.54 -22.13 46.55
N LEU B 216 47.92 -23.04 47.28
CA LEU B 216 46.57 -23.48 46.97
C LEU B 216 45.63 -23.22 48.15
N ILE B 217 44.50 -22.60 47.85
CA ILE B 217 43.41 -22.38 48.79
C ILE B 217 42.13 -22.84 48.09
N ASP B 218 41.29 -23.58 48.79
CA ASP B 218 40.08 -24.11 48.17
C ASP B 218 38.92 -23.13 48.27
N GLY B 219 38.47 -22.84 49.49
CA GLY B 219 37.24 -22.10 49.70
C GLY B 219 37.44 -20.60 49.73
N SER B 220 36.48 -19.94 50.36
CA SER B 220 36.49 -18.49 50.52
C SER B 220 37.54 -18.09 51.55
N ILE B 221 38.59 -17.41 51.10
CA ILE B 221 39.52 -16.75 52.01
C ILE B 221 39.01 -15.33 52.19
N ARG B 222 38.15 -15.15 53.19
CA ARG B 222 37.39 -13.91 53.40
C ARG B 222 38.17 -12.91 54.26
N ALA B 223 39.50 -12.97 54.23
CA ALA B 223 40.33 -11.98 54.91
C ALA B 223 40.53 -10.72 54.09
N TYR B 224 39.83 -10.60 52.93
CA TYR B 224 39.97 -9.55 51.92
C TYR B 224 41.44 -9.48 51.51
N PRO B 225 41.92 -10.42 50.70
CA PRO B 225 43.36 -10.62 50.55
C PRO B 225 44.13 -9.55 49.79
N THR B 226 44.03 -8.30 50.23
CA THR B 226 45.00 -7.27 49.91
C THR B 226 46.12 -7.22 50.94
N GLN B 227 46.12 -8.18 51.85
CA GLN B 227 47.03 -8.25 52.99
C GLN B 227 48.41 -8.78 52.63
N LEU B 228 48.68 -8.96 51.34
CA LEU B 228 49.89 -9.66 50.88
C LEU B 228 51.14 -8.82 51.10
N ILE B 229 51.54 -8.69 52.36
CA ILE B 229 52.69 -7.91 52.73
C ILE B 229 53.84 -8.78 53.25
N ASN B 230 53.55 -9.98 53.74
CA ASN B 230 54.57 -10.96 54.07
C ASN B 230 54.33 -12.30 53.43
N ALA B 231 53.07 -12.66 53.18
CA ALA B 231 52.76 -13.82 52.37
C ALA B 231 53.28 -13.64 50.95
N LEU B 232 53.21 -12.42 50.43
CA LEU B 232 53.84 -12.14 49.14
C LEU B 232 55.34 -11.94 49.29
N LEU B 233 55.78 -11.39 50.43
CA LEU B 233 57.20 -11.15 50.65
C LEU B 233 58.00 -12.44 50.84
N ASN B 234 57.31 -13.57 51.09
CA ASN B 234 57.97 -14.87 51.08
C ASN B 234 58.58 -15.18 49.72
N ARG B 235 57.94 -14.74 48.64
CA ARG B 235 58.43 -14.87 47.27
C ARG B 235 58.30 -13.54 46.52
N PHE B 236 58.87 -12.49 47.12
CA PHE B 236 58.60 -11.12 46.70
C PHE B 236 59.11 -10.84 45.28
N ILE B 237 60.35 -11.23 45.00
CA ILE B 237 60.98 -11.00 43.71
C ILE B 237 61.24 -12.30 42.97
N ASP B 238 60.60 -13.39 43.38
CA ASP B 238 61.11 -14.71 43.02
C ASP B 238 60.39 -15.31 41.82
N ASN B 239 59.07 -15.40 41.87
CA ASN B 239 58.33 -16.24 40.94
C ASN B 239 56.88 -15.78 40.93
N PRO B 240 56.09 -16.20 39.91
CA PRO B 240 54.63 -15.99 40.02
C PRO B 240 54.03 -16.78 41.15
N VAL B 241 53.63 -16.08 42.20
CA VAL B 241 52.99 -16.73 43.33
C VAL B 241 51.55 -16.99 42.94
N VAL B 242 51.27 -18.20 42.50
CA VAL B 242 49.97 -18.55 41.96
C VAL B 242 49.11 -19.06 43.10
N LEU B 243 48.10 -18.28 43.47
CA LEU B 243 47.13 -18.68 44.48
C LEU B 243 45.81 -19.04 43.83
N MET B 244 45.22 -20.12 44.29
CA MET B 244 43.95 -20.58 43.77
C MET B 244 42.88 -20.33 44.82
N ALA B 245 41.63 -20.28 44.38
CA ALA B 245 40.51 -20.08 45.30
C ALA B 245 39.28 -20.79 44.74
N ARG B 246 38.13 -20.50 45.32
CA ARG B 246 36.83 -20.84 44.76
C ARG B 246 36.42 -19.67 43.87
N ASN B 247 35.15 -19.58 43.47
CA ASN B 247 34.59 -18.39 42.83
C ASN B 247 34.35 -17.24 43.83
N PHE B 248 34.92 -17.31 45.03
CA PHE B 248 34.97 -16.17 45.94
C PHE B 248 35.99 -15.17 45.40
N GLU B 249 35.55 -14.31 44.49
CA GLU B 249 36.34 -13.15 44.07
C GLU B 249 35.55 -11.91 44.45
N PRO B 250 35.70 -11.43 45.68
CA PRO B 250 35.06 -10.17 46.07
C PRO B 250 35.76 -8.96 45.48
N GLU B 251 35.42 -7.78 46.01
CA GLU B 251 35.99 -6.49 45.64
C GLU B 251 37.52 -6.38 45.71
N VAL B 252 38.19 -7.36 46.32
CA VAL B 252 39.65 -7.42 46.35
C VAL B 252 40.27 -7.62 44.97
N ILE B 253 39.47 -7.99 43.96
CA ILE B 253 39.94 -8.02 42.58
C ILE B 253 40.35 -6.64 42.10
N ALA B 254 39.79 -5.57 42.68
CA ALA B 254 40.34 -4.24 42.51
C ALA B 254 41.54 -4.00 43.42
N ALA B 255 41.63 -4.72 44.54
CA ALA B 255 42.73 -4.58 45.47
C ALA B 255 43.94 -5.43 45.09
N ILE B 256 43.91 -6.04 43.90
CA ILE B 256 45.10 -6.65 43.32
C ILE B 256 46.14 -5.58 42.95
N ASN B 257 45.74 -4.31 42.87
CA ASN B 257 46.66 -3.20 42.65
C ASN B 257 47.73 -3.07 43.73
N ASN B 258 47.49 -3.64 44.92
CA ASN B 258 48.46 -3.67 46.01
C ASN B 258 49.75 -4.43 45.64
N GLU B 259 49.72 -5.23 44.59
CA GLU B 259 50.90 -5.78 43.97
C GLU B 259 51.06 -5.38 42.52
N ASN B 260 49.94 -5.25 41.80
CA ASN B 260 49.98 -4.93 40.37
C ASN B 260 50.51 -3.52 40.15
N GLN B 261 49.91 -2.53 40.80
CA GLN B 261 50.40 -1.16 40.72
C GLN B 261 51.34 -0.81 41.86
N ARG B 262 51.05 -1.31 43.06
CA ARG B 262 51.91 -1.06 44.22
C ARG B 262 53.08 -2.03 44.24
N LEU B 263 53.76 -2.09 45.38
CA LEU B 263 54.97 -2.89 45.52
C LEU B 263 54.68 -4.38 45.36
N GLY B 264 55.68 -5.11 44.88
CA GLY B 264 55.54 -6.51 44.55
C GLY B 264 55.69 -6.77 43.08
N THR B 265 56.86 -7.24 42.66
CA THR B 265 57.14 -7.53 41.27
C THR B 265 56.79 -8.97 40.89
N SER B 266 56.20 -9.72 41.80
CA SER B 266 55.76 -11.06 41.47
C SER B 266 54.47 -11.02 40.66
N ARG B 267 53.96 -12.19 40.31
CA ARG B 267 52.90 -12.32 39.34
C ARG B 267 51.75 -13.10 39.97
N ILE B 268 51.22 -12.54 41.06
CA ILE B 268 50.12 -13.11 41.84
C ILE B 268 48.96 -13.55 40.95
N PHE B 269 48.30 -14.63 41.38
CA PHE B 269 47.13 -15.17 40.71
C PHE B 269 46.08 -15.42 41.78
N ALA B 270 44.79 -15.25 41.42
CA ALA B 270 43.69 -15.58 42.34
C ALA B 270 42.43 -15.83 41.51
N TYR B 271 42.10 -17.08 41.26
CA TYR B 271 40.85 -17.39 40.59
C TYR B 271 40.39 -18.78 41.06
N LYS B 272 39.44 -19.36 40.34
CA LYS B 272 38.53 -20.35 40.87
C LYS B 272 39.07 -21.76 40.74
N VAL B 273 38.35 -22.68 41.39
CA VAL B 273 38.52 -24.12 41.30
C VAL B 273 37.15 -24.54 40.76
N ASN B 274 36.85 -25.84 40.72
CA ASN B 274 35.60 -26.36 40.15
C ASN B 274 34.32 -25.79 40.74
N ALA B 275 33.20 -26.10 40.09
CA ALA B 275 31.91 -25.49 40.41
C ALA B 275 31.34 -26.12 41.69
N ALA B 276 30.06 -25.84 41.94
CA ALA B 276 29.39 -26.14 43.19
C ALA B 276 29.29 -27.63 43.47
N GLY B 277 30.04 -28.10 44.46
CA GLY B 277 29.87 -29.44 44.97
C GLY B 277 30.28 -29.50 46.42
N LEU B 278 30.13 -30.69 47.00
CA LEU B 278 30.72 -31.02 48.29
C LEU B 278 32.20 -31.41 48.16
N LEU B 279 32.82 -31.11 47.02
CA LEU B 279 34.00 -31.84 46.57
C LEU B 279 35.25 -31.00 46.78
N GLY B 280 35.16 -30.02 47.68
CA GLY B 280 36.23 -29.06 47.84
C GLY B 280 37.50 -29.63 48.43
N ALA B 281 37.37 -30.52 49.40
CA ALA B 281 38.53 -31.07 50.10
C ALA B 281 39.26 -32.13 49.29
N GLY B 282 38.67 -32.59 48.20
CA GLY B 282 39.33 -33.54 47.33
C GLY B 282 39.76 -32.88 46.05
N THR B 283 39.03 -31.83 45.65
CA THR B 283 39.33 -31.12 44.42
C THR B 283 40.57 -30.24 44.57
N ILE B 284 41.04 -30.03 45.80
CA ILE B 284 42.36 -29.46 46.01
C ILE B 284 43.36 -30.55 46.36
N ASP B 285 42.88 -31.70 46.86
CA ASP B 285 43.77 -32.78 47.29
C ASP B 285 44.42 -33.45 46.09
N ASP B 286 43.63 -33.68 45.05
CA ASP B 286 44.16 -34.26 43.82
C ASP B 286 45.12 -33.33 43.11
N LEU B 287 44.89 -32.02 43.22
CA LEU B 287 45.85 -31.05 42.72
C LEU B 287 47.16 -31.12 43.49
N GLY B 288 47.10 -30.91 44.80
CA GLY B 288 48.24 -30.46 45.56
C GLY B 288 49.25 -31.51 45.97
N ARG B 289 49.62 -31.51 47.26
CA ARG B 289 50.76 -32.24 47.79
C ARG B 289 50.67 -33.76 47.57
N LEU B 290 49.46 -34.29 47.36
CA LEU B 290 49.33 -35.69 46.95
C LEU B 290 49.91 -35.93 45.57
N LEU B 291 49.92 -34.92 44.70
CA LEU B 291 50.63 -34.98 43.43
C LEU B 291 51.60 -33.80 43.27
N ASN B 292 51.88 -33.11 44.37
CA ASN B 292 52.92 -32.08 44.51
C ASN B 292 52.67 -30.90 43.55
N ILE B 293 51.58 -30.20 43.81
CA ILE B 293 51.39 -28.88 43.24
C ILE B 293 51.40 -27.85 44.37
N GLY B 294 50.61 -28.09 45.40
CA GLY B 294 50.51 -27.17 46.50
C GLY B 294 50.03 -27.81 47.79
N PRO B 295 49.60 -26.98 48.74
CA PRO B 295 49.13 -27.52 50.01
C PRO B 295 47.72 -28.07 49.90
N VAL B 296 47.48 -29.15 50.65
CA VAL B 296 46.12 -29.66 50.81
C VAL B 296 45.48 -28.74 51.84
N PHE B 297 44.76 -27.75 51.33
CA PHE B 297 44.22 -26.69 52.17
C PHE B 297 42.83 -27.07 52.66
N ASP B 298 42.64 -27.02 53.97
CA ASP B 298 41.34 -27.32 54.55
C ASP B 298 40.36 -26.20 54.21
N VAL B 299 39.11 -26.59 53.97
CA VAL B 299 38.11 -25.68 53.42
C VAL B 299 37.73 -24.67 54.50
N ASN B 300 38.32 -23.48 54.41
CA ASN B 300 38.32 -22.51 55.49
C ASN B 300 38.86 -21.20 54.96
N SER B 301 38.69 -20.14 55.75
CA SER B 301 39.38 -18.87 55.53
C SER B 301 40.62 -18.75 56.41
N VAL B 302 41.30 -19.86 56.64
CA VAL B 302 42.43 -19.92 57.56
C VAL B 302 43.67 -19.63 56.71
N ASP B 303 44.81 -19.35 57.38
CA ASP B 303 46.05 -18.84 56.80
C ASP B 303 45.75 -17.58 55.99
N PRO B 304 45.50 -16.44 56.66
CA PRO B 304 45.12 -15.23 55.92
C PRO B 304 46.26 -14.65 55.11
N ALA B 305 45.98 -13.63 54.30
CA ALA B 305 46.93 -13.15 53.32
C ALA B 305 48.05 -12.31 53.91
N LEU B 306 48.07 -12.09 55.23
CA LEU B 306 49.16 -11.37 55.89
C LEU B 306 50.49 -12.07 55.67
N VAL B 307 50.60 -13.31 56.14
CA VAL B 307 51.82 -14.09 56.05
C VAL B 307 51.44 -15.56 55.91
N LYS B 308 52.19 -16.28 55.09
CA LYS B 308 52.06 -17.73 55.01
C LYS B 308 53.08 -18.37 55.95
N TYR B 309 53.26 -19.67 55.85
CA TYR B 309 54.34 -20.32 56.57
C TYR B 309 55.64 -19.91 55.89
N ASN B 310 55.81 -20.35 54.65
CA ASN B 310 56.76 -19.83 53.68
C ASN B 310 56.40 -20.46 52.34
N ASP B 311 56.47 -19.67 51.28
CA ASP B 311 56.38 -20.20 49.92
C ASP B 311 57.80 -20.30 49.39
N VAL B 312 58.10 -21.40 48.73
CA VAL B 312 59.41 -21.64 48.15
C VAL B 312 59.21 -21.83 46.65
N THR B 313 60.29 -21.67 45.88
CA THR B 313 60.21 -21.89 44.45
C THR B 313 59.94 -23.35 44.12
N LEU B 314 60.47 -24.26 44.94
CA LEU B 314 60.42 -25.70 44.64
C LEU B 314 59.11 -26.34 45.06
N TRP B 315 58.03 -25.55 45.12
CA TRP B 315 56.79 -25.97 45.74
C TRP B 315 55.92 -26.81 44.81
N LEU B 316 56.22 -26.84 43.51
CA LEU B 316 55.53 -27.75 42.60
C LEU B 316 56.20 -29.11 42.60
N GLY B 317 55.81 -29.96 41.66
CA GLY B 317 56.44 -31.25 41.45
C GLY B 317 56.98 -31.39 40.05
N ARG B 318 57.74 -32.46 39.80
CA ARG B 318 58.37 -32.68 38.50
C ARG B 318 57.37 -33.35 37.56
N LYS B 319 56.42 -32.54 37.08
CA LYS B 319 55.44 -32.96 36.10
C LYS B 319 54.95 -31.72 35.36
N GLY B 320 54.06 -31.92 34.39
CA GLY B 320 53.58 -30.79 33.62
C GLY B 320 52.51 -30.01 34.35
N ILE B 321 52.86 -28.83 34.86
CA ILE B 321 51.95 -28.02 35.67
C ILE B 321 51.89 -26.64 35.03
N LEU B 322 50.73 -26.29 34.46
CA LEU B 322 50.60 -24.96 33.89
C LEU B 322 49.18 -24.45 34.06
N LEU B 323 49.06 -23.26 34.65
CA LEU B 323 47.75 -22.62 34.70
C LEU B 323 47.40 -22.04 33.34
N ASP B 324 46.26 -22.45 32.84
CA ASP B 324 45.83 -22.21 31.47
C ASP B 324 44.48 -21.51 31.55
N LYS B 325 43.75 -21.46 30.43
CA LYS B 325 42.34 -21.11 30.48
C LYS B 325 41.55 -22.06 31.39
N SER B 326 41.95 -23.32 31.43
CA SER B 326 41.65 -24.23 32.53
C SER B 326 42.88 -25.07 32.73
N ILE B 327 43.26 -25.29 34.00
CA ILE B 327 44.63 -25.66 34.36
C ILE B 327 45.00 -27.04 33.84
N GLU B 328 46.27 -27.21 33.47
CA GLU B 328 46.79 -28.43 32.87
C GLU B 328 47.79 -29.08 33.78
N GLU B 329 47.63 -30.39 34.01
CA GLU B 329 48.71 -31.20 34.53
C GLU B 329 48.86 -32.45 33.68
N VAL B 330 50.12 -32.81 33.47
CA VAL B 330 50.59 -33.90 32.62
C VAL B 330 51.51 -34.73 33.50
N GLU B 331 51.50 -36.06 33.28
CA GLU B 331 52.25 -37.05 34.07
C GLU B 331 51.82 -37.00 35.54
N SER B 332 50.57 -37.44 35.74
CA SER B 332 50.04 -37.65 37.07
C SER B 332 50.57 -38.95 37.64
N ARG B 333 51.05 -38.91 38.88
CA ARG B 333 51.79 -40.06 39.41
C ARG B 333 50.86 -41.12 39.97
N ALA B 334 50.19 -40.82 41.09
CA ALA B 334 49.39 -41.86 41.72
C ALA B 334 48.03 -41.42 42.24
N ASP B 335 47.84 -40.17 42.68
CA ASP B 335 46.65 -39.84 43.43
C ASP B 335 45.43 -39.65 42.54
N SER B 336 45.66 -39.35 41.26
CA SER B 336 44.58 -39.47 40.28
C SER B 336 44.04 -40.88 40.23
N ILE B 337 44.93 -41.86 40.22
CA ILE B 337 44.52 -43.26 40.24
C ILE B 337 43.90 -43.62 41.58
N LEU B 338 44.36 -42.99 42.67
CA LEU B 338 43.82 -43.28 43.99
C LEU B 338 42.38 -42.79 44.11
N GLU B 339 42.12 -41.55 43.70
CA GLU B 339 40.76 -41.04 43.72
C GLU B 339 39.91 -41.71 42.65
N GLY B 340 40.53 -42.17 41.56
CA GLY B 340 39.81 -42.94 40.57
C GLY B 340 39.34 -44.28 41.11
N LEU B 341 40.17 -44.93 41.92
CA LEU B 341 39.75 -46.16 42.58
C LEU B 341 38.71 -45.89 43.66
N ASP B 342 38.86 -44.78 44.37
CA ASP B 342 37.89 -44.37 45.40
C ASP B 342 36.50 -44.18 44.80
N ASN B 343 36.40 -43.33 43.79
CA ASN B 343 35.12 -43.14 43.12
C ASN B 343 34.75 -44.30 42.22
N ARG B 344 35.68 -45.22 41.94
CA ARG B 344 35.33 -46.45 41.25
C ARG B 344 34.54 -47.36 42.18
N TYR B 345 34.99 -47.52 43.43
CA TYR B 345 34.20 -48.28 44.37
C TYR B 345 32.93 -47.53 44.77
N GLU B 346 32.97 -46.19 44.73
CA GLU B 346 31.76 -45.41 44.95
C GLU B 346 30.77 -45.61 43.81
N ALA B 347 31.27 -45.73 42.58
CA ALA B 347 30.46 -46.08 41.42
C ALA B 347 30.20 -47.56 41.32
N LEU B 348 30.74 -48.36 42.24
CA LEU B 348 30.23 -49.70 42.46
C LEU B 348 29.13 -49.70 43.50
N GLY B 349 29.12 -48.70 44.38
CA GLY B 349 28.14 -48.63 45.44
C GLY B 349 26.72 -48.32 45.02
N ILE B 350 26.50 -47.13 44.47
CA ILE B 350 25.14 -46.60 44.30
C ILE B 350 24.57 -46.96 42.92
N ILE B 351 25.42 -47.43 42.00
CA ILE B 351 25.09 -47.51 40.57
C ILE B 351 23.99 -48.52 40.27
N GLU B 352 23.64 -49.37 41.23
CA GLU B 352 22.41 -50.15 41.13
C GLU B 352 21.19 -49.25 41.07
N ARG B 353 21.15 -48.22 41.93
CA ARG B 353 20.16 -47.16 41.79
C ARG B 353 20.71 -45.99 41.01
N GLN B 354 21.98 -45.63 41.26
CA GLN B 354 22.67 -44.49 40.66
C GLN B 354 21.91 -43.20 40.92
N THR B 355 21.91 -42.78 42.17
CA THR B 355 21.61 -41.40 42.47
C THR B 355 22.85 -40.59 42.11
N PRO B 356 22.77 -39.67 41.15
CA PRO B 356 23.95 -38.85 40.84
C PRO B 356 24.36 -37.93 41.97
N ILE B 357 23.38 -37.33 42.65
CA ILE B 357 23.67 -36.41 43.75
C ILE B 357 24.28 -37.18 44.91
N GLY B 358 25.52 -36.87 45.24
CA GLY B 358 26.30 -37.60 46.19
C GLY B 358 27.40 -38.43 45.57
N ARG B 359 27.53 -38.43 44.24
CA ARG B 359 28.47 -39.28 43.55
C ARG B 359 29.53 -38.48 42.79
N GLU B 360 29.24 -37.23 42.45
CA GLU B 360 29.77 -36.66 41.22
C GLU B 360 31.17 -36.09 41.31
N LEU B 361 32.01 -36.64 42.19
CA LEU B 361 33.44 -36.66 41.91
C LEU B 361 33.75 -37.37 40.61
N ASN B 362 32.90 -38.32 40.19
CA ASN B 362 33.05 -39.00 38.92
C ASN B 362 32.88 -38.08 37.71
N ARG B 363 32.43 -36.84 37.89
CA ARG B 363 32.51 -35.87 36.81
C ARG B 363 33.95 -35.59 36.44
N ARG B 364 34.82 -35.41 37.44
CA ARG B 364 36.22 -35.16 37.21
C ARG B 364 37.05 -36.44 37.19
N ILE B 365 36.60 -37.49 37.86
CA ILE B 365 37.19 -38.81 37.69
C ILE B 365 36.87 -39.28 36.28
N GLY B 366 37.89 -39.40 35.46
CA GLY B 366 37.70 -39.56 34.04
C GLY B 366 38.33 -38.38 33.33
N ARG B 367 38.16 -37.19 33.89
CA ARG B 367 39.01 -36.09 33.46
C ARG B 367 40.35 -36.16 34.16
N LEU B 368 40.41 -36.88 35.28
CA LEU B 368 41.58 -36.94 36.14
C LEU B 368 42.29 -38.29 36.10
N ARG B 369 41.56 -39.38 36.26
CA ARG B 369 42.18 -40.70 36.19
C ARG B 369 42.63 -41.00 34.77
N ALA B 370 41.69 -41.02 33.84
CA ALA B 370 42.04 -41.08 32.43
C ALA B 370 42.30 -39.68 31.91
N ASN B 371 43.08 -39.60 30.83
CA ASN B 371 43.47 -38.29 30.33
C ASN B 371 42.42 -37.69 29.39
N ASN B 372 42.24 -38.31 28.21
CA ASN B 372 41.68 -37.59 27.08
C ASN B 372 41.45 -38.49 25.87
N VAL B 373 40.41 -38.19 25.08
CA VAL B 373 40.27 -38.68 23.72
C VAL B 373 39.84 -37.50 22.84
N THR B 374 40.72 -37.05 21.97
CA THR B 374 40.41 -36.06 20.96
C THR B 374 39.88 -36.76 19.71
N ILE B 375 38.84 -36.18 19.11
CA ILE B 375 38.10 -36.84 18.05
C ILE B 375 37.89 -35.91 16.87
N LYS B 376 37.83 -36.51 15.68
CA LYS B 376 37.36 -35.86 14.47
C LYS B 376 36.56 -36.87 13.66
N VAL B 377 35.73 -36.37 12.75
CA VAL B 377 34.81 -37.20 11.99
C VAL B 377 35.23 -37.20 10.52
N THR B 378 34.49 -37.95 9.70
CA THR B 378 34.60 -37.89 8.25
C THR B 378 33.34 -37.22 7.72
N GLY B 379 33.38 -35.89 7.63
CA GLY B 379 32.31 -35.17 6.98
C GLY B 379 32.52 -35.09 5.48
N VAL B 380 31.66 -35.77 4.72
CA VAL B 380 31.85 -35.79 3.27
C VAL B 380 31.30 -34.51 2.63
N THR B 381 30.42 -33.80 3.30
CA THR B 381 29.81 -32.55 2.86
C THR B 381 29.37 -31.87 4.15
N VAL B 382 29.44 -30.53 4.19
CA VAL B 382 29.24 -29.75 5.42
C VAL B 382 27.86 -30.01 6.03
N SER B 383 26.85 -30.22 5.18
CA SER B 383 25.49 -30.50 5.64
C SER B 383 25.41 -31.84 6.37
N ASP B 384 25.78 -32.93 5.70
CA ASP B 384 25.71 -34.18 6.44
C ASP B 384 26.90 -34.39 7.36
N ALA B 385 27.94 -33.56 7.28
CA ALA B 385 28.89 -33.46 8.39
C ALA B 385 28.18 -33.00 9.64
N SER B 386 27.34 -31.97 9.52
CA SER B 386 26.54 -31.52 10.65
C SER B 386 25.53 -32.59 11.08
N GLU B 387 24.99 -33.35 10.13
CA GLU B 387 23.98 -34.36 10.46
C GLU B 387 24.57 -35.54 11.22
N ARG B 388 25.61 -36.17 10.66
CA ARG B 388 26.28 -37.25 11.38
C ARG B 388 27.08 -36.72 12.55
N TRP B 389 27.40 -35.42 12.57
CA TRP B 389 27.92 -34.77 13.77
C TRP B 389 26.90 -34.79 14.89
N ALA B 390 25.66 -34.45 14.56
CA ALA B 390 24.59 -34.45 15.57
C ALA B 390 24.36 -35.85 16.10
N ARG B 391 24.29 -36.83 15.20
CA ARG B 391 24.12 -38.21 15.68
C ARG B 391 25.37 -38.73 16.36
N TYR B 392 26.54 -38.22 15.96
CA TYR B 392 27.82 -38.57 16.56
C TYR B 392 27.86 -38.12 18.02
N GLU B 393 27.43 -36.88 18.26
CA GLU B 393 27.33 -36.37 19.62
C GLU B 393 26.17 -36.98 20.39
N ASP B 394 25.16 -37.50 19.69
CA ASP B 394 24.06 -38.15 20.39
C ASP B 394 24.47 -39.50 20.93
N VAL B 395 25.15 -40.31 20.13
CA VAL B 395 25.40 -41.68 20.54
C VAL B 395 26.50 -41.77 21.58
N MET B 396 27.40 -40.79 21.67
CA MET B 396 28.35 -40.80 22.75
C MET B 396 27.69 -40.46 24.08
N LYS B 397 26.54 -39.79 24.06
CA LYS B 397 25.78 -39.64 25.29
C LYS B 397 25.17 -40.97 25.71
N ALA B 398 24.77 -41.80 24.74
CA ALA B 398 24.32 -43.14 25.07
C ALA B 398 25.46 -43.98 25.60
N ALA B 399 26.67 -43.75 25.09
CA ALA B 399 27.86 -44.36 25.66
C ALA B 399 28.11 -43.88 27.08
N ARG B 400 27.83 -42.60 27.34
CA ARG B 400 27.88 -42.08 28.70
C ARG B 400 26.88 -42.77 29.60
N THR B 401 25.70 -43.09 29.07
CA THR B 401 24.72 -43.83 29.88
C THR B 401 25.21 -45.23 30.17
N GLY B 402 25.71 -45.92 29.16
CA GLY B 402 26.23 -47.25 29.36
C GLY B 402 27.49 -47.33 30.18
N GLN B 403 28.16 -46.23 30.43
CA GLN B 403 29.31 -46.25 31.32
C GLN B 403 29.02 -45.72 32.71
N GLN B 404 28.32 -44.59 32.82
CA GLN B 404 28.08 -43.98 34.13
C GLN B 404 26.88 -44.59 34.83
N PHE B 405 25.87 -45.02 34.09
CA PHE B 405 24.57 -45.32 34.69
C PHE B 405 24.26 -46.81 34.64
N GLY B 406 24.24 -47.39 33.46
CA GLY B 406 23.73 -48.73 33.25
C GLY B 406 22.62 -48.74 32.21
N VAL B 407 22.26 -49.96 31.82
CA VAL B 407 21.23 -50.17 30.81
C VAL B 407 20.25 -51.18 31.35
N ILE B 408 18.99 -50.78 31.45
CA ILE B 408 17.93 -51.63 31.98
C ILE B 408 17.55 -52.58 30.87
N PRO B 409 17.08 -53.79 31.18
CA PRO B 409 16.38 -54.59 30.17
C PRO B 409 15.08 -53.93 29.74
N GLY B 410 14.44 -54.53 28.76
CA GLY B 410 13.77 -53.85 27.66
C GLY B 410 12.75 -52.75 27.85
N ILE B 411 12.29 -52.21 26.71
CA ILE B 411 11.66 -50.89 26.65
C ILE B 411 10.39 -50.88 27.49
N GLY B 412 9.43 -51.74 27.12
CA GLY B 412 8.28 -51.94 27.94
C GLY B 412 8.49 -52.91 29.07
N TYR B 413 9.66 -53.55 29.14
CA TYR B 413 9.92 -54.53 30.20
C TYR B 413 10.05 -53.87 31.55
N GLY B 414 10.60 -52.67 31.59
CA GLY B 414 10.57 -51.84 32.77
C GLY B 414 9.20 -51.30 33.13
N TYR B 415 8.17 -51.61 32.36
CA TYR B 415 6.82 -51.32 32.79
C TYR B 415 5.94 -52.55 32.91
N LEU B 416 6.17 -53.59 32.13
CA LEU B 416 5.48 -54.82 32.43
C LEU B 416 6.06 -55.57 33.62
N MET B 417 7.16 -55.10 34.19
CA MET B 417 7.53 -55.60 35.50
C MET B 417 7.28 -54.58 36.61
N ALA B 418 7.29 -53.29 36.29
CA ALA B 418 6.87 -52.27 37.24
C ALA B 418 5.37 -52.05 37.24
N SER B 419 4.62 -52.91 36.60
CA SER B 419 3.21 -53.04 36.92
C SER B 419 2.89 -54.35 37.61
N LYS B 420 3.87 -55.25 37.76
CA LYS B 420 3.75 -56.29 38.77
C LYS B 420 3.75 -55.66 40.15
N TRP B 421 4.49 -54.57 40.28
CA TRP B 421 4.69 -53.91 41.55
C TRP B 421 3.45 -53.18 42.02
N LEU B 422 2.44 -53.01 41.17
CA LEU B 422 1.15 -52.53 41.62
C LEU B 422 0.21 -53.64 42.07
N GLU B 423 0.70 -54.87 42.07
CA GLU B 423 0.08 -55.92 42.85
C GLU B 423 0.98 -56.36 44.00
N ALA B 424 2.30 -56.22 43.83
CA ALA B 424 3.23 -56.56 44.90
C ALA B 424 3.22 -55.48 45.98
N ASN B 425 3.59 -54.25 45.63
CA ASN B 425 3.35 -53.15 46.55
C ASN B 425 1.86 -52.83 46.52
N VAL B 426 1.42 -52.05 47.51
CA VAL B 426 0.06 -52.02 48.08
C VAL B 426 -1.02 -51.86 47.02
N PRO B 427 -1.75 -52.92 46.72
CA PRO B 427 -2.81 -52.89 45.68
C PRO B 427 -4.21 -52.69 46.24
N GLN B 428 -4.34 -52.35 47.52
CA GLN B 428 -5.63 -52.35 48.18
C GLN B 428 -6.51 -51.21 47.66
N GLN B 429 -7.79 -51.27 48.03
CA GLN B 429 -8.61 -50.08 48.02
C GLN B 429 -8.22 -49.28 49.25
N SER B 430 -7.46 -48.21 49.04
CA SER B 430 -7.00 -47.40 50.15
C SER B 430 -8.10 -46.48 50.64
N ASP B 431 -7.76 -45.47 51.45
CA ASP B 431 -8.77 -44.69 52.15
C ASP B 431 -9.61 -43.77 51.25
N GLU B 432 -9.34 -43.75 49.95
CA GLU B 432 -10.20 -43.00 49.02
C GLU B 432 -10.40 -43.83 47.76
N LYS B 433 -11.61 -43.74 47.21
CA LYS B 433 -11.90 -44.41 45.94
C LYS B 433 -11.11 -43.78 44.80
N LEU B 434 -10.77 -42.49 44.90
CA LEU B 434 -9.87 -41.87 43.95
C LEU B 434 -8.49 -42.52 43.98
N GLU B 435 -8.07 -42.96 45.16
CA GLU B 435 -6.79 -43.65 45.28
C GLU B 435 -6.84 -45.04 44.66
N LYS B 436 -7.94 -45.76 44.81
CA LYS B 436 -8.06 -47.06 44.15
C LYS B 436 -8.16 -46.88 42.64
N CYS B 437 -8.86 -45.84 42.20
CA CYS B 437 -8.86 -45.46 40.79
C CYS B 437 -7.46 -45.10 40.32
N ARG B 438 -6.65 -44.51 41.18
CA ARG B 438 -5.36 -44.07 40.69
C ARG B 438 -4.34 -45.21 40.67
N ILE B 439 -4.48 -46.23 41.53
CA ILE B 439 -3.62 -47.39 41.29
C ILE B 439 -4.13 -48.16 40.09
N GLY B 440 -5.44 -48.15 39.84
CA GLY B 440 -5.95 -48.72 38.61
C GLY B 440 -5.49 -48.01 37.36
N LEU B 441 -5.11 -46.74 37.48
CA LEU B 441 -4.61 -45.98 36.34
C LEU B 441 -3.09 -45.91 36.26
N ILE B 442 -2.38 -46.15 37.36
CA ILE B 442 -0.95 -46.38 37.24
C ILE B 442 -0.70 -47.85 36.91
N GLU B 443 -1.76 -48.65 36.86
CA GLU B 443 -1.67 -49.90 36.12
C GLU B 443 -1.60 -49.68 34.60
N VAL B 444 -1.65 -48.43 34.12
CA VAL B 444 -1.57 -48.09 32.70
C VAL B 444 -0.19 -47.49 32.49
N LEU B 445 0.79 -48.05 33.21
CA LEU B 445 2.18 -48.04 32.76
C LEU B 445 2.43 -49.07 31.68
N ARG B 446 1.56 -50.07 31.58
CA ARG B 446 1.64 -51.14 30.60
C ARG B 446 1.42 -50.68 29.16
N ALA B 447 0.88 -49.48 28.97
CA ALA B 447 0.51 -49.01 27.65
C ALA B 447 1.68 -48.76 26.73
N GLN B 448 2.88 -48.53 27.27
CA GLN B 448 4.02 -48.29 26.40
C GLN B 448 4.43 -49.55 25.68
N TYR B 449 4.65 -50.60 26.45
CA TYR B 449 4.77 -51.96 25.91
C TYR B 449 3.61 -52.30 24.99
N GLU B 450 2.38 -52.01 25.43
CA GLU B 450 1.19 -52.44 24.70
C GLU B 450 1.10 -51.81 23.32
N HIS B 451 1.08 -50.48 23.25
CA HIS B 451 1.08 -49.77 21.99
C HIS B 451 2.37 -49.99 21.19
N LEU B 452 3.48 -50.35 21.83
CA LEU B 452 4.70 -50.56 21.05
C LEU B 452 4.73 -51.93 20.38
N THR B 453 4.60 -53.00 21.16
CA THR B 453 4.67 -54.34 20.59
C THR B 453 3.33 -54.79 20.00
N GLY B 454 2.26 -54.02 20.13
CA GLY B 454 1.02 -54.32 19.46
C GLY B 454 0.78 -53.52 18.20
N HIS B 455 1.76 -52.71 17.80
CA HIS B 455 1.81 -52.21 16.43
C HIS B 455 1.73 -53.35 15.42
N ASP B 456 2.64 -54.32 15.53
CA ASP B 456 2.69 -55.43 14.59
C ASP B 456 2.04 -56.68 15.15
N GLY B 457 1.64 -56.66 16.41
CA GLY B 457 1.03 -57.78 17.11
C GLY B 457 2.04 -58.39 18.08
N SER B 458 1.60 -58.64 19.31
CA SER B 458 0.25 -58.35 19.79
C SER B 458 0.26 -57.41 21.00
N ALA B 459 -0.85 -56.72 21.19
CA ALA B 459 -1.00 -55.77 22.31
C ALA B 459 -1.66 -56.44 23.51
N GLU B 460 -1.07 -57.55 23.97
CA GLU B 460 -1.67 -58.34 25.04
C GLU B 460 -1.14 -57.86 26.40
N ASN B 461 -1.79 -56.81 26.90
CA ASN B 461 -1.40 -56.18 28.14
C ASN B 461 -1.62 -56.93 29.48
N PRO B 462 -2.63 -57.79 29.68
CA PRO B 462 -2.65 -58.55 30.94
C PRO B 462 -1.91 -59.89 30.88
N ILE B 463 -1.60 -60.40 29.70
CA ILE B 463 -1.10 -61.76 29.55
C ILE B 463 0.41 -61.75 29.71
N PHE B 464 1.06 -60.77 29.08
CA PHE B 464 2.51 -60.75 29.00
C PHE B 464 3.18 -60.26 30.29
N ILE B 465 2.42 -59.95 31.34
CA ILE B 465 2.99 -59.36 32.55
C ILE B 465 3.86 -60.34 33.29
N ASP B 466 3.28 -61.47 33.71
CA ASP B 466 3.85 -62.26 34.78
C ASP B 466 5.04 -63.10 34.30
N LEU B 467 4.89 -63.79 33.18
CA LEU B 467 5.93 -64.73 32.76
C LEU B 467 6.45 -64.51 31.35
N VAL B 468 5.67 -63.92 30.44
CA VAL B 468 6.13 -63.81 29.05
C VAL B 468 7.22 -62.75 28.92
N THR B 469 7.08 -61.62 29.61
CA THR B 469 8.12 -60.60 29.64
C THR B 469 9.06 -60.95 30.80
N GLY B 470 10.08 -61.74 30.50
CA GLY B 470 11.22 -61.87 31.39
C GLY B 470 12.24 -62.88 30.92
N GLN B 471 13.53 -62.52 30.91
CA GLN B 471 13.96 -61.13 31.05
C GLN B 471 14.30 -60.59 29.67
N GLU B 472 14.76 -59.33 29.64
CA GLU B 472 15.06 -58.50 28.46
C GLU B 472 14.02 -58.64 27.34
N SER B 473 12.76 -58.78 27.73
CA SER B 473 11.72 -59.31 26.86
C SER B 473 10.67 -58.24 26.59
N ASP B 474 10.74 -57.65 25.39
CA ASP B 474 9.62 -56.97 24.77
C ASP B 474 9.30 -57.85 23.57
N THR B 475 8.55 -58.92 23.82
CA THR B 475 8.54 -60.12 22.97
C THR B 475 8.02 -59.86 21.57
N PRO B 476 8.88 -59.90 20.53
CA PRO B 476 8.39 -59.79 19.16
C PRO B 476 8.00 -61.17 18.67
N MET B 477 7.69 -61.30 17.38
CA MET B 477 7.68 -62.64 16.79
C MET B 477 9.06 -62.92 16.17
N ASN B 478 10.12 -62.68 16.94
CA ASN B 478 11.46 -63.03 16.47
C ASN B 478 12.19 -63.95 17.45
N VAL B 479 12.49 -63.44 18.65
CA VAL B 479 13.45 -64.11 19.52
C VAL B 479 13.01 -64.05 20.99
N TYR B 480 12.02 -63.20 21.28
CA TYR B 480 11.44 -62.89 22.60
C TYR B 480 12.39 -62.16 23.56
N ASP B 481 13.60 -61.81 23.15
CA ASP B 481 14.54 -61.20 24.10
C ASP B 481 15.51 -60.29 23.34
N ASN B 482 16.62 -59.95 24.00
CA ASN B 482 17.79 -59.29 23.40
C ASN B 482 17.45 -57.94 22.79
N ALA B 483 16.73 -57.13 23.56
CA ALA B 483 16.40 -55.77 23.18
C ALA B 483 16.24 -54.97 24.46
N ALA B 484 16.95 -53.85 24.55
CA ALA B 484 16.97 -53.06 25.79
C ALA B 484 17.29 -51.61 25.45
N ALA B 485 16.33 -50.72 25.70
CA ALA B 485 16.66 -49.31 25.71
C ALA B 485 17.27 -48.94 27.05
N THR B 486 17.77 -47.71 27.14
CA THR B 486 18.66 -47.35 28.24
C THR B 486 17.86 -47.07 29.50
N MET B 487 18.56 -46.56 30.51
CA MET B 487 18.11 -46.46 31.90
C MET B 487 17.60 -45.08 32.25
N ILE B 488 18.43 -44.07 31.99
CA ILE B 488 18.11 -42.74 32.41
C ILE B 488 16.97 -42.18 31.59
N ALA B 489 16.81 -42.64 30.34
CA ALA B 489 15.62 -42.29 29.57
C ALA B 489 14.38 -42.85 30.22
N LEU B 490 14.34 -44.18 30.37
CA LEU B 490 13.18 -44.91 30.89
C LEU B 490 12.75 -44.45 32.27
N GLU B 491 13.67 -43.90 33.07
CA GLU B 491 13.33 -43.46 34.41
C GLU B 491 13.21 -41.95 34.53
N GLY B 492 14.24 -41.20 34.14
CA GLY B 492 14.20 -39.76 34.28
C GLY B 492 13.21 -39.11 33.32
N ALA B 493 13.09 -39.64 32.10
CA ALA B 493 12.09 -39.14 31.18
C ALA B 493 10.68 -39.48 31.64
N TRP B 494 10.53 -40.61 32.31
CA TRP B 494 9.28 -40.90 32.98
C TRP B 494 8.93 -39.85 34.05
N GLN B 495 9.90 -39.44 34.86
CA GLN B 495 9.60 -38.46 35.90
C GLN B 495 9.28 -37.09 35.31
N THR B 496 10.06 -36.67 34.32
CA THR B 496 9.75 -35.38 33.71
C THR B 496 8.59 -35.47 32.72
N ALA B 497 7.99 -36.63 32.54
CA ALA B 497 6.65 -36.64 32.02
C ALA B 497 5.60 -36.70 33.08
N LYS B 498 5.95 -37.09 34.31
CA LYS B 498 4.99 -36.91 35.39
C LYS B 498 4.74 -35.45 35.67
N THR B 499 5.77 -34.61 35.53
CA THR B 499 5.55 -33.19 35.76
C THR B 499 4.62 -32.57 34.71
N LEU B 500 4.61 -33.06 33.48
CA LEU B 500 3.64 -32.54 32.52
C LEU B 500 2.35 -33.33 32.43
N GLY B 501 2.28 -34.51 33.02
CA GLY B 501 0.96 -35.02 33.24
C GLY B 501 0.30 -34.38 34.44
N LYS B 502 1.09 -33.71 35.27
CA LYS B 502 0.57 -32.98 36.41
C LYS B 502 0.31 -31.51 36.07
N ILE B 503 0.99 -30.95 35.08
CA ILE B 503 0.79 -29.53 34.75
C ILE B 503 -0.19 -29.34 33.62
N SER B 504 -0.04 -30.02 32.50
CA SER B 504 -0.80 -29.68 31.30
C SER B 504 -2.24 -30.14 31.37
N ASN B 505 -2.69 -30.65 32.51
CA ASN B 505 -4.09 -30.77 32.86
C ASN B 505 -4.54 -29.76 33.91
N VAL B 506 -3.65 -29.36 34.81
CA VAL B 506 -3.96 -28.37 35.84
C VAL B 506 -3.86 -26.96 35.29
N MET B 507 -3.61 -26.83 34.00
CA MET B 507 -3.73 -25.58 33.27
C MET B 507 -5.18 -25.30 33.00
N GLY B 508 -5.58 -24.03 33.06
CA GLY B 508 -6.92 -23.72 32.61
C GLY B 508 -7.17 -22.44 31.86
N ARG B 509 -6.17 -21.64 31.49
CA ARG B 509 -6.45 -20.41 30.75
C ARG B 509 -5.37 -20.19 29.72
N SER B 510 -5.45 -19.05 29.05
CA SER B 510 -4.40 -18.55 28.19
C SER B 510 -4.65 -17.08 27.98
N ASN B 511 -3.76 -16.21 28.45
CA ASN B 511 -4.01 -14.78 28.51
C ASN B 511 -3.00 -14.10 27.58
N THR B 512 -2.83 -12.78 27.71
CA THR B 512 -1.80 -12.06 26.94
C THR B 512 -1.32 -10.82 27.69
N ASN B 513 -0.02 -10.74 27.97
CA ASN B 513 0.57 -9.42 28.10
C ASN B 513 1.89 -9.39 27.36
N TYR B 514 2.70 -8.36 27.60
CA TYR B 514 4.07 -8.33 27.12
C TYR B 514 4.94 -7.85 28.28
N ALA B 515 5.43 -8.81 29.06
CA ALA B 515 6.08 -8.62 30.35
C ALA B 515 5.22 -7.80 31.30
N THR C 1 -0.79 -19.60 3.47
CA THR C 1 -0.04 -19.24 4.66
C THR C 1 -0.15 -20.33 5.73
N GLU C 2 -1.35 -20.89 5.89
CA GLU C 2 -1.61 -21.86 6.95
C GLU C 2 -1.00 -23.23 6.57
N ILE C 3 0.32 -23.27 6.65
CA ILE C 3 1.07 -24.52 6.60
C ILE C 3 1.20 -24.95 8.06
N SER C 4 0.84 -26.19 8.35
CA SER C 4 0.20 -26.51 9.61
C SER C 4 0.43 -27.97 9.96
N PHE C 5 -0.48 -28.52 10.73
CA PHE C 5 -0.66 -29.97 10.75
C PHE C 5 -1.74 -30.51 9.85
N THR C 6 -1.36 -31.37 8.92
CA THR C 6 -2.30 -32.32 8.36
C THR C 6 -2.33 -33.60 9.19
N ASN C 7 -3.51 -34.22 9.26
CA ASN C 7 -3.77 -35.23 10.27
C ASN C 7 -4.95 -36.09 9.85
N LYS C 8 -4.72 -37.37 9.59
CA LYS C 8 -3.48 -37.95 9.06
C LYS C 8 -3.94 -38.42 7.71
N ASN C 9 -5.24 -38.70 7.66
CA ASN C 9 -5.91 -39.03 6.41
C ASN C 9 -5.82 -37.89 5.41
N ASP C 10 -5.63 -36.66 5.87
CA ASP C 10 -5.19 -35.58 4.99
C ASP C 10 -3.67 -35.57 4.80
N THR C 11 -3.01 -36.69 5.04
CA THR C 11 -1.71 -36.94 4.47
C THR C 11 -1.71 -38.29 3.79
N ARG C 12 -2.78 -39.07 3.94
CA ARG C 12 -3.08 -40.07 2.93
C ARG C 12 -3.52 -39.43 1.63
N GLU C 13 -4.44 -38.49 1.70
CA GLU C 13 -4.92 -37.78 0.52
C GLU C 13 -4.29 -36.42 0.42
N ILE C 14 -2.99 -36.37 0.65
CA ILE C 14 -2.16 -35.31 0.12
C ILE C 14 -1.04 -36.03 -0.63
N VAL C 15 -0.88 -37.32 -0.35
CA VAL C 15 0.07 -38.11 -1.12
C VAL C 15 -0.61 -39.03 -2.11
N ASP C 16 -1.89 -39.36 -1.96
CA ASP C 16 -2.56 -40.13 -3.01
C ASP C 16 -3.09 -39.23 -4.12
N GLU C 17 -2.99 -37.92 -3.94
CA GLU C 17 -3.25 -36.99 -5.00
C GLU C 17 -1.97 -36.37 -5.49
N VAL C 18 -0.84 -36.81 -4.98
CA VAL C 18 0.43 -36.53 -5.61
C VAL C 18 0.93 -37.73 -6.39
N VAL C 19 0.90 -38.92 -5.80
CA VAL C 19 1.48 -40.05 -6.52
C VAL C 19 0.56 -40.48 -7.65
N GLU C 20 -0.76 -40.35 -7.49
CA GLU C 20 -1.65 -40.76 -8.58
C GLU C 20 -1.66 -39.79 -9.76
N ASN C 21 -1.76 -38.49 -9.52
CA ASN C 21 -1.74 -37.65 -10.69
C ASN C 21 -0.33 -37.38 -11.18
N ALA C 22 0.70 -37.59 -10.38
CA ALA C 22 2.04 -37.69 -10.93
C ALA C 22 2.20 -38.92 -11.80
N PHE C 23 1.47 -39.98 -11.49
CA PHE C 23 1.47 -41.19 -12.29
C PHE C 23 0.71 -41.04 -13.59
N SER C 24 -0.45 -40.38 -13.58
CA SER C 24 -1.16 -40.07 -14.83
C SER C 24 -0.57 -38.89 -15.58
N SER C 25 0.41 -38.21 -15.01
CA SER C 25 1.28 -37.39 -15.84
C SER C 25 2.07 -38.23 -16.80
N VAL C 26 3.00 -39.01 -16.29
CA VAL C 26 4.01 -39.67 -17.07
C VAL C 26 3.79 -41.16 -17.18
N CYS C 27 2.55 -41.61 -17.13
CA CYS C 27 2.29 -42.96 -17.59
C CYS C 27 1.79 -42.97 -19.02
N SER C 28 1.29 -41.84 -19.52
CA SER C 28 0.95 -41.80 -20.93
C SER C 28 2.16 -41.47 -21.78
N THR C 29 3.04 -40.60 -21.30
CA THR C 29 4.15 -40.10 -22.10
C THR C 29 5.21 -41.15 -22.45
N MET C 30 5.05 -42.38 -22.00
CA MET C 30 5.88 -43.50 -22.41
C MET C 30 5.32 -44.10 -23.69
N GLY C 31 6.02 -45.09 -24.20
CA GLY C 31 5.50 -45.92 -25.27
C GLY C 31 5.41 -45.21 -26.60
N PRO C 32 4.69 -45.80 -27.55
CA PRO C 32 4.61 -45.20 -28.89
C PRO C 32 3.64 -44.04 -28.95
N ASN C 33 2.58 -44.09 -28.15
CA ASN C 33 1.45 -43.18 -28.31
C ASN C 33 1.62 -41.97 -27.41
N GLY C 34 2.81 -41.36 -27.49
CA GLY C 34 3.27 -40.47 -26.46
C GLY C 34 2.53 -39.16 -26.39
N ASN C 35 1.59 -39.10 -25.48
CA ASN C 35 0.67 -38.00 -25.31
C ASN C 35 1.47 -36.92 -24.59
N TYR C 36 1.57 -35.72 -25.18
CA TYR C 36 2.57 -34.74 -24.76
C TYR C 36 2.21 -34.13 -23.42
N VAL C 37 3.11 -33.32 -22.90
CA VAL C 37 2.85 -32.50 -21.72
C VAL C 37 3.32 -31.09 -22.05
N VAL C 38 2.47 -30.10 -21.77
CA VAL C 38 2.78 -28.73 -22.11
C VAL C 38 3.33 -28.05 -20.87
N ILE C 39 4.64 -28.04 -20.75
CA ILE C 39 5.28 -27.34 -19.66
C ILE C 39 5.13 -25.87 -19.96
N ASN C 40 4.70 -25.10 -18.99
CA ASN C 40 4.70 -23.67 -19.21
C ASN C 40 6.12 -23.16 -19.05
N GLN C 41 6.36 -21.94 -19.47
CA GLN C 41 7.49 -21.19 -18.99
C GLN C 41 6.87 -20.02 -18.24
N LEU C 42 7.67 -19.05 -17.83
CA LEU C 42 6.96 -17.86 -17.41
C LEU C 42 6.62 -16.99 -18.62
N ASN C 43 7.24 -17.29 -19.75
CA ASN C 43 6.77 -16.89 -21.06
C ASN C 43 5.93 -18.03 -21.64
N SER C 44 5.67 -17.98 -22.96
CA SER C 44 4.96 -18.91 -23.85
C SER C 44 5.37 -20.38 -23.65
N PRO C 45 4.55 -21.37 -24.04
CA PRO C 45 4.80 -22.74 -23.59
C PRO C 45 5.99 -23.42 -24.24
N LYS C 46 6.33 -24.56 -23.66
CA LYS C 46 7.27 -25.51 -24.21
C LYS C 46 6.61 -26.86 -24.20
N VAL C 47 6.36 -27.41 -25.37
CA VAL C 47 5.67 -28.68 -25.50
C VAL C 47 6.71 -29.78 -25.53
N THR C 48 6.58 -30.75 -24.64
CA THR C 48 7.59 -31.79 -24.55
C THR C 48 6.95 -33.14 -24.34
N LYS C 49 7.80 -34.16 -24.31
CA LYS C 49 7.33 -35.53 -24.15
C LYS C 49 7.89 -36.20 -22.90
N ASP C 50 9.21 -36.24 -22.74
CA ASP C 50 9.80 -37.17 -21.78
C ASP C 50 9.62 -36.68 -20.35
N GLY C 51 9.63 -37.65 -19.42
CA GLY C 51 9.44 -37.39 -18.00
C GLY C 51 10.56 -36.64 -17.33
N VAL C 52 11.66 -36.39 -18.04
CA VAL C 52 12.70 -35.50 -17.55
C VAL C 52 12.12 -34.11 -17.30
N SER C 53 11.72 -33.44 -18.38
CA SER C 53 11.25 -32.08 -18.27
C SER C 53 9.81 -31.98 -17.79
N VAL C 54 9.15 -33.12 -17.62
CA VAL C 54 7.89 -33.11 -16.87
C VAL C 54 8.15 -33.19 -15.39
N ALA C 55 9.06 -34.06 -14.96
CA ALA C 55 9.36 -34.22 -13.54
C ALA C 55 10.16 -33.06 -12.99
N ARG C 56 10.77 -32.25 -13.85
CA ARG C 56 11.22 -30.94 -13.40
C ARG C 56 10.04 -30.10 -12.95
N ALA C 57 8.91 -30.24 -13.64
CA ALA C 57 7.84 -29.26 -13.64
C ALA C 57 6.55 -29.79 -13.03
N LEU C 58 6.64 -30.70 -12.08
CA LEU C 58 5.46 -31.22 -11.44
C LEU C 58 5.21 -30.31 -10.25
N ASP C 59 4.64 -29.14 -10.53
CA ASP C 59 4.72 -28.01 -9.61
C ASP C 59 3.29 -27.59 -9.27
N PHE C 60 2.74 -28.19 -8.24
CA PHE C 60 1.52 -27.67 -7.65
C PHE C 60 1.82 -26.32 -7.00
N ASN C 61 0.78 -25.52 -6.83
CA ASN C 61 0.95 -24.23 -6.20
C ASN C 61 1.13 -24.35 -4.70
N GLU C 62 0.48 -25.34 -4.10
CA GLU C 62 0.37 -25.48 -2.66
C GLU C 62 1.70 -25.95 -2.05
N ALA C 63 1.98 -25.48 -0.84
CA ALA C 63 3.19 -25.86 -0.13
C ALA C 63 3.07 -27.20 0.59
N ARG C 64 1.91 -27.85 0.56
CA ARG C 64 1.86 -29.24 0.98
C ARG C 64 2.18 -30.16 -0.20
N ARG C 65 1.54 -29.90 -1.34
CA ARG C 65 1.73 -30.76 -2.51
C ARG C 65 3.10 -30.57 -3.11
N ASN C 66 3.67 -29.38 -3.00
CA ASN C 66 5.04 -29.21 -3.45
C ASN C 66 5.99 -29.97 -2.54
N MET C 67 5.68 -29.99 -1.25
CA MET C 67 6.48 -30.73 -0.28
C MET C 67 6.44 -32.23 -0.58
N ILE C 68 5.30 -32.74 -1.02
CA ILE C 68 5.19 -34.17 -1.28
C ILE C 68 5.79 -34.53 -2.63
N ALA C 69 5.58 -33.70 -3.64
CA ALA C 69 6.20 -33.94 -4.92
C ALA C 69 7.66 -33.60 -4.95
N LYS C 70 8.27 -33.10 -3.87
CA LYS C 70 9.72 -33.03 -3.84
C LYS C 70 10.38 -34.32 -3.44
N ILE C 71 9.64 -35.37 -3.08
CA ILE C 71 10.28 -36.63 -2.78
C ILE C 71 9.99 -37.69 -3.80
N ILE C 72 9.00 -37.48 -4.66
CA ILE C 72 8.77 -38.46 -5.72
C ILE C 72 9.63 -38.13 -6.93
N THR C 73 10.17 -36.90 -7.01
CA THR C 73 10.86 -36.45 -8.20
C THR C 73 12.35 -36.26 -7.99
N GLU C 74 12.82 -36.32 -6.76
CA GLU C 74 14.25 -36.26 -6.52
C GLU C 74 14.94 -37.52 -7.04
N PRO C 75 14.38 -38.74 -6.89
CA PRO C 75 14.91 -39.84 -7.70
C PRO C 75 14.69 -39.70 -9.19
N SER C 76 13.66 -38.99 -9.63
CA SER C 76 13.42 -38.89 -11.07
C SER C 76 14.40 -37.98 -11.77
N ILE C 77 15.02 -37.05 -11.08
CA ILE C 77 16.09 -36.34 -11.76
C ILE C 77 17.47 -36.82 -11.31
N LYS C 78 17.58 -37.50 -10.18
CA LYS C 78 18.86 -38.13 -9.90
C LYS C 78 19.09 -39.35 -10.78
N THR C 79 18.02 -39.97 -11.29
CA THR C 79 18.18 -41.11 -12.18
C THR C 79 18.82 -40.71 -13.49
N ASP C 80 18.30 -39.66 -14.15
CA ASP C 80 18.91 -39.27 -15.41
C ASP C 80 20.10 -38.35 -15.24
N ALA C 81 20.34 -37.82 -14.04
CA ALA C 81 21.66 -37.28 -13.78
C ALA C 81 22.69 -38.39 -13.72
N GLU C 82 22.29 -39.58 -13.23
CA GLU C 82 23.21 -40.71 -13.22
C GLU C 82 23.50 -41.21 -14.63
N VAL C 83 22.47 -41.39 -15.44
CA VAL C 83 22.70 -41.89 -16.79
C VAL C 83 22.13 -40.98 -17.87
N GLY C 84 20.84 -40.67 -17.81
CA GLY C 84 20.24 -39.92 -18.90
C GLY C 84 18.81 -40.34 -19.19
N ASP C 85 18.42 -41.52 -18.70
CA ASP C 85 17.05 -41.99 -18.87
C ASP C 85 16.74 -43.06 -17.84
N GLY C 86 15.48 -43.11 -17.43
CA GLY C 86 15.03 -44.00 -16.39
C GLY C 86 14.05 -43.29 -15.49
N THR C 87 13.82 -42.02 -15.79
CA THR C 87 12.95 -41.17 -14.99
C THR C 87 11.51 -41.62 -15.04
N THR C 88 10.95 -41.77 -16.24
CA THR C 88 9.55 -42.08 -16.33
C THR C 88 9.28 -43.52 -15.90
N THR C 89 10.27 -44.39 -16.03
CA THR C 89 10.13 -45.74 -15.53
C THR C 89 10.16 -45.75 -14.01
N THR C 90 11.01 -44.91 -13.42
CA THR C 90 11.05 -44.72 -11.97
C THR C 90 9.70 -44.28 -11.42
N VAL C 91 9.17 -43.18 -11.94
CA VAL C 91 8.05 -42.54 -11.29
C VAL C 91 6.73 -43.05 -11.87
N PHE C 92 6.82 -44.00 -12.81
CA PHE C 92 5.71 -44.90 -13.09
C PHE C 92 5.66 -46.02 -12.08
N ILE C 93 6.79 -46.70 -11.90
CA ILE C 93 6.67 -47.92 -11.13
C ILE C 93 6.68 -47.59 -9.66
N THR C 94 6.86 -46.32 -9.28
CA THR C 94 6.60 -45.99 -7.88
C THR C 94 5.11 -46.00 -7.58
N TYR C 95 4.24 -45.69 -8.53
CA TYR C 95 2.83 -45.86 -8.22
C TYR C 95 2.45 -47.30 -8.29
N HIS C 96 3.03 -48.05 -9.21
CA HIS C 96 2.67 -49.48 -9.17
C HIS C 96 3.42 -50.26 -8.10
N LEU C 97 4.29 -49.62 -7.32
CA LEU C 97 4.75 -50.18 -6.06
C LEU C 97 4.04 -49.60 -4.87
N TYR C 98 3.30 -48.51 -5.07
CA TYR C 98 2.49 -47.88 -4.04
C TYR C 98 1.01 -48.35 -4.07
N GLN C 99 0.77 -49.57 -4.52
CA GLN C 99 -0.33 -50.33 -3.97
C GLN C 99 0.13 -51.16 -2.77
N LYS C 100 1.35 -50.95 -2.29
CA LYS C 100 1.80 -51.44 -0.99
C LYS C 100 1.26 -50.58 0.14
N PHE C 101 0.82 -49.38 -0.20
CA PHE C 101 -0.03 -48.46 0.55
C PHE C 101 -1.08 -49.10 1.44
N LYS C 102 -1.82 -50.05 0.90
CA LYS C 102 -2.80 -50.78 1.69
C LYS C 102 -2.13 -51.67 2.73
N ASP C 103 -0.95 -52.19 2.46
CA ASP C 103 -0.22 -52.99 3.43
C ASP C 103 0.79 -52.16 4.19
N ALA C 104 0.25 -51.15 4.90
CA ALA C 104 1.09 -50.24 5.68
C ALA C 104 1.79 -50.97 6.81
N MET C 105 1.11 -51.93 7.44
CA MET C 105 1.78 -52.87 8.33
C MET C 105 2.72 -53.71 7.47
N SER C 106 4.01 -53.44 7.59
CA SER C 106 4.94 -53.79 6.53
C SER C 106 6.19 -54.50 6.99
N PHE C 107 6.55 -54.45 8.27
CA PHE C 107 7.84 -54.91 8.74
C PHE C 107 8.04 -56.41 8.58
N ALA C 108 6.95 -57.18 8.57
CA ALA C 108 7.06 -58.60 8.27
C ALA C 108 7.42 -58.82 6.81
N ASN C 109 6.78 -58.08 5.90
CA ASN C 109 7.02 -58.25 4.47
C ASN C 109 7.73 -57.04 3.90
N THR C 110 8.68 -56.50 4.67
CA THR C 110 9.67 -55.57 4.15
C THR C 110 11.08 -56.13 4.23
N ARG C 111 11.41 -56.86 5.29
CA ARG C 111 12.55 -57.77 5.26
C ARG C 111 12.41 -58.77 4.13
N TYR C 112 11.18 -59.22 3.86
CA TYR C 112 10.92 -60.11 2.75
C TYR C 112 11.02 -59.42 1.40
N LEU C 113 10.31 -58.31 1.23
CA LEU C 113 10.17 -57.64 -0.06
C LEU C 113 11.47 -57.02 -0.54
N ASP C 114 12.20 -56.38 0.36
CA ASP C 114 13.44 -55.73 -0.06
C ASP C 114 14.55 -56.71 -0.35
N THR C 115 14.56 -57.87 0.29
CA THR C 115 15.49 -58.92 -0.10
C THR C 115 15.03 -59.64 -1.35
N LEU C 116 13.72 -59.68 -1.61
CA LEU C 116 13.18 -60.25 -2.83
C LEU C 116 13.54 -59.42 -4.05
N ILE C 117 13.41 -58.10 -3.91
CA ILE C 117 13.79 -57.17 -4.97
C ILE C 117 15.28 -57.19 -5.22
N LYS C 118 16.09 -57.51 -4.21
CA LYS C 118 17.50 -57.72 -4.46
C LYS C 118 17.73 -58.94 -5.34
N GLN C 119 16.95 -60.00 -5.13
CA GLN C 119 17.08 -61.19 -5.95
C GLN C 119 16.51 -60.96 -7.35
N VAL C 120 15.47 -60.15 -7.46
CA VAL C 120 14.93 -59.76 -8.77
C VAL C 120 15.97 -58.99 -9.55
N LEU C 121 16.62 -58.01 -8.92
CA LEU C 121 17.70 -57.28 -9.59
C LEU C 121 18.88 -58.19 -9.91
N GLN C 122 19.10 -59.21 -9.09
CA GLN C 122 20.10 -60.21 -9.42
C GLN C 122 19.73 -60.96 -10.69
N TYR C 123 18.44 -61.24 -10.87
CA TYR C 123 17.99 -61.92 -12.08
C TYR C 123 18.06 -61.00 -13.28
N ILE C 124 17.84 -59.70 -13.08
CA ILE C 124 18.01 -58.74 -14.15
C ILE C 124 19.49 -58.65 -14.52
N GLY C 125 20.36 -58.67 -13.52
CA GLY C 125 21.79 -58.82 -13.72
C GLY C 125 22.21 -60.24 -14.05
N THR C 126 21.25 -61.13 -14.28
CA THR C 126 21.52 -62.35 -15.03
C THR C 126 21.12 -62.16 -16.49
N LEU C 127 20.04 -61.42 -16.72
CA LEU C 127 19.54 -61.13 -18.06
C LEU C 127 20.30 -59.92 -18.64
N ILE C 128 21.47 -60.19 -19.19
CA ILE C 128 22.40 -59.15 -19.64
C ILE C 128 22.63 -59.32 -21.12
N GLN C 129 22.82 -58.21 -21.83
CA GLN C 129 23.47 -58.18 -23.13
C GLN C 129 24.50 -57.07 -23.11
N PRO C 130 25.75 -57.38 -22.81
CA PRO C 130 26.78 -56.33 -22.77
C PRO C 130 27.13 -55.87 -24.17
N GLY C 131 26.32 -54.99 -24.72
CA GLY C 131 26.52 -54.54 -26.08
C GLY C 131 27.54 -53.43 -26.16
N GLU C 132 28.77 -53.77 -26.52
CA GLU C 132 29.87 -52.82 -26.64
C GLU C 132 30.38 -52.66 -28.05
N ILE C 133 30.44 -53.75 -28.83
CA ILE C 133 30.83 -53.69 -30.23
C ILE C 133 29.62 -53.27 -31.06
N GLU C 134 29.86 -52.96 -32.33
CA GLU C 134 28.83 -52.46 -33.24
C GLU C 134 28.08 -53.57 -33.97
N SER C 135 27.92 -54.75 -33.36
CA SER C 135 27.18 -55.81 -34.01
C SER C 135 25.67 -55.57 -33.91
N GLU C 136 25.13 -55.62 -32.69
CA GLU C 136 23.75 -55.23 -32.47
C GLU C 136 23.60 -53.75 -32.20
N MET C 137 24.71 -53.07 -31.90
CA MET C 137 24.70 -51.62 -31.85
C MET C 137 24.41 -51.05 -33.23
N PHE C 138 24.78 -51.77 -34.30
CA PHE C 138 24.33 -51.42 -35.64
C PHE C 138 22.82 -51.46 -35.74
N ARG C 139 22.18 -52.47 -35.14
CA ARG C 139 20.73 -52.51 -35.12
C ARG C 139 20.16 -51.38 -34.28
N ASN C 140 20.86 -51.00 -33.22
CA ASN C 140 20.40 -49.92 -32.37
C ASN C 140 20.42 -48.58 -33.11
N MET C 141 21.52 -48.30 -33.81
CA MET C 141 21.57 -47.09 -34.64
C MET C 141 20.63 -47.18 -35.82
N LEU C 142 20.38 -48.41 -36.32
CA LEU C 142 19.43 -48.60 -37.39
C LEU C 142 18.01 -48.32 -36.93
N LEU C 143 17.73 -48.61 -35.66
CA LEU C 143 16.38 -48.54 -35.13
C LEU C 143 16.07 -47.17 -34.53
N THR C 144 17.09 -46.45 -34.06
CA THR C 144 16.84 -45.15 -33.45
C THR C 144 16.63 -44.05 -34.48
N SER C 145 16.83 -44.32 -35.76
CA SER C 145 16.72 -43.29 -36.79
C SER C 145 16.03 -43.75 -38.05
N SER C 146 15.64 -45.04 -38.11
CA SER C 146 15.17 -45.72 -39.32
C SER C 146 16.18 -45.59 -40.47
N ASN C 147 17.46 -45.62 -40.11
CA ASN C 147 18.59 -45.28 -40.99
C ASN C 147 18.36 -43.93 -41.67
N TYR C 148 18.33 -42.89 -40.82
CA TYR C 148 18.09 -41.54 -41.31
C TYR C 148 19.21 -41.06 -42.21
N GLU C 149 20.42 -40.97 -41.67
CA GLU C 149 21.59 -40.57 -42.44
C GLU C 149 22.77 -41.45 -42.05
N GLU C 150 23.40 -42.08 -43.03
CA GLU C 150 24.52 -42.97 -42.78
C GLU C 150 25.73 -42.24 -42.26
N GLU C 151 25.84 -40.94 -42.51
CA GLU C 151 26.78 -40.14 -41.73
C GLU C 151 26.39 -40.11 -40.27
N ILE C 152 25.15 -39.69 -39.98
CA ILE C 152 24.65 -39.61 -38.62
C ILE C 152 24.64 -40.98 -37.95
N VAL C 153 24.38 -42.04 -38.72
CA VAL C 153 24.38 -43.38 -38.14
C VAL C 153 25.80 -43.88 -37.92
N ASP C 154 26.59 -43.99 -38.99
CA ASP C 154 27.82 -44.76 -38.95
C ASP C 154 29.02 -43.90 -38.57
N LYS C 155 28.84 -42.58 -38.44
CA LYS C 155 29.96 -41.70 -38.14
C LYS C 155 30.39 -41.82 -36.68
N ILE C 156 29.42 -41.90 -35.77
CA ILE C 156 29.77 -42.13 -34.37
C ILE C 156 30.31 -43.54 -34.17
N LEU C 157 29.86 -44.49 -35.00
CA LEU C 157 30.47 -45.82 -35.00
C LEU C 157 31.89 -45.78 -35.51
N ASP C 158 32.17 -44.90 -36.47
CA ASP C 158 33.54 -44.70 -36.93
C ASP C 158 34.39 -44.01 -35.88
N ILE C 159 33.78 -43.16 -35.05
CA ILE C 159 34.50 -42.59 -33.92
C ILE C 159 34.86 -43.68 -32.92
N TYR C 160 33.90 -44.56 -32.63
CA TYR C 160 34.15 -45.70 -31.74
C TYR C 160 35.04 -46.75 -32.38
N ARG C 161 35.24 -46.69 -33.69
CA ARG C 161 36.06 -47.69 -34.38
C ARG C 161 37.53 -47.54 -34.01
N GLU C 162 38.05 -46.31 -34.01
CA GLU C 162 39.45 -46.08 -33.66
C GLU C 162 39.62 -45.58 -32.24
N HIS C 163 39.00 -44.46 -31.89
CA HIS C 163 39.27 -43.82 -30.61
C HIS C 163 38.30 -44.30 -29.54
N LYS C 164 38.86 -44.76 -28.43
CA LYS C 164 38.05 -45.29 -27.33
C LYS C 164 37.34 -44.16 -26.61
N ASN C 165 36.13 -44.45 -26.12
CA ASN C 165 35.22 -43.74 -25.21
C ASN C 165 35.34 -42.22 -25.18
N PRO C 166 35.14 -41.51 -26.29
CA PRO C 166 35.45 -40.08 -26.32
C PRO C 166 34.32 -39.27 -25.68
N ASN C 167 34.64 -38.02 -25.39
CA ASN C 167 33.62 -37.04 -25.09
C ASN C 167 33.13 -36.45 -26.41
N ILE C 168 31.92 -36.82 -26.81
CA ILE C 168 31.40 -36.47 -28.13
C ILE C 168 30.68 -35.13 -28.03
N HIS C 169 30.99 -34.22 -28.95
CA HIS C 169 30.34 -32.93 -29.01
C HIS C 169 29.99 -32.61 -30.46
N LEU C 170 28.99 -31.74 -30.62
CA LEU C 170 28.45 -31.42 -31.92
C LEU C 170 28.10 -29.94 -31.97
N GLU C 171 28.27 -29.34 -33.14
CA GLU C 171 27.93 -27.94 -33.36
C GLU C 171 27.12 -27.78 -34.64
N LYS C 172 26.79 -26.53 -34.93
CA LYS C 172 26.16 -26.16 -36.20
C LYS C 172 27.12 -25.35 -37.04
N SER C 173 26.95 -25.47 -38.36
CA SER C 173 27.55 -24.56 -39.32
C SER C 173 26.74 -24.67 -40.60
N PRO C 174 26.25 -23.57 -41.14
CA PRO C 174 25.51 -23.62 -42.41
C PRO C 174 26.45 -23.84 -43.59
N MET C 175 26.86 -25.09 -43.77
CA MET C 175 27.78 -25.47 -44.82
C MET C 175 27.51 -26.92 -45.19
N LEU C 176 27.78 -27.27 -46.44
CA LEU C 176 27.58 -28.64 -46.92
C LEU C 176 28.67 -29.69 -46.67
N PRO C 177 30.01 -29.43 -46.89
CA PRO C 177 30.95 -30.56 -46.84
C PRO C 177 31.17 -31.18 -45.46
N ALA C 178 32.02 -32.21 -45.42
CA ALA C 178 31.98 -33.26 -44.41
C ALA C 178 32.21 -32.75 -43.00
N ASP C 179 31.72 -33.52 -42.04
CA ASP C 179 31.71 -33.14 -40.64
C ASP C 179 33.13 -33.13 -40.08
N GLU C 180 33.33 -32.32 -39.05
CA GLU C 180 34.65 -31.93 -38.57
C GLU C 180 35.03 -32.81 -37.38
N VAL C 181 35.55 -34.00 -37.65
CA VAL C 181 36.06 -34.87 -36.60
C VAL C 181 37.31 -34.23 -35.99
N LYS C 182 37.26 -33.92 -34.69
CA LYS C 182 38.33 -33.20 -34.01
C LYS C 182 38.79 -34.03 -32.81
N MET C 183 39.74 -34.95 -33.06
CA MET C 183 40.37 -35.72 -31.99
C MET C 183 41.52 -34.88 -31.43
N THR C 184 41.16 -33.99 -30.50
CA THR C 184 42.11 -33.08 -29.87
C THR C 184 42.21 -33.39 -28.39
N LYS C 185 43.44 -33.41 -27.86
CA LYS C 185 43.66 -33.83 -26.48
C LYS C 185 43.34 -32.69 -25.53
N GLU C 186 42.15 -32.73 -24.94
CA GLU C 186 41.82 -31.89 -23.80
C GLU C 186 40.96 -32.71 -22.86
N ILE C 187 41.22 -32.56 -21.57
CA ILE C 187 40.52 -33.30 -20.53
C ILE C 187 39.87 -32.31 -19.59
N TYR C 188 38.57 -32.46 -19.39
CA TYR C 188 37.77 -31.53 -18.62
C TYR C 188 37.95 -31.73 -17.13
N PHE C 189 38.30 -30.66 -16.43
CA PHE C 189 38.30 -30.59 -14.97
C PHE C 189 38.17 -29.12 -14.60
N GLU C 190 37.91 -28.84 -13.32
CA GLU C 190 37.32 -27.59 -12.90
C GLU C 190 38.34 -26.63 -12.32
N GLY C 191 38.23 -25.35 -12.68
CA GLY C 191 39.00 -24.29 -12.05
C GLY C 191 38.80 -22.93 -12.71
N SER C 192 38.61 -21.88 -11.92
CA SER C 192 38.29 -20.56 -12.45
C SER C 192 38.95 -19.51 -11.57
N PHE C 193 38.40 -18.28 -11.59
CA PHE C 193 39.03 -17.19 -10.86
C PHE C 193 38.29 -16.88 -9.56
N PRO C 194 39.00 -16.64 -8.47
CA PRO C 194 38.37 -15.94 -7.34
C PRO C 194 38.25 -14.44 -7.62
N ILE C 195 39.33 -13.87 -8.14
CA ILE C 195 39.44 -12.46 -8.51
C ILE C 195 40.20 -12.46 -9.84
N GLU C 196 39.88 -11.51 -10.71
CA GLU C 196 40.53 -11.41 -12.02
C GLU C 196 42.02 -11.10 -11.94
N THR C 197 42.51 -10.59 -10.80
CA THR C 197 43.94 -10.37 -10.64
C THR C 197 44.73 -11.66 -10.43
N GLN C 198 44.04 -12.79 -10.21
CA GLN C 198 44.73 -14.05 -9.97
C GLN C 198 45.17 -14.72 -11.27
N VAL C 199 44.40 -14.55 -12.34
CA VAL C 199 44.63 -15.24 -13.61
C VAL C 199 45.55 -14.38 -14.47
N PRO C 200 46.55 -14.97 -15.14
CA PRO C 200 47.38 -14.16 -16.05
C PRO C 200 46.63 -13.63 -17.27
N ALA C 201 45.53 -14.26 -17.66
CA ALA C 201 44.71 -13.76 -18.76
C ALA C 201 43.36 -13.28 -18.24
N ASN C 202 42.62 -12.61 -19.12
CA ASN C 202 41.26 -12.18 -18.79
C ASN C 202 40.24 -12.43 -19.90
N GLY C 203 40.65 -12.61 -21.15
CA GLY C 203 39.72 -12.95 -22.21
C GLY C 203 39.26 -14.39 -22.12
N ALA C 204 40.20 -15.32 -22.31
CA ALA C 204 39.92 -16.75 -22.24
C ALA C 204 40.56 -17.39 -21.02
N TYR C 205 41.13 -16.58 -20.11
CA TYR C 205 41.69 -17.00 -18.82
C TYR C 205 42.88 -17.94 -18.96
N VAL C 206 43.47 -18.03 -20.15
CA VAL C 206 44.45 -19.06 -20.47
C VAL C 206 45.76 -18.76 -19.77
N VAL C 207 46.23 -19.70 -18.95
CA VAL C 207 47.51 -19.55 -18.29
C VAL C 207 48.63 -19.74 -19.31
N GLY C 208 49.81 -19.22 -18.96
CA GLY C 208 50.94 -19.12 -19.86
C GLY C 208 52.14 -19.96 -19.47
N PRO C 209 51.92 -21.29 -19.21
CA PRO C 209 52.77 -22.06 -18.28
C PRO C 209 54.27 -22.09 -18.56
N GLU C 210 55.02 -21.43 -17.69
CA GLU C 210 56.46 -21.43 -17.72
C GLU C 210 56.95 -21.29 -16.30
N LYS C 211 57.97 -22.10 -15.96
CA LYS C 211 58.59 -22.24 -14.62
C LYS C 211 57.55 -22.32 -13.50
N VAL C 212 56.53 -23.15 -13.72
CA VAL C 212 55.30 -23.10 -12.94
C VAL C 212 55.55 -23.70 -11.56
N GLY C 213 55.63 -22.85 -10.55
CA GLY C 213 55.83 -23.28 -9.18
C GLY C 213 54.51 -23.47 -8.48
N VAL C 214 54.11 -24.73 -8.30
CA VAL C 214 52.81 -25.06 -7.76
C VAL C 214 52.97 -25.59 -6.34
N VAL C 215 52.24 -24.99 -5.41
CA VAL C 215 51.99 -25.57 -4.09
C VAL C 215 50.58 -26.17 -4.08
N LEU C 216 50.46 -27.35 -3.49
CA LEU C 216 49.25 -28.15 -3.63
C LEU C 216 48.52 -28.23 -2.30
N ILE C 217 47.28 -27.75 -2.28
CA ILE C 217 46.35 -28.20 -1.25
C ILE C 217 45.28 -29.03 -1.96
N ASP C 218 45.44 -30.34 -1.88
CA ASP C 218 44.47 -31.24 -2.48
C ASP C 218 43.17 -31.28 -1.68
N GLY C 219 43.26 -31.06 -0.38
CA GLY C 219 42.12 -31.24 0.48
C GLY C 219 41.26 -30.01 0.58
N SER C 220 40.21 -30.14 1.39
CA SER C 220 39.37 -29.04 1.82
C SER C 220 40.24 -28.07 2.61
N ILE C 221 40.41 -26.86 2.08
CA ILE C 221 41.28 -25.87 2.72
C ILE C 221 40.54 -25.34 3.94
N ARG C 222 40.89 -25.86 5.12
CA ARG C 222 40.13 -25.69 6.33
C ARG C 222 40.95 -25.09 7.47
N ALA C 223 42.28 -25.09 7.33
CA ALA C 223 43.18 -24.49 8.31
C ALA C 223 43.16 -22.96 8.30
N TYR C 224 42.38 -22.36 7.39
CA TYR C 224 42.14 -20.93 7.17
C TYR C 224 43.47 -20.17 7.02
N PRO C 225 44.28 -20.42 5.98
CA PRO C 225 45.58 -19.75 5.94
C PRO C 225 45.51 -18.32 5.43
N THR C 226 45.65 -17.37 6.33
CA THR C 226 45.92 -16.01 5.90
C THR C 226 47.41 -15.77 5.70
N GLN C 227 48.24 -16.75 6.04
CA GLN C 227 49.69 -16.64 6.01
C GLN C 227 50.28 -17.12 4.70
N LEU C 228 49.54 -16.96 3.60
CA LEU C 228 49.93 -17.48 2.29
C LEU C 228 50.78 -16.49 1.49
N ILE C 229 51.49 -15.58 2.17
CA ILE C 229 52.21 -14.53 1.47
C ILE C 229 53.72 -14.66 1.64
N ASN C 230 54.18 -15.52 2.55
CA ASN C 230 55.59 -15.58 2.86
C ASN C 230 56.39 -16.30 1.78
N ALA C 231 55.97 -17.51 1.39
CA ALA C 231 56.59 -18.14 0.23
C ALA C 231 56.19 -17.45 -1.07
N LEU C 232 55.08 -16.70 -1.05
CA LEU C 232 54.73 -15.87 -2.21
C LEU C 232 55.77 -14.76 -2.40
N LEU C 233 56.23 -14.18 -1.29
CA LEU C 233 57.26 -13.15 -1.36
C LEU C 233 58.62 -13.78 -1.62
N ASN C 234 58.86 -14.98 -1.10
CA ASN C 234 60.07 -15.75 -1.40
C ASN C 234 60.12 -16.24 -2.83
N ARG C 235 58.98 -16.25 -3.51
CA ARG C 235 58.81 -16.82 -4.84
C ARG C 235 58.04 -15.84 -5.72
N PHE C 236 58.46 -14.57 -5.73
CA PHE C 236 57.64 -13.52 -6.31
C PHE C 236 57.66 -13.56 -7.84
N ILE C 237 58.83 -13.36 -8.45
CA ILE C 237 58.98 -13.54 -9.89
C ILE C 237 59.77 -14.79 -10.23
N ASP C 238 60.04 -15.64 -9.23
CA ASP C 238 60.76 -16.88 -9.48
C ASP C 238 59.87 -17.94 -10.11
N ASN C 239 58.55 -17.79 -9.99
CA ASN C 239 57.55 -18.71 -10.53
C ASN C 239 56.16 -18.08 -10.52
N PRO C 240 55.27 -18.51 -11.41
CA PRO C 240 53.84 -18.27 -11.18
C PRO C 240 53.35 -19.18 -10.06
N VAL C 241 53.16 -18.61 -8.88
CA VAL C 241 52.82 -19.38 -7.70
C VAL C 241 51.38 -19.84 -7.82
N VAL C 242 51.19 -21.15 -7.91
CA VAL C 242 49.85 -21.71 -8.07
C VAL C 242 49.53 -22.50 -6.83
N LEU C 243 48.60 -22.00 -6.03
CA LEU C 243 48.00 -22.79 -4.98
C LEU C 243 46.74 -23.43 -5.57
N MET C 244 46.65 -24.74 -5.43
CA MET C 244 45.42 -25.45 -5.76
C MET C 244 44.62 -25.58 -4.49
N ALA C 245 43.31 -25.33 -4.58
CA ALA C 245 42.45 -25.49 -3.42
C ALA C 245 41.22 -26.28 -3.79
N ARG C 246 40.40 -26.61 -2.79
CA ARG C 246 39.17 -27.35 -3.00
C ARG C 246 38.10 -26.35 -3.45
N ASN C 247 36.97 -26.87 -3.95
CA ASN C 247 35.78 -26.05 -4.18
C ASN C 247 35.26 -25.42 -2.89
N PHE C 248 35.54 -26.02 -1.74
CA PHE C 248 35.23 -25.40 -0.45
C PHE C 248 36.33 -24.39 -0.13
N GLU C 249 36.17 -23.18 -0.67
CA GLU C 249 36.99 -22.06 -0.23
C GLU C 249 36.31 -21.41 0.96
N PRO C 250 36.98 -21.27 2.10
CA PRO C 250 36.39 -20.50 3.20
C PRO C 250 36.44 -19.00 2.94
N GLU C 251 36.05 -18.20 3.94
CA GLU C 251 36.04 -16.75 3.80
C GLU C 251 37.37 -16.13 4.17
N VAL C 252 38.47 -16.87 4.04
CA VAL C 252 39.81 -16.32 4.18
C VAL C 252 40.13 -15.54 2.90
N ILE C 253 39.37 -15.81 1.83
CA ILE C 253 39.48 -15.08 0.58
C ILE C 253 39.17 -13.60 0.74
N ALA C 254 38.33 -13.24 1.72
CA ALA C 254 38.16 -11.84 2.07
C ALA C 254 39.37 -11.29 2.79
N ALA C 255 40.20 -12.16 3.36
CA ALA C 255 41.48 -11.75 3.93
C ALA C 255 42.64 -12.02 2.99
N ILE C 256 42.35 -12.41 1.75
CA ILE C 256 43.36 -12.63 0.73
C ILE C 256 43.27 -11.59 -0.38
N ASN C 257 42.05 -11.20 -0.75
CA ASN C 257 41.89 -10.16 -1.76
C ASN C 257 42.34 -8.79 -1.25
N ASN C 258 42.51 -8.63 0.05
CA ASN C 258 43.07 -7.41 0.62
C ASN C 258 44.53 -7.59 1.01
N GLU C 259 45.10 -8.79 0.84
CA GLU C 259 46.46 -9.07 1.29
C GLU C 259 47.38 -9.42 0.13
N ASN C 260 47.00 -10.39 -0.69
CA ASN C 260 47.83 -10.96 -1.73
C ASN C 260 47.58 -10.25 -3.07
N GLN C 261 46.43 -9.62 -3.23
CA GLN C 261 46.24 -8.68 -4.33
C GLN C 261 47.09 -7.44 -4.13
N ARG C 262 47.32 -7.07 -2.87
CA ARG C 262 48.19 -5.96 -2.50
C ARG C 262 49.65 -6.38 -2.53
N LEU C 263 50.51 -5.60 -1.86
CA LEU C 263 51.97 -5.80 -1.84
C LEU C 263 52.34 -7.23 -1.47
N GLY C 264 53.18 -7.84 -2.30
CA GLY C 264 53.21 -9.28 -2.43
C GLY C 264 52.21 -9.66 -3.50
N THR C 265 52.42 -9.14 -4.70
CA THR C 265 51.45 -9.18 -5.80
C THR C 265 51.92 -10.06 -6.96
N SER C 266 52.44 -11.24 -6.66
CA SER C 266 52.93 -12.16 -7.68
C SER C 266 51.77 -12.79 -8.44
N ARG C 267 52.07 -13.63 -9.42
CA ARG C 267 51.03 -14.34 -10.16
C ARG C 267 50.50 -15.50 -9.30
N ILE C 268 49.65 -15.13 -8.36
CA ILE C 268 49.12 -16.10 -7.41
C ILE C 268 47.79 -16.63 -7.91
N PHE C 269 47.64 -17.95 -7.87
CA PHE C 269 46.37 -18.63 -8.09
C PHE C 269 45.98 -19.36 -6.81
N ALA C 270 44.71 -19.25 -6.44
CA ALA C 270 44.16 -20.07 -5.36
C ALA C 270 42.66 -20.20 -5.60
N TYR C 271 42.25 -21.30 -6.23
CA TYR C 271 40.82 -21.52 -6.43
C TYR C 271 40.57 -23.03 -6.51
N LYS C 272 39.43 -23.41 -7.04
CA LYS C 272 38.74 -24.67 -6.83
C LYS C 272 39.42 -25.82 -7.57
N VAL C 273 38.97 -27.02 -7.23
CA VAL C 273 39.28 -28.24 -7.96
C VAL C 273 37.93 -28.91 -8.14
N ASN C 274 37.90 -30.12 -8.72
CA ASN C 274 36.65 -30.84 -8.91
C ASN C 274 36.12 -31.38 -7.57
N ALA C 275 35.06 -32.19 -7.65
CA ALA C 275 34.35 -32.65 -6.46
C ALA C 275 35.18 -33.71 -5.72
N ALA C 276 34.65 -34.15 -4.58
CA ALA C 276 35.39 -35.04 -3.67
C ALA C 276 35.41 -36.45 -4.23
N GLY C 277 36.54 -36.83 -4.82
CA GLY C 277 36.69 -38.17 -5.36
C GLY C 277 38.15 -38.53 -5.50
N LEU C 278 38.38 -39.73 -6.06
CA LEU C 278 39.74 -40.20 -6.25
C LEU C 278 40.44 -39.45 -7.36
N LEU C 279 39.72 -39.06 -8.42
CA LEU C 279 40.32 -38.11 -9.33
C LEU C 279 40.31 -36.68 -8.81
N GLY C 280 39.63 -36.42 -7.68
CA GLY C 280 39.90 -35.18 -6.96
C GLY C 280 41.34 -35.08 -6.51
N ALA C 281 41.95 -36.22 -6.16
CA ALA C 281 43.38 -36.31 -5.93
C ALA C 281 44.13 -36.84 -7.14
N GLY C 282 43.44 -37.14 -8.23
CA GLY C 282 44.06 -37.77 -9.37
C GLY C 282 44.33 -36.85 -10.54
N THR C 283 43.43 -35.89 -10.80
CA THR C 283 43.66 -34.92 -11.86
C THR C 283 44.74 -33.92 -11.49
N ILE C 284 45.07 -33.82 -10.20
CA ILE C 284 46.15 -32.98 -9.74
C ILE C 284 47.45 -33.77 -9.63
N ASP C 285 47.39 -35.09 -9.84
CA ASP C 285 48.54 -35.97 -9.70
C ASP C 285 49.04 -36.52 -11.02
N ASP C 286 48.14 -36.87 -11.94
CA ASP C 286 48.55 -37.35 -13.25
C ASP C 286 49.21 -36.25 -14.07
N LEU C 287 48.77 -35.01 -13.87
CA LEU C 287 49.48 -33.83 -14.35
C LEU C 287 50.38 -33.26 -13.28
N GLY C 288 50.68 -34.03 -12.25
CA GLY C 288 51.29 -33.56 -11.02
C GLY C 288 52.78 -33.78 -11.05
N ARG C 289 53.22 -34.89 -10.44
CA ARG C 289 54.62 -35.31 -10.52
C ARG C 289 55.04 -35.55 -11.96
N LEU C 290 54.11 -35.96 -12.81
CA LEU C 290 54.42 -36.23 -14.20
C LEU C 290 54.60 -34.95 -15.01
N LEU C 291 53.65 -34.02 -14.92
CA LEU C 291 53.61 -32.85 -15.81
C LEU C 291 53.42 -31.55 -15.04
N ASN C 292 54.23 -31.35 -14.00
CA ASN C 292 54.44 -30.06 -13.31
C ASN C 292 53.17 -29.53 -12.65
N ILE C 293 52.71 -30.26 -11.65
CA ILE C 293 51.92 -29.65 -10.58
C ILE C 293 52.66 -30.01 -9.30
N GLY C 294 52.79 -31.30 -9.02
CA GLY C 294 53.62 -31.73 -7.93
C GLY C 294 53.29 -33.11 -7.41
N PRO C 295 53.96 -33.50 -6.33
CA PRO C 295 53.70 -34.82 -5.74
C PRO C 295 52.37 -34.87 -5.01
N VAL C 296 52.09 -36.02 -4.44
CA VAL C 296 50.83 -36.26 -3.76
C VAL C 296 50.78 -35.44 -2.48
N PHE C 297 49.81 -34.55 -2.40
CA PHE C 297 49.48 -33.89 -1.15
C PHE C 297 48.19 -34.51 -0.66
N ASP C 298 48.11 -34.76 0.65
CA ASP C 298 47.03 -35.52 1.25
C ASP C 298 45.77 -34.66 1.25
N VAL C 299 44.61 -35.26 1.55
CA VAL C 299 43.38 -34.49 1.60
C VAL C 299 43.38 -33.76 2.93
N ASN C 300 43.95 -32.55 2.93
CA ASN C 300 44.27 -31.80 4.14
C ASN C 300 44.53 -30.36 3.69
N SER C 301 44.77 -29.48 4.68
CA SER C 301 45.16 -28.11 4.42
C SER C 301 46.42 -27.73 5.19
N VAL C 302 47.32 -28.68 5.38
CA VAL C 302 48.47 -28.49 6.25
C VAL C 302 49.57 -27.79 5.46
N ASP C 303 50.48 -27.13 6.19
CA ASP C 303 51.69 -26.44 5.72
C ASP C 303 51.40 -25.41 4.64
N PRO C 304 50.87 -24.25 5.00
CA PRO C 304 50.60 -23.19 4.02
C PRO C 304 51.86 -22.53 3.47
N ALA C 305 51.68 -21.40 2.78
CA ALA C 305 52.74 -20.79 1.99
C ALA C 305 53.62 -19.87 2.81
N LEU C 306 53.86 -20.23 4.08
CA LEU C 306 55.06 -19.76 4.77
C LEU C 306 56.29 -20.12 3.96
N VAL C 307 56.49 -21.42 3.71
CA VAL C 307 57.52 -21.91 2.80
C VAL C 307 57.02 -23.21 2.21
N LYS C 308 57.41 -23.50 0.98
CA LYS C 308 57.01 -24.73 0.34
C LYS C 308 57.86 -25.88 0.87
N TYR C 309 57.35 -27.11 0.66
CA TYR C 309 58.18 -28.29 0.83
C TYR C 309 59.34 -28.27 -0.14
N ASN C 310 59.03 -28.31 -1.43
CA ASN C 310 60.00 -28.22 -2.50
C ASN C 310 59.60 -27.10 -3.43
N ASP C 311 60.60 -26.47 -4.05
CA ASP C 311 60.40 -25.38 -4.99
C ASP C 311 60.36 -26.01 -6.39
N VAL C 312 59.24 -26.65 -6.72
CA VAL C 312 59.12 -27.37 -7.98
C VAL C 312 58.50 -26.42 -9.02
N THR C 313 59.36 -25.89 -9.88
CA THR C 313 58.98 -24.91 -10.88
C THR C 313 59.23 -25.42 -12.29
N LEU C 314 60.43 -25.97 -12.54
CA LEU C 314 60.90 -26.26 -13.90
C LEU C 314 60.66 -27.69 -14.31
N TRP C 315 59.53 -28.29 -13.90
CA TRP C 315 59.15 -29.62 -14.36
C TRP C 315 58.24 -29.54 -15.61
N LEU C 316 58.37 -28.48 -16.40
CA LEU C 316 57.56 -28.27 -17.60
C LEU C 316 57.79 -29.38 -18.61
N GLY C 317 56.80 -30.26 -18.76
CA GLY C 317 56.93 -31.44 -19.58
C GLY C 317 56.22 -31.33 -20.90
N ARG C 318 56.04 -32.49 -21.53
CA ARG C 318 55.32 -32.56 -22.78
C ARG C 318 53.82 -32.45 -22.50
N LYS C 319 53.34 -31.21 -22.40
CA LYS C 319 52.05 -30.93 -21.79
C LYS C 319 51.51 -29.63 -22.39
N GLY C 320 50.29 -29.31 -21.99
CA GLY C 320 49.76 -27.97 -22.14
C GLY C 320 48.76 -27.68 -21.04
N ILE C 321 48.95 -26.61 -20.27
CA ILE C 321 47.98 -26.22 -19.27
C ILE C 321 47.30 -24.94 -19.73
N LEU C 322 45.98 -24.87 -19.59
CA LEU C 322 45.28 -23.62 -19.78
C LEU C 322 44.19 -23.50 -18.73
N LEU C 323 44.31 -22.47 -17.89
CA LEU C 323 43.23 -22.11 -16.98
C LEU C 323 42.06 -21.58 -17.80
N ASP C 324 40.86 -21.76 -17.27
CA ASP C 324 39.66 -21.40 -18.02
C ASP C 324 38.59 -21.05 -17.00
N LYS C 325 37.33 -21.06 -17.43
CA LYS C 325 36.24 -21.26 -16.47
C LYS C 325 36.37 -22.63 -15.81
N SER C 326 36.88 -23.61 -16.54
CA SER C 326 37.28 -24.89 -15.99
C SER C 326 38.58 -25.30 -16.67
N ILE C 327 39.66 -25.38 -15.88
CA ILE C 327 41.02 -25.52 -16.38
C ILE C 327 41.23 -26.87 -17.06
N GLU C 328 41.83 -26.85 -18.25
CA GLU C 328 42.03 -28.06 -19.02
C GLU C 328 43.46 -28.13 -19.52
N GLU C 329 43.73 -29.16 -20.31
CA GLU C 329 45.05 -29.44 -20.84
C GLU C 329 45.00 -29.45 -22.36
N VAL C 330 46.18 -29.43 -22.95
CA VAL C 330 46.40 -29.62 -24.38
C VAL C 330 47.58 -30.55 -24.56
N GLU C 331 47.31 -31.75 -25.07
CA GLU C 331 48.32 -32.69 -25.60
C GLU C 331 49.32 -33.09 -24.52
N SER C 332 48.80 -33.81 -23.53
CA SER C 332 49.66 -34.42 -22.52
C SER C 332 50.25 -35.71 -23.04
N ARG C 333 51.47 -36.01 -22.60
CA ARG C 333 52.19 -37.17 -23.10
C ARG C 333 52.56 -38.18 -22.03
N ALA C 334 52.44 -37.82 -20.75
CA ALA C 334 52.79 -38.74 -19.68
C ALA C 334 51.75 -39.83 -19.53
N ASP C 335 52.04 -40.78 -18.64
CA ASP C 335 51.14 -41.92 -18.40
C ASP C 335 50.04 -41.54 -17.40
N SER C 336 49.27 -40.51 -17.78
CA SER C 336 48.14 -40.07 -16.97
C SER C 336 47.05 -41.12 -16.94
N ILE C 337 46.80 -41.78 -18.08
CA ILE C 337 45.77 -42.80 -18.12
C ILE C 337 46.33 -44.17 -17.73
N LEU C 338 47.60 -44.45 -18.02
CA LEU C 338 48.20 -45.72 -17.65
C LEU C 338 48.43 -45.85 -16.16
N GLU C 339 48.35 -44.75 -15.42
CA GLU C 339 48.48 -44.82 -13.97
C GLU C 339 47.26 -45.47 -13.34
N GLY C 340 46.06 -44.99 -13.67
CA GLY C 340 44.88 -45.46 -12.96
C GLY C 340 43.79 -46.05 -13.80
N LEU C 341 43.72 -45.70 -15.08
CA LEU C 341 42.61 -46.10 -15.92
C LEU C 341 42.65 -47.57 -16.31
N ASP C 342 43.83 -48.21 -16.26
CA ASP C 342 43.87 -49.65 -16.40
C ASP C 342 43.20 -50.35 -15.23
N ASN C 343 43.35 -49.79 -14.02
CA ASN C 343 42.63 -50.30 -12.87
C ASN C 343 41.14 -50.09 -13.03
N ARG C 344 40.73 -49.02 -13.69
CA ARG C 344 39.33 -48.82 -13.99
C ARG C 344 38.84 -49.73 -15.11
N TYR C 345 39.73 -50.13 -16.01
CA TYR C 345 39.32 -51.06 -17.06
C TYR C 345 39.16 -52.47 -16.53
N GLU C 346 39.97 -52.85 -15.53
CA GLU C 346 39.70 -54.11 -14.86
C GLU C 346 38.59 -53.98 -13.83
N ALA C 347 38.29 -52.77 -13.38
CA ALA C 347 37.09 -52.50 -12.61
C ALA C 347 35.84 -52.48 -13.48
N LEU C 348 36.03 -52.44 -14.80
CA LEU C 348 34.98 -52.72 -15.76
C LEU C 348 34.80 -54.23 -15.97
N GLY C 349 35.35 -55.04 -15.06
CA GLY C 349 34.88 -56.40 -14.92
C GLY C 349 33.55 -56.51 -14.23
N ILE C 350 33.15 -55.47 -13.50
CA ILE C 350 31.83 -55.46 -12.87
C ILE C 350 30.72 -55.23 -13.87
N ILE C 351 31.03 -54.76 -15.08
CA ILE C 351 30.06 -54.27 -16.05
C ILE C 351 29.14 -55.37 -16.55
N GLU C 352 29.48 -56.64 -16.30
CA GLU C 352 28.51 -57.72 -16.29
C GLU C 352 27.30 -57.36 -15.44
N ARG C 353 27.52 -57.14 -14.15
CA ARG C 353 26.43 -56.64 -13.31
C ARG C 353 26.36 -55.12 -13.38
N GLN C 354 27.52 -54.47 -13.32
CA GLN C 354 27.68 -53.02 -13.19
C GLN C 354 26.91 -52.51 -11.98
N THR C 355 27.45 -52.92 -10.82
CA THR C 355 26.94 -52.52 -9.52
C THR C 355 27.02 -51.00 -9.35
N PRO C 356 26.10 -50.41 -8.56
CA PRO C 356 26.11 -48.94 -8.38
C PRO C 356 27.38 -48.39 -7.76
N ILE C 357 28.06 -49.17 -6.93
CA ILE C 357 29.43 -48.83 -6.56
C ILE C 357 30.24 -49.04 -7.82
N GLY C 358 30.52 -47.96 -8.53
CA GLY C 358 31.14 -48.09 -9.82
C GLY C 358 30.43 -47.34 -10.91
N ARG C 359 29.10 -47.27 -10.88
CA ARG C 359 28.36 -46.58 -11.94
C ARG C 359 28.62 -45.08 -11.93
N GLU C 360 28.88 -44.51 -10.76
CA GLU C 360 29.44 -43.17 -10.70
C GLU C 360 30.95 -43.21 -10.87
N LEU C 361 31.58 -44.19 -10.22
CA LEU C 361 33.01 -44.16 -9.94
C LEU C 361 33.84 -44.30 -11.20
N ASN C 362 33.52 -45.31 -12.02
CA ASN C 362 34.26 -45.60 -13.23
C ASN C 362 33.84 -44.72 -14.40
N ARG C 363 32.68 -44.07 -14.32
CA ARG C 363 32.43 -43.02 -15.30
C ARG C 363 33.25 -41.79 -14.97
N ARG C 364 33.36 -41.45 -13.68
CA ARG C 364 34.18 -40.31 -13.30
C ARG C 364 35.66 -40.60 -13.48
N ILE C 365 36.07 -41.85 -13.27
CA ILE C 365 37.48 -42.22 -13.34
C ILE C 365 37.57 -43.22 -14.49
N GLY C 366 38.06 -42.75 -15.63
CA GLY C 366 38.20 -43.62 -16.77
C GLY C 366 37.75 -42.94 -18.03
N ARG C 367 36.74 -42.09 -17.90
CA ARG C 367 36.17 -41.40 -19.05
C ARG C 367 36.72 -39.99 -19.17
N LEU C 368 37.83 -39.72 -18.49
CA LEU C 368 38.60 -38.50 -18.65
C LEU C 368 39.94 -38.81 -19.30
N ARG C 369 39.89 -39.67 -20.31
CA ARG C 369 41.09 -40.32 -20.85
C ARG C 369 41.85 -39.44 -21.84
N ALA C 370 41.23 -39.14 -22.98
CA ALA C 370 41.98 -38.77 -24.17
C ALA C 370 41.10 -37.87 -25.02
N ASN C 371 41.40 -37.85 -26.33
CA ASN C 371 40.75 -37.04 -27.37
C ASN C 371 39.23 -37.01 -27.25
N ASN C 372 38.65 -35.86 -27.57
CA ASN C 372 37.23 -35.61 -27.42
C ASN C 372 36.71 -35.04 -28.73
N VAL C 373 35.89 -35.79 -29.43
CA VAL C 373 35.51 -35.45 -30.80
C VAL C 373 34.39 -34.41 -30.78
N THR C 374 34.67 -33.25 -31.37
CA THR C 374 33.73 -32.13 -31.41
C THR C 374 33.49 -31.82 -32.89
N ILE C 375 32.28 -32.01 -33.37
CA ILE C 375 31.98 -31.85 -34.78
C ILE C 375 31.00 -30.69 -34.98
N LYS C 376 30.72 -30.40 -36.25
CA LYS C 376 29.71 -29.44 -36.64
C LYS C 376 28.72 -30.13 -37.56
N VAL C 377 27.44 -29.84 -37.39
CA VAL C 377 26.41 -30.50 -38.18
C VAL C 377 26.31 -29.78 -39.50
N THR C 378 25.84 -30.48 -40.52
CA THR C 378 25.60 -29.93 -41.84
C THR C 378 24.12 -30.10 -42.20
N GLY C 379 23.78 -29.75 -43.43
CA GLY C 379 22.43 -29.94 -43.91
C GLY C 379 22.01 -28.87 -44.89
N VAL C 380 21.45 -29.26 -46.03
CA VAL C 380 21.21 -28.32 -47.14
C VAL C 380 20.08 -27.33 -46.88
N THR C 381 19.37 -27.47 -45.76
CA THR C 381 18.38 -26.49 -45.33
C THR C 381 18.68 -26.24 -43.85
N VAL C 382 17.98 -25.30 -43.23
CA VAL C 382 18.07 -25.14 -41.78
C VAL C 382 17.25 -26.21 -41.07
N SER C 383 16.12 -26.61 -41.66
CA SER C 383 15.19 -27.51 -40.99
C SER C 383 15.75 -28.92 -40.88
N ASP C 384 16.26 -29.47 -41.99
CA ASP C 384 16.84 -30.81 -41.94
C ASP C 384 18.12 -30.83 -41.14
N ALA C 385 18.86 -29.72 -41.13
CA ALA C 385 20.03 -29.59 -40.28
C ALA C 385 19.64 -29.66 -38.82
N SER C 386 18.54 -29.01 -38.44
CA SER C 386 18.03 -29.11 -37.08
C SER C 386 17.54 -30.51 -36.77
N GLU C 387 16.97 -31.19 -37.78
CA GLU C 387 16.48 -32.55 -37.58
C GLU C 387 17.63 -33.51 -37.28
N ARG C 388 18.65 -33.52 -38.13
CA ARG C 388 19.80 -34.39 -37.87
C ARG C 388 20.65 -33.91 -36.71
N TRP C 389 20.61 -32.61 -36.39
CA TRP C 389 21.15 -32.08 -35.16
C TRP C 389 20.56 -32.78 -33.95
N ALA C 390 19.23 -32.71 -33.83
CA ALA C 390 18.56 -33.33 -32.69
C ALA C 390 18.68 -34.84 -32.70
N ARG C 391 18.68 -35.44 -33.90
CA ARG C 391 18.75 -36.89 -33.97
C ARG C 391 20.15 -37.40 -33.67
N TYR C 392 21.17 -36.61 -33.98
CA TYR C 392 22.53 -37.00 -33.65
C TYR C 392 22.77 -36.82 -32.15
N GLU C 393 22.17 -35.76 -31.58
CA GLU C 393 22.10 -35.62 -30.12
C GLU C 393 21.42 -36.81 -29.47
N ASP C 394 20.38 -37.35 -30.11
CA ASP C 394 19.73 -38.54 -29.61
C ASP C 394 20.64 -39.75 -29.67
N VAL C 395 21.33 -39.94 -30.80
CA VAL C 395 22.01 -41.20 -31.00
C VAL C 395 23.31 -41.25 -30.20
N MET C 396 23.91 -40.10 -29.89
CA MET C 396 25.15 -40.14 -29.13
C MET C 396 24.91 -40.54 -27.68
N LYS C 397 23.72 -40.28 -27.15
CA LYS C 397 23.44 -40.66 -25.77
C LYS C 397 23.28 -42.16 -25.64
N ALA C 398 22.54 -42.76 -26.57
CA ALA C 398 22.40 -44.21 -26.59
C ALA C 398 23.72 -44.89 -26.87
N ALA C 399 24.57 -44.26 -27.70
CA ALA C 399 25.89 -44.81 -27.95
C ALA C 399 26.78 -44.73 -26.71
N ARG C 400 26.70 -43.62 -25.98
CA ARG C 400 27.42 -43.47 -24.72
C ARG C 400 27.00 -44.51 -23.70
N THR C 401 25.68 -44.69 -23.55
CA THR C 401 25.18 -45.67 -22.61
C THR C 401 25.50 -47.10 -23.05
N GLY C 402 25.54 -47.36 -24.35
CA GLY C 402 25.94 -48.68 -24.81
C GLY C 402 27.40 -48.95 -24.52
N GLN C 403 28.25 -47.94 -24.67
CA GLN C 403 29.64 -48.08 -24.26
C GLN C 403 29.77 -48.20 -22.75
N GLN C 404 28.82 -47.65 -22.02
CA GLN C 404 28.96 -47.37 -20.59
C GLN C 404 28.17 -48.33 -19.72
N PHE C 405 26.92 -48.60 -20.08
CA PHE C 405 25.96 -49.22 -19.19
C PHE C 405 25.29 -50.44 -19.80
N GLY C 406 25.75 -50.89 -20.96
CA GLY C 406 25.15 -52.03 -21.59
C GLY C 406 23.85 -51.68 -22.31
N VAL C 407 23.36 -52.65 -23.07
CA VAL C 407 22.11 -52.50 -23.80
C VAL C 407 21.31 -53.78 -23.62
N ILE C 408 20.19 -53.66 -22.92
CA ILE C 408 19.41 -54.84 -22.56
C ILE C 408 18.26 -54.96 -23.56
N PRO C 409 17.74 -56.15 -23.81
CA PRO C 409 16.38 -56.24 -24.36
C PRO C 409 15.41 -55.76 -23.30
N GLY C 410 14.62 -54.76 -23.68
CA GLY C 410 14.00 -53.81 -22.80
C GLY C 410 12.55 -54.19 -22.53
N ILE C 411 11.65 -53.64 -23.34
CA ILE C 411 10.36 -53.04 -22.98
C ILE C 411 9.69 -53.68 -21.79
N GLY C 412 9.55 -54.99 -21.79
CA GLY C 412 9.12 -55.63 -20.58
C GLY C 412 9.85 -56.93 -20.45
N TYR C 413 10.76 -57.17 -21.39
CA TYR C 413 11.49 -58.41 -21.47
C TYR C 413 12.37 -58.63 -20.25
N GLY C 414 12.96 -57.56 -19.74
CA GLY C 414 13.57 -57.63 -18.42
C GLY C 414 12.54 -57.96 -17.36
N TYR C 415 11.46 -57.19 -17.32
CA TYR C 415 10.48 -57.39 -16.27
C TYR C 415 9.68 -58.68 -16.44
N LEU C 416 9.56 -59.21 -17.64
CA LEU C 416 8.74 -60.40 -17.76
C LEU C 416 9.56 -61.63 -18.15
N MET C 417 10.88 -61.52 -18.10
CA MET C 417 11.64 -62.67 -17.65
C MET C 417 11.69 -62.69 -16.13
N ALA C 418 11.67 -61.51 -15.49
CA ALA C 418 11.68 -61.46 -14.05
C ALA C 418 10.42 -62.04 -13.44
N SER C 419 9.25 -61.72 -14.00
CA SER C 419 8.01 -62.25 -13.45
C SER C 419 7.82 -63.73 -13.73
N LYS C 420 8.39 -64.24 -14.83
CA LYS C 420 8.42 -65.69 -15.02
C LYS C 420 9.37 -66.34 -14.04
N TRP C 421 10.50 -65.68 -13.76
CA TRP C 421 11.44 -66.12 -12.74
C TRP C 421 10.83 -66.12 -11.35
N LEU C 422 9.84 -65.28 -11.13
CA LEU C 422 9.09 -65.27 -9.88
C LEU C 422 7.81 -66.07 -9.96
N GLU C 423 7.51 -66.69 -11.10
CA GLU C 423 6.46 -67.69 -11.14
C GLU C 423 6.95 -69.03 -10.64
N ALA C 424 7.92 -69.64 -11.32
CA ALA C 424 8.77 -70.67 -10.72
C ALA C 424 9.77 -69.93 -9.85
N ASN C 425 9.32 -69.60 -8.64
CA ASN C 425 9.70 -68.38 -7.95
C ASN C 425 11.10 -68.45 -7.36
N VAL C 426 11.47 -67.36 -6.70
CA VAL C 426 12.45 -67.39 -5.63
C VAL C 426 11.89 -68.42 -4.66
N PRO C 427 12.59 -69.53 -4.44
CA PRO C 427 11.92 -70.80 -4.08
C PRO C 427 11.24 -70.81 -2.72
N GLN C 428 11.42 -69.79 -1.89
CA GLN C 428 10.56 -69.62 -0.73
C GLN C 428 9.19 -69.19 -1.22
N GLN C 429 8.30 -70.15 -1.41
CA GLN C 429 6.90 -69.82 -1.64
C GLN C 429 6.34 -69.24 -0.35
N SER C 430 5.64 -68.12 -0.48
CA SER C 430 5.26 -67.32 0.68
C SER C 430 4.16 -68.01 1.48
N ASP C 431 4.52 -68.50 2.67
CA ASP C 431 3.50 -69.02 3.58
C ASP C 431 2.78 -67.89 4.29
N GLU C 432 3.47 -66.78 4.52
CA GLU C 432 2.87 -65.61 5.14
C GLU C 432 1.86 -64.98 4.20
N LYS C 433 0.66 -64.74 4.73
CA LYS C 433 -0.41 -64.12 3.95
C LYS C 433 -0.05 -62.71 3.52
N LEU C 434 0.66 -61.98 4.38
CA LEU C 434 1.25 -60.70 3.97
C LEU C 434 2.22 -60.90 2.82
N GLU C 435 3.11 -61.88 2.94
CA GLU C 435 4.06 -62.13 1.87
C GLU C 435 3.42 -62.80 0.67
N LYS C 436 2.31 -63.53 0.85
CA LYS C 436 1.63 -64.12 -0.29
C LYS C 436 0.92 -63.06 -1.12
N CYS C 437 0.25 -62.13 -0.44
CA CYS C 437 -0.31 -60.97 -1.13
C CYS C 437 0.79 -60.13 -1.75
N ARG C 438 1.95 -60.05 -1.11
CA ARG C 438 3.00 -59.22 -1.68
C ARG C 438 3.66 -59.88 -2.88
N ILE C 439 3.78 -61.22 -2.89
CA ILE C 439 4.30 -61.83 -4.11
C ILE C 439 3.25 -61.84 -5.21
N GLY C 440 1.97 -61.86 -4.85
CA GLY C 440 0.94 -61.59 -5.84
C GLY C 440 1.02 -60.21 -6.45
N LEU C 441 1.53 -59.22 -5.69
CA LEU C 441 1.69 -57.88 -6.26
C LEU C 441 3.10 -57.58 -6.76
N ILE C 442 4.08 -58.45 -6.50
CA ILE C 442 5.33 -58.43 -7.25
C ILE C 442 5.20 -59.30 -8.50
N GLU C 443 4.07 -59.98 -8.64
CA GLU C 443 3.56 -60.30 -9.96
C GLU C 443 2.95 -59.07 -10.66
N VAL C 444 3.02 -57.89 -10.04
CA VAL C 444 2.68 -56.66 -10.74
C VAL C 444 4.01 -55.90 -10.88
N LEU C 445 5.06 -56.70 -11.11
CA LEU C 445 6.20 -56.36 -11.96
C LEU C 445 5.83 -56.35 -13.43
N ARG C 446 4.73 -56.98 -13.79
CA ARG C 446 4.30 -57.08 -15.17
C ARG C 446 3.70 -55.79 -15.70
N ALA C 447 3.35 -54.85 -14.82
CA ALA C 447 2.47 -53.77 -15.20
C ALA C 447 3.16 -52.78 -16.10
N GLN C 448 4.47 -52.75 -16.12
CA GLN C 448 5.15 -51.83 -17.00
C GLN C 448 5.03 -52.27 -18.45
N TYR C 449 5.26 -53.55 -18.74
CA TYR C 449 4.97 -54.06 -20.07
C TYR C 449 3.49 -54.05 -20.34
N GLU C 450 2.68 -54.35 -19.33
CA GLU C 450 1.23 -54.43 -19.46
C GLU C 450 0.63 -53.11 -19.89
N HIS C 451 0.90 -52.04 -19.14
CA HIS C 451 0.55 -50.68 -19.48
C HIS C 451 1.27 -50.16 -20.70
N LEU C 452 2.47 -50.64 -21.01
CA LEU C 452 3.15 -50.11 -22.18
C LEU C 452 2.50 -50.63 -23.46
N THR C 453 2.09 -51.90 -23.48
CA THR C 453 1.32 -52.34 -24.63
C THR C 453 -0.15 -51.97 -24.51
N GLY C 454 -0.67 -51.75 -23.29
CA GLY C 454 -2.08 -51.49 -23.05
C GLY C 454 -2.53 -50.12 -23.42
N HIS C 455 -1.60 -49.25 -23.82
CA HIS C 455 -1.92 -48.15 -24.70
C HIS C 455 -2.63 -48.63 -25.98
N ASP C 456 -2.25 -49.80 -26.50
CA ASP C 456 -3.01 -50.47 -27.55
C ASP C 456 -3.53 -51.85 -27.15
N GLY C 457 -2.79 -52.59 -26.33
CA GLY C 457 -3.14 -53.94 -25.94
C GLY C 457 -2.24 -54.96 -26.62
N SER C 458 -2.13 -56.14 -26.01
CA SER C 458 -2.66 -56.52 -24.69
C SER C 458 -1.66 -57.45 -24.01
N ALA C 459 -1.47 -57.31 -22.71
CA ALA C 459 -0.59 -58.22 -21.97
C ALA C 459 -1.36 -58.82 -20.80
N GLU C 460 -1.53 -60.13 -20.84
CA GLU C 460 -2.07 -60.89 -19.73
C GLU C 460 -1.07 -62.01 -19.41
N ASN C 461 -1.18 -62.58 -18.22
CA ASN C 461 -0.14 -63.49 -17.76
C ASN C 461 -0.08 -64.87 -18.42
N PRO C 462 -1.16 -65.47 -18.95
CA PRO C 462 -0.97 -66.54 -19.93
C PRO C 462 -0.73 -66.06 -21.35
N ILE C 463 -0.51 -64.77 -21.57
CA ILE C 463 -0.26 -64.24 -22.91
C ILE C 463 1.20 -63.79 -22.87
N PHE C 464 2.00 -64.50 -22.09
CA PHE C 464 3.45 -64.30 -22.11
C PHE C 464 4.02 -64.65 -23.48
N ILE C 465 3.92 -65.93 -23.86
CA ILE C 465 4.61 -66.47 -25.02
C ILE C 465 4.05 -65.88 -26.31
N ASP C 466 2.80 -65.43 -26.30
CA ASP C 466 2.19 -64.86 -27.49
C ASP C 466 2.69 -63.44 -27.75
N LEU C 467 2.46 -62.53 -26.81
CA LEU C 467 2.68 -61.11 -27.07
C LEU C 467 3.88 -60.56 -26.33
N VAL C 468 4.16 -61.04 -25.13
CA VAL C 468 5.29 -60.51 -24.37
C VAL C 468 6.60 -61.02 -24.97
N THR C 469 6.78 -62.33 -24.93
CA THR C 469 7.96 -63.00 -25.44
C THR C 469 7.66 -63.72 -26.75
N GLY C 470 6.72 -63.18 -27.52
CA GLY C 470 6.54 -63.60 -28.90
C GLY C 470 6.55 -62.37 -29.78
N GLN C 471 7.59 -62.20 -30.59
CA GLN C 471 8.64 -63.19 -30.80
C GLN C 471 9.93 -62.90 -30.03
N GLU C 472 10.03 -63.48 -28.83
CA GLU C 472 11.25 -63.69 -28.01
C GLU C 472 12.11 -62.43 -27.82
N SER C 473 11.51 -61.24 -27.93
CA SER C 473 12.28 -60.01 -27.87
C SER C 473 11.39 -58.94 -27.27
N ASP C 474 11.76 -57.69 -27.50
CA ASP C 474 10.83 -56.57 -27.29
C ASP C 474 9.90 -56.53 -28.48
N THR C 475 8.59 -56.64 -28.24
CA THR C 475 7.61 -56.97 -29.27
C THR C 475 6.59 -55.84 -29.45
N PRO C 476 6.86 -54.88 -30.32
CA PRO C 476 5.78 -54.05 -30.84
C PRO C 476 4.99 -54.83 -31.88
N MET C 477 3.74 -54.41 -32.08
CA MET C 477 2.80 -55.19 -32.88
C MET C 477 2.94 -54.83 -34.37
N ASN C 478 4.19 -54.89 -34.84
CA ASN C 478 4.52 -54.89 -36.26
C ASN C 478 5.40 -56.08 -36.63
N VAL C 479 6.50 -56.28 -35.91
CA VAL C 479 7.57 -57.16 -36.36
C VAL C 479 8.00 -58.07 -35.20
N TYR C 480 7.55 -57.74 -33.99
CA TYR C 480 7.70 -58.51 -32.76
C TYR C 480 9.15 -58.69 -32.30
N ASP C 481 10.08 -57.85 -32.77
CA ASP C 481 11.47 -57.87 -32.28
C ASP C 481 12.10 -56.51 -32.54
N ASN C 482 13.43 -56.44 -32.35
CA ASN C 482 14.29 -55.32 -32.70
C ASN C 482 13.89 -54.03 -31.99
N ALA C 483 13.98 -54.11 -30.66
CA ALA C 483 13.92 -52.93 -29.82
C ALA C 483 14.78 -53.22 -28.59
N ALA C 484 15.22 -52.16 -27.92
CA ALA C 484 16.17 -52.32 -26.83
C ALA C 484 16.17 -51.05 -25.99
N ALA C 485 16.14 -51.20 -24.67
CA ALA C 485 16.36 -50.08 -23.79
C ALA C 485 17.71 -50.21 -23.09
N THR C 486 18.08 -49.16 -22.35
CA THR C 486 19.32 -49.19 -21.61
C THR C 486 19.11 -49.88 -20.26
N MET C 487 20.11 -50.65 -19.84
CA MET C 487 19.94 -51.61 -18.76
C MET C 487 19.91 -50.93 -17.40
N ILE C 488 20.67 -49.84 -17.29
CA ILE C 488 20.76 -49.09 -16.05
C ILE C 488 19.42 -48.46 -15.68
N ALA C 489 18.58 -48.14 -16.66
CA ALA C 489 17.27 -47.56 -16.39
C ALA C 489 16.40 -48.59 -15.67
N LEU C 490 16.18 -49.75 -16.26
CA LEU C 490 15.40 -50.77 -15.58
C LEU C 490 16.20 -51.56 -14.54
N GLU C 491 17.34 -51.04 -14.10
CA GLU C 491 17.93 -51.44 -12.83
C GLU C 491 17.73 -50.40 -11.74
N GLY C 492 18.25 -49.19 -11.96
CA GLY C 492 18.22 -48.18 -10.92
C GLY C 492 16.85 -47.60 -10.70
N ALA C 493 16.01 -47.57 -11.75
CA ALA C 493 14.62 -47.16 -11.59
C ALA C 493 13.90 -48.09 -10.66
N TRP C 494 14.17 -49.38 -10.77
CA TRP C 494 13.51 -50.34 -9.89
C TRP C 494 13.99 -50.20 -8.46
N GLN C 495 15.29 -49.94 -8.29
CA GLN C 495 15.82 -49.74 -6.95
C GLN C 495 15.23 -48.50 -6.27
N THR C 496 15.33 -47.35 -6.90
CA THR C 496 14.87 -46.15 -6.21
C THR C 496 13.35 -46.03 -6.24
N ALA C 497 12.66 -46.74 -7.11
CA ALA C 497 11.23 -46.75 -6.92
C ALA C 497 10.84 -47.70 -5.81
N LYS C 498 11.70 -48.65 -5.44
CA LYS C 498 11.40 -49.32 -4.18
C LYS C 498 11.64 -48.39 -3.01
N THR C 499 12.67 -47.57 -3.09
CA THR C 499 12.79 -46.64 -1.97
C THR C 499 11.91 -45.40 -2.11
N LEU C 500 10.98 -45.37 -3.05
CA LEU C 500 9.88 -44.42 -2.95
C LEU C 500 8.54 -45.09 -2.77
N GLY C 501 8.48 -46.40 -2.87
CA GLY C 501 7.30 -47.11 -2.41
C GLY C 501 7.43 -47.54 -0.97
N LYS C 502 8.63 -47.52 -0.42
CA LYS C 502 8.79 -47.73 1.01
C LYS C 502 8.45 -46.49 1.78
N ILE C 503 8.83 -45.32 1.30
CA ILE C 503 8.32 -44.04 1.81
C ILE C 503 6.94 -43.87 1.18
N SER C 504 6.23 -42.78 1.54
CA SER C 504 5.00 -42.30 0.92
C SER C 504 3.80 -43.16 1.30
N ASN C 505 4.03 -44.29 1.95
CA ASN C 505 2.99 -44.93 2.74
C ASN C 505 3.45 -45.25 4.16
N VAL C 506 4.75 -45.25 4.42
CA VAL C 506 5.23 -45.13 5.79
C VAL C 506 5.40 -43.65 6.11
N MET C 507 5.02 -42.75 5.20
CA MET C 507 4.85 -41.35 5.54
C MET C 507 3.49 -41.15 6.21
N GLY C 508 3.44 -40.32 7.25
CA GLY C 508 2.19 -40.13 7.95
C GLY C 508 1.68 -38.72 8.14
N ARG C 509 2.54 -37.69 8.15
CA ARG C 509 2.12 -36.34 8.50
C ARG C 509 2.91 -35.31 7.71
N SER C 510 2.71 -34.04 8.05
CA SER C 510 3.38 -32.94 7.36
C SER C 510 3.32 -31.70 8.27
N ASN C 511 4.47 -31.26 8.77
CA ASN C 511 4.55 -30.14 9.70
C ASN C 511 5.02 -28.89 8.95
N THR C 512 5.41 -27.85 9.68
CA THR C 512 6.21 -26.76 9.11
C THR C 512 7.13 -26.17 10.19
N ASN C 513 8.25 -25.62 9.73
CA ASN C 513 9.07 -24.59 10.37
C ASN C 513 10.21 -24.30 9.40
N TYR C 514 11.06 -23.33 9.73
CA TYR C 514 12.26 -23.08 8.95
C TYR C 514 13.46 -23.44 9.82
N ALA C 515 13.76 -24.73 9.88
CA ALA C 515 14.71 -25.38 10.79
C ALA C 515 14.40 -25.06 12.24
N THR D 1 -4.80 -20.90 -6.41
CA THR D 1 -5.60 -20.10 -7.33
C THR D 1 -4.91 -19.94 -8.67
N GLU D 2 -4.14 -20.95 -9.08
CA GLU D 2 -3.33 -20.84 -10.28
C GLU D 2 -3.34 -22.18 -11.02
N ILE D 3 -2.39 -22.31 -11.92
CA ILE D 3 -2.26 -23.44 -12.83
C ILE D 3 -1.24 -24.44 -12.32
N SER D 4 -1.60 -25.70 -12.43
CA SER D 4 -0.86 -26.85 -11.97
C SER D 4 -1.33 -28.02 -12.80
N PHE D 5 -1.16 -29.23 -12.27
CA PHE D 5 -1.86 -30.38 -12.80
C PHE D 5 -3.34 -30.11 -13.02
N THR D 6 -3.73 -30.32 -14.27
CA THR D 6 -5.09 -30.31 -14.73
C THR D 6 -5.25 -31.60 -15.49
N ASN D 7 -6.14 -32.49 -15.04
CA ASN D 7 -5.87 -33.88 -15.36
C ASN D 7 -7.11 -34.74 -15.54
N LYS D 8 -7.40 -35.20 -16.76
CA LYS D 8 -6.97 -34.57 -18.01
C LYS D 8 -8.14 -33.72 -18.42
N ASN D 9 -9.21 -33.78 -17.66
CA ASN D 9 -10.46 -33.28 -18.22
C ASN D 9 -10.56 -31.77 -18.15
N ASP D 10 -9.89 -31.11 -17.21
CA ASP D 10 -9.77 -29.67 -17.31
C ASP D 10 -8.67 -29.26 -18.26
N THR D 11 -7.97 -30.22 -18.86
CA THR D 11 -7.22 -29.86 -20.04
C THR D 11 -7.72 -30.67 -21.23
N ARG D 12 -8.79 -31.45 -21.05
CA ARG D 12 -9.54 -31.90 -22.20
C ARG D 12 -10.49 -30.82 -22.69
N GLU D 13 -11.33 -30.31 -21.80
CA GLU D 13 -12.21 -29.19 -22.13
C GLU D 13 -11.57 -27.86 -21.87
N ILE D 14 -10.25 -27.76 -21.99
CA ILE D 14 -9.61 -26.49 -22.21
C ILE D 14 -8.93 -26.46 -23.56
N VAL D 15 -8.79 -27.60 -24.20
CA VAL D 15 -8.36 -27.67 -25.58
C VAL D 15 -9.50 -28.05 -26.50
N ASP D 16 -10.68 -28.36 -25.96
CA ASP D 16 -11.90 -28.31 -26.76
C ASP D 16 -12.54 -26.93 -26.70
N GLU D 17 -11.84 -25.97 -26.13
CA GLU D 17 -12.38 -24.70 -25.74
C GLU D 17 -11.65 -23.56 -26.39
N VAL D 18 -10.44 -23.79 -26.89
CA VAL D 18 -9.71 -22.79 -27.64
C VAL D 18 -9.36 -23.27 -29.03
N VAL D 19 -9.88 -24.42 -29.45
CA VAL D 19 -9.78 -24.81 -30.85
C VAL D 19 -11.18 -24.59 -31.41
N GLU D 20 -12.05 -24.02 -30.58
CA GLU D 20 -13.39 -23.66 -31.01
C GLU D 20 -13.52 -22.16 -31.19
N ASN D 21 -13.16 -21.38 -30.19
CA ASN D 21 -13.30 -19.94 -30.27
C ASN D 21 -12.01 -19.25 -30.73
N ALA D 22 -11.06 -20.01 -31.27
CA ALA D 22 -10.11 -19.45 -32.20
C ALA D 22 -10.34 -19.97 -33.61
N PHE D 23 -11.19 -20.99 -33.75
CA PHE D 23 -11.65 -21.43 -35.05
C PHE D 23 -12.79 -20.57 -35.56
N SER D 24 -13.73 -20.22 -34.67
CA SER D 24 -14.92 -19.48 -35.03
C SER D 24 -14.67 -18.01 -35.21
N SER D 25 -13.46 -17.55 -34.92
CA SER D 25 -13.09 -16.22 -35.33
C SER D 25 -12.36 -16.17 -36.66
N VAL D 26 -12.04 -17.32 -37.27
CA VAL D 26 -11.63 -17.37 -38.67
C VAL D 26 -12.47 -18.37 -39.47
N CYS D 27 -13.63 -18.79 -38.98
CA CYS D 27 -14.57 -19.51 -39.82
C CYS D 27 -15.63 -18.61 -40.42
N SER D 28 -15.99 -17.53 -39.74
CA SER D 28 -16.90 -16.55 -40.30
C SER D 28 -16.18 -15.64 -41.28
N THR D 29 -14.92 -15.38 -41.03
CA THR D 29 -14.19 -14.39 -41.77
C THR D 29 -13.66 -14.88 -43.10
N MET D 30 -14.17 -15.96 -43.66
CA MET D 30 -13.59 -16.48 -44.87
C MET D 30 -14.21 -15.85 -46.11
N GLY D 31 -13.36 -15.33 -46.98
CA GLY D 31 -13.73 -15.13 -48.36
C GLY D 31 -14.43 -13.83 -48.70
N PRO D 32 -15.32 -13.87 -49.71
CA PRO D 32 -15.90 -12.65 -50.28
C PRO D 32 -16.82 -11.90 -49.33
N ASN D 33 -17.56 -12.64 -48.49
CA ASN D 33 -18.33 -12.02 -47.43
C ASN D 33 -17.44 -11.76 -46.23
N GLY D 34 -16.41 -10.95 -46.41
CA GLY D 34 -15.27 -11.05 -45.53
C GLY D 34 -15.58 -10.29 -44.27
N ASN D 35 -16.07 -11.05 -43.33
CA ASN D 35 -16.60 -10.53 -42.09
C ASN D 35 -15.46 -9.95 -41.25
N TYR D 36 -15.68 -8.77 -40.73
CA TYR D 36 -14.73 -7.97 -40.00
C TYR D 36 -14.50 -8.56 -38.62
N VAL D 37 -13.41 -8.15 -37.98
CA VAL D 37 -13.18 -8.33 -36.55
C VAL D 37 -12.52 -7.07 -36.05
N VAL D 38 -13.05 -6.48 -34.99
CA VAL D 38 -12.35 -5.41 -34.29
C VAL D 38 -11.37 -6.05 -33.32
N ILE D 39 -10.12 -5.67 -33.49
CA ILE D 39 -9.05 -5.94 -32.55
C ILE D 39 -8.77 -4.65 -31.80
N ASN D 40 -8.72 -4.71 -30.48
CA ASN D 40 -8.27 -3.60 -29.68
C ASN D 40 -6.79 -3.34 -29.95
N GLN D 41 -6.32 -2.17 -29.59
CA GLN D 41 -4.90 -1.92 -29.51
C GLN D 41 -4.62 -1.49 -28.08
N LEU D 42 -3.45 -0.91 -27.84
CA LEU D 42 -3.40 0.07 -26.77
C LEU D 42 -4.29 1.25 -27.10
N ASN D 43 -4.29 1.63 -28.37
CA ASN D 43 -4.99 2.77 -28.91
C ASN D 43 -6.42 2.44 -29.30
N SER D 44 -6.96 3.29 -30.16
CA SER D 44 -8.27 3.14 -30.76
C SER D 44 -8.45 1.77 -31.42
N PRO D 45 -9.68 1.30 -31.56
CA PRO D 45 -9.90 -0.03 -32.15
C PRO D 45 -9.55 -0.07 -33.63
N LYS D 46 -8.86 -1.14 -34.01
CA LYS D 46 -8.67 -1.46 -35.41
C LYS D 46 -9.70 -2.50 -35.84
N VAL D 47 -10.13 -2.40 -37.10
CA VAL D 47 -11.07 -3.35 -37.67
C VAL D 47 -10.37 -4.01 -38.86
N THR D 48 -10.57 -5.32 -39.02
CA THR D 48 -9.78 -6.11 -39.95
C THR D 48 -10.65 -7.10 -40.71
N LYS D 49 -10.13 -7.52 -41.87
CA LYS D 49 -10.74 -8.59 -42.64
C LYS D 49 -10.28 -9.96 -42.18
N ASP D 50 -8.98 -10.18 -42.22
CA ASP D 50 -8.41 -11.51 -42.36
C ASP D 50 -7.98 -12.03 -41.00
N GLY D 51 -7.66 -13.32 -40.92
CA GLY D 51 -7.34 -13.92 -39.64
C GLY D 51 -5.89 -13.82 -39.23
N VAL D 52 -5.08 -13.03 -39.93
CA VAL D 52 -3.65 -12.97 -39.63
C VAL D 52 -3.42 -12.27 -38.30
N SER D 53 -3.76 -10.98 -38.24
CA SER D 53 -3.62 -10.25 -36.98
C SER D 53 -4.63 -10.70 -35.95
N VAL D 54 -5.75 -11.29 -36.41
CA VAL D 54 -6.71 -11.90 -35.51
C VAL D 54 -6.06 -13.05 -34.75
N ALA D 55 -5.31 -13.89 -35.46
CA ALA D 55 -4.61 -14.97 -34.78
C ALA D 55 -3.43 -14.43 -33.99
N ARG D 56 -2.88 -13.28 -34.40
CA ARG D 56 -1.84 -12.65 -33.59
C ARG D 56 -2.41 -12.21 -32.24
N ALA D 57 -3.64 -11.72 -32.22
CA ALA D 57 -4.24 -11.16 -31.03
C ALA D 57 -5.24 -12.10 -30.38
N LEU D 58 -4.98 -13.40 -30.37
CA LEU D 58 -5.95 -14.35 -29.83
C LEU D 58 -5.68 -14.49 -28.34
N ASP D 59 -5.99 -13.46 -27.58
CA ASP D 59 -5.51 -13.34 -26.21
C ASP D 59 -6.65 -13.50 -25.24
N PHE D 60 -6.70 -14.66 -24.57
CA PHE D 60 -7.53 -14.83 -23.40
C PHE D 60 -6.80 -14.27 -22.18
N ASN D 61 -7.28 -14.52 -20.99
CA ASN D 61 -6.52 -14.04 -19.85
C ASN D 61 -6.15 -15.13 -18.85
N GLU D 62 -6.94 -16.18 -18.75
CA GLU D 62 -6.52 -17.38 -18.06
C GLU D 62 -5.31 -17.94 -18.79
N ALA D 63 -4.15 -17.96 -18.12
CA ALA D 63 -2.90 -18.27 -18.80
C ALA D 63 -2.83 -19.70 -19.29
N ARG D 64 -3.71 -20.58 -18.80
CA ARG D 64 -3.90 -21.88 -19.44
C ARG D 64 -4.40 -21.71 -20.86
N ARG D 65 -5.54 -21.04 -21.04
CA ARG D 65 -6.16 -20.91 -22.35
C ARG D 65 -5.29 -20.12 -23.29
N ASN D 66 -4.67 -19.07 -22.79
CA ASN D 66 -3.74 -18.30 -23.61
C ASN D 66 -2.53 -19.12 -23.97
N MET D 67 -2.07 -19.96 -23.04
CA MET D 67 -0.93 -20.83 -23.29
C MET D 67 -1.23 -21.86 -24.38
N ILE D 68 -2.42 -22.43 -24.35
CA ILE D 68 -2.75 -23.45 -25.34
C ILE D 68 -3.01 -22.81 -26.68
N ALA D 69 -3.60 -21.62 -26.70
CA ALA D 69 -3.75 -20.96 -27.99
C ALA D 69 -2.42 -20.44 -28.53
N LYS D 70 -1.39 -20.31 -27.70
CA LYS D 70 -0.08 -19.89 -28.19
C LYS D 70 0.60 -20.90 -29.11
N ILE D 71 0.04 -22.08 -29.34
CA ILE D 71 0.57 -22.97 -30.36
C ILE D 71 -0.38 -23.18 -31.52
N ILE D 72 -1.67 -22.89 -31.36
CA ILE D 72 -2.60 -23.02 -32.48
C ILE D 72 -2.52 -21.72 -33.28
N THR D 73 -1.98 -20.67 -32.68
CA THR D 73 -1.78 -19.49 -33.51
C THR D 73 -0.41 -19.48 -34.20
N GLU D 74 0.55 -20.28 -33.73
CA GLU D 74 1.94 -19.98 -34.05
C GLU D 74 2.37 -20.36 -35.47
N PRO D 75 2.19 -21.60 -35.97
CA PRO D 75 2.57 -21.82 -37.38
C PRO D 75 1.52 -21.32 -38.34
N SER D 76 0.29 -21.07 -37.88
CA SER D 76 -0.72 -20.47 -38.74
C SER D 76 -0.43 -19.01 -39.05
N ILE D 77 0.39 -18.36 -38.24
CA ILE D 77 0.93 -17.06 -38.63
C ILE D 77 2.37 -17.16 -39.13
N LYS D 78 3.10 -18.23 -38.80
CA LYS D 78 4.45 -18.36 -39.36
C LYS D 78 4.37 -18.70 -40.84
N THR D 79 3.33 -19.41 -41.25
CA THR D 79 3.16 -19.75 -42.66
C THR D 79 2.92 -18.50 -43.49
N ASP D 80 2.19 -17.53 -42.96
CA ASP D 80 2.04 -16.29 -43.70
C ASP D 80 3.19 -15.33 -43.42
N ALA D 81 4.01 -15.60 -42.42
CA ALA D 81 5.30 -14.94 -42.39
C ALA D 81 6.18 -15.43 -43.53
N GLU D 82 5.99 -16.68 -43.93
CA GLU D 82 6.71 -17.22 -45.08
C GLU D 82 6.13 -16.74 -46.41
N VAL D 83 4.83 -16.97 -46.62
CA VAL D 83 4.23 -16.89 -47.95
C VAL D 83 3.17 -15.80 -48.03
N GLY D 84 2.65 -15.34 -46.90
CA GLY D 84 1.86 -14.13 -46.93
C GLY D 84 0.38 -14.30 -46.66
N ASP D 85 -0.23 -15.30 -47.28
CA ASP D 85 -1.67 -15.50 -47.25
C ASP D 85 -1.96 -17.00 -47.35
N GLY D 86 -2.91 -17.47 -46.55
CA GLY D 86 -3.15 -18.90 -46.46
C GLY D 86 -3.34 -19.40 -45.04
N THR D 87 -3.43 -18.47 -44.09
CA THR D 87 -3.74 -18.86 -42.71
C THR D 87 -5.15 -19.44 -42.60
N THR D 88 -6.13 -18.78 -43.19
CA THR D 88 -7.53 -19.07 -42.93
C THR D 88 -7.98 -20.46 -43.38
N THR D 89 -7.14 -21.20 -44.09
CA THR D 89 -7.38 -22.60 -44.38
C THR D 89 -6.66 -23.51 -43.38
N THR D 90 -5.46 -23.12 -42.98
CA THR D 90 -4.70 -23.82 -41.96
C THR D 90 -5.46 -23.85 -40.65
N VAL D 91 -5.88 -22.69 -40.16
CA VAL D 91 -6.57 -22.59 -38.88
C VAL D 91 -8.00 -23.07 -38.97
N PHE D 92 -8.45 -23.47 -40.16
CA PHE D 92 -9.73 -24.11 -40.40
C PHE D 92 -9.63 -25.64 -40.32
N ILE D 93 -8.78 -26.22 -41.16
CA ILE D 93 -8.75 -27.67 -41.16
C ILE D 93 -7.82 -28.18 -40.08
N THR D 94 -7.19 -27.28 -39.30
CA THR D 94 -6.68 -27.73 -38.04
C THR D 94 -7.78 -28.00 -37.03
N TYR D 95 -9.00 -27.54 -37.26
CA TYR D 95 -10.12 -28.04 -36.47
C TYR D 95 -10.80 -29.20 -37.14
N HIS D 96 -10.86 -29.19 -38.46
CA HIS D 96 -11.43 -30.37 -39.09
C HIS D 96 -10.51 -31.59 -39.09
N LEU D 97 -9.28 -31.47 -38.61
CA LEU D 97 -8.51 -32.64 -38.23
C LEU D 97 -8.26 -32.71 -36.74
N TYR D 98 -8.86 -31.83 -35.98
CA TYR D 98 -9.00 -32.00 -34.55
C TYR D 98 -10.29 -32.77 -34.22
N GLN D 99 -10.94 -33.37 -35.22
CA GLN D 99 -11.93 -34.41 -35.01
C GLN D 99 -11.28 -35.78 -34.79
N LYS D 100 -9.98 -35.81 -34.55
CA LYS D 100 -9.13 -36.99 -34.42
C LYS D 100 -8.85 -37.25 -32.95
N PHE D 101 -9.88 -37.13 -32.12
CA PHE D 101 -9.67 -37.16 -30.66
C PHE D 101 -9.17 -38.52 -30.18
N LYS D 102 -9.51 -39.58 -30.90
CA LYS D 102 -9.18 -40.94 -30.49
C LYS D 102 -7.97 -41.52 -31.20
N ASP D 103 -7.68 -41.06 -32.41
CA ASP D 103 -6.77 -41.77 -33.30
C ASP D 103 -5.34 -41.25 -33.22
N ALA D 104 -4.80 -41.14 -32.02
CA ALA D 104 -3.45 -40.60 -31.87
C ALA D 104 -2.38 -41.67 -31.80
N MET D 105 -2.71 -42.93 -32.06
CA MET D 105 -1.68 -43.97 -31.93
C MET D 105 -0.77 -44.00 -33.15
N SER D 106 0.49 -44.33 -32.89
CA SER D 106 1.58 -44.09 -33.82
C SER D 106 1.51 -45.01 -35.03
N PHE D 107 1.35 -46.31 -34.80
CA PHE D 107 1.37 -47.28 -35.88
C PHE D 107 0.19 -47.12 -36.84
N ALA D 108 -1.02 -47.46 -36.40
CA ALA D 108 -2.08 -47.77 -37.36
C ALA D 108 -2.62 -46.52 -38.03
N ASN D 109 -3.27 -45.66 -37.27
CA ASN D 109 -4.07 -44.60 -37.84
C ASN D 109 -3.29 -43.30 -37.99
N THR D 110 -1.99 -43.34 -37.76
CA THR D 110 -1.14 -42.29 -38.26
C THR D 110 -0.10 -42.76 -39.24
N ARG D 111 0.21 -44.04 -39.34
CA ARG D 111 0.91 -44.46 -40.55
C ARG D 111 -0.04 -44.44 -41.75
N TYR D 112 -1.31 -44.78 -41.54
CA TYR D 112 -2.30 -44.54 -42.58
C TYR D 112 -2.92 -43.15 -42.48
N LEU D 113 -2.20 -42.21 -41.92
CA LEU D 113 -2.51 -40.81 -42.10
C LEU D 113 -1.26 -40.03 -42.49
N ASP D 114 -0.10 -40.65 -42.41
CA ASP D 114 1.09 -40.16 -43.07
C ASP D 114 1.10 -40.57 -44.53
N THR D 115 0.82 -41.85 -44.79
CA THR D 115 0.73 -42.29 -46.18
C THR D 115 -0.49 -41.73 -46.89
N LEU D 116 -1.62 -41.56 -46.19
CA LEU D 116 -2.80 -41.06 -46.88
C LEU D 116 -2.66 -39.59 -47.22
N ILE D 117 -2.12 -38.80 -46.30
CA ILE D 117 -1.81 -37.42 -46.63
C ILE D 117 -0.62 -37.34 -47.59
N LYS D 118 0.19 -38.39 -47.65
CA LYS D 118 1.25 -38.43 -48.64
C LYS D 118 0.68 -38.62 -50.06
N GLN D 119 -0.28 -39.54 -50.21
CA GLN D 119 -1.01 -39.66 -51.48
C GLN D 119 -1.82 -38.40 -51.81
N VAL D 120 -2.32 -37.71 -50.78
CA VAL D 120 -3.04 -36.47 -51.01
C VAL D 120 -2.10 -35.40 -51.55
N LEU D 121 -0.92 -35.26 -50.94
CA LEU D 121 0.11 -34.37 -51.48
C LEU D 121 0.51 -34.76 -52.90
N GLN D 122 0.59 -36.08 -53.15
CA GLN D 122 0.96 -36.57 -54.48
C GLN D 122 -0.09 -36.20 -55.52
N TYR D 123 -1.35 -36.42 -55.19
CA TYR D 123 -2.42 -36.13 -56.13
C TYR D 123 -2.63 -34.63 -56.27
N ILE D 124 -2.34 -33.85 -55.23
CA ILE D 124 -2.36 -32.40 -55.35
C ILE D 124 -1.29 -31.93 -56.30
N GLY D 125 -0.04 -32.37 -56.09
CA GLY D 125 1.06 -31.96 -56.95
C GLY D 125 0.91 -32.46 -58.37
N THR D 126 0.23 -33.58 -58.56
CA THR D 126 -0.22 -33.97 -59.89
C THR D 126 -1.29 -33.02 -60.41
N LEU D 127 -2.20 -32.64 -59.52
CA LEU D 127 -3.39 -31.88 -59.90
C LEU D 127 -3.07 -30.42 -60.15
N ILE D 128 -1.92 -29.94 -59.66
CA ILE D 128 -1.53 -28.54 -59.82
C ILE D 128 -1.26 -28.25 -61.29
N GLN D 129 -1.91 -27.24 -61.79
CA GLN D 129 -2.10 -26.51 -63.02
C GLN D 129 -1.15 -25.32 -63.07
N PRO D 130 -0.64 -24.96 -64.25
CA PRO D 130 0.45 -23.97 -64.33
C PRO D 130 -0.02 -22.55 -64.11
N GLY D 131 -0.17 -22.15 -62.86
CA GLY D 131 -0.59 -20.80 -62.61
C GLY D 131 0.61 -19.90 -62.66
N GLU D 132 0.84 -19.27 -63.81
CA GLU D 132 2.09 -18.56 -64.05
C GLU D 132 1.85 -17.14 -64.55
N ILE D 133 0.82 -16.94 -65.37
CA ILE D 133 0.61 -15.65 -66.02
C ILE D 133 0.04 -14.64 -65.02
N GLU D 134 0.12 -13.37 -65.39
CA GLU D 134 -0.26 -12.29 -64.51
C GLU D 134 -1.71 -11.85 -64.67
N SER D 135 -2.42 -12.31 -65.70
CA SER D 135 -3.84 -11.99 -65.81
C SER D 135 -4.69 -12.81 -64.84
N GLU D 136 -4.19 -13.95 -64.37
CA GLU D 136 -4.81 -14.61 -63.22
C GLU D 136 -4.17 -14.22 -61.91
N MET D 137 -3.00 -13.58 -61.93
CA MET D 137 -2.55 -12.85 -60.75
C MET D 137 -3.45 -11.65 -60.50
N PHE D 138 -4.01 -11.08 -61.58
CA PHE D 138 -5.12 -10.14 -61.47
C PHE D 138 -6.33 -10.76 -60.79
N ARG D 139 -6.54 -12.07 -61.00
CA ARG D 139 -7.60 -12.76 -60.29
C ARG D 139 -7.25 -13.01 -58.84
N ASN D 140 -5.97 -13.31 -58.56
CA ASN D 140 -5.55 -13.58 -57.19
C ASN D 140 -5.55 -12.32 -56.33
N MET D 141 -5.24 -11.17 -56.93
CA MET D 141 -5.21 -9.92 -56.19
C MET D 141 -6.59 -9.42 -55.84
N LEU D 142 -7.64 -10.02 -56.39
CA LEU D 142 -9.01 -9.68 -56.00
C LEU D 142 -9.29 -10.05 -54.55
N LEU D 143 -8.65 -11.09 -54.05
CA LEU D 143 -8.88 -11.53 -52.68
C LEU D 143 -7.65 -11.44 -51.79
N THR D 144 -6.44 -11.55 -52.34
CA THR D 144 -5.27 -11.52 -51.47
C THR D 144 -4.94 -10.11 -50.97
N SER D 145 -5.54 -9.09 -51.57
CA SER D 145 -5.43 -7.73 -51.06
C SER D 145 -6.72 -7.23 -50.46
N SER D 146 -7.79 -8.03 -50.55
CA SER D 146 -9.15 -7.65 -50.14
C SER D 146 -9.59 -6.35 -50.81
N ASN D 147 -9.30 -6.28 -52.12
CA ASN D 147 -9.48 -5.19 -53.10
C ASN D 147 -9.30 -3.80 -52.51
N TYR D 148 -8.24 -3.63 -51.71
CA TYR D 148 -8.01 -2.41 -50.94
C TYR D 148 -7.19 -1.39 -51.70
N GLU D 149 -5.95 -1.74 -52.06
CA GLU D 149 -5.08 -0.83 -52.80
C GLU D 149 -4.54 -1.59 -54.00
N GLU D 150 -5.14 -1.35 -55.17
CA GLU D 150 -4.66 -1.90 -56.42
C GLU D 150 -3.49 -1.11 -57.00
N GLU D 151 -3.05 -0.06 -56.31
CA GLU D 151 -1.85 0.65 -56.71
C GLU D 151 -0.62 -0.23 -56.56
N ILE D 152 -0.54 -0.97 -55.45
CA ILE D 152 0.57 -1.89 -55.25
C ILE D 152 0.49 -3.04 -56.25
N VAL D 153 -0.72 -3.42 -56.63
CA VAL D 153 -0.93 -4.42 -57.68
C VAL D 153 -0.38 -3.91 -59.00
N ASP D 154 -0.64 -2.65 -59.33
CA ASP D 154 -0.10 -2.07 -60.55
C ASP D 154 1.41 -1.94 -60.48
N LYS D 155 1.94 -1.66 -59.29
CA LYS D 155 3.39 -1.62 -59.09
C LYS D 155 4.03 -2.97 -59.36
N ILE D 156 3.48 -4.04 -58.77
CA ILE D 156 4.09 -5.35 -58.94
C ILE D 156 3.83 -5.91 -60.34
N LEU D 157 2.75 -5.47 -61.01
CA LEU D 157 2.57 -5.78 -62.42
C LEU D 157 3.57 -5.02 -63.29
N ASP D 158 4.03 -3.86 -62.85
CA ASP D 158 5.15 -3.22 -63.53
C ASP D 158 6.46 -3.95 -63.21
N ILE D 159 6.56 -4.53 -62.01
CA ILE D 159 7.77 -5.24 -61.61
C ILE D 159 7.97 -6.49 -62.45
N TYR D 160 6.96 -7.34 -62.50
CA TYR D 160 7.02 -8.50 -63.37
C TYR D 160 6.43 -8.23 -64.75
N ARG D 161 6.26 -6.97 -65.10
CA ARG D 161 6.21 -6.54 -66.49
C ARG D 161 7.61 -6.33 -67.04
N GLU D 162 8.60 -6.24 -66.15
CA GLU D 162 10.01 -6.38 -66.47
C GLU D 162 10.29 -7.89 -66.50
N HIS D 163 11.56 -8.29 -66.66
CA HIS D 163 11.93 -9.70 -66.70
C HIS D 163 11.62 -10.37 -65.36
N LYS D 164 11.42 -11.69 -65.40
CA LYS D 164 11.09 -12.48 -64.23
C LYS D 164 12.21 -12.41 -63.19
N ASN D 165 11.81 -12.46 -61.91
CA ASN D 165 12.55 -12.44 -60.65
C ASN D 165 13.91 -11.70 -60.63
N PRO D 166 13.92 -10.35 -60.78
CA PRO D 166 15.15 -9.60 -60.51
C PRO D 166 15.41 -9.47 -59.01
N ASN D 167 16.38 -8.64 -58.65
CA ASN D 167 16.61 -8.34 -57.24
C ASN D 167 15.44 -7.48 -56.76
N ILE D 168 14.39 -8.15 -56.27
CA ILE D 168 13.19 -7.46 -55.81
C ILE D 168 13.54 -6.72 -54.53
N HIS D 169 13.23 -5.43 -54.50
CA HIS D 169 13.83 -4.53 -53.53
C HIS D 169 12.92 -4.36 -52.32
N LEU D 170 13.53 -3.93 -51.21
CA LEU D 170 12.89 -3.82 -49.91
C LEU D 170 13.10 -2.39 -49.43
N GLU D 171 12.09 -1.54 -49.57
CA GLU D 171 12.24 -0.15 -49.17
C GLU D 171 10.87 0.48 -48.90
N LYS D 172 10.75 1.11 -47.74
CA LYS D 172 9.59 1.91 -47.37
C LYS D 172 9.82 3.36 -47.80
N SER D 173 8.98 4.26 -47.30
CA SER D 173 9.22 5.67 -47.57
C SER D 173 8.82 6.53 -46.38
N PRO D 174 9.77 6.94 -45.54
CA PRO D 174 9.49 8.01 -44.57
C PRO D 174 9.29 9.36 -45.23
N MET D 175 9.87 9.58 -46.40
CA MET D 175 9.70 10.81 -47.16
C MET D 175 8.40 10.75 -47.97
N LEU D 176 7.89 11.94 -48.30
CA LEU D 176 6.56 12.03 -48.92
C LEU D 176 6.56 11.64 -50.40
N PRO D 177 7.33 12.32 -51.33
CA PRO D 177 7.05 12.09 -52.76
C PRO D 177 7.70 10.84 -53.35
N ALA D 178 7.70 10.78 -54.68
CA ALA D 178 8.57 9.94 -55.51
C ALA D 178 8.31 8.43 -55.31
N ASP D 179 7.15 8.01 -55.82
CA ASP D 179 7.00 6.62 -56.25
C ASP D 179 8.04 6.33 -57.32
N GLU D 180 9.01 5.46 -57.03
CA GLU D 180 10.09 5.20 -57.97
C GLU D 180 10.21 3.71 -58.26
N VAL D 181 10.39 3.38 -59.54
CA VAL D 181 10.69 2.02 -59.99
C VAL D 181 11.87 2.14 -60.94
N LYS D 182 13.04 1.64 -60.52
CA LYS D 182 14.26 1.79 -61.30
C LYS D 182 14.86 0.44 -61.62
N MET D 183 15.00 0.14 -62.90
CA MET D 183 15.63 -1.08 -63.35
C MET D 183 17.12 -0.85 -63.52
N THR D 184 17.91 -1.46 -62.64
CA THR D 184 19.35 -1.28 -62.62
C THR D 184 20.05 -2.62 -62.88
N LYS D 185 21.37 -2.57 -62.97
CA LYS D 185 22.22 -3.72 -63.26
C LYS D 185 23.00 -4.04 -62.00
N GLU D 186 22.66 -5.17 -61.38
CA GLU D 186 23.31 -5.56 -60.15
C GLU D 186 23.25 -7.07 -59.98
N ILE D 187 24.40 -7.68 -59.74
CA ILE D 187 24.51 -9.09 -59.40
C ILE D 187 24.98 -9.16 -57.97
N TYR D 188 24.03 -9.33 -57.05
CA TYR D 188 24.24 -9.09 -55.62
C TYR D 188 24.07 -10.40 -54.85
N PHE D 189 25.18 -10.93 -54.33
CA PHE D 189 25.09 -12.10 -53.48
C PHE D 189 26.11 -11.97 -52.36
N GLU D 190 26.00 -12.87 -51.39
CA GLU D 190 26.61 -12.64 -50.09
C GLU D 190 28.11 -12.87 -50.11
N GLY D 191 28.83 -11.92 -49.51
CA GLY D 191 30.22 -12.08 -49.16
C GLY D 191 30.67 -10.86 -48.39
N SER D 192 31.30 -11.07 -47.24
CA SER D 192 31.56 -9.99 -46.31
C SER D 192 33.01 -10.11 -45.86
N PHE D 193 33.35 -9.44 -44.76
CA PHE D 193 34.69 -9.32 -44.18
C PHE D 193 34.82 -10.25 -42.97
N PRO D 194 35.98 -10.86 -42.77
CA PRO D 194 36.25 -11.49 -41.47
C PRO D 194 36.65 -10.50 -40.39
N ILE D 195 37.58 -9.60 -40.72
CA ILE D 195 38.19 -8.63 -39.81
C ILE D 195 38.23 -7.32 -40.58
N GLU D 196 38.16 -6.19 -39.87
CA GLU D 196 38.23 -4.88 -40.50
C GLU D 196 39.57 -4.58 -41.16
N THR D 197 40.65 -5.23 -40.72
CA THR D 197 41.95 -5.00 -41.33
C THR D 197 42.11 -5.76 -42.64
N GLN D 198 41.17 -6.62 -42.99
CA GLN D 198 41.24 -7.39 -44.21
C GLN D 198 40.73 -6.62 -45.43
N VAL D 199 40.03 -5.52 -45.19
CA VAL D 199 39.32 -4.77 -46.23
C VAL D 199 40.20 -3.63 -46.70
N PRO D 200 40.24 -3.31 -48.00
CA PRO D 200 40.86 -2.06 -48.43
C PRO D 200 40.18 -0.81 -47.90
N ALA D 201 38.84 -0.76 -47.99
CA ALA D 201 38.11 0.37 -47.47
C ALA D 201 37.67 0.12 -46.03
N ASN D 202 36.98 1.10 -45.45
CA ASN D 202 36.29 0.93 -44.19
C ASN D 202 34.89 1.50 -44.18
N GLY D 203 34.58 2.44 -45.07
CA GLY D 203 33.26 3.01 -45.15
C GLY D 203 32.25 2.09 -45.83
N ALA D 204 32.47 1.82 -47.12
CA ALA D 204 31.55 1.00 -47.90
C ALA D 204 32.19 -0.29 -48.40
N TYR D 205 33.41 -0.59 -47.94
CA TYR D 205 34.13 -1.84 -48.15
C TYR D 205 34.44 -2.14 -49.62
N VAL D 206 34.30 -1.15 -50.50
CA VAL D 206 34.56 -1.31 -51.92
C VAL D 206 36.04 -1.51 -52.15
N VAL D 207 36.39 -2.50 -52.97
CA VAL D 207 37.78 -2.68 -53.37
C VAL D 207 38.22 -1.46 -54.19
N GLY D 208 39.35 -0.88 -53.81
CA GLY D 208 39.84 0.35 -54.40
C GLY D 208 40.26 0.15 -55.83
N PRO D 209 41.35 -0.58 -56.06
CA PRO D 209 41.74 -0.90 -57.43
C PRO D 209 40.80 -1.94 -58.04
N GLU D 210 40.77 -1.94 -59.36
CA GLU D 210 40.26 -3.06 -60.12
C GLU D 210 41.45 -3.98 -60.42
N LYS D 211 41.21 -5.06 -61.18
CA LYS D 211 42.16 -6.10 -61.59
C LYS D 211 43.03 -6.58 -60.40
N VAL D 212 42.32 -7.15 -59.44
CA VAL D 212 42.87 -7.47 -58.13
C VAL D 212 42.97 -8.98 -57.98
N GLY D 213 44.12 -9.42 -57.46
CA GLY D 213 44.40 -10.83 -57.24
C GLY D 213 43.52 -11.53 -56.25
N VAL D 214 42.76 -12.51 -56.72
CA VAL D 214 41.75 -13.20 -55.93
C VAL D 214 42.08 -14.69 -55.99
N VAL D 215 42.33 -15.30 -54.84
CA VAL D 215 42.49 -16.75 -54.75
C VAL D 215 41.13 -17.37 -54.50
N LEU D 216 40.82 -18.43 -55.23
CA LEU D 216 39.50 -19.05 -55.16
C LEU D 216 39.64 -20.48 -54.65
N ILE D 217 39.24 -20.70 -53.39
CA ILE D 217 39.14 -22.03 -52.81
C ILE D 217 37.79 -22.12 -52.12
N ASP D 218 36.91 -22.96 -52.65
CA ASP D 218 35.52 -22.95 -52.19
C ASP D 218 35.32 -23.71 -50.89
N GLY D 219 35.75 -24.96 -50.85
CA GLY D 219 35.43 -25.85 -49.77
C GLY D 219 36.24 -25.63 -48.51
N SER D 220 36.24 -26.66 -47.66
CA SER D 220 36.95 -26.63 -46.38
C SER D 220 38.44 -26.75 -46.64
N ILE D 221 39.14 -25.61 -46.68
CA ILE D 221 40.60 -25.62 -46.83
C ILE D 221 41.18 -25.89 -45.44
N ARG D 222 41.31 -27.19 -45.13
CA ARG D 222 41.70 -27.64 -43.80
C ARG D 222 43.22 -27.73 -43.65
N ALA D 223 43.97 -26.90 -44.37
CA ALA D 223 45.40 -26.76 -44.16
C ALA D 223 45.74 -25.75 -43.07
N TYR D 224 44.72 -25.20 -42.40
CA TYR D 224 44.78 -24.12 -41.43
C TYR D 224 45.53 -22.95 -42.06
N PRO D 225 44.88 -22.19 -42.95
CA PRO D 225 45.61 -21.32 -43.88
C PRO D 225 46.30 -20.11 -43.27
N THR D 226 47.24 -20.35 -42.35
CA THR D 226 48.14 -19.33 -41.85
C THR D 226 49.53 -19.46 -42.45
N GLN D 227 49.72 -20.43 -43.34
CA GLN D 227 51.02 -20.80 -43.89
C GLN D 227 51.31 -20.10 -45.21
N LEU D 228 50.84 -18.86 -45.37
CA LEU D 228 51.02 -18.09 -46.60
C LEU D 228 52.47 -17.71 -46.79
N ILE D 229 53.26 -18.62 -47.35
CA ILE D 229 54.69 -18.42 -47.46
C ILE D 229 55.15 -18.12 -48.90
N ASN D 230 54.42 -18.58 -49.91
CA ASN D 230 54.70 -18.25 -51.29
C ASN D 230 53.49 -17.72 -52.04
N ALA D 231 52.29 -18.17 -51.67
CA ALA D 231 51.06 -17.64 -52.25
C ALA D 231 50.90 -16.16 -51.95
N LEU D 232 51.20 -15.76 -50.71
CA LEU D 232 51.17 -14.34 -50.37
C LEU D 232 52.42 -13.64 -50.88
N LEU D 233 53.54 -14.37 -51.01
CA LEU D 233 54.78 -13.79 -51.50
C LEU D 233 54.71 -13.46 -52.98
N ASN D 234 53.81 -14.12 -53.73
CA ASN D 234 53.57 -13.74 -55.11
C ASN D 234 52.96 -12.34 -55.21
N ARG D 235 52.14 -11.98 -54.22
CA ARG D 235 51.41 -10.71 -54.20
C ARG D 235 51.71 -9.96 -52.91
N PHE D 236 53.00 -9.80 -52.63
CA PHE D 236 53.45 -9.35 -51.31
C PHE D 236 53.12 -7.88 -51.07
N ILE D 237 53.46 -7.02 -52.02
CA ILE D 237 53.13 -5.61 -51.97
C ILE D 237 52.10 -5.24 -53.01
N ASP D 238 51.52 -6.22 -53.70
CA ASP D 238 50.88 -5.98 -54.98
C ASP D 238 49.42 -5.57 -54.84
N ASN D 239 48.61 -6.42 -54.21
CA ASN D 239 47.16 -6.25 -54.25
C ASN D 239 46.57 -7.05 -53.09
N PRO D 240 45.34 -6.69 -52.66
CA PRO D 240 44.66 -7.53 -51.66
C PRO D 240 44.33 -8.93 -52.15
N VAL D 241 44.97 -9.92 -51.53
CA VAL D 241 44.75 -11.31 -51.87
C VAL D 241 43.42 -11.75 -51.27
N VAL D 242 42.41 -11.87 -52.12
CA VAL D 242 41.03 -12.14 -51.71
C VAL D 242 40.79 -13.63 -51.80
N LEU D 243 40.42 -14.25 -50.68
CA LEU D 243 39.94 -15.62 -50.66
C LEU D 243 38.43 -15.62 -50.40
N MET D 244 37.71 -16.41 -51.19
CA MET D 244 36.28 -16.61 -50.97
C MET D 244 36.00 -18.09 -50.87
N ALA D 245 35.23 -18.47 -49.85
CA ALA D 245 35.05 -19.86 -49.51
C ALA D 245 33.64 -20.08 -49.00
N ARG D 246 33.39 -21.27 -48.48
CA ARG D 246 32.21 -21.58 -47.68
C ARG D 246 32.56 -21.23 -46.22
N ASN D 247 31.76 -21.65 -45.25
CA ASN D 247 31.88 -21.25 -43.85
C ASN D 247 33.12 -21.81 -43.14
N PHE D 248 34.01 -22.52 -43.83
CA PHE D 248 35.19 -23.01 -43.13
C PHE D 248 36.24 -21.91 -43.05
N GLU D 249 36.11 -21.05 -42.05
CA GLU D 249 37.15 -20.11 -41.66
C GLU D 249 37.57 -20.47 -40.24
N PRO D 250 38.63 -21.26 -40.08
CA PRO D 250 39.04 -21.74 -38.76
C PRO D 250 39.68 -20.66 -37.90
N GLU D 251 40.31 -21.10 -36.80
CA GLU D 251 40.97 -20.25 -35.83
C GLU D 251 42.15 -19.44 -36.38
N VAL D 252 42.45 -19.57 -37.67
CA VAL D 252 43.33 -18.67 -38.41
C VAL D 252 42.87 -17.21 -38.38
N ILE D 253 41.59 -16.96 -38.04
CA ILE D 253 41.11 -15.63 -37.73
C ILE D 253 41.81 -15.02 -36.50
N ALA D 254 42.39 -15.86 -35.65
CA ALA D 254 43.35 -15.39 -34.65
C ALA D 254 44.79 -15.43 -35.15
N ALA D 255 45.08 -16.23 -36.18
CA ALA D 255 46.39 -16.28 -36.79
C ALA D 255 46.55 -15.29 -37.93
N ILE D 256 45.68 -14.28 -38.00
CA ILE D 256 45.87 -13.14 -38.89
C ILE D 256 47.15 -12.38 -38.57
N ASN D 257 47.59 -12.42 -37.31
CA ASN D 257 48.84 -11.78 -36.89
C ASN D 257 50.07 -12.35 -37.57
N ASN D 258 50.00 -13.58 -38.08
CA ASN D 258 51.10 -14.20 -38.82
C ASN D 258 51.39 -13.50 -40.14
N GLU D 259 50.46 -12.67 -40.61
CA GLU D 259 50.76 -11.73 -41.68
C GLU D 259 50.71 -10.28 -41.22
N ASN D 260 49.70 -9.90 -40.43
CA ASN D 260 49.51 -8.51 -40.07
C ASN D 260 50.58 -8.05 -39.09
N GLN D 261 50.78 -8.79 -38.01
CA GLN D 261 51.81 -8.47 -37.02
C GLN D 261 53.19 -8.98 -37.44
N ARG D 262 53.23 -10.14 -38.07
CA ARG D 262 54.46 -10.71 -38.60
C ARG D 262 54.75 -10.16 -39.99
N LEU D 263 55.63 -10.83 -40.72
CA LEU D 263 55.96 -10.46 -42.09
C LEU D 263 54.73 -10.51 -42.98
N GLY D 264 54.69 -9.61 -43.96
CA GLY D 264 53.57 -9.47 -44.86
C GLY D 264 52.83 -8.16 -44.76
N THR D 265 53.06 -7.28 -45.73
CA THR D 265 52.35 -6.01 -45.81
C THR D 265 51.18 -6.05 -46.77
N SER D 266 50.80 -7.24 -47.23
CA SER D 266 49.68 -7.37 -48.15
C SER D 266 48.35 -7.23 -47.40
N ARG D 267 47.28 -7.40 -48.15
CA ARG D 267 45.96 -7.02 -47.68
C ARG D 267 45.06 -8.25 -47.79
N ILE D 268 45.50 -9.33 -47.14
CA ILE D 268 44.83 -10.63 -47.20
C ILE D 268 43.37 -10.52 -46.78
N PHE D 269 42.53 -11.30 -47.43
CA PHE D 269 41.09 -11.25 -47.26
C PHE D 269 40.52 -12.63 -47.50
N ALA D 270 39.78 -13.15 -46.51
CA ALA D 270 39.34 -14.54 -46.57
C ALA D 270 38.06 -14.69 -45.76
N TYR D 271 36.92 -14.79 -46.44
CA TYR D 271 35.67 -14.97 -45.72
C TYR D 271 34.77 -15.88 -46.54
N LYS D 272 33.60 -16.19 -45.98
CA LYS D 272 32.68 -17.18 -46.49
C LYS D 272 31.73 -16.57 -47.51
N VAL D 273 30.88 -17.42 -48.05
CA VAL D 273 29.85 -17.06 -49.01
C VAL D 273 28.56 -17.45 -48.29
N ASN D 274 27.41 -17.40 -48.98
CA ASN D 274 26.11 -17.74 -48.43
C ASN D 274 26.01 -19.13 -47.80
N ALA D 275 24.89 -19.40 -47.14
CA ALA D 275 24.77 -20.51 -46.21
C ALA D 275 24.65 -21.84 -46.95
N ALA D 276 24.26 -22.88 -46.21
CA ALA D 276 24.27 -24.25 -46.70
C ALA D 276 23.28 -24.49 -47.83
N GLY D 277 23.80 -24.56 -49.04
CA GLY D 277 23.01 -24.97 -50.18
C GLY D 277 23.88 -25.78 -51.11
N LEU D 278 23.24 -26.30 -52.17
CA LEU D 278 23.89 -27.23 -53.10
C LEU D 278 24.84 -26.55 -54.07
N LEU D 279 25.23 -25.31 -53.79
CA LEU D 279 26.01 -24.45 -54.68
C LEU D 279 27.50 -24.68 -54.53
N GLY D 280 27.91 -25.89 -54.15
CA GLY D 280 29.33 -26.21 -54.08
C GLY D 280 30.05 -26.10 -55.41
N ALA D 281 29.33 -26.33 -56.51
CA ALA D 281 29.87 -26.14 -57.84
C ALA D 281 29.37 -24.88 -58.52
N GLY D 282 28.54 -24.07 -57.85
CA GLY D 282 27.98 -22.89 -58.48
C GLY D 282 28.39 -21.57 -57.86
N THR D 283 28.63 -21.58 -56.55
CA THR D 283 28.92 -20.34 -55.84
C THR D 283 30.38 -19.91 -56.00
N ILE D 284 31.23 -20.78 -56.55
CA ILE D 284 32.52 -20.35 -57.03
C ILE D 284 32.50 -20.19 -58.55
N ASP D 285 31.56 -20.85 -59.23
CA ASP D 285 31.45 -20.77 -60.68
C ASP D 285 30.95 -19.39 -61.12
N ASP D 286 29.97 -18.84 -60.41
CA ASP D 286 29.53 -17.48 -60.70
C ASP D 286 30.59 -16.45 -60.32
N LEU D 287 31.45 -16.77 -59.38
CA LEU D 287 32.58 -15.90 -59.07
C LEU D 287 33.58 -15.86 -60.21
N GLY D 288 34.14 -17.03 -60.56
CA GLY D 288 35.45 -17.09 -61.18
C GLY D 288 35.59 -16.75 -62.66
N ARG D 289 36.48 -17.46 -63.36
CA ARG D 289 36.86 -17.11 -64.73
C ARG D 289 35.71 -17.25 -65.71
N LEU D 290 34.68 -18.01 -65.35
CA LEU D 290 33.44 -18.04 -66.13
C LEU D 290 32.75 -16.68 -66.14
N LEU D 291 32.92 -15.88 -65.09
CA LEU D 291 32.60 -14.46 -65.12
C LEU D 291 33.84 -13.60 -64.88
N ASN D 292 35.01 -14.14 -65.24
CA ASN D 292 36.31 -13.47 -65.28
C ASN D 292 36.74 -12.95 -63.89
N ILE D 293 36.97 -13.91 -63.00
CA ILE D 293 37.78 -13.66 -61.81
C ILE D 293 38.92 -14.67 -61.72
N GLY D 294 38.60 -15.96 -61.61
CA GLY D 294 39.62 -16.96 -61.37
C GLY D 294 39.14 -18.39 -61.45
N PRO D 295 39.90 -19.32 -60.87
CA PRO D 295 39.63 -20.74 -61.08
C PRO D 295 38.43 -21.24 -60.29
N VAL D 296 37.56 -21.96 -61.00
CA VAL D 296 36.40 -22.61 -60.37
C VAL D 296 36.97 -23.84 -59.67
N PHE D 297 37.26 -23.67 -58.38
CA PHE D 297 37.92 -24.70 -57.60
C PHE D 297 36.91 -25.51 -56.81
N ASP D 298 37.12 -26.82 -56.76
CA ASP D 298 36.16 -27.75 -56.20
C ASP D 298 36.18 -27.67 -54.68
N VAL D 299 35.15 -28.26 -54.05
CA VAL D 299 35.08 -28.35 -52.60
C VAL D 299 36.12 -29.36 -52.15
N ASN D 300 37.29 -28.86 -51.73
CA ASN D 300 38.44 -29.72 -51.45
C ASN D 300 39.44 -28.94 -50.60
N SER D 301 40.28 -29.69 -49.89
CA SER D 301 41.34 -29.12 -49.05
C SER D 301 42.70 -29.20 -49.72
N VAL D 302 42.73 -29.29 -51.04
CA VAL D 302 43.99 -29.39 -51.78
C VAL D 302 44.30 -27.98 -52.27
N ASP D 303 45.52 -27.76 -52.80
CA ASP D 303 46.11 -26.47 -53.14
C ASP D 303 46.08 -25.54 -51.94
N PRO D 304 46.94 -25.77 -50.94
CA PRO D 304 46.84 -25.02 -49.68
C PRO D 304 47.30 -23.58 -49.79
N ALA D 305 47.38 -22.90 -48.65
CA ALA D 305 47.75 -21.49 -48.60
C ALA D 305 49.23 -21.24 -48.82
N LEU D 306 50.04 -22.28 -48.98
CA LEU D 306 51.49 -22.11 -49.13
C LEU D 306 51.81 -21.42 -50.44
N VAL D 307 51.45 -22.03 -51.57
CA VAL D 307 51.78 -21.50 -52.89
C VAL D 307 50.55 -21.63 -53.78
N LYS D 308 50.41 -20.70 -54.72
CA LYS D 308 49.36 -20.75 -55.73
C LYS D 308 49.97 -21.16 -57.07
N TYR D 309 49.13 -21.29 -58.09
CA TYR D 309 49.60 -21.54 -59.45
C TYR D 309 50.19 -20.26 -60.01
N ASN D 310 49.36 -19.22 -60.09
CA ASN D 310 49.78 -17.90 -60.55
C ASN D 310 48.75 -16.90 -60.07
N ASP D 311 49.22 -15.78 -59.54
CA ASP D 311 48.37 -14.64 -59.21
C ASP D 311 49.01 -13.38 -59.77
N VAL D 312 48.17 -12.41 -60.12
CA VAL D 312 48.62 -11.27 -60.91
C VAL D 312 47.79 -10.04 -60.52
N THR D 313 48.35 -8.85 -60.80
CA THR D 313 47.59 -7.61 -60.68
C THR D 313 46.81 -7.30 -61.95
N LEU D 314 46.58 -8.31 -62.80
CA LEU D 314 45.67 -8.25 -63.92
C LEU D 314 44.50 -9.21 -63.76
N TRP D 315 44.11 -9.49 -62.52
CA TRP D 315 43.38 -10.72 -62.23
C TRP D 315 41.87 -10.60 -62.45
N LEU D 316 41.25 -9.49 -62.06
CA LEU D 316 39.81 -9.36 -62.21
C LEU D 316 39.47 -9.00 -63.65
N GLY D 317 38.17 -8.90 -63.93
CA GLY D 317 37.71 -8.54 -65.25
C GLY D 317 37.36 -7.07 -65.35
N ARG D 318 37.12 -6.58 -66.57
CA ARG D 318 36.78 -5.18 -66.78
C ARG D 318 35.27 -5.00 -66.70
N LYS D 319 34.73 -5.33 -65.53
CA LYS D 319 33.33 -5.15 -65.22
C LYS D 319 33.24 -4.47 -63.85
N GLY D 320 32.03 -4.34 -63.32
CA GLY D 320 31.91 -3.76 -62.00
C GLY D 320 32.14 -4.78 -60.90
N ILE D 321 33.29 -4.71 -60.23
CA ILE D 321 33.62 -5.65 -59.17
C ILE D 321 33.93 -4.86 -57.92
N LEU D 322 33.11 -5.02 -56.88
CA LEU D 322 33.39 -4.37 -55.61
C LEU D 322 33.02 -5.28 -54.46
N LEU D 323 33.94 -5.41 -53.51
CA LEU D 323 33.59 -6.06 -52.26
C LEU D 323 32.61 -5.20 -51.49
N ASP D 324 31.73 -5.84 -50.74
CA ASP D 324 30.76 -5.11 -49.94
C ASP D 324 30.44 -5.99 -48.73
N LYS D 325 29.35 -5.67 -48.02
CA LYS D 325 28.80 -6.61 -47.04
C LYS D 325 28.24 -7.84 -47.75
N SER D 326 27.74 -7.66 -48.97
CA SER D 326 27.50 -8.74 -49.91
C SER D 326 28.07 -8.29 -51.25
N ILE D 327 28.99 -9.08 -51.79
CA ILE D 327 29.88 -8.63 -52.86
C ILE D 327 29.10 -8.39 -54.15
N GLU D 328 29.48 -7.35 -54.89
CA GLU D 328 28.70 -6.85 -56.01
C GLU D 328 29.49 -6.99 -57.31
N GLU D 329 28.90 -7.70 -58.27
CA GLU D 329 29.41 -7.70 -59.62
C GLU D 329 28.32 -7.25 -60.58
N VAL D 330 28.67 -6.28 -61.41
CA VAL D 330 27.83 -5.66 -62.41
C VAL D 330 28.47 -5.95 -63.76
N GLU D 331 27.64 -6.05 -64.81
CA GLU D 331 28.00 -6.50 -66.16
C GLU D 331 28.52 -7.95 -66.11
N SER D 332 27.58 -8.84 -65.79
CA SER D 332 27.79 -10.27 -65.93
C SER D 332 27.82 -10.64 -67.40
N ARG D 333 28.83 -11.42 -67.80
CA ARG D 333 29.04 -11.66 -69.22
C ARG D 333 28.15 -12.78 -69.75
N ALA D 334 28.40 -14.02 -69.34
CA ALA D 334 27.58 -15.12 -69.83
C ALA D 334 27.20 -16.16 -68.78
N ASP D 335 28.02 -16.38 -67.75
CA ASP D 335 27.89 -17.59 -66.93
C ASP D 335 26.73 -17.56 -65.96
N SER D 336 26.44 -16.38 -65.39
CA SER D 336 25.24 -16.24 -64.56
C SER D 336 24.00 -16.58 -65.34
N ILE D 337 23.95 -16.16 -66.61
CA ILE D 337 22.85 -16.49 -67.50
C ILE D 337 22.81 -18.00 -67.77
N LEU D 338 23.98 -18.64 -67.85
CA LEU D 338 24.02 -20.09 -68.11
C LEU D 338 23.46 -20.87 -66.92
N GLU D 339 23.96 -20.59 -65.72
CA GLU D 339 23.46 -21.28 -64.53
C GLU D 339 22.02 -20.87 -64.22
N GLY D 340 21.64 -19.66 -64.60
CA GLY D 340 20.26 -19.23 -64.41
C GLY D 340 19.29 -19.93 -65.32
N LEU D 341 19.71 -20.20 -66.57
CA LEU D 341 18.87 -20.98 -67.46
C LEU D 341 18.83 -22.45 -67.02
N ASP D 342 19.95 -22.96 -66.52
CA ASP D 342 20.00 -24.32 -65.98
C ASP D 342 19.02 -24.51 -64.83
N ASN D 343 19.12 -23.65 -63.81
CA ASN D 343 18.18 -23.72 -62.70
C ASN D 343 16.81 -23.18 -63.05
N ARG D 344 16.68 -22.47 -64.18
CA ARG D 344 15.36 -22.06 -64.66
C ARG D 344 14.60 -23.25 -65.23
N TYR D 345 15.26 -24.07 -66.05
CA TYR D 345 14.60 -25.28 -66.51
C TYR D 345 14.48 -26.31 -65.41
N GLU D 346 15.36 -26.26 -64.40
CA GLU D 346 15.17 -27.08 -63.22
C GLU D 346 13.95 -26.63 -62.43
N ALA D 347 13.71 -25.32 -62.37
CA ALA D 347 12.51 -24.77 -61.75
C ALA D 347 11.31 -24.77 -62.70
N LEU D 348 11.48 -25.27 -63.92
CA LEU D 348 10.34 -25.58 -64.78
C LEU D 348 9.98 -27.05 -64.71
N GLY D 349 10.95 -27.91 -64.41
CA GLY D 349 10.68 -29.34 -64.32
C GLY D 349 9.89 -29.76 -63.10
N ILE D 350 10.42 -29.51 -61.92
CA ILE D 350 9.85 -30.00 -60.67
C ILE D 350 8.98 -28.94 -60.00
N ILE D 351 8.52 -27.96 -60.78
CA ILE D 351 7.61 -26.93 -60.28
C ILE D 351 6.23 -27.47 -59.96
N GLU D 352 5.83 -28.59 -60.57
CA GLU D 352 4.43 -29.00 -60.53
C GLU D 352 4.08 -29.65 -59.19
N ARG D 353 4.92 -30.57 -58.71
CA ARG D 353 4.78 -31.03 -57.34
C ARG D 353 5.33 -30.00 -56.36
N GLN D 354 6.33 -29.22 -56.78
CA GLN D 354 7.06 -28.26 -55.96
C GLN D 354 7.71 -28.96 -54.77
N THR D 355 8.72 -29.79 -55.06
CA THR D 355 9.64 -30.23 -54.01
C THR D 355 10.85 -29.33 -54.07
N PRO D 356 11.05 -28.42 -53.12
CA PRO D 356 12.17 -27.49 -53.21
C PRO D 356 13.53 -28.14 -53.04
N ILE D 357 13.67 -29.06 -52.08
CA ILE D 357 14.96 -29.69 -51.77
C ILE D 357 15.40 -30.54 -52.96
N GLY D 358 16.63 -30.29 -53.42
CA GLY D 358 17.11 -30.81 -54.68
C GLY D 358 17.05 -29.80 -55.81
N ARG D 359 16.16 -28.82 -55.69
CA ARG D 359 16.02 -27.72 -56.62
C ARG D 359 16.42 -26.39 -56.00
N GLU D 360 16.76 -26.38 -54.71
CA GLU D 360 17.09 -25.12 -54.05
C GLU D 360 18.55 -24.72 -54.20
N LEU D 361 19.15 -25.11 -55.33
CA LEU D 361 20.05 -24.20 -56.05
C LEU D 361 19.34 -22.88 -56.36
N ASN D 362 18.02 -22.90 -56.54
CA ASN D 362 17.17 -21.72 -56.69
C ASN D 362 17.07 -20.86 -55.44
N ARG D 363 17.74 -21.23 -54.32
CA ARG D 363 17.88 -20.30 -53.20
C ARG D 363 18.64 -19.06 -53.61
N ARG D 364 19.62 -19.20 -54.51
CA ARG D 364 20.27 -18.04 -55.09
C ARG D 364 20.13 -17.96 -56.60
N ILE D 365 20.26 -19.06 -57.32
CA ILE D 365 20.27 -18.97 -58.77
C ILE D 365 18.84 -18.81 -59.27
N GLY D 366 18.53 -17.63 -59.78
CA GLY D 366 17.15 -17.26 -60.05
C GLY D 366 16.86 -16.03 -59.23
N ARG D 367 17.36 -16.00 -58.00
CA ARG D 367 17.37 -14.76 -57.25
C ARG D 367 18.47 -13.84 -57.72
N LEU D 368 19.47 -14.39 -58.41
CA LEU D 368 20.71 -13.70 -58.69
C LEU D 368 20.82 -13.18 -60.11
N ARG D 369 20.38 -13.97 -61.10
CA ARG D 369 20.73 -13.74 -62.49
C ARG D 369 20.07 -12.48 -63.05
N ALA D 370 18.74 -12.41 -62.98
CA ALA D 370 18.04 -11.20 -63.37
C ALA D 370 18.38 -10.08 -62.39
N ASN D 371 18.70 -8.91 -62.95
CA ASN D 371 19.67 -8.03 -62.29
C ASN D 371 19.11 -7.35 -61.05
N ASN D 372 18.25 -6.35 -61.24
CA ASN D 372 17.82 -5.51 -60.12
C ASN D 372 16.70 -4.58 -60.54
N VAL D 373 15.68 -4.45 -59.70
CA VAL D 373 14.71 -3.38 -59.78
C VAL D 373 14.53 -2.82 -58.37
N THR D 374 14.79 -1.53 -58.20
CA THR D 374 14.65 -0.85 -56.92
C THR D 374 13.30 -0.14 -56.85
N ILE D 375 12.67 -0.20 -55.68
CA ILE D 375 11.30 0.28 -55.50
C ILE D 375 11.26 1.34 -54.39
N LYS D 376 10.38 2.31 -54.59
CA LYS D 376 10.09 3.37 -53.63
C LYS D 376 8.62 3.74 -53.72
N VAL D 377 8.02 3.96 -52.55
CA VAL D 377 6.61 4.28 -52.46
C VAL D 377 6.45 5.73 -52.00
N THR D 378 5.21 6.18 -51.89
CA THR D 378 4.87 7.46 -51.27
C THR D 378 4.17 7.19 -49.94
N GLY D 379 4.84 7.53 -48.84
CA GLY D 379 4.24 7.40 -47.54
C GLY D 379 3.77 8.73 -46.99
N VAL D 380 2.46 8.90 -46.83
CA VAL D 380 1.94 10.15 -46.28
C VAL D 380 1.84 10.09 -44.76
N THR D 381 1.86 8.89 -44.18
CA THR D 381 1.75 8.65 -42.75
C THR D 381 2.53 7.37 -42.50
N VAL D 382 3.06 7.20 -41.27
CA VAL D 382 3.77 5.98 -40.92
C VAL D 382 2.84 4.77 -40.96
N SER D 383 1.58 4.99 -40.57
CA SER D 383 0.62 3.89 -40.42
C SER D 383 0.26 3.26 -41.76
N ASP D 384 -0.19 4.07 -42.72
CA ASP D 384 -0.53 3.47 -44.00
C ASP D 384 0.68 3.13 -44.84
N ALA D 385 1.86 3.69 -44.54
CA ALA D 385 3.09 3.21 -45.16
C ALA D 385 3.41 1.80 -44.70
N SER D 386 3.24 1.53 -43.40
CA SER D 386 3.41 0.16 -42.93
C SER D 386 2.32 -0.77 -43.44
N GLU D 387 1.10 -0.24 -43.64
CA GLU D 387 0.01 -1.06 -44.18
C GLU D 387 0.25 -1.43 -45.64
N ARG D 388 0.63 -0.43 -46.45
CA ARG D 388 0.97 -0.73 -47.84
C ARG D 388 2.26 -1.50 -47.96
N TRP D 389 3.13 -1.43 -46.94
CA TRP D 389 4.29 -2.30 -46.90
C TRP D 389 3.89 -3.75 -46.67
N ALA D 390 2.96 -3.97 -45.74
CA ALA D 390 2.45 -5.30 -45.49
C ALA D 390 1.73 -5.85 -46.72
N ARG D 391 1.02 -4.98 -47.44
CA ARG D 391 0.34 -5.41 -48.66
C ARG D 391 1.33 -5.64 -49.79
N TYR D 392 2.44 -4.90 -49.81
CA TYR D 392 3.52 -5.15 -50.74
C TYR D 392 4.16 -6.51 -50.46
N GLU D 393 4.35 -6.83 -49.19
CA GLU D 393 4.86 -8.13 -48.82
C GLU D 393 3.86 -9.25 -49.12
N ASP D 394 2.56 -8.93 -49.08
CA ASP D 394 1.55 -9.89 -49.53
C ASP D 394 1.69 -10.15 -51.02
N VAL D 395 1.79 -9.10 -51.82
CA VAL D 395 1.78 -9.30 -53.26
C VAL D 395 3.12 -9.78 -53.80
N MET D 396 4.24 -9.48 -53.13
CA MET D 396 5.51 -9.95 -53.68
C MET D 396 5.73 -11.43 -53.42
N LYS D 397 5.25 -11.95 -52.30
CA LYS D 397 5.34 -13.39 -52.07
C LYS D 397 4.33 -14.11 -52.94
N ALA D 398 3.18 -13.49 -53.21
CA ALA D 398 2.23 -14.06 -54.15
C ALA D 398 2.79 -14.08 -55.57
N ALA D 399 3.59 -13.07 -55.92
CA ALA D 399 4.26 -13.09 -57.21
C ALA D 399 5.37 -14.12 -57.24
N ARG D 400 6.05 -14.34 -56.11
CA ARG D 400 7.02 -15.43 -56.01
C ARG D 400 6.36 -16.78 -56.20
N THR D 401 5.15 -16.96 -55.65
CA THR D 401 4.40 -18.18 -55.90
C THR D 401 4.00 -18.29 -57.37
N GLY D 402 3.39 -17.24 -57.92
CA GLY D 402 2.99 -17.22 -59.30
C GLY D 402 4.09 -17.27 -60.33
N GLN D 403 5.35 -17.15 -59.92
CA GLN D 403 6.45 -17.37 -60.85
C GLN D 403 7.23 -18.63 -60.56
N GLN D 404 7.77 -18.79 -59.35
CA GLN D 404 8.63 -19.93 -59.07
C GLN D 404 7.85 -21.16 -58.64
N PHE D 405 6.63 -20.98 -58.11
CA PHE D 405 5.89 -22.07 -57.51
C PHE D 405 4.69 -22.46 -58.36
N GLY D 406 3.81 -21.51 -58.65
CA GLY D 406 2.59 -21.75 -59.37
C GLY D 406 1.37 -21.27 -58.60
N VAL D 407 0.25 -21.26 -59.29
CA VAL D 407 -1.04 -20.91 -58.70
C VAL D 407 -2.01 -22.03 -58.99
N ILE D 408 -2.60 -22.58 -57.94
CA ILE D 408 -3.46 -23.76 -58.02
C ILE D 408 -4.81 -23.26 -58.54
N PRO D 409 -5.71 -24.12 -59.02
CA PRO D 409 -7.07 -23.68 -59.34
C PRO D 409 -7.90 -23.33 -58.12
N GLY D 410 -9.22 -23.37 -58.32
CA GLY D 410 -10.18 -23.00 -57.30
C GLY D 410 -10.05 -23.61 -55.91
N ILE D 411 -10.90 -23.14 -55.00
CA ILE D 411 -10.52 -23.06 -53.59
C ILE D 411 -10.49 -24.45 -52.97
N GLY D 412 -11.64 -25.12 -52.93
CA GLY D 412 -11.70 -26.51 -52.50
C GLY D 412 -11.57 -27.50 -53.61
N TYR D 413 -11.17 -27.07 -54.81
CA TYR D 413 -11.11 -27.95 -55.97
C TYR D 413 -10.03 -29.00 -55.81
N GLY D 414 -8.89 -28.62 -55.25
CA GLY D 414 -7.85 -29.56 -54.89
C GLY D 414 -8.16 -30.44 -53.71
N TYR D 415 -9.35 -30.28 -53.13
CA TYR D 415 -9.85 -31.17 -52.10
C TYR D 415 -11.05 -31.98 -52.55
N LEU D 416 -11.94 -31.39 -53.34
CA LEU D 416 -13.05 -32.15 -53.90
C LEU D 416 -12.62 -33.09 -55.01
N MET D 417 -11.58 -32.76 -55.76
CA MET D 417 -11.07 -33.73 -56.71
C MET D 417 -10.08 -34.69 -56.06
N ALA D 418 -9.53 -34.29 -54.90
CA ALA D 418 -8.86 -35.24 -54.03
C ALA D 418 -9.83 -36.24 -53.44
N SER D 419 -11.09 -35.85 -53.23
CA SER D 419 -12.11 -36.81 -52.83
C SER D 419 -12.48 -37.76 -53.96
N LYS D 420 -12.36 -37.33 -55.21
CA LYS D 420 -12.41 -38.27 -56.31
C LYS D 420 -11.22 -39.22 -56.27
N TRP D 421 -10.05 -38.69 -55.90
CA TRP D 421 -8.86 -39.50 -55.77
C TRP D 421 -8.92 -40.45 -54.59
N LEU D 422 -9.56 -40.06 -53.50
CA LEU D 422 -9.77 -40.97 -52.39
C LEU D 422 -10.93 -41.92 -52.63
N GLU D 423 -11.63 -41.76 -53.75
CA GLU D 423 -12.38 -42.85 -54.35
C GLU D 423 -11.53 -43.68 -55.29
N ALA D 424 -10.52 -43.07 -55.91
CA ALA D 424 -9.60 -43.81 -56.77
C ALA D 424 -8.62 -44.62 -55.93
N ASN D 425 -8.06 -44.02 -54.89
CA ASN D 425 -7.20 -44.75 -53.95
C ASN D 425 -8.06 -45.69 -53.10
N VAL D 426 -7.37 -46.47 -52.27
CA VAL D 426 -7.89 -47.62 -51.51
C VAL D 426 -9.07 -47.25 -50.62
N PRO D 427 -10.28 -47.71 -50.94
CA PRO D 427 -11.46 -47.38 -50.13
C PRO D 427 -11.87 -48.46 -49.13
N GLN D 428 -11.13 -49.55 -49.03
CA GLN D 428 -11.59 -50.70 -48.27
C GLN D 428 -11.37 -50.49 -46.77
N GLN D 429 -11.93 -51.40 -45.98
CA GLN D 429 -11.56 -51.53 -44.59
C GLN D 429 -10.15 -52.06 -44.53
N SER D 430 -9.22 -51.23 -44.08
CA SER D 430 -7.80 -51.58 -44.03
C SER D 430 -7.49 -52.45 -42.82
N ASP D 431 -6.20 -52.54 -42.45
CA ASP D 431 -5.74 -53.43 -41.39
C ASP D 431 -6.32 -53.11 -40.01
N GLU D 432 -6.96 -51.96 -39.83
CA GLU D 432 -7.68 -51.65 -38.62
C GLU D 432 -9.02 -51.02 -39.01
N LYS D 433 -10.05 -51.29 -38.22
CA LYS D 433 -11.34 -50.64 -38.44
C LYS D 433 -11.27 -49.16 -38.15
N LEU D 434 -10.34 -48.75 -37.27
CA LEU D 434 -10.06 -47.34 -37.08
C LEU D 434 -9.49 -46.72 -38.34
N GLU D 435 -8.78 -47.50 -39.15
CA GLU D 435 -8.28 -46.98 -40.42
C GLU D 435 -9.40 -46.80 -41.43
N LYS D 436 -10.42 -47.68 -41.39
CA LYS D 436 -11.61 -47.45 -42.21
C LYS D 436 -12.39 -46.24 -41.73
N CYS D 437 -12.47 -46.06 -40.41
CA CYS D 437 -13.06 -44.82 -39.88
C CYS D 437 -12.24 -43.61 -40.27
N ARG D 438 -10.93 -43.76 -40.38
CA ARG D 438 -10.10 -42.64 -40.75
C ARG D 438 -10.25 -42.32 -42.22
N ILE D 439 -10.46 -43.31 -43.10
CA ILE D 439 -10.70 -42.93 -44.48
C ILE D 439 -12.11 -42.39 -44.64
N GLY D 440 -13.04 -42.81 -43.79
CA GLY D 440 -14.32 -42.14 -43.70
C GLY D 440 -14.23 -40.70 -43.22
N LEU D 441 -13.21 -40.37 -42.42
CA LEU D 441 -13.00 -39.00 -41.96
C LEU D 441 -12.16 -38.16 -42.92
N ILE D 442 -11.26 -38.79 -43.68
CA ILE D 442 -10.53 -38.09 -44.74
C ILE D 442 -11.36 -38.09 -46.03
N GLU D 443 -12.53 -38.71 -46.01
CA GLU D 443 -13.59 -38.30 -46.93
C GLU D 443 -14.04 -36.84 -46.70
N VAL D 444 -13.78 -36.27 -45.52
CA VAL D 444 -14.33 -34.99 -45.10
C VAL D 444 -13.21 -33.96 -45.20
N LEU D 445 -12.35 -34.12 -46.22
CA LEU D 445 -11.49 -33.01 -46.62
C LEU D 445 -12.28 -31.87 -47.26
N ARG D 446 -13.50 -32.14 -47.72
CA ARG D 446 -14.29 -31.22 -48.53
C ARG D 446 -14.95 -30.12 -47.71
N ALA D 447 -14.71 -30.10 -46.40
CA ALA D 447 -15.29 -29.10 -45.50
C ALA D 447 -14.87 -27.68 -45.82
N GLN D 448 -13.74 -27.49 -46.51
CA GLN D 448 -13.31 -26.13 -46.82
C GLN D 448 -14.21 -25.50 -47.87
N TYR D 449 -14.44 -26.21 -48.96
CA TYR D 449 -15.41 -25.73 -49.94
C TYR D 449 -16.82 -25.73 -49.38
N GLU D 450 -17.16 -26.72 -48.54
CA GLU D 450 -18.49 -26.77 -47.93
C GLU D 450 -18.79 -25.55 -47.09
N HIS D 451 -17.90 -25.20 -46.17
CA HIS D 451 -18.03 -24.00 -45.37
C HIS D 451 -17.92 -22.74 -46.22
N LEU D 452 -17.15 -22.75 -47.30
CA LEU D 452 -17.04 -21.54 -48.12
C LEU D 452 -18.32 -21.26 -48.89
N THR D 453 -18.94 -22.30 -49.45
CA THR D 453 -20.24 -22.10 -50.08
C THR D 453 -21.37 -22.03 -49.05
N GLY D 454 -21.09 -22.32 -47.78
CA GLY D 454 -21.97 -21.95 -46.70
C GLY D 454 -21.87 -20.50 -46.27
N HIS D 455 -20.93 -19.75 -46.85
CA HIS D 455 -21.01 -18.29 -46.78
C HIS D 455 -21.97 -17.73 -47.82
N ASP D 456 -22.19 -18.47 -48.91
CA ASP D 456 -23.10 -18.02 -49.95
C ASP D 456 -24.41 -18.80 -49.97
N GLY D 457 -24.41 -20.06 -49.59
CA GLY D 457 -25.63 -20.85 -49.60
C GLY D 457 -25.81 -21.53 -50.95
N SER D 458 -26.00 -22.85 -50.93
CA SER D 458 -26.03 -23.66 -49.71
C SER D 458 -24.76 -24.49 -49.60
N ALA D 459 -24.58 -25.18 -48.47
CA ALA D 459 -23.33 -25.87 -48.15
C ALA D 459 -23.40 -27.35 -48.48
N GLU D 460 -24.06 -27.68 -49.59
CA GLU D 460 -24.28 -29.08 -49.95
C GLU D 460 -23.20 -29.56 -50.92
N ASN D 461 -22.02 -29.84 -50.35
CA ASN D 461 -20.93 -30.44 -51.12
C ASN D 461 -21.04 -31.90 -51.65
N PRO D 462 -21.79 -32.86 -51.08
CA PRO D 462 -21.63 -34.25 -51.55
C PRO D 462 -22.19 -34.52 -52.94
N ILE D 463 -22.99 -33.62 -53.50
CA ILE D 463 -23.45 -33.73 -54.87
C ILE D 463 -22.31 -33.21 -55.74
N PHE D 464 -21.58 -32.22 -55.22
CA PHE D 464 -20.49 -31.58 -55.94
C PHE D 464 -19.21 -32.40 -55.94
N ILE D 465 -19.21 -33.60 -55.36
CA ILE D 465 -18.06 -34.49 -55.51
C ILE D 465 -17.92 -34.93 -56.96
N ASP D 466 -19.05 -35.15 -57.63
CA ASP D 466 -19.05 -35.91 -58.88
C ASP D 466 -18.53 -35.09 -60.06
N LEU D 467 -19.29 -34.08 -60.50
CA LEU D 467 -18.93 -33.42 -61.76
C LEU D 467 -19.00 -31.90 -61.73
N VAL D 468 -19.77 -31.27 -60.82
CA VAL D 468 -20.18 -29.89 -61.02
C VAL D 468 -19.04 -28.90 -60.77
N THR D 469 -18.16 -29.18 -59.80
CA THR D 469 -17.10 -28.26 -59.44
C THR D 469 -15.82 -28.68 -60.16
N GLY D 470 -15.71 -28.28 -61.43
CA GLY D 470 -14.52 -28.54 -62.23
C GLY D 470 -14.66 -28.11 -63.68
N GLN D 471 -13.64 -27.52 -64.29
CA GLN D 471 -12.35 -27.26 -63.64
C GLN D 471 -12.20 -25.76 -63.37
N GLU D 472 -11.14 -25.42 -62.61
CA GLU D 472 -10.92 -24.16 -61.87
C GLU D 472 -12.19 -23.67 -61.18
N SER D 473 -12.99 -24.61 -60.68
CA SER D 473 -14.38 -24.37 -60.36
C SER D 473 -14.67 -24.98 -59.01
N ASP D 474 -15.13 -24.14 -58.08
CA ASP D 474 -15.75 -24.55 -56.84
C ASP D 474 -17.04 -23.76 -56.78
N THR D 475 -18.06 -24.30 -57.42
CA THR D 475 -19.16 -23.53 -57.97
C THR D 475 -20.09 -22.98 -56.91
N PRO D 476 -20.19 -21.65 -56.76
CA PRO D 476 -21.31 -21.08 -56.00
C PRO D 476 -22.49 -20.92 -56.95
N MET D 477 -23.56 -20.26 -56.52
CA MET D 477 -24.60 -19.93 -57.49
C MET D 477 -24.37 -18.52 -58.02
N ASN D 478 -23.14 -18.21 -58.45
CA ASN D 478 -22.90 -16.92 -59.08
C ASN D 478 -22.32 -17.03 -60.49
N VAL D 479 -21.11 -17.57 -60.60
CA VAL D 479 -20.37 -17.46 -61.85
C VAL D 479 -19.66 -18.78 -62.19
N TYR D 480 -19.54 -19.66 -61.18
CA TYR D 480 -18.93 -21.00 -61.20
C TYR D 480 -17.41 -21.02 -61.32
N ASP D 481 -16.77 -19.87 -61.54
CA ASP D 481 -15.33 -19.87 -61.84
C ASP D 481 -14.73 -18.53 -61.43
N ASN D 482 -13.55 -18.22 -61.97
CA ASN D 482 -12.80 -16.97 -61.77
C ASN D 482 -12.47 -16.75 -60.30
N ALA D 483 -12.03 -17.83 -59.66
CA ALA D 483 -11.46 -17.78 -58.32
C ALA D 483 -10.44 -18.90 -58.26
N ALA D 484 -9.19 -18.56 -57.97
CA ALA D 484 -8.12 -19.53 -57.88
C ALA D 484 -7.24 -19.16 -56.69
N ALA D 485 -7.22 -20.00 -55.67
CA ALA D 485 -6.34 -19.78 -54.55
C ALA D 485 -4.89 -20.04 -54.96
N THR D 486 -3.96 -19.61 -54.12
CA THR D 486 -2.56 -19.87 -54.41
C THR D 486 -2.22 -21.29 -54.00
N MET D 487 -0.97 -21.69 -54.19
CA MET D 487 -0.61 -23.10 -54.26
C MET D 487 0.18 -23.61 -53.06
N ILE D 488 1.32 -22.98 -52.77
CA ILE D 488 2.25 -23.58 -51.83
C ILE D 488 1.78 -23.35 -50.40
N ALA D 489 1.00 -22.29 -50.17
CA ALA D 489 0.23 -22.19 -48.94
C ALA D 489 -0.72 -23.36 -48.82
N LEU D 490 -1.53 -23.58 -49.86
CA LEU D 490 -2.56 -24.62 -49.83
C LEU D 490 -1.99 -26.04 -49.76
N GLU D 491 -0.69 -26.23 -50.01
CA GLU D 491 -0.09 -27.55 -49.92
C GLU D 491 0.79 -27.72 -48.68
N GLY D 492 1.77 -26.84 -48.49
CA GLY D 492 2.63 -26.97 -47.33
C GLY D 492 1.94 -26.61 -46.04
N ALA D 493 1.09 -25.58 -46.09
CA ALA D 493 0.27 -25.24 -44.95
C ALA D 493 -0.73 -26.33 -44.64
N TRP D 494 -1.22 -27.03 -45.66
CA TRP D 494 -2.03 -28.22 -45.45
C TRP D 494 -1.28 -29.29 -44.66
N GLN D 495 -0.04 -29.57 -45.05
CA GLN D 495 0.71 -30.61 -44.34
C GLN D 495 1.04 -30.19 -42.91
N THR D 496 1.51 -28.97 -42.71
CA THR D 496 1.86 -28.56 -41.37
C THR D 496 0.63 -28.31 -40.49
N ALA D 497 -0.55 -28.18 -41.07
CA ALA D 497 -1.74 -28.20 -40.24
C ALA D 497 -2.24 -29.60 -39.99
N LYS D 498 -1.85 -30.58 -40.81
CA LYS D 498 -2.07 -31.96 -40.37
C LYS D 498 -1.22 -32.26 -39.15
N THR D 499 0.00 -31.74 -39.13
CA THR D 499 0.82 -31.86 -37.93
C THR D 499 0.17 -31.14 -36.76
N LEU D 500 -0.51 -30.01 -37.01
CA LEU D 500 -1.26 -29.34 -35.97
C LEU D 500 -2.46 -30.13 -35.49
N GLY D 501 -3.14 -30.83 -36.38
CA GLY D 501 -4.30 -31.57 -35.96
C GLY D 501 -3.95 -32.83 -35.23
N LYS D 502 -2.76 -33.36 -35.48
CA LYS D 502 -2.32 -34.54 -34.72
C LYS D 502 -1.53 -34.14 -33.48
N ILE D 503 -1.04 -32.92 -33.39
CA ILE D 503 -0.36 -32.49 -32.18
C ILE D 503 -1.35 -31.98 -31.15
N SER D 504 -2.31 -31.18 -31.53
CA SER D 504 -3.15 -30.58 -30.51
C SER D 504 -4.24 -31.49 -30.00
N ASN D 505 -4.34 -32.72 -30.48
CA ASN D 505 -5.15 -33.70 -29.76
C ASN D 505 -4.32 -34.69 -28.98
N VAL D 506 -3.03 -34.85 -29.28
CA VAL D 506 -2.16 -35.67 -28.47
C VAL D 506 -1.52 -34.85 -27.36
N MET D 507 -2.05 -33.66 -27.13
CA MET D 507 -1.78 -32.86 -25.96
C MET D 507 -2.73 -33.26 -24.85
N GLY D 508 -2.21 -33.38 -23.64
CA GLY D 508 -3.05 -33.95 -22.61
C GLY D 508 -2.86 -33.45 -21.20
N ARG D 509 -2.02 -32.46 -20.95
CA ARG D 509 -1.88 -31.93 -19.60
C ARG D 509 -1.74 -30.43 -19.71
N SER D 510 -1.21 -29.84 -18.63
CA SER D 510 -0.55 -28.52 -18.62
C SER D 510 0.11 -28.42 -17.25
N ASN D 511 1.26 -27.79 -17.17
CA ASN D 511 1.93 -27.57 -15.90
C ASN D 511 2.38 -26.12 -15.82
N THR D 512 3.08 -25.75 -14.75
CA THR D 512 3.75 -24.45 -14.66
C THR D 512 4.93 -24.54 -13.71
N ASN D 513 6.14 -24.48 -14.25
CA ASN D 513 7.35 -24.35 -13.46
C ASN D 513 7.97 -23.03 -13.83
N TYR D 514 9.26 -22.86 -13.55
CA TYR D 514 10.06 -22.03 -14.45
C TYR D 514 11.29 -22.83 -14.88
N ALA D 515 11.14 -23.55 -15.99
CA ALA D 515 12.19 -24.32 -16.67
C ALA D 515 12.84 -25.34 -15.76
N THR E 1 -11.32 -11.17 -15.68
CA THR E 1 -12.06 -9.94 -15.46
C THR E 1 -11.73 -8.92 -16.55
N GLU E 2 -11.38 -9.41 -17.73
CA GLU E 2 -10.86 -8.57 -18.80
C GLU E 2 -11.43 -9.06 -20.13
N ILE E 3 -10.76 -8.65 -21.21
CA ILE E 3 -11.16 -8.92 -22.59
C ILE E 3 -11.21 -10.43 -22.83
N SER E 4 -12.07 -10.82 -23.75
CA SER E 4 -12.32 -12.21 -24.06
C SER E 4 -12.76 -12.31 -25.51
N PHE E 5 -13.37 -13.43 -25.85
CA PHE E 5 -14.26 -13.45 -26.99
C PHE E 5 -15.70 -13.20 -26.55
N THR E 6 -16.39 -12.50 -27.43
CA THR E 6 -17.84 -12.35 -27.39
C THR E 6 -18.34 -12.77 -28.76
N ASN E 7 -19.00 -13.93 -28.83
CA ASN E 7 -19.49 -14.44 -30.11
C ASN E 7 -20.46 -15.60 -29.89
N LYS E 8 -21.66 -15.55 -30.48
CA LYS E 8 -22.29 -14.36 -31.04
C LYS E 8 -23.15 -13.78 -29.95
N ASN E 9 -23.55 -14.66 -29.03
CA ASN E 9 -24.56 -14.37 -28.02
C ASN E 9 -24.13 -13.29 -27.04
N ASP E 10 -22.83 -13.14 -26.81
CA ASP E 10 -22.34 -12.00 -26.05
C ASP E 10 -21.89 -10.87 -26.96
N THR E 11 -22.08 -10.98 -28.27
CA THR E 11 -21.78 -9.83 -29.11
C THR E 11 -22.95 -9.44 -30.01
N ARG E 12 -24.01 -10.24 -30.05
CA ARG E 12 -25.24 -9.70 -30.61
C ARG E 12 -25.84 -8.70 -29.64
N GLU E 13 -25.92 -9.07 -28.36
CA GLU E 13 -26.43 -8.19 -27.32
C GLU E 13 -25.34 -7.35 -26.67
N ILE E 14 -24.31 -6.97 -27.44
CA ILE E 14 -23.40 -5.92 -27.01
C ILE E 14 -23.19 -4.89 -28.11
N VAL E 15 -23.57 -5.19 -29.35
CA VAL E 15 -23.56 -4.20 -30.42
C VAL E 15 -24.92 -4.00 -31.03
N ASP E 16 -25.92 -4.75 -30.59
CA ASP E 16 -27.29 -4.36 -30.86
C ASP E 16 -27.79 -3.37 -29.81
N GLU E 17 -26.97 -3.11 -28.81
CA GLU E 17 -27.32 -2.23 -27.72
C GLU E 17 -26.66 -0.87 -27.81
N VAL E 18 -25.42 -0.78 -28.25
CA VAL E 18 -24.76 0.51 -28.34
C VAL E 18 -24.97 1.17 -29.68
N VAL E 19 -26.01 0.78 -30.42
CA VAL E 19 -26.58 1.68 -31.40
C VAL E 19 -28.01 1.87 -30.91
N GLU E 20 -28.21 1.84 -29.60
CA GLU E 20 -29.48 2.27 -29.04
C GLU E 20 -29.30 3.38 -28.02
N ASN E 21 -28.47 3.17 -27.02
CA ASN E 21 -28.13 4.25 -26.11
C ASN E 21 -26.89 4.98 -26.55
N ALA E 22 -26.56 4.90 -27.83
CA ALA E 22 -26.04 6.06 -28.56
C ALA E 22 -26.98 6.49 -29.66
N PHE E 23 -28.16 5.86 -29.78
CA PHE E 23 -29.16 6.35 -30.73
C PHE E 23 -30.06 7.39 -30.11
N SER E 24 -30.58 7.10 -28.93
CA SER E 24 -31.39 8.06 -28.17
C SER E 24 -30.58 9.23 -27.67
N SER E 25 -29.27 9.12 -27.73
CA SER E 25 -28.41 10.18 -27.34
C SER E 25 -28.38 11.31 -28.35
N VAL E 26 -28.46 11.02 -29.64
CA VAL E 26 -28.49 12.08 -30.64
C VAL E 26 -29.75 12.01 -31.52
N CYS E 27 -30.73 11.19 -31.19
CA CYS E 27 -31.98 11.36 -31.90
C CYS E 27 -32.97 12.15 -31.08
N SER E 28 -32.73 12.33 -29.78
CA SER E 28 -33.59 13.18 -28.96
C SER E 28 -33.29 14.64 -29.23
N THR E 29 -32.05 14.97 -29.50
CA THR E 29 -31.65 16.36 -29.59
C THR E 29 -31.89 16.96 -30.97
N MET E 30 -32.88 16.48 -31.70
CA MET E 30 -33.14 16.98 -33.05
C MET E 30 -34.35 17.88 -33.07
N GLY E 31 -34.31 18.89 -33.93
CA GLY E 31 -35.51 19.60 -34.30
C GLY E 31 -35.91 20.68 -33.32
N PRO E 32 -37.21 20.97 -33.26
CA PRO E 32 -37.70 21.98 -32.32
C PRO E 32 -37.58 21.54 -30.87
N ASN E 33 -38.06 20.34 -30.56
CA ASN E 33 -38.08 19.82 -29.20
C ASN E 33 -36.68 19.42 -28.73
N GLY E 34 -35.78 20.40 -28.62
CA GLY E 34 -34.36 20.14 -28.49
C GLY E 34 -33.97 19.56 -27.15
N ASN E 35 -34.47 18.36 -26.90
CA ASN E 35 -34.45 17.69 -25.61
C ASN E 35 -33.01 17.47 -25.19
N TYR E 36 -32.54 18.27 -24.24
CA TYR E 36 -31.13 18.48 -23.89
C TYR E 36 -30.47 17.19 -23.44
N VAL E 37 -29.15 17.24 -23.35
CA VAL E 37 -28.37 16.19 -22.71
C VAL E 37 -27.34 16.84 -21.82
N VAL E 38 -27.28 16.42 -20.56
CA VAL E 38 -26.24 16.86 -19.65
C VAL E 38 -25.01 16.03 -19.97
N ILE E 39 -24.01 16.71 -20.51
CA ILE E 39 -22.69 16.14 -20.64
C ILE E 39 -21.91 16.53 -19.40
N ASN E 40 -21.43 15.54 -18.67
CA ASN E 40 -20.52 15.81 -17.58
C ASN E 40 -19.24 16.42 -18.12
N GLN E 41 -18.58 17.22 -17.31
CA GLN E 41 -17.30 17.76 -17.68
C GLN E 41 -16.29 17.22 -16.68
N LEU E 42 -15.08 17.76 -16.71
CA LEU E 42 -14.22 17.58 -15.55
C LEU E 42 -14.82 18.28 -14.35
N ASN E 43 -15.43 19.43 -14.59
CA ASN E 43 -16.09 20.29 -13.63
C ASN E 43 -17.59 20.00 -13.53
N SER E 44 -18.30 21.03 -13.07
CA SER E 44 -19.74 21.19 -13.17
C SER E 44 -20.29 20.82 -14.55
N PRO E 45 -21.55 20.39 -14.63
CA PRO E 45 -22.09 19.88 -15.89
C PRO E 45 -22.26 20.94 -16.95
N LYS E 46 -22.07 20.54 -18.20
CA LYS E 46 -22.55 21.33 -19.31
C LYS E 46 -23.86 20.74 -19.83
N VAL E 47 -24.78 21.62 -20.21
CA VAL E 47 -26.04 21.21 -20.81
C VAL E 47 -25.95 21.52 -22.30
N THR E 48 -26.32 20.56 -23.15
CA THR E 48 -26.06 20.70 -24.57
C THR E 48 -27.28 20.37 -25.40
N LYS E 49 -27.35 21.06 -26.54
CA LYS E 49 -28.23 20.76 -27.67
C LYS E 49 -27.54 19.95 -28.75
N ASP E 50 -26.52 20.51 -29.37
CA ASP E 50 -26.05 20.04 -30.66
C ASP E 50 -25.24 18.77 -30.48
N GLY E 51 -25.40 17.84 -31.42
CA GLY E 51 -24.96 16.47 -31.21
C GLY E 51 -23.46 16.23 -31.33
N VAL E 52 -22.68 17.28 -31.58
CA VAL E 52 -21.23 17.12 -31.74
C VAL E 52 -20.60 16.63 -30.45
N SER E 53 -20.74 17.40 -29.38
CA SER E 53 -20.18 17.00 -28.10
C SER E 53 -20.93 15.82 -27.49
N VAL E 54 -22.19 15.64 -27.89
CA VAL E 54 -22.99 14.50 -27.44
C VAL E 54 -22.42 13.20 -28.01
N ALA E 55 -21.94 13.26 -29.24
CA ALA E 55 -21.22 12.10 -29.75
C ALA E 55 -19.83 12.01 -29.16
N ARG E 56 -19.13 13.13 -28.98
CA ARG E 56 -17.73 13.08 -28.58
C ARG E 56 -17.55 12.64 -27.14
N ALA E 57 -18.59 12.73 -26.33
CA ALA E 57 -18.52 12.31 -24.93
C ALA E 57 -19.20 10.97 -24.71
N LEU E 58 -19.29 10.13 -25.74
CA LEU E 58 -20.03 8.87 -25.66
C LEU E 58 -19.14 7.88 -24.94
N ASP E 59 -19.32 7.77 -23.63
CA ASP E 59 -18.41 6.95 -22.85
C ASP E 59 -19.19 6.07 -21.89
N PHE E 60 -19.19 4.78 -22.18
CA PHE E 60 -19.63 3.75 -21.26
C PHE E 60 -18.53 3.45 -20.27
N ASN E 61 -18.60 2.32 -19.60
CA ASN E 61 -17.48 2.00 -18.73
C ASN E 61 -16.70 0.76 -19.13
N GLU E 62 -17.34 -0.25 -19.69
CA GLU E 62 -16.65 -1.45 -20.13
C GLU E 62 -15.81 -1.13 -21.36
N ALA E 63 -14.62 -1.73 -21.46
CA ALA E 63 -13.79 -1.53 -22.65
C ALA E 63 -14.40 -2.12 -23.91
N ARG E 64 -15.30 -3.11 -23.79
CA ARG E 64 -15.97 -3.67 -24.95
C ARG E 64 -16.90 -2.66 -25.61
N ARG E 65 -17.86 -2.12 -24.86
CA ARG E 65 -18.84 -1.22 -25.44
C ARG E 65 -18.22 0.10 -25.84
N ASN E 66 -17.25 0.56 -25.06
CA ASN E 66 -16.47 1.73 -25.45
C ASN E 66 -15.75 1.46 -26.76
N MET E 67 -15.18 0.27 -26.90
CA MET E 67 -14.38 -0.09 -28.07
C MET E 67 -15.25 -0.23 -29.30
N ILE E 68 -16.47 -0.71 -29.12
CA ILE E 68 -17.40 -0.76 -30.24
C ILE E 68 -17.80 0.63 -30.65
N ALA E 69 -18.26 1.44 -29.70
CA ALA E 69 -18.84 2.72 -30.07
C ALA E 69 -17.80 3.72 -30.49
N LYS E 70 -16.51 3.42 -30.36
CA LYS E 70 -15.49 4.28 -30.96
C LYS E 70 -15.58 4.39 -32.48
N ILE E 71 -16.19 3.45 -33.18
CA ILE E 71 -16.34 3.60 -34.62
C ILE E 71 -17.74 4.03 -35.01
N ILE E 72 -18.58 4.42 -34.06
CA ILE E 72 -19.88 5.01 -34.39
C ILE E 72 -19.88 6.44 -33.89
N THR E 73 -18.95 6.76 -33.00
CA THR E 73 -18.72 8.16 -32.69
C THR E 73 -17.77 8.82 -33.66
N GLU E 74 -17.04 8.03 -34.46
CA GLU E 74 -16.07 8.55 -35.43
C GLU E 74 -16.67 9.03 -36.76
N PRO E 75 -17.66 8.38 -37.39
CA PRO E 75 -18.33 9.04 -38.53
C PRO E 75 -19.11 10.29 -38.14
N SER E 76 -19.54 10.40 -36.89
CA SER E 76 -20.23 11.60 -36.44
C SER E 76 -19.33 12.83 -36.52
N ILE E 77 -18.05 12.68 -36.14
CA ILE E 77 -17.12 13.79 -36.27
C ILE E 77 -16.47 13.81 -37.64
N LYS E 78 -16.54 12.72 -38.40
CA LYS E 78 -16.08 12.78 -39.78
C LYS E 78 -17.08 13.56 -40.62
N THR E 79 -18.35 13.56 -40.20
CA THR E 79 -19.34 14.49 -40.75
C THR E 79 -18.93 15.93 -40.51
N ASP E 80 -18.36 16.21 -39.34
CA ASP E 80 -17.92 17.55 -39.03
C ASP E 80 -16.65 17.91 -39.79
N ALA E 81 -15.80 16.92 -40.03
CA ALA E 81 -14.65 17.12 -40.90
C ALA E 81 -15.08 17.32 -42.35
N GLU E 82 -16.24 16.78 -42.72
CA GLU E 82 -16.77 16.97 -44.07
C GLU E 82 -17.34 18.38 -44.24
N VAL E 83 -18.43 18.68 -43.54
CA VAL E 83 -19.04 20.00 -43.60
C VAL E 83 -19.15 20.66 -42.22
N GLY E 84 -19.53 19.91 -41.19
CA GLY E 84 -19.81 20.54 -39.91
C GLY E 84 -21.09 20.10 -39.24
N ASP E 85 -22.12 19.81 -40.03
CA ASP E 85 -23.41 19.39 -39.51
C ASP E 85 -23.89 18.15 -40.24
N GLY E 86 -24.83 17.44 -39.64
CA GLY E 86 -25.36 16.22 -40.25
C GLY E 86 -25.04 15.01 -39.41
N THR E 87 -24.50 15.28 -38.21
CA THR E 87 -24.12 14.25 -37.26
C THR E 87 -25.31 13.41 -36.85
N THR E 88 -26.40 14.07 -36.45
CA THR E 88 -27.57 13.31 -36.05
C THR E 88 -28.33 12.72 -37.21
N THR E 89 -28.09 13.18 -38.43
CA THR E 89 -28.58 12.43 -39.57
C THR E 89 -27.85 11.12 -39.69
N THR E 90 -26.53 11.17 -39.45
CA THR E 90 -25.68 10.02 -39.61
C THR E 90 -25.99 8.94 -38.58
N VAL E 91 -26.12 9.33 -37.30
CA VAL E 91 -26.41 8.32 -36.29
C VAL E 91 -27.84 7.80 -36.37
N PHE E 92 -28.79 8.61 -36.83
CA PHE E 92 -30.16 8.15 -37.01
C PHE E 92 -30.23 7.10 -38.09
N ILE E 93 -29.61 7.38 -39.24
CA ILE E 93 -29.82 6.44 -40.33
C ILE E 93 -28.71 5.41 -40.38
N THR E 94 -27.70 5.50 -39.53
CA THR E 94 -26.87 4.31 -39.33
C THR E 94 -27.57 3.30 -38.43
N TYR E 95 -28.63 3.69 -37.74
CA TYR E 95 -29.45 2.75 -37.02
C TYR E 95 -30.64 2.30 -37.84
N HIS E 96 -31.15 3.14 -38.70
CA HIS E 96 -32.15 2.65 -39.63
C HIS E 96 -31.56 2.03 -40.89
N LEU E 97 -30.23 1.99 -41.01
CA LEU E 97 -29.53 1.05 -41.85
C LEU E 97 -28.79 0.01 -41.03
N TYR E 98 -29.16 -0.13 -39.76
CA TYR E 98 -28.73 -1.25 -38.95
C TYR E 98 -29.75 -2.36 -39.01
N GLN E 99 -30.63 -2.29 -39.99
CA GLN E 99 -31.52 -3.37 -40.39
C GLN E 99 -30.84 -4.37 -41.33
N LYS E 100 -29.51 -4.34 -41.39
CA LYS E 100 -28.67 -5.36 -41.99
C LYS E 100 -28.03 -6.21 -40.89
N PHE E 101 -28.85 -6.59 -39.90
CA PHE E 101 -28.41 -7.47 -38.83
C PHE E 101 -27.84 -8.78 -39.39
N LYS E 102 -28.57 -9.41 -40.29
CA LYS E 102 -28.32 -10.79 -40.70
C LYS E 102 -27.99 -10.94 -42.17
N ASP E 103 -28.05 -9.87 -42.93
CA ASP E 103 -28.03 -9.94 -44.39
C ASP E 103 -26.62 -9.83 -44.97
N ALA E 104 -25.80 -10.84 -44.70
CA ALA E 104 -24.37 -10.79 -45.02
C ALA E 104 -23.98 -11.53 -46.28
N MET E 105 -24.91 -12.18 -46.98
CA MET E 105 -24.53 -12.92 -48.18
C MET E 105 -24.24 -11.97 -49.34
N SER E 106 -23.67 -12.52 -50.41
CA SER E 106 -22.81 -11.74 -51.30
C SER E 106 -23.59 -10.84 -52.24
N PHE E 107 -24.41 -11.43 -53.11
CA PHE E 107 -24.94 -10.69 -54.24
C PHE E 107 -26.04 -9.71 -53.85
N ALA E 108 -27.17 -10.23 -53.38
CA ALA E 108 -28.41 -9.48 -53.37
C ALA E 108 -28.40 -8.35 -52.36
N ASN E 109 -28.27 -8.71 -51.08
CA ASN E 109 -28.42 -7.77 -49.98
C ASN E 109 -27.10 -7.11 -49.59
N THR E 110 -26.15 -7.07 -50.52
CA THR E 110 -25.09 -6.09 -50.47
C THR E 110 -25.02 -5.27 -51.73
N ARG E 111 -25.42 -5.81 -52.88
CA ARG E 111 -25.33 -5.03 -54.09
C ARG E 111 -26.56 -4.16 -54.27
N TYR E 112 -27.65 -4.42 -53.55
CA TYR E 112 -28.65 -3.38 -53.40
C TYR E 112 -28.46 -2.55 -52.16
N LEU E 113 -27.23 -2.45 -51.68
CA LEU E 113 -26.80 -1.35 -50.84
C LEU E 113 -25.65 -0.63 -51.52
N ASP E 114 -24.98 -1.30 -52.46
CA ASP E 114 -24.02 -0.63 -53.33
C ASP E 114 -24.71 0.11 -54.46
N THR E 115 -25.43 -0.60 -55.33
CA THR E 115 -26.04 0.00 -56.51
C THR E 115 -27.27 0.82 -56.16
N LEU E 116 -28.01 0.45 -55.11
CA LEU E 116 -29.22 1.21 -54.81
C LEU E 116 -28.87 2.57 -54.24
N ILE E 117 -27.88 2.63 -53.35
CA ILE E 117 -27.38 3.91 -52.89
C ILE E 117 -26.59 4.61 -53.99
N LYS E 118 -26.11 3.86 -54.98
CA LYS E 118 -25.56 4.52 -56.17
C LYS E 118 -26.65 5.22 -56.98
N GLN E 119 -27.84 4.60 -57.10
CA GLN E 119 -28.94 5.28 -57.77
C GLN E 119 -29.48 6.45 -56.93
N VAL E 120 -29.39 6.36 -55.61
CA VAL E 120 -29.75 7.50 -54.78
C VAL E 120 -28.73 8.61 -54.94
N LEU E 121 -27.45 8.27 -55.19
CA LEU E 121 -26.48 9.29 -55.58
C LEU E 121 -26.77 9.88 -56.97
N GLN E 122 -27.29 9.06 -57.88
CA GLN E 122 -27.77 9.56 -59.16
C GLN E 122 -28.90 10.55 -58.97
N TYR E 123 -29.80 10.26 -58.03
CA TYR E 123 -30.89 11.19 -57.75
C TYR E 123 -30.44 12.30 -56.81
N ILE E 124 -29.24 12.20 -56.26
CA ILE E 124 -28.60 13.34 -55.60
C ILE E 124 -28.09 14.33 -56.65
N GLY E 125 -27.46 13.81 -57.70
CA GLY E 125 -27.10 14.66 -58.83
C GLY E 125 -28.30 15.21 -59.56
N THR E 126 -29.38 14.43 -59.61
CA THR E 126 -30.62 14.87 -60.26
C THR E 126 -31.39 15.85 -59.39
N LEU E 127 -31.52 15.52 -58.11
CA LEU E 127 -32.50 16.16 -57.24
C LEU E 127 -32.03 17.49 -56.69
N ILE E 128 -30.75 17.62 -56.33
CA ILE E 128 -30.30 18.79 -55.59
C ILE E 128 -30.28 20.00 -56.51
N GLN E 129 -31.09 20.92 -56.22
CA GLN E 129 -31.10 22.25 -56.78
C GLN E 129 -29.99 23.07 -56.14
N PRO E 130 -29.10 23.65 -56.94
CA PRO E 130 -28.04 24.48 -56.35
C PRO E 130 -28.60 25.77 -55.77
N GLY E 131 -28.74 25.80 -54.45
CA GLY E 131 -29.31 26.94 -53.77
C GLY E 131 -28.27 27.97 -53.44
N GLU E 132 -28.33 29.11 -54.13
CA GLU E 132 -27.29 30.11 -54.01
C GLU E 132 -27.82 31.37 -53.34
N ILE E 133 -29.14 31.56 -53.38
CA ILE E 133 -29.74 32.73 -52.77
C ILE E 133 -29.73 32.60 -51.25
N GLU E 134 -29.55 33.73 -50.58
CA GLU E 134 -29.44 33.75 -49.13
C GLU E 134 -30.80 33.78 -48.44
N SER E 135 -31.90 33.90 -49.20
CA SER E 135 -33.22 33.70 -48.62
C SER E 135 -33.52 32.22 -48.38
N GLU E 136 -32.78 31.33 -49.05
CA GLU E 136 -32.81 29.91 -48.70
C GLU E 136 -31.82 29.59 -47.59
N MET E 137 -30.73 30.35 -47.46
CA MET E 137 -29.90 30.25 -46.27
C MET E 137 -30.65 30.76 -45.05
N PHE E 138 -31.56 31.72 -45.26
CA PHE E 138 -32.54 32.10 -44.26
C PHE E 138 -33.39 30.91 -43.84
N ARG E 139 -33.76 30.04 -44.79
CA ARG E 139 -34.53 28.86 -44.42
C ARG E 139 -33.65 27.81 -43.76
N ASN E 140 -32.37 27.77 -44.12
CA ASN E 140 -31.41 26.87 -43.46
C ASN E 140 -31.25 27.23 -41.99
N MET E 141 -31.04 28.51 -41.71
CA MET E 141 -30.60 28.98 -40.41
C MET E 141 -31.68 28.91 -39.33
N LEU E 142 -32.92 28.56 -39.69
CA LEU E 142 -33.96 28.37 -38.69
C LEU E 142 -33.67 27.19 -37.78
N LEU E 143 -33.01 26.16 -38.29
CA LEU E 143 -32.76 24.94 -37.52
C LEU E 143 -31.36 24.38 -37.70
N THR E 144 -30.58 24.83 -38.69
CA THR E 144 -29.27 24.23 -38.94
C THR E 144 -28.24 24.55 -37.86
N SER E 145 -28.53 25.52 -36.99
CA SER E 145 -27.71 25.77 -35.82
C SER E 145 -28.31 25.14 -34.56
N SER E 146 -29.29 24.25 -34.72
CA SER E 146 -30.12 23.70 -33.64
C SER E 146 -30.74 24.82 -32.81
N ASN E 147 -31.43 25.73 -33.53
CA ASN E 147 -32.23 26.88 -33.11
C ASN E 147 -31.70 27.62 -31.89
N TYR E 148 -30.40 27.95 -31.91
CA TYR E 148 -29.67 28.40 -30.73
C TYR E 148 -29.18 29.84 -30.83
N GLU E 149 -28.44 30.17 -31.89
CA GLU E 149 -27.77 31.47 -31.99
C GLU E 149 -27.86 31.97 -33.43
N GLU E 150 -28.33 33.20 -33.61
CA GLU E 150 -28.51 33.77 -34.94
C GLU E 150 -27.62 34.98 -35.21
N GLU E 151 -26.76 35.37 -34.26
CA GLU E 151 -25.97 36.58 -34.43
C GLU E 151 -24.84 36.39 -35.43
N ILE E 152 -24.11 35.28 -35.30
CA ILE E 152 -23.02 34.98 -36.22
C ILE E 152 -23.57 34.67 -37.61
N VAL E 153 -24.76 34.07 -37.66
CA VAL E 153 -25.41 33.83 -38.95
C VAL E 153 -25.84 35.15 -39.58
N ASP E 154 -26.27 36.12 -38.76
CA ASP E 154 -26.55 37.45 -39.28
C ASP E 154 -25.29 38.12 -39.79
N LYS E 155 -24.14 37.85 -39.15
CA LYS E 155 -22.87 38.37 -39.65
C LYS E 155 -22.52 37.76 -41.01
N ILE E 156 -22.71 36.46 -41.18
CA ILE E 156 -22.34 35.85 -42.46
C ILE E 156 -23.37 36.17 -43.55
N LEU E 157 -24.63 36.42 -43.16
CA LEU E 157 -25.60 36.94 -44.11
C LEU E 157 -25.32 38.38 -44.49
N ASP E 158 -24.68 39.15 -43.61
CA ASP E 158 -24.20 40.47 -44.00
C ASP E 158 -22.99 40.37 -44.92
N ILE E 159 -22.16 39.34 -44.73
CA ILE E 159 -21.03 39.10 -45.62
C ILE E 159 -21.52 38.73 -47.02
N TYR E 160 -22.48 37.82 -47.10
CA TYR E 160 -23.06 37.40 -48.37
C TYR E 160 -24.08 38.40 -48.89
N ARG E 161 -24.42 39.40 -48.09
CA ARG E 161 -25.15 40.58 -48.54
C ARG E 161 -24.20 41.64 -49.07
N GLU E 162 -22.95 41.62 -48.61
CA GLU E 162 -21.84 42.38 -49.16
C GLU E 162 -21.23 41.55 -50.30
N HIS E 163 -20.02 41.88 -50.75
CA HIS E 163 -19.23 41.01 -51.61
C HIS E 163 -19.17 39.59 -51.03
N LYS E 164 -19.68 38.63 -51.80
CA LYS E 164 -19.84 37.28 -51.30
C LYS E 164 -18.50 36.57 -51.21
N ASN E 165 -18.39 35.67 -50.23
CA ASN E 165 -17.28 34.83 -49.76
C ASN E 165 -15.88 35.40 -49.99
N PRO E 166 -15.49 36.52 -49.34
CA PRO E 166 -14.11 36.99 -49.47
C PRO E 166 -13.17 36.19 -48.60
N ASN E 167 -11.90 36.59 -48.53
CA ASN E 167 -10.96 35.93 -47.62
C ASN E 167 -11.31 36.35 -46.21
N ILE E 168 -12.24 35.61 -45.60
CA ILE E 168 -12.69 35.89 -44.23
C ILE E 168 -11.55 35.57 -43.28
N HIS E 169 -11.04 36.59 -42.60
CA HIS E 169 -9.86 36.40 -41.76
C HIS E 169 -10.26 35.72 -40.45
N LEU E 170 -9.29 35.02 -39.88
CA LEU E 170 -9.52 34.11 -38.75
C LEU E 170 -8.75 34.64 -37.54
N GLU E 171 -9.48 35.25 -36.60
CA GLU E 171 -8.87 35.91 -35.45
C GLU E 171 -9.92 36.13 -34.37
N LYS E 172 -9.50 35.98 -33.11
CA LYS E 172 -10.35 36.27 -31.96
C LYS E 172 -10.31 37.77 -31.64
N SER E 173 -11.05 38.17 -30.61
CA SER E 173 -11.09 39.55 -30.15
C SER E 173 -11.46 39.60 -28.66
N PRO E 174 -10.54 40.01 -27.79
CA PRO E 174 -10.82 39.92 -26.33
C PRO E 174 -11.71 41.03 -25.79
N MET E 175 -12.43 41.78 -26.63
CA MET E 175 -13.31 42.84 -26.15
C MET E 175 -14.78 42.50 -26.38
N LEU E 176 -15.63 43.07 -25.50
CA LEU E 176 -17.05 42.71 -25.49
C LEU E 176 -17.86 43.38 -26.61
N PRO E 177 -17.89 44.75 -26.77
CA PRO E 177 -18.77 45.30 -27.80
C PRO E 177 -18.13 45.30 -29.18
N ALA E 178 -18.78 45.94 -30.16
CA ALA E 178 -18.17 46.44 -31.39
C ALA E 178 -17.56 45.33 -32.25
N ASP E 179 -18.45 44.49 -32.80
CA ASP E 179 -18.05 43.50 -33.80
C ASP E 179 -17.55 44.18 -35.06
N GLU E 180 -16.28 43.98 -35.40
CA GLU E 180 -15.66 44.69 -36.51
C GLU E 180 -15.64 43.83 -37.76
N VAL E 181 -16.19 44.37 -38.85
CA VAL E 181 -16.13 43.75 -40.17
C VAL E 181 -15.43 44.76 -41.08
N LYS E 182 -14.14 44.54 -41.33
CA LYS E 182 -13.32 45.51 -42.04
C LYS E 182 -12.75 44.89 -43.31
N MET E 183 -12.66 45.72 -44.35
CA MET E 183 -12.08 45.32 -45.61
C MET E 183 -10.73 46.01 -45.78
N THR E 184 -9.70 45.21 -46.09
CA THR E 184 -8.34 45.72 -46.21
C THR E 184 -7.87 45.56 -47.65
N LYS E 185 -6.61 45.90 -47.88
CA LYS E 185 -5.95 45.78 -49.19
C LYS E 185 -4.93 44.66 -49.02
N GLU E 186 -5.37 43.43 -49.27
CA GLU E 186 -4.60 42.25 -48.91
C GLU E 186 -4.88 41.12 -49.88
N ILE E 187 -3.83 40.47 -50.38
CA ILE E 187 -3.91 39.09 -50.86
C ILE E 187 -3.01 38.27 -49.97
N TYR E 188 -3.58 37.30 -49.27
CA TYR E 188 -3.04 36.79 -48.01
C TYR E 188 -2.52 35.36 -48.17
N PHE E 189 -1.22 35.19 -47.99
CA PHE E 189 -0.66 33.93 -47.51
C PHE E 189 0.60 34.23 -46.71
N GLU E 190 1.17 33.19 -46.13
CA GLU E 190 2.16 33.37 -45.07
C GLU E 190 3.55 32.98 -45.53
N GLY E 191 4.55 33.33 -44.73
CA GLY E 191 5.93 32.97 -44.97
C GLY E 191 6.77 33.07 -43.72
N SER E 192 7.54 32.04 -43.41
CA SER E 192 8.32 32.00 -42.18
C SER E 192 9.64 31.30 -42.46
N PHE E 193 10.30 30.82 -41.42
CA PHE E 193 11.64 30.31 -41.64
C PHE E 193 11.73 28.82 -41.33
N PRO E 194 12.33 28.04 -42.25
CA PRO E 194 12.83 26.72 -41.86
C PRO E 194 14.19 26.82 -41.20
N ILE E 195 15.02 27.76 -41.66
CA ILE E 195 16.36 28.00 -41.14
C ILE E 195 16.42 29.46 -40.71
N GLU E 196 17.17 29.73 -39.62
CA GLU E 196 17.19 31.04 -38.97
C GLU E 196 17.67 32.18 -39.87
N THR E 197 18.48 31.88 -40.90
CA THR E 197 18.97 32.92 -41.79
C THR E 197 18.03 33.22 -42.94
N GLN E 198 16.90 32.52 -43.05
CA GLN E 198 16.03 32.65 -44.21
C GLN E 198 14.94 33.70 -44.05
N VAL E 199 15.13 34.68 -43.17
CA VAL E 199 14.19 35.80 -43.03
C VAL E 199 14.96 37.09 -43.35
N PRO E 200 14.44 37.96 -44.24
CA PRO E 200 15.19 39.17 -44.59
C PRO E 200 15.40 40.17 -43.46
N ALA E 201 14.34 40.69 -42.86
CA ALA E 201 14.46 41.70 -41.82
C ALA E 201 14.29 41.07 -40.45
N ASN E 202 14.89 41.71 -39.45
CA ASN E 202 14.79 41.24 -38.07
C ASN E 202 13.99 42.17 -37.18
N GLY E 203 13.71 43.40 -37.61
CA GLY E 203 12.92 44.32 -36.81
C GLY E 203 11.43 44.13 -36.94
N ALA E 204 10.92 44.27 -38.17
CA ALA E 204 9.49 44.16 -38.44
C ALA E 204 9.18 43.27 -39.63
N TYR E 205 10.15 42.45 -40.07
CA TYR E 205 10.05 41.46 -41.15
C TYR E 205 9.74 42.06 -42.52
N VAL E 206 9.86 43.38 -42.67
CA VAL E 206 9.55 44.02 -43.94
C VAL E 206 10.83 44.16 -44.76
N VAL E 207 10.80 43.66 -46.00
CA VAL E 207 11.94 43.79 -46.89
C VAL E 207 12.11 45.27 -47.26
N GLY E 208 13.34 45.75 -47.23
CA GLY E 208 13.63 47.14 -47.47
C GLY E 208 13.40 47.57 -48.90
N PRO E 209 14.23 47.11 -49.83
CA PRO E 209 14.07 47.52 -51.23
C PRO E 209 12.92 46.81 -51.91
N GLU E 210 12.24 47.56 -52.78
CA GLU E 210 11.21 47.04 -53.66
C GLU E 210 11.86 46.74 -55.01
N LYS E 211 11.02 46.53 -56.04
CA LYS E 211 11.37 46.18 -57.44
C LYS E 211 12.38 45.03 -57.50
N VAL E 212 11.96 43.94 -56.90
CA VAL E 212 12.79 42.75 -56.74
C VAL E 212 12.68 41.91 -58.00
N GLY E 213 13.85 41.47 -58.50
CA GLY E 213 13.87 40.47 -59.53
C GLY E 213 13.54 39.12 -58.91
N VAL E 214 12.34 38.62 -59.16
CA VAL E 214 11.77 37.51 -58.41
C VAL E 214 11.75 36.29 -59.33
N VAL E 215 12.69 35.38 -59.14
CA VAL E 215 12.72 34.11 -59.85
C VAL E 215 12.04 33.06 -58.97
N LEU E 216 11.43 32.06 -59.60
CA LEU E 216 10.78 30.97 -58.89
C LEU E 216 11.23 29.63 -59.46
N ILE E 217 11.49 28.67 -58.58
CA ILE E 217 11.62 27.27 -58.94
C ILE E 217 10.48 26.52 -58.28
N ASP E 218 9.50 26.11 -59.09
CA ASP E 218 8.21 25.63 -58.59
C ASP E 218 8.26 24.16 -58.18
N GLY E 219 8.82 23.31 -59.04
CA GLY E 219 8.77 21.87 -58.86
C GLY E 219 9.67 21.36 -57.74
N SER E 220 9.89 20.04 -57.77
CA SER E 220 10.67 19.36 -56.75
C SER E 220 12.14 19.73 -56.90
N ILE E 221 12.60 20.67 -56.08
CA ILE E 221 13.99 21.13 -56.14
C ILE E 221 14.79 20.28 -55.14
N ARG E 222 15.57 19.34 -55.69
CA ARG E 222 16.45 18.49 -54.92
C ARG E 222 17.67 19.24 -54.41
N ALA E 223 17.99 20.38 -55.00
CA ALA E 223 19.18 21.13 -54.61
C ALA E 223 18.96 22.02 -53.39
N TYR E 224 17.68 22.28 -52.99
CA TYR E 224 17.30 23.31 -52.02
C TYR E 224 17.91 24.63 -52.49
N PRO E 225 17.23 25.34 -53.40
CA PRO E 225 17.90 25.98 -54.55
C PRO E 225 18.93 27.05 -54.24
N THR E 226 20.14 26.57 -53.92
CA THR E 226 21.36 27.37 -53.89
C THR E 226 21.96 27.60 -55.28
N GLN E 227 21.19 27.37 -56.35
CA GLN E 227 21.62 27.60 -57.72
C GLN E 227 21.75 29.07 -58.08
N LEU E 228 21.29 29.97 -57.22
CA LEU E 228 21.35 31.40 -57.51
C LEU E 228 22.77 31.91 -57.36
N ILE E 229 23.57 31.72 -58.41
CA ILE E 229 24.94 32.24 -58.44
C ILE E 229 25.12 33.35 -59.45
N ASN E 230 24.24 33.46 -60.45
CA ASN E 230 24.26 34.58 -61.39
C ASN E 230 23.08 35.53 -61.23
N ALA E 231 21.87 35.01 -61.03
CA ALA E 231 20.70 35.88 -60.83
C ALA E 231 20.72 36.52 -59.45
N LEU E 232 21.52 35.97 -58.54
CA LEU E 232 21.74 36.61 -57.24
C LEU E 232 22.93 37.55 -57.29
N LEU E 233 23.93 37.28 -58.14
CA LEU E 233 25.09 38.15 -58.26
C LEU E 233 24.80 39.33 -59.18
N ASN E 234 23.67 39.30 -59.90
CA ASN E 234 23.25 40.49 -60.65
C ASN E 234 22.52 41.47 -59.74
N ARG E 235 22.07 41.00 -58.58
CA ARG E 235 21.44 41.81 -57.54
C ARG E 235 22.17 41.59 -56.21
N PHE E 236 23.50 41.72 -56.26
CA PHE E 236 24.36 41.28 -55.17
C PHE E 236 24.23 42.19 -53.95
N ILE E 237 24.05 43.49 -54.16
CA ILE E 237 23.96 44.45 -53.07
C ILE E 237 22.58 45.09 -52.97
N ASP E 238 21.70 44.82 -53.92
CA ASP E 238 20.43 45.56 -53.95
C ASP E 238 19.40 44.98 -53.00
N ASN E 239 18.98 43.74 -53.22
CA ASN E 239 17.82 43.19 -52.53
C ASN E 239 17.85 41.67 -52.65
N PRO E 240 17.27 40.95 -51.68
CA PRO E 240 17.14 39.50 -51.81
C PRO E 240 15.99 39.07 -52.69
N VAL E 241 16.21 38.02 -53.49
CA VAL E 241 15.16 37.44 -54.33
C VAL E 241 14.16 36.74 -53.42
N VAL E 242 12.87 37.05 -53.59
CA VAL E 242 11.80 36.45 -52.80
C VAL E 242 11.45 35.12 -53.46
N LEU E 243 12.07 34.05 -52.99
CA LEU E 243 11.99 32.75 -53.66
C LEU E 243 10.86 31.92 -53.07
N MET E 244 10.27 31.08 -53.91
CA MET E 244 9.28 30.10 -53.51
C MET E 244 9.77 28.71 -53.91
N ALA E 245 9.61 27.74 -53.01
CA ALA E 245 10.21 26.42 -53.21
C ALA E 245 9.19 25.35 -52.84
N ARG E 246 9.64 24.10 -52.83
CA ARG E 246 8.80 22.95 -52.55
C ARG E 246 9.27 22.32 -51.23
N ASN E 247 8.54 21.33 -50.72
CA ASN E 247 8.77 20.72 -49.41
C ASN E 247 9.77 19.55 -49.47
N PHE E 248 10.70 19.55 -50.43
CA PHE E 248 11.67 18.46 -50.51
C PHE E 248 13.03 18.90 -49.97
N GLU E 249 13.39 18.41 -48.77
CA GLU E 249 14.65 18.77 -48.11
C GLU E 249 15.51 17.53 -47.92
N PRO E 250 16.37 17.20 -48.89
CA PRO E 250 17.29 16.07 -48.73
C PRO E 250 18.53 16.44 -47.92
N GLU E 251 19.53 15.54 -47.94
CA GLU E 251 20.79 15.68 -47.22
C GLU E 251 21.61 16.94 -47.57
N VAL E 252 21.25 17.63 -48.65
CA VAL E 252 21.97 18.83 -49.09
C VAL E 252 21.75 20.03 -48.17
N ILE E 253 20.82 19.93 -47.21
CA ILE E 253 20.55 21.00 -46.26
C ILE E 253 21.74 21.29 -45.35
N ALA E 254 22.64 20.33 -45.17
CA ALA E 254 23.94 20.62 -44.59
C ALA E 254 24.91 21.21 -45.62
N ALA E 255 24.63 21.05 -46.92
CA ALA E 255 25.47 21.56 -47.98
C ALA E 255 24.93 22.86 -48.60
N ILE E 256 24.02 23.55 -47.91
CA ILE E 256 23.63 24.90 -48.32
C ILE E 256 24.67 25.94 -47.85
N ASN E 257 25.78 25.49 -47.27
CA ASN E 257 26.92 26.37 -47.00
C ASN E 257 27.55 26.93 -48.27
N ASN E 258 27.27 26.34 -49.44
CA ASN E 258 27.68 26.88 -50.74
C ASN E 258 27.07 28.26 -51.01
N GLU E 259 25.95 28.59 -50.38
CA GLU E 259 25.40 29.94 -50.41
C GLU E 259 25.53 30.66 -49.08
N ASN E 260 25.40 29.93 -47.97
CA ASN E 260 25.43 30.56 -46.66
C ASN E 260 26.86 30.96 -46.28
N GLN E 261 27.77 29.99 -46.26
CA GLN E 261 29.13 30.20 -45.78
C GLN E 261 30.05 30.78 -46.85
N ARG E 262 29.79 30.47 -48.13
CA ARG E 262 30.60 30.97 -49.23
C ARG E 262 30.22 32.40 -49.60
N LEU E 263 30.64 32.84 -50.78
CA LEU E 263 30.39 34.20 -51.24
C LEU E 263 28.89 34.45 -51.43
N GLY E 264 28.52 35.72 -51.36
CA GLY E 264 27.12 36.09 -51.38
C GLY E 264 26.68 36.74 -50.10
N THR E 265 26.55 38.07 -50.10
CA THR E 265 26.06 38.84 -48.96
C THR E 265 24.53 38.95 -48.96
N SER E 266 23.84 38.03 -49.63
CA SER E 266 22.41 38.11 -49.83
C SER E 266 21.64 37.94 -48.51
N ARG E 267 20.33 38.12 -48.60
CA ARG E 267 19.47 38.17 -47.44
C ARG E 267 18.31 37.21 -47.70
N ILE E 268 18.66 36.01 -48.17
CA ILE E 268 17.77 35.19 -49.00
C ILE E 268 16.57 34.69 -48.21
N PHE E 269 15.46 34.48 -48.92
CA PHE E 269 14.19 34.05 -48.36
C PHE E 269 13.73 32.82 -49.14
N ALA E 270 13.21 31.82 -48.42
CA ALA E 270 12.75 30.59 -49.07
C ALA E 270 11.71 29.95 -48.15
N TYR E 271 10.63 29.46 -48.75
CA TYR E 271 9.55 28.81 -48.02
C TYR E 271 8.82 27.90 -49.01
N LYS E 272 7.87 27.11 -48.52
CA LYS E 272 7.16 26.15 -49.34
C LYS E 272 5.86 26.74 -49.86
N VAL E 273 5.21 26.00 -50.76
CA VAL E 273 3.91 26.36 -51.29
C VAL E 273 2.97 25.26 -50.80
N ASN E 274 1.67 25.36 -51.09
CA ASN E 274 0.69 24.39 -50.59
C ASN E 274 0.86 23.01 -51.22
N ALA E 275 0.12 22.03 -50.71
CA ALA E 275 0.25 20.65 -51.18
C ALA E 275 -0.51 20.50 -52.49
N ALA E 276 -0.51 19.28 -53.04
CA ALA E 276 -1.14 19.03 -54.32
C ALA E 276 -2.66 18.94 -54.21
N GLY E 277 -3.37 19.60 -55.11
CA GLY E 277 -4.81 19.48 -55.19
C GLY E 277 -5.21 18.93 -56.54
N LEU E 278 -6.33 18.22 -56.55
CA LEU E 278 -6.74 17.50 -57.75
C LEU E 278 -7.50 18.36 -58.73
N LEU E 279 -7.67 19.66 -58.46
CA LEU E 279 -8.05 20.61 -59.49
C LEU E 279 -6.80 21.36 -59.94
N GLY E 280 -5.84 20.60 -60.48
CA GLY E 280 -4.51 21.12 -60.78
C GLY E 280 -4.49 22.22 -61.82
N ALA E 281 -5.50 22.27 -62.69
CA ALA E 281 -5.63 23.34 -63.67
C ALA E 281 -6.01 24.67 -63.04
N GLY E 282 -6.44 24.69 -61.78
CA GLY E 282 -6.72 25.93 -61.09
C GLY E 282 -5.84 26.20 -59.89
N THR E 283 -5.43 25.14 -59.17
CA THR E 283 -4.72 25.36 -57.91
C THR E 283 -3.21 25.38 -58.07
N ILE E 284 -2.72 25.63 -59.28
CA ILE E 284 -1.37 26.15 -59.47
C ILE E 284 -1.40 27.34 -60.42
N ASP E 285 -2.50 27.51 -61.15
CA ASP E 285 -2.67 28.69 -62.00
C ASP E 285 -2.98 29.91 -61.15
N ASP E 286 -3.66 29.70 -60.01
CA ASP E 286 -3.83 30.81 -59.07
C ASP E 286 -2.52 31.18 -58.38
N LEU E 287 -1.59 30.23 -58.25
CA LEU E 287 -0.35 30.47 -57.54
C LEU E 287 0.67 31.17 -58.43
N GLY E 288 0.88 30.62 -59.63
CA GLY E 288 1.94 31.07 -60.51
C GLY E 288 1.76 32.46 -61.12
N ARG E 289 0.70 32.63 -61.90
CA ARG E 289 0.53 33.86 -62.68
C ARG E 289 -0.45 34.83 -62.03
N LEU E 290 -1.48 34.33 -61.35
CA LEU E 290 -2.53 35.20 -60.82
C LEU E 290 -2.05 36.05 -59.67
N LEU E 291 -1.08 35.56 -58.89
CA LEU E 291 -0.48 36.37 -57.84
C LEU E 291 0.57 37.32 -58.41
N ASN E 292 1.05 37.02 -59.63
CA ASN E 292 2.10 37.75 -60.34
C ASN E 292 3.33 37.93 -59.45
N ILE E 293 3.91 36.78 -59.08
CA ILE E 293 5.09 36.76 -58.23
C ILE E 293 6.30 36.62 -59.12
N GLY E 294 6.24 35.70 -60.08
CA GLY E 294 7.34 35.48 -60.99
C GLY E 294 6.93 34.65 -62.19
N PRO E 295 7.88 33.89 -62.73
CA PRO E 295 7.62 33.14 -63.96
C PRO E 295 6.77 31.90 -63.71
N VAL E 296 6.17 31.41 -64.78
CA VAL E 296 5.38 30.17 -64.75
C VAL E 296 6.26 29.10 -65.41
N PHE E 297 6.87 28.26 -64.58
CA PHE E 297 7.79 27.24 -65.05
C PHE E 297 7.11 25.88 -65.01
N ASP E 298 7.40 25.04 -66.00
CA ASP E 298 6.68 23.78 -66.17
C ASP E 298 7.31 22.69 -65.29
N VAL E 299 6.53 21.64 -65.03
CA VAL E 299 6.98 20.54 -64.18
C VAL E 299 7.66 19.49 -65.06
N ASN E 300 9.00 19.44 -65.00
CA ASN E 300 9.78 18.52 -65.80
C ASN E 300 11.14 18.35 -65.12
N SER E 301 11.92 17.39 -65.61
CA SER E 301 13.26 17.13 -65.11
C SER E 301 14.33 17.36 -66.18
N VAL E 302 14.19 18.43 -66.95
CA VAL E 302 15.11 18.77 -68.03
C VAL E 302 15.80 20.06 -67.60
N ASP E 303 16.79 20.53 -68.39
CA ASP E 303 17.54 21.77 -68.22
C ASP E 303 18.27 21.83 -66.87
N PRO E 304 19.39 21.09 -66.71
CA PRO E 304 20.09 21.09 -65.41
C PRO E 304 20.82 22.39 -65.10
N ALA E 305 21.61 22.38 -64.02
CA ALA E 305 22.20 23.58 -63.45
C ALA E 305 23.41 24.11 -64.21
N LEU E 306 23.64 23.67 -65.45
CA LEU E 306 24.75 24.17 -66.25
C LEU E 306 24.50 25.61 -66.70
N VAL E 307 23.37 25.85 -67.36
CA VAL E 307 23.01 27.18 -67.86
C VAL E 307 21.49 27.30 -67.87
N LYS E 308 21.00 28.52 -67.62
CA LYS E 308 19.57 28.78 -67.60
C LYS E 308 19.20 29.71 -68.76
N TYR E 309 17.90 29.99 -68.92
CA TYR E 309 17.42 30.73 -70.08
C TYR E 309 17.73 32.22 -70.04
N ASN E 310 17.15 32.94 -69.08
CA ASN E 310 17.16 34.40 -69.06
C ASN E 310 16.59 34.88 -67.74
N ASP E 311 17.01 36.08 -67.32
CA ASP E 311 16.43 36.77 -66.18
C ASP E 311 16.16 38.22 -66.57
N VAL E 312 14.89 38.61 -66.56
CA VAL E 312 14.48 39.95 -66.99
C VAL E 312 14.15 40.76 -65.74
N THR E 313 14.28 42.09 -65.87
CA THR E 313 14.05 42.97 -64.74
C THR E 313 12.57 43.34 -64.60
N LEU E 314 11.92 43.69 -65.71
CA LEU E 314 10.60 44.30 -65.72
C LEU E 314 9.47 43.29 -65.78
N TRP E 315 9.65 42.07 -65.27
CA TRP E 315 8.58 41.08 -65.25
C TRP E 315 7.43 41.48 -64.34
N LEU E 316 7.70 42.13 -63.22
CA LEU E 316 6.65 42.51 -62.29
C LEU E 316 5.96 43.79 -62.77
N GLY E 317 5.00 44.27 -61.99
CA GLY E 317 4.30 45.49 -62.31
C GLY E 317 4.18 46.39 -61.09
N ARG E 318 3.85 47.66 -61.31
CA ARG E 318 3.70 48.61 -60.21
C ARG E 318 2.39 48.31 -59.48
N LYS E 319 2.51 47.49 -58.44
CA LYS E 319 1.38 47.13 -57.60
C LYS E 319 1.90 46.97 -56.17
N GLY E 320 0.99 46.61 -55.26
CA GLY E 320 1.42 46.47 -53.88
C GLY E 320 2.13 45.16 -53.63
N ILE E 321 3.45 45.18 -53.44
CA ILE E 321 4.23 43.98 -53.15
C ILE E 321 5.13 44.29 -51.96
N LEU E 322 4.93 43.58 -50.86
CA LEU E 322 5.83 43.68 -49.71
C LEU E 322 5.88 42.36 -48.97
N LEU E 323 7.09 41.92 -48.65
CA LEU E 323 7.27 40.75 -47.82
C LEU E 323 7.15 41.14 -46.35
N ASP E 324 6.50 40.28 -45.58
CA ASP E 324 6.29 40.52 -44.15
C ASP E 324 6.25 39.14 -43.49
N LYS E 325 5.70 39.07 -42.27
CA LYS E 325 5.39 37.76 -41.68
C LYS E 325 4.32 37.04 -42.50
N SER E 326 3.37 37.79 -43.04
CA SER E 326 2.48 37.31 -44.09
C SER E 326 2.59 38.29 -45.24
N ILE E 327 2.78 37.75 -46.45
CA ILE E 327 3.11 38.60 -47.60
C ILE E 327 1.88 39.41 -48.01
N GLU E 328 2.12 40.66 -48.41
CA GLU E 328 1.05 41.56 -48.79
C GLU E 328 1.20 41.95 -50.25
N GLU E 329 0.22 41.58 -51.06
CA GLU E 329 0.18 41.99 -52.45
C GLU E 329 -1.22 42.45 -52.80
N VAL E 330 -1.25 43.57 -53.51
CA VAL E 330 -2.41 44.44 -53.71
C VAL E 330 -2.45 44.76 -55.20
N GLU E 331 -3.67 44.88 -55.74
CA GLU E 331 -3.98 45.30 -57.12
C GLU E 331 -3.42 44.31 -58.15
N SER E 332 -4.07 43.14 -58.16
CA SER E 332 -3.97 42.21 -59.28
C SER E 332 -4.84 42.74 -60.42
N ARG E 333 -4.42 42.51 -61.67
CA ARG E 333 -4.87 43.35 -62.77
C ARG E 333 -6.05 42.78 -63.56
N ALA E 334 -5.81 41.71 -64.32
CA ALA E 334 -6.66 41.48 -65.49
C ALA E 334 -7.39 40.15 -65.55
N ASP E 335 -6.94 39.09 -64.86
CA ASP E 335 -7.42 37.76 -65.19
C ASP E 335 -8.50 37.25 -64.23
N SER E 336 -8.78 38.00 -63.16
CA SER E 336 -9.53 37.46 -62.02
C SER E 336 -11.00 37.20 -62.35
N ILE E 337 -11.67 38.16 -62.99
CA ILE E 337 -13.11 38.05 -63.19
C ILE E 337 -13.44 37.05 -64.30
N LEU E 338 -12.70 37.10 -65.41
CA LEU E 338 -12.92 36.16 -66.50
C LEU E 338 -12.53 34.74 -66.09
N GLU E 339 -11.44 34.61 -65.31
CA GLU E 339 -11.06 33.31 -64.79
C GLU E 339 -12.07 32.77 -63.79
N GLY E 340 -12.68 33.65 -62.98
CA GLY E 340 -13.70 33.21 -62.05
C GLY E 340 -14.96 32.74 -62.74
N LEU E 341 -15.36 33.45 -63.81
CA LEU E 341 -16.47 32.99 -64.64
C LEU E 341 -16.17 31.65 -65.29
N ASP E 342 -14.95 31.49 -65.82
CA ASP E 342 -14.55 30.26 -66.50
C ASP E 342 -14.52 29.07 -65.54
N ASN E 343 -13.95 29.27 -64.35
CA ASN E 343 -13.89 28.19 -63.37
C ASN E 343 -15.23 27.93 -62.69
N ARG E 344 -16.15 28.89 -62.66
CA ARG E 344 -17.47 28.56 -62.12
C ARG E 344 -18.31 27.83 -63.15
N TYR E 345 -18.11 28.11 -64.44
CA TYR E 345 -18.74 27.23 -65.43
C TYR E 345 -18.10 25.85 -65.43
N GLU E 346 -16.78 25.77 -65.17
CA GLU E 346 -16.10 24.49 -65.11
C GLU E 346 -16.52 23.69 -63.88
N ALA E 347 -16.86 24.36 -62.79
CA ALA E 347 -17.26 23.67 -61.57
C ALA E 347 -18.77 23.58 -61.41
N LEU E 348 -19.56 24.13 -62.34
CA LEU E 348 -21.01 23.94 -62.26
C LEU E 348 -21.54 23.07 -63.40
N GLY E 349 -20.93 23.14 -64.58
CA GLY E 349 -21.52 22.61 -65.79
C GLY E 349 -21.72 21.10 -65.90
N ILE E 350 -20.63 20.35 -65.98
CA ILE E 350 -20.70 18.93 -66.29
C ILE E 350 -20.60 18.07 -65.02
N ILE E 351 -20.50 18.72 -63.86
CA ILE E 351 -20.43 18.00 -62.59
C ILE E 351 -21.76 18.13 -61.84
N GLU E 352 -22.85 18.22 -62.60
CA GLU E 352 -24.22 18.19 -62.07
C GLU E 352 -24.47 16.97 -61.19
N ARG E 353 -23.88 15.82 -61.55
CA ARG E 353 -23.92 14.61 -60.74
C ARG E 353 -23.39 14.83 -59.33
N GLN E 354 -22.45 15.76 -59.16
CA GLN E 354 -21.95 16.24 -57.87
C GLN E 354 -21.36 15.12 -57.03
N THR E 355 -20.22 14.61 -57.47
CA THR E 355 -19.36 13.86 -56.55
C THR E 355 -18.65 14.90 -55.71
N PRO E 356 -18.32 14.61 -54.45
CA PRO E 356 -17.57 15.60 -53.64
C PRO E 356 -16.20 15.91 -54.19
N ILE E 357 -15.40 14.87 -54.48
CA ILE E 357 -14.14 15.04 -55.19
C ILE E 357 -14.43 15.53 -56.60
N GLY E 358 -13.77 16.63 -56.99
CA GLY E 358 -13.97 17.25 -58.28
C GLY E 358 -14.29 18.73 -58.21
N ARG E 359 -14.78 19.21 -57.07
CA ARG E 359 -15.04 20.62 -56.85
C ARG E 359 -14.41 21.15 -55.58
N GLU E 360 -13.11 20.91 -55.38
CA GLU E 360 -12.45 21.24 -54.12
C GLU E 360 -11.78 22.60 -54.18
N LEU E 361 -12.36 23.54 -54.94
CA LEU E 361 -11.97 24.93 -54.83
C LEU E 361 -12.36 25.51 -53.47
N ASN E 362 -13.41 24.95 -52.85
CA ASN E 362 -13.93 25.44 -51.58
C ASN E 362 -12.99 25.16 -50.39
N ARG E 363 -11.87 24.46 -50.62
CA ARG E 363 -10.85 24.32 -49.57
C ARG E 363 -10.28 25.68 -49.17
N ARG E 364 -9.48 26.29 -50.05
CA ARG E 364 -9.05 27.67 -49.87
C ARG E 364 -9.06 28.46 -51.17
N ILE E 365 -9.22 27.80 -52.31
CA ILE E 365 -8.99 28.44 -53.61
C ILE E 365 -10.16 29.38 -53.89
N GLY E 366 -9.92 30.68 -53.71
CA GLY E 366 -11.00 31.64 -53.64
C GLY E 366 -10.77 32.60 -52.50
N ARG E 367 -10.07 32.13 -51.46
CA ARG E 367 -9.59 33.05 -50.43
C ARG E 367 -8.28 33.69 -50.84
N LEU E 368 -7.72 33.26 -51.98
CA LEU E 368 -6.53 33.84 -52.56
C LEU E 368 -6.89 34.83 -53.67
N ARG E 369 -7.95 34.53 -54.42
CA ARG E 369 -8.47 35.48 -55.40
C ARG E 369 -9.12 36.67 -54.70
N ALA E 370 -10.16 36.42 -53.90
CA ALA E 370 -10.84 37.47 -53.17
C ALA E 370 -9.94 38.01 -52.07
N ASN E 371 -10.15 39.28 -51.71
CA ASN E 371 -9.06 40.02 -51.08
C ASN E 371 -8.91 39.70 -49.59
N ASN E 372 -9.83 40.23 -48.76
CA ASN E 372 -9.79 40.07 -47.30
C ASN E 372 -11.04 40.66 -46.67
N VAL E 373 -11.56 40.00 -45.63
CA VAL E 373 -12.47 40.60 -44.66
C VAL E 373 -12.01 40.17 -43.28
N THR E 374 -11.53 41.13 -42.49
CA THR E 374 -11.13 40.89 -41.11
C THR E 374 -12.32 41.07 -40.19
N ILE E 375 -12.56 40.09 -39.33
CA ILE E 375 -13.69 40.10 -38.41
C ILE E 375 -13.19 40.00 -36.98
N LYS E 376 -13.89 40.72 -36.10
CA LYS E 376 -13.61 40.70 -34.66
C LYS E 376 -14.92 40.57 -33.91
N VAL E 377 -14.98 39.57 -33.04
CA VAL E 377 -16.22 39.09 -32.46
C VAL E 377 -16.23 39.33 -30.95
N THR E 378 -17.34 38.95 -30.30
CA THR E 378 -17.55 39.16 -28.87
C THR E 378 -16.88 38.04 -28.09
N GLY E 379 -15.55 38.09 -27.98
CA GLY E 379 -14.84 37.16 -27.14
C GLY E 379 -14.42 37.77 -25.81
N VAL E 380 -14.66 37.07 -24.70
CA VAL E 380 -14.14 37.53 -23.42
C VAL E 380 -13.38 36.42 -22.69
N THR E 381 -13.66 35.16 -22.98
CA THR E 381 -13.11 34.01 -22.26
C THR E 381 -12.86 32.93 -23.31
N VAL E 382 -11.89 32.05 -23.06
CA VAL E 382 -11.50 31.03 -24.04
C VAL E 382 -12.63 30.03 -24.27
N SER E 383 -13.41 29.74 -23.23
CA SER E 383 -14.40 28.66 -23.29
C SER E 383 -15.58 29.01 -24.19
N ASP E 384 -16.26 30.12 -23.91
CA ASP E 384 -17.43 30.48 -24.72
C ASP E 384 -17.05 31.01 -26.10
N ALA E 385 -15.86 31.63 -26.25
CA ALA E 385 -15.38 31.97 -27.58
C ALA E 385 -15.04 30.71 -28.37
N SER E 386 -14.59 29.65 -27.69
CA SER E 386 -14.38 28.37 -28.37
C SER E 386 -15.69 27.72 -28.77
N GLU E 387 -16.73 27.87 -27.94
CA GLU E 387 -18.04 27.31 -28.28
C GLU E 387 -18.66 28.03 -29.49
N ARG E 388 -18.69 29.36 -29.44
CA ARG E 388 -19.17 30.10 -30.61
C ARG E 388 -18.20 30.01 -31.79
N TRP E 389 -16.94 29.66 -31.54
CA TRP E 389 -15.99 29.42 -32.61
C TRP E 389 -16.31 28.11 -33.33
N ALA E 390 -16.69 27.08 -32.57
CA ALA E 390 -17.13 25.82 -33.15
C ALA E 390 -18.43 26.01 -33.93
N ARG E 391 -19.36 26.80 -33.38
CA ARG E 391 -20.60 27.06 -34.11
C ARG E 391 -20.36 27.93 -35.36
N TYR E 392 -19.38 28.84 -35.27
CA TYR E 392 -18.95 29.66 -36.40
C TYR E 392 -18.39 28.79 -37.53
N GLU E 393 -17.52 27.85 -37.18
CA GLU E 393 -16.97 26.94 -38.19
C GLU E 393 -17.99 25.92 -38.68
N ASP E 394 -19.04 25.65 -37.89
CA ASP E 394 -20.14 24.84 -38.39
C ASP E 394 -20.94 25.59 -39.44
N VAL E 395 -21.33 26.82 -39.17
CA VAL E 395 -22.25 27.50 -40.07
C VAL E 395 -21.57 28.06 -41.32
N MET E 396 -20.28 28.45 -41.24
CA MET E 396 -19.66 29.09 -42.39
C MET E 396 -19.30 28.07 -43.47
N LYS E 397 -19.07 26.81 -43.12
CA LYS E 397 -18.75 25.83 -44.13
C LYS E 397 -20.02 25.34 -44.82
N ALA E 398 -21.13 25.26 -44.08
CA ALA E 398 -22.42 25.00 -44.73
C ALA E 398 -22.83 26.16 -45.62
N ALA E 399 -22.50 27.39 -45.21
CA ALA E 399 -22.72 28.55 -46.07
C ALA E 399 -21.84 28.52 -47.31
N ARG E 400 -20.59 28.04 -47.17
CA ARG E 400 -19.72 27.96 -48.33
C ARG E 400 -20.11 26.80 -49.24
N THR E 401 -20.74 25.75 -48.70
CA THR E 401 -21.35 24.77 -49.59
C THR E 401 -22.59 25.34 -50.26
N GLY E 402 -23.30 26.24 -49.60
CA GLY E 402 -24.34 26.97 -50.29
C GLY E 402 -23.85 27.94 -51.34
N GLN E 403 -22.60 28.38 -51.25
CA GLN E 403 -22.02 29.29 -52.23
C GLN E 403 -21.31 28.57 -53.37
N GLN E 404 -20.62 27.46 -53.08
CA GLN E 404 -19.82 26.79 -54.09
C GLN E 404 -20.45 25.47 -54.54
N PHE E 405 -21.40 24.93 -53.78
CA PHE E 405 -22.10 23.71 -54.11
C PHE E 405 -23.59 23.97 -54.32
N GLY E 406 -24.24 24.63 -53.36
CA GLY E 406 -25.67 24.80 -53.35
C GLY E 406 -26.29 24.29 -52.06
N VAL E 407 -27.61 24.48 -51.96
CA VAL E 407 -28.41 24.01 -50.84
C VAL E 407 -29.66 23.35 -51.40
N ILE E 408 -29.85 22.06 -51.09
CA ILE E 408 -31.05 21.33 -51.45
C ILE E 408 -32.21 21.86 -50.61
N PRO E 409 -33.45 21.83 -51.08
CA PRO E 409 -34.59 22.03 -50.16
C PRO E 409 -34.71 20.93 -49.12
N GLY E 410 -35.74 21.07 -48.29
CA GLY E 410 -35.71 20.70 -46.90
C GLY E 410 -35.51 19.27 -46.39
N ILE E 411 -35.74 19.11 -45.09
CA ILE E 411 -35.33 17.91 -44.39
C ILE E 411 -36.24 16.75 -44.76
N GLY E 412 -37.56 16.98 -44.77
CA GLY E 412 -38.49 15.99 -45.26
C GLY E 412 -38.58 15.92 -46.77
N TYR E 413 -37.81 16.73 -47.50
CA TYR E 413 -37.83 16.70 -48.95
C TYR E 413 -36.96 15.57 -49.50
N GLY E 414 -35.70 15.49 -49.05
CA GLY E 414 -34.69 14.61 -49.57
C GLY E 414 -34.84 13.13 -49.27
N TYR E 415 -35.89 12.74 -48.57
CA TYR E 415 -36.24 11.34 -48.41
C TYR E 415 -37.62 10.99 -48.93
N LEU E 416 -38.57 11.91 -48.83
CA LEU E 416 -39.91 11.61 -49.30
C LEU E 416 -40.06 11.89 -50.79
N MET E 417 -39.08 12.55 -51.40
CA MET E 417 -39.02 12.56 -52.85
C MET E 417 -37.96 11.63 -53.40
N ALA E 418 -36.96 11.28 -52.59
CA ALA E 418 -36.07 10.18 -52.92
C ALA E 418 -36.69 8.82 -52.59
N SER E 419 -37.91 8.81 -52.07
CA SER E 419 -38.74 7.63 -52.07
C SER E 419 -39.71 7.61 -53.23
N LYS E 420 -40.02 8.79 -53.80
CA LYS E 420 -40.63 8.83 -55.12
C LYS E 420 -39.66 8.35 -56.19
N TRP E 421 -38.36 8.52 -55.93
CA TRP E 421 -37.33 7.96 -56.78
C TRP E 421 -37.29 6.44 -56.72
N LEU E 422 -37.69 5.85 -55.59
CA LEU E 422 -37.88 4.41 -55.48
C LEU E 422 -39.21 3.96 -56.02
N GLU E 423 -40.01 4.86 -56.59
CA GLU E 423 -41.07 4.51 -57.50
C GLU E 423 -40.68 4.81 -58.93
N ALA E 424 -39.79 5.78 -59.14
CA ALA E 424 -39.12 5.95 -60.42
C ALA E 424 -38.20 4.76 -60.70
N ASN E 425 -37.37 4.41 -59.72
CA ASN E 425 -36.70 3.11 -59.77
C ASN E 425 -37.70 2.04 -59.31
N VAL E 426 -37.33 0.78 -59.52
CA VAL E 426 -38.21 -0.38 -59.43
C VAL E 426 -38.79 -0.58 -58.04
N PRO E 427 -40.11 -0.47 -57.86
CA PRO E 427 -40.72 -0.74 -56.55
C PRO E 427 -41.30 -2.14 -56.37
N GLN E 428 -41.33 -2.95 -57.43
CA GLN E 428 -41.96 -4.27 -57.35
C GLN E 428 -40.94 -5.30 -56.84
N GLN E 429 -41.32 -6.58 -56.94
CA GLN E 429 -40.45 -7.67 -56.49
C GLN E 429 -39.28 -7.78 -57.45
N SER E 430 -38.08 -7.57 -56.93
CA SER E 430 -36.86 -7.52 -57.74
C SER E 430 -36.36 -8.93 -58.06
N ASP E 431 -35.12 -9.02 -58.54
CA ASP E 431 -34.56 -10.29 -59.00
C ASP E 431 -34.37 -11.31 -57.87
N GLU E 432 -34.42 -10.88 -56.61
CA GLU E 432 -34.31 -11.78 -55.47
C GLU E 432 -35.30 -11.33 -54.41
N LYS E 433 -35.82 -12.29 -53.63
CA LYS E 433 -36.65 -11.94 -52.49
C LYS E 433 -35.86 -11.19 -51.43
N LEU E 434 -34.56 -11.44 -51.34
CA LEU E 434 -33.69 -10.59 -50.53
C LEU E 434 -33.60 -9.19 -51.12
N GLU E 435 -33.63 -9.06 -52.45
CA GLU E 435 -33.64 -7.73 -53.05
C GLU E 435 -34.97 -7.03 -52.86
N LYS E 436 -36.07 -7.78 -52.93
CA LYS E 436 -37.39 -7.25 -52.57
C LYS E 436 -37.42 -6.77 -51.12
N CYS E 437 -36.86 -7.57 -50.21
CA CYS E 437 -36.76 -7.16 -48.81
C CYS E 437 -35.87 -5.93 -48.64
N ARG E 438 -34.80 -5.82 -49.44
CA ARG E 438 -33.91 -4.68 -49.32
C ARG E 438 -34.57 -3.39 -49.79
N ILE E 439 -35.29 -3.43 -50.92
CA ILE E 439 -35.96 -2.20 -51.34
C ILE E 439 -37.21 -1.96 -50.50
N GLY E 440 -37.75 -2.99 -49.87
CA GLY E 440 -38.77 -2.76 -48.85
C GLY E 440 -38.23 -2.12 -47.59
N LEU E 441 -36.94 -2.32 -47.29
CA LEU E 441 -36.29 -1.61 -46.21
C LEU E 441 -35.86 -0.19 -46.59
N ILE E 442 -35.46 0.03 -47.83
CA ILE E 442 -35.15 1.38 -48.30
C ILE E 442 -36.42 2.15 -48.64
N GLU E 443 -37.56 1.47 -48.69
CA GLU E 443 -38.88 2.10 -48.58
C GLU E 443 -39.08 2.80 -47.24
N VAL E 444 -38.29 2.45 -46.23
CA VAL E 444 -38.40 3.00 -44.89
C VAL E 444 -37.27 4.02 -44.75
N LEU E 445 -36.94 4.69 -45.87
CA LEU E 445 -36.29 5.99 -45.77
C LEU E 445 -37.26 7.08 -45.32
N ARG E 446 -38.54 6.75 -45.19
CA ARG E 446 -39.53 7.56 -44.48
C ARG E 446 -39.45 7.40 -42.96
N ALA E 447 -38.41 6.74 -42.44
CA ALA E 447 -38.13 6.85 -41.02
C ALA E 447 -37.70 8.26 -40.62
N GLN E 448 -37.10 9.02 -41.55
CA GLN E 448 -36.89 10.45 -41.34
C GLN E 448 -38.21 11.18 -41.19
N TYR E 449 -39.20 10.83 -42.02
CA TYR E 449 -40.56 11.36 -41.89
C TYR E 449 -41.13 11.06 -40.51
N GLU E 450 -41.06 9.79 -40.11
CA GLU E 450 -41.56 9.35 -38.81
C GLU E 450 -40.87 10.08 -37.67
N HIS E 451 -39.55 10.23 -37.76
CA HIS E 451 -38.78 10.89 -36.73
C HIS E 451 -39.01 12.39 -36.69
N LEU E 452 -39.39 13.00 -37.81
CA LEU E 452 -39.62 14.44 -37.78
C LEU E 452 -41.03 14.75 -37.30
N THR E 453 -42.03 14.05 -37.84
CA THR E 453 -43.40 14.37 -37.47
C THR E 453 -43.88 13.59 -36.25
N GLY E 454 -43.07 12.72 -35.66
CA GLY E 454 -43.45 12.12 -34.41
C GLY E 454 -43.09 12.94 -33.20
N HIS E 455 -42.35 14.03 -33.41
CA HIS E 455 -42.19 15.04 -32.37
C HIS E 455 -43.50 15.78 -32.13
N ASP E 456 -44.37 15.85 -33.15
CA ASP E 456 -45.63 16.57 -33.04
C ASP E 456 -46.86 15.70 -33.29
N GLY E 457 -46.78 14.69 -34.15
CA GLY E 457 -47.94 13.89 -34.50
C GLY E 457 -48.54 14.38 -35.80
N SER E 458 -48.88 13.44 -36.70
CA SER E 458 -48.72 12.00 -36.49
C SER E 458 -47.92 11.38 -37.64
N ALA E 459 -47.35 10.21 -37.40
CA ALA E 459 -46.48 9.51 -38.35
C ALA E 459 -47.26 8.57 -39.25
N GLU E 460 -48.23 9.11 -40.01
CA GLU E 460 -49.06 8.30 -40.89
C GLU E 460 -48.53 8.40 -42.33
N ASN E 461 -47.44 7.67 -42.58
CA ASN E 461 -46.79 7.73 -43.88
C ASN E 461 -47.42 7.09 -45.13
N PRO E 462 -48.37 6.13 -45.11
CA PRO E 462 -48.84 5.60 -46.41
C PRO E 462 -49.77 6.53 -47.17
N ILE E 463 -50.33 7.56 -46.52
CA ILE E 463 -51.32 8.43 -47.14
C ILE E 463 -50.59 9.59 -47.78
N PHE E 464 -49.62 10.17 -47.06
CA PHE E 464 -48.96 11.40 -47.49
C PHE E 464 -47.80 11.18 -48.46
N ILE E 465 -47.78 10.04 -49.17
CA ILE E 465 -46.71 9.79 -50.13
C ILE E 465 -46.83 10.73 -51.33
N ASP E 466 -48.05 10.94 -51.82
CA ASP E 466 -48.25 11.41 -53.18
C ASP E 466 -48.00 12.90 -53.33
N LEU E 467 -48.78 13.74 -52.66
CA LEU E 467 -48.84 15.15 -53.01
C LEU E 467 -48.37 16.10 -51.91
N VAL E 468 -48.35 15.68 -50.65
CA VAL E 468 -48.09 16.61 -49.55
C VAL E 468 -46.62 17.04 -49.52
N THR E 469 -45.72 16.18 -49.99
CA THR E 469 -44.28 16.30 -49.71
C THR E 469 -43.68 17.43 -50.53
N GLY E 470 -43.85 18.66 -50.03
CA GLY E 470 -43.08 19.77 -50.55
C GLY E 470 -43.43 21.11 -49.94
N GLN E 471 -42.41 21.86 -49.49
CA GLN E 471 -41.07 21.33 -49.27
C GLN E 471 -41.03 20.76 -47.86
N GLU E 472 -40.03 19.93 -47.57
CA GLU E 472 -39.69 19.32 -46.27
C GLU E 472 -40.84 18.69 -45.49
N SER E 473 -41.95 18.36 -46.16
CA SER E 473 -43.24 18.16 -45.51
C SER E 473 -43.26 16.83 -44.77
N ASP E 474 -42.83 16.86 -43.51
CA ASP E 474 -43.08 15.81 -42.53
C ASP E 474 -44.01 16.47 -41.51
N THR E 475 -45.30 16.42 -41.80
CA THR E 475 -46.29 17.45 -41.46
C THR E 475 -46.37 17.83 -39.99
N PRO E 476 -45.91 19.02 -39.60
CA PRO E 476 -46.25 19.55 -38.28
C PRO E 476 -47.52 20.36 -38.39
N MET E 477 -48.03 20.89 -37.29
CA MET E 477 -49.12 21.86 -37.38
C MET E 477 -48.56 23.28 -37.34
N ASN E 478 -47.54 23.54 -38.17
CA ASN E 478 -46.98 24.89 -38.21
C ASN E 478 -47.07 25.55 -39.58
N VAL E 479 -46.30 25.05 -40.54
CA VAL E 479 -46.05 25.81 -41.76
C VAL E 479 -46.07 24.91 -43.00
N TYR E 480 -45.79 23.62 -42.80
CA TYR E 480 -45.64 22.52 -43.77
C TYR E 480 -44.39 22.60 -44.64
N ASP E 481 -43.66 23.70 -44.62
CA ASP E 481 -42.52 23.90 -45.53
C ASP E 481 -41.61 24.99 -44.98
N ASN E 482 -40.74 25.52 -45.87
CA ASN E 482 -39.92 26.71 -45.64
C ASN E 482 -38.90 26.52 -44.51
N ALA E 483 -38.11 25.45 -44.64
CA ALA E 483 -36.80 25.34 -44.02
C ALA E 483 -36.02 24.35 -44.87
N ALA E 484 -34.71 24.50 -44.93
CA ALA E 484 -33.89 23.75 -45.89
C ALA E 484 -32.72 23.11 -45.18
N ALA E 485 -32.41 21.87 -45.55
CA ALA E 485 -31.18 21.25 -45.09
C ALA E 485 -30.08 21.41 -46.13
N THR E 486 -28.84 21.25 -45.69
CA THR E 486 -27.71 21.47 -46.58
C THR E 486 -27.48 20.23 -47.46
N MET E 487 -26.38 20.23 -48.20
CA MET E 487 -26.22 19.41 -49.40
C MET E 487 -25.16 18.32 -49.25
N ILE E 488 -23.92 18.72 -48.98
CA ILE E 488 -22.82 17.75 -48.97
C ILE E 488 -22.85 16.93 -47.70
N ALA E 489 -23.57 17.40 -46.67
CA ALA E 489 -23.89 16.55 -45.53
C ALA E 489 -24.77 15.38 -45.97
N LEU E 490 -25.92 15.68 -46.57
CA LEU E 490 -26.88 14.65 -46.97
C LEU E 490 -26.37 13.84 -48.16
N GLU E 491 -25.21 14.16 -48.72
CA GLU E 491 -24.52 13.21 -49.59
C GLU E 491 -23.41 12.43 -48.90
N GLY E 492 -22.40 13.11 -48.35
CA GLY E 492 -21.23 12.39 -47.86
C GLY E 492 -21.44 11.73 -46.52
N ALA E 493 -22.12 12.43 -45.60
CA ALA E 493 -22.52 11.81 -44.34
C ALA E 493 -23.50 10.68 -44.58
N TRP E 494 -24.30 10.79 -45.64
CA TRP E 494 -25.14 9.70 -46.07
C TRP E 494 -24.32 8.50 -46.53
N GLN E 495 -23.26 8.74 -47.29
CA GLN E 495 -22.44 7.65 -47.80
C GLN E 495 -21.70 6.93 -46.66
N THR E 496 -21.17 7.69 -45.71
CA THR E 496 -20.53 7.06 -44.56
C THR E 496 -21.51 6.60 -43.49
N ALA E 497 -22.79 6.92 -43.62
CA ALA E 497 -23.79 6.23 -42.84
C ALA E 497 -24.17 4.91 -43.47
N LYS E 498 -24.14 4.82 -44.80
CA LYS E 498 -24.24 3.53 -45.48
C LYS E 498 -23.13 2.59 -45.07
N THR E 499 -21.87 3.01 -45.22
CA THR E 499 -20.76 2.08 -44.98
C THR E 499 -20.64 1.69 -43.51
N LEU E 500 -21.01 2.58 -42.59
CA LEU E 500 -20.85 2.29 -41.17
C LEU E 500 -22.14 1.84 -40.50
N GLY E 501 -23.24 1.76 -41.24
CA GLY E 501 -24.28 0.83 -40.86
C GLY E 501 -24.11 -0.48 -41.58
N LYS E 502 -23.12 -0.55 -42.48
CA LYS E 502 -22.70 -1.81 -43.10
C LYS E 502 -21.52 -2.45 -42.40
N ILE E 503 -20.78 -1.70 -41.59
CA ILE E 503 -19.70 -2.27 -40.81
C ILE E 503 -20.20 -2.80 -39.47
N SER E 504 -20.81 -1.96 -38.67
CA SER E 504 -20.97 -2.27 -37.26
C SER E 504 -22.12 -3.22 -36.98
N ASN E 505 -22.65 -3.85 -38.01
CA ASN E 505 -23.60 -4.95 -37.88
C ASN E 505 -22.95 -6.32 -37.92
N VAL E 506 -21.97 -6.52 -38.80
CA VAL E 506 -21.42 -7.82 -39.11
C VAL E 506 -20.21 -8.11 -38.23
N MET E 507 -19.61 -7.08 -37.64
CA MET E 507 -18.57 -7.20 -36.65
C MET E 507 -19.07 -7.99 -35.47
N GLY E 508 -18.36 -9.03 -35.13
CA GLY E 508 -18.89 -9.91 -34.13
C GLY E 508 -17.87 -10.37 -33.12
N ARG E 509 -16.75 -9.68 -33.03
CA ARG E 509 -15.70 -10.12 -32.11
C ARG E 509 -15.06 -8.86 -31.56
N SER E 510 -14.32 -9.03 -30.46
CA SER E 510 -13.56 -7.93 -29.90
C SER E 510 -12.39 -8.51 -29.14
N ASN E 511 -11.20 -8.47 -29.72
CA ASN E 511 -10.03 -9.16 -29.18
C ASN E 511 -9.03 -8.13 -28.72
N THR E 512 -7.81 -8.58 -28.45
CA THR E 512 -6.76 -7.70 -27.92
C THR E 512 -5.38 -8.26 -28.25
N ASN E 513 -4.52 -7.46 -28.86
CA ASN E 513 -3.10 -7.59 -28.57
C ASN E 513 -2.70 -6.26 -27.93
N TYR E 514 -1.42 -6.07 -27.67
CA TYR E 514 -1.02 -4.85 -26.97
C TYR E 514 0.20 -4.33 -27.71
N ALA E 515 -0.06 -3.47 -28.71
CA ALA E 515 0.90 -3.00 -29.71
C ALA E 515 1.63 -4.16 -30.38
N THR F 1 -17.44 2.69 -10.31
CA THR F 1 -17.25 3.56 -11.46
C THR F 1 -18.43 3.44 -12.43
N GLU F 2 -19.61 3.16 -11.88
CA GLU F 2 -20.77 2.79 -12.68
C GLU F 2 -21.50 4.04 -13.17
N ILE F 3 -20.79 4.83 -13.98
CA ILE F 3 -21.23 6.14 -14.40
C ILE F 3 -21.36 6.11 -15.93
N SER F 4 -22.59 6.03 -16.39
CA SER F 4 -22.91 5.44 -17.68
C SER F 4 -23.82 6.35 -18.49
N PHE F 5 -24.47 5.79 -19.50
CA PHE F 5 -25.53 6.54 -20.15
C PHE F 5 -26.91 6.18 -19.66
N THR F 6 -27.41 6.89 -18.67
CA THR F 6 -28.74 6.64 -18.17
C THR F 6 -29.77 7.17 -19.15
N ASN F 7 -30.84 6.41 -19.33
CA ASN F 7 -31.74 6.59 -20.46
C ASN F 7 -32.96 5.69 -20.27
N LYS F 8 -34.17 6.24 -20.38
CA LYS F 8 -34.54 7.59 -20.03
C LYS F 8 -34.92 7.55 -18.59
N ASN F 9 -35.59 6.45 -18.19
CA ASN F 9 -36.23 6.34 -16.88
C ASN F 9 -35.25 6.47 -15.72
N ASP F 10 -33.99 6.09 -15.94
CA ASP F 10 -32.93 6.41 -15.00
C ASP F 10 -32.40 7.83 -15.21
N THR F 11 -33.14 8.67 -15.94
CA THR F 11 -32.95 10.09 -15.86
C THR F 11 -34.29 10.77 -15.68
N ARG F 12 -35.37 10.01 -15.66
CA ARG F 12 -36.56 10.49 -14.98
C ARG F 12 -36.33 10.51 -13.48
N GLU F 13 -35.99 9.38 -12.89
CA GLU F 13 -35.86 9.31 -11.44
C GLU F 13 -34.43 9.49 -11.00
N ILE F 14 -33.70 10.37 -11.67
CA ILE F 14 -32.39 10.77 -11.21
C ILE F 14 -32.43 12.28 -11.22
N VAL F 15 -33.49 12.84 -11.80
CA VAL F 15 -33.87 14.21 -11.51
C VAL F 15 -35.18 14.31 -10.74
N ASP F 16 -35.98 13.25 -10.67
CA ASP F 16 -37.16 13.32 -9.81
C ASP F 16 -36.87 12.92 -8.38
N GLU F 17 -35.67 12.46 -8.10
CA GLU F 17 -35.23 12.26 -6.74
C GLU F 17 -34.27 13.35 -6.32
N VAL F 18 -34.05 14.31 -7.19
CA VAL F 18 -33.27 15.49 -6.89
C VAL F 18 -34.14 16.72 -6.76
N VAL F 19 -35.05 16.95 -7.72
CA VAL F 19 -36.02 18.03 -7.61
C VAL F 19 -36.83 17.90 -6.34
N GLU F 20 -37.21 16.68 -5.96
CA GLU F 20 -38.07 16.49 -4.80
C GLU F 20 -37.38 16.81 -3.48
N ASN F 21 -36.24 16.20 -3.20
CA ASN F 21 -35.66 16.47 -1.90
C ASN F 21 -34.88 17.77 -1.86
N ALA F 22 -34.44 18.31 -2.99
CA ALA F 22 -34.01 19.70 -3.01
C ALA F 22 -35.17 20.65 -2.85
N PHE F 23 -36.39 20.20 -3.12
CA PHE F 23 -37.56 21.02 -2.84
C PHE F 23 -37.95 20.98 -1.38
N SER F 24 -38.14 19.80 -0.81
CA SER F 24 -38.49 19.74 0.60
C SER F 24 -37.31 19.98 1.53
N SER F 25 -36.13 20.30 0.99
CA SER F 25 -35.11 20.94 1.80
C SER F 25 -35.42 22.41 2.05
N VAL F 26 -36.12 23.08 1.14
CA VAL F 26 -36.33 24.52 1.25
C VAL F 26 -37.77 24.94 1.01
N CYS F 27 -38.73 24.05 1.16
CA CYS F 27 -40.09 24.48 1.41
C CYS F 27 -40.45 24.28 2.86
N SER F 28 -39.50 23.82 3.66
CA SER F 28 -39.63 23.87 5.11
C SER F 28 -39.08 25.16 5.67
N THR F 29 -37.98 25.65 5.11
CA THR F 29 -37.33 26.84 5.63
C THR F 29 -37.96 28.12 5.15
N MET F 30 -39.22 28.10 4.72
CA MET F 30 -39.93 29.31 4.37
C MET F 30 -40.90 29.67 5.48
N GLY F 31 -41.25 30.95 5.51
CA GLY F 31 -42.43 31.39 6.21
C GLY F 31 -42.30 31.38 7.72
N PRO F 32 -43.44 31.30 8.40
CA PRO F 32 -43.44 31.41 9.86
C PRO F 32 -42.91 30.19 10.58
N ASN F 33 -43.25 28.99 10.13
CA ASN F 33 -42.93 27.76 10.86
C ASN F 33 -41.55 27.26 10.43
N GLY F 34 -40.59 28.19 10.44
CA GLY F 34 -39.41 28.07 9.63
C GLY F 34 -38.41 27.03 10.11
N ASN F 35 -38.54 25.86 9.54
CA ASN F 35 -37.81 24.67 9.93
C ASN F 35 -36.38 24.88 9.50
N TYR F 36 -35.44 24.50 10.36
CA TYR F 36 -34.02 24.74 10.17
C TYR F 36 -33.41 23.68 9.28
N VAL F 37 -32.19 23.92 8.85
CA VAL F 37 -31.37 22.92 8.18
C VAL F 37 -30.02 22.93 8.86
N VAL F 38 -29.57 21.78 9.33
CA VAL F 38 -28.30 21.71 10.03
C VAL F 38 -27.22 21.43 8.97
N ILE F 39 -26.59 22.49 8.48
CA ILE F 39 -25.52 22.35 7.51
C ILE F 39 -24.30 21.86 8.27
N ASN F 40 -23.68 20.83 7.76
CA ASN F 40 -22.43 20.44 8.38
C ASN F 40 -21.32 21.38 7.91
N GLN F 41 -20.16 21.26 8.52
CA GLN F 41 -18.90 21.74 8.00
C GLN F 41 -18.09 20.48 7.77
N LEU F 42 -16.79 20.62 7.56
CA LEU F 42 -16.03 19.41 7.82
C LEU F 42 -15.70 19.30 9.30
N ASN F 43 -15.91 20.39 10.02
CA ASN F 43 -15.95 20.49 11.47
C ASN F 43 -17.39 20.40 11.96
N SER F 44 -17.62 20.91 13.18
CA SER F 44 -18.84 21.12 13.94
C SER F 44 -19.98 21.75 13.12
N PRO F 45 -21.25 21.57 13.51
CA PRO F 45 -22.35 22.01 12.67
C PRO F 45 -22.56 23.52 12.64
N LYS F 46 -23.27 23.94 11.61
CA LYS F 46 -23.81 25.28 11.49
C LYS F 46 -25.29 25.19 11.17
N VAL F 47 -26.12 25.57 12.13
CA VAL F 47 -27.56 25.42 11.99
C VAL F 47 -28.11 26.71 11.40
N THR F 48 -28.94 26.60 10.36
CA THR F 48 -29.36 27.80 9.66
C THR F 48 -30.79 27.71 9.16
N LYS F 49 -31.20 28.79 8.50
CA LYS F 49 -32.51 28.91 7.89
C LYS F 49 -32.44 29.18 6.40
N ASP F 50 -31.65 30.18 5.99
CA ASP F 50 -31.81 30.77 4.67
C ASP F 50 -31.36 29.83 3.56
N GLY F 51 -32.00 29.95 2.42
CA GLY F 51 -31.77 29.00 1.36
C GLY F 51 -30.43 29.11 0.71
N VAL F 52 -29.72 30.22 0.92
CA VAL F 52 -28.41 30.41 0.28
C VAL F 52 -27.40 29.43 0.86
N SER F 53 -27.34 29.36 2.19
CA SER F 53 -26.45 28.41 2.84
C SER F 53 -26.97 26.99 2.82
N VAL F 54 -28.13 26.76 2.21
CA VAL F 54 -28.53 25.41 1.84
C VAL F 54 -28.12 25.10 0.41
N ALA F 55 -28.25 26.09 -0.47
CA ALA F 55 -27.90 25.92 -1.87
C ALA F 55 -26.41 25.78 -2.07
N ARG F 56 -25.60 26.37 -1.21
CA ARG F 56 -24.18 26.05 -1.21
C ARG F 56 -23.98 24.58 -0.86
N ALA F 57 -24.83 24.07 0.03
CA ALA F 57 -24.63 22.80 0.70
C ALA F 57 -25.53 21.70 0.18
N LEU F 58 -26.21 21.92 -0.93
CA LEU F 58 -27.08 20.88 -1.44
C LEU F 58 -26.17 19.93 -2.18
N ASP F 59 -25.54 19.04 -1.44
CA ASP F 59 -24.44 18.24 -1.99
C ASP F 59 -24.75 16.79 -1.67
N PHE F 60 -25.22 16.08 -2.69
CA PHE F 60 -25.43 14.66 -2.59
C PHE F 60 -24.11 13.91 -2.70
N ASN F 61 -24.16 12.63 -2.37
CA ASN F 61 -22.96 11.80 -2.39
C ASN F 61 -22.58 11.37 -3.80
N GLU F 62 -23.49 10.75 -4.54
CA GLU F 62 -23.18 10.19 -5.85
C GLU F 62 -23.12 11.29 -6.91
N ALA F 63 -22.27 11.10 -7.91
CA ALA F 63 -21.98 12.15 -8.88
C ALA F 63 -22.95 12.21 -10.05
N ARG F 64 -24.04 11.46 -10.04
CA ARG F 64 -25.15 11.76 -10.96
C ARG F 64 -26.11 12.77 -10.35
N ARG F 65 -26.56 12.49 -9.14
CA ARG F 65 -27.48 13.38 -8.42
C ARG F 65 -26.80 14.69 -8.10
N ASN F 66 -25.53 14.63 -7.74
CA ASN F 66 -24.79 15.84 -7.42
C ASN F 66 -24.58 16.67 -8.67
N MET F 67 -24.32 16.01 -9.81
CA MET F 67 -24.21 16.69 -11.10
C MET F 67 -25.50 17.42 -11.47
N ILE F 68 -26.63 16.75 -11.31
CA ILE F 68 -27.91 17.38 -11.66
C ILE F 68 -28.21 18.54 -10.72
N ALA F 69 -28.02 18.33 -9.43
CA ALA F 69 -28.26 19.40 -8.48
C ALA F 69 -27.12 20.38 -8.41
N LYS F 70 -26.22 20.41 -9.37
CA LYS F 70 -25.47 21.62 -9.64
C LYS F 70 -26.25 22.63 -10.49
N ILE F 71 -27.34 22.24 -11.16
CA ILE F 71 -28.08 23.19 -12.00
C ILE F 71 -29.53 23.36 -11.60
N ILE F 72 -29.97 22.85 -10.46
CA ILE F 72 -31.13 23.45 -9.82
C ILE F 72 -30.65 24.53 -8.87
N THR F 73 -29.35 24.58 -8.60
CA THR F 73 -28.81 25.50 -7.63
C THR F 73 -27.91 26.57 -8.23
N GLU F 74 -27.72 26.58 -9.53
CA GLU F 74 -26.85 27.62 -10.08
C GLU F 74 -27.58 28.95 -10.20
N PRO F 75 -28.82 29.04 -10.71
CA PRO F 75 -29.50 30.33 -10.63
C PRO F 75 -29.99 30.68 -9.26
N SER F 76 -30.11 29.72 -8.34
CA SER F 76 -30.51 30.08 -6.99
C SER F 76 -29.38 30.80 -6.23
N ILE F 77 -28.14 30.68 -6.69
CA ILE F 77 -27.12 31.57 -6.14
C ILE F 77 -26.84 32.74 -7.07
N LYS F 78 -27.21 32.64 -8.35
CA LYS F 78 -27.24 33.86 -9.14
C LYS F 78 -28.30 34.84 -8.66
N THR F 79 -29.32 34.32 -7.95
CA THR F 79 -30.34 35.17 -7.35
C THR F 79 -29.73 36.13 -6.34
N ASP F 80 -29.06 35.63 -5.29
CA ASP F 80 -28.52 36.55 -4.31
C ASP F 80 -27.24 37.21 -4.78
N ALA F 81 -26.61 36.67 -5.83
CA ALA F 81 -25.64 37.47 -6.56
C ALA F 81 -26.29 38.70 -7.16
N GLU F 82 -27.53 38.57 -7.63
CA GLU F 82 -28.20 39.72 -8.22
C GLU F 82 -28.74 40.66 -7.16
N VAL F 83 -29.49 40.13 -6.18
CA VAL F 83 -30.17 41.00 -5.23
C VAL F 83 -29.70 40.78 -3.80
N GLY F 84 -29.71 39.55 -3.31
CA GLY F 84 -29.33 39.30 -1.93
C GLY F 84 -30.17 38.23 -1.25
N ASP F 85 -31.42 38.08 -1.68
CA ASP F 85 -32.30 37.06 -1.12
C ASP F 85 -33.37 36.74 -2.13
N GLY F 86 -34.03 35.60 -1.98
CA GLY F 86 -35.00 35.16 -2.94
C GLY F 86 -34.53 33.87 -3.58
N THR F 87 -33.54 33.24 -2.95
CA THR F 87 -33.08 31.95 -3.40
C THR F 87 -34.14 30.88 -3.19
N THR F 88 -34.77 30.88 -2.02
CA THR F 88 -35.75 29.86 -1.69
C THR F 88 -37.00 29.96 -2.55
N THR F 89 -37.36 31.16 -2.99
CA THR F 89 -38.52 31.29 -3.84
C THR F 89 -38.23 30.79 -5.25
N THR F 90 -37.02 31.06 -5.76
CA THR F 90 -36.54 30.47 -7.01
C THR F 90 -36.64 28.96 -6.99
N VAL F 91 -36.05 28.34 -5.97
CA VAL F 91 -35.87 26.90 -5.95
C VAL F 91 -37.12 26.24 -5.37
N PHE F 92 -38.12 27.04 -5.05
CA PHE F 92 -39.47 26.56 -4.81
C PHE F 92 -40.32 26.54 -6.08
N ILE F 93 -40.32 27.66 -6.80
CA ILE F 93 -41.20 27.70 -7.96
C ILE F 93 -40.61 26.92 -9.11
N THR F 94 -39.33 26.52 -9.04
CA THR F 94 -38.87 25.61 -10.07
C THR F 94 -39.45 24.20 -9.87
N TYR F 95 -39.68 23.77 -8.64
CA TYR F 95 -40.39 22.50 -8.44
C TYR F 95 -41.85 22.63 -8.79
N HIS F 96 -42.50 23.71 -8.38
CA HIS F 96 -43.92 23.81 -8.75
C HIS F 96 -44.14 24.13 -10.23
N LEU F 97 -43.11 24.56 -10.96
CA LEU F 97 -43.18 24.60 -12.40
C LEU F 97 -42.73 23.30 -13.05
N TYR F 98 -42.12 22.41 -12.29
CA TYR F 98 -41.72 21.13 -12.82
C TYR F 98 -42.90 20.19 -13.02
N GLN F 99 -44.10 20.54 -12.56
CA GLN F 99 -45.29 19.78 -12.93
C GLN F 99 -45.84 20.17 -14.29
N LYS F 100 -45.12 21.01 -15.03
CA LYS F 100 -45.35 21.19 -16.46
C LYS F 100 -45.14 19.91 -17.26
N PHE F 101 -44.38 18.95 -16.71
CA PHE F 101 -43.73 17.80 -17.35
C PHE F 101 -44.48 17.12 -18.48
N LYS F 102 -45.80 17.00 -18.36
CA LYS F 102 -46.62 16.34 -19.37
C LYS F 102 -46.63 17.07 -20.71
N ASP F 103 -46.27 18.34 -20.75
CA ASP F 103 -45.96 18.97 -22.03
C ASP F 103 -44.48 18.83 -22.37
N ALA F 104 -44.02 17.59 -22.45
CA ALA F 104 -42.72 17.31 -23.08
C ALA F 104 -42.75 17.76 -24.53
N MET F 105 -43.87 17.51 -25.22
CA MET F 105 -44.21 18.30 -26.40
C MET F 105 -44.46 19.72 -25.93
N SER F 106 -43.51 20.60 -26.18
CA SER F 106 -43.50 21.91 -25.55
C SER F 106 -43.51 23.06 -26.52
N PHE F 107 -42.94 22.91 -27.72
CA PHE F 107 -42.72 24.02 -28.63
C PHE F 107 -44.01 24.61 -29.17
N ALA F 108 -45.10 23.83 -29.17
CA ALA F 108 -46.39 24.38 -29.54
C ALA F 108 -46.90 25.36 -28.49
N ASN F 109 -46.72 25.05 -27.21
CA ASN F 109 -47.18 25.92 -26.13
C ASN F 109 -46.01 26.49 -25.33
N THR F 110 -44.87 26.61 -26.01
CA THR F 110 -43.81 27.53 -25.59
C THR F 110 -43.94 28.88 -26.28
N ARG F 111 -44.52 28.90 -27.48
CA ARG F 111 -45.02 30.15 -28.07
C ARG F 111 -46.04 30.81 -27.15
N TYR F 112 -46.88 30.00 -26.50
CA TYR F 112 -47.81 30.56 -25.54
C TYR F 112 -47.14 30.94 -24.23
N LEU F 113 -46.01 30.31 -23.90
CA LEU F 113 -45.24 30.70 -22.72
C LEU F 113 -44.73 32.13 -22.81
N ASP F 114 -43.98 32.45 -23.87
CA ASP F 114 -43.40 33.79 -23.96
C ASP F 114 -44.41 34.84 -24.39
N THR F 115 -45.69 34.50 -24.45
CA THR F 115 -46.78 35.45 -24.39
C THR F 115 -47.49 35.45 -23.05
N LEU F 116 -47.34 34.40 -22.25
CA LEU F 116 -48.02 34.32 -20.95
C LEU F 116 -47.18 34.81 -19.79
N ILE F 117 -46.06 34.16 -19.52
CA ILE F 117 -45.17 34.62 -18.45
C ILE F 117 -44.59 35.99 -18.78
N LYS F 118 -44.40 36.29 -20.08
CA LYS F 118 -44.02 37.64 -20.48
C LYS F 118 -45.12 38.65 -20.18
N GLN F 119 -46.38 38.27 -20.34
CA GLN F 119 -47.47 39.18 -20.00
C GLN F 119 -47.59 39.34 -18.48
N VAL F 120 -47.30 38.28 -17.74
CA VAL F 120 -47.35 38.37 -16.28
C VAL F 120 -46.22 39.24 -15.76
N LEU F 121 -45.04 39.16 -16.37
CA LEU F 121 -43.96 40.06 -15.99
C LEU F 121 -44.23 41.50 -16.44
N GLN F 122 -44.99 41.67 -17.52
CA GLN F 122 -45.48 43.00 -17.86
C GLN F 122 -46.40 43.53 -16.78
N TYR F 123 -47.22 42.65 -16.19
CA TYR F 123 -48.05 43.06 -15.07
C TYR F 123 -47.22 43.33 -13.81
N ILE F 124 -46.10 42.63 -13.67
CA ILE F 124 -45.21 42.87 -12.53
C ILE F 124 -44.54 44.23 -12.67
N GLY F 125 -44.06 44.56 -13.88
CA GLY F 125 -43.62 45.91 -14.18
C GLY F 125 -44.72 46.94 -14.12
N THR F 126 -45.99 46.50 -14.18
CA THR F 126 -47.09 47.39 -13.84
C THR F 126 -47.31 47.44 -12.34
N LEU F 127 -47.55 46.30 -11.72
CA LEU F 127 -47.94 46.25 -10.30
C LEU F 127 -46.70 46.37 -9.43
N ILE F 128 -46.44 47.61 -9.00
CA ILE F 128 -45.26 47.95 -8.20
C ILE F 128 -45.74 48.79 -7.01
N GLN F 129 -45.10 48.59 -5.85
CA GLN F 129 -45.06 49.59 -4.80
C GLN F 129 -43.67 50.20 -4.82
N PRO F 130 -43.48 51.34 -5.51
CA PRO F 130 -42.13 51.88 -5.67
C PRO F 130 -41.60 52.50 -4.39
N GLY F 131 -41.10 51.65 -3.49
CA GLY F 131 -40.62 52.13 -2.22
C GLY F 131 -39.18 52.61 -2.30
N GLU F 132 -39.01 53.91 -2.47
CA GLU F 132 -37.70 54.54 -2.43
C GLU F 132 -37.62 55.67 -1.42
N ILE F 133 -38.72 56.35 -1.15
CA ILE F 133 -38.77 57.38 -0.11
C ILE F 133 -38.93 56.68 1.25
N GLU F 134 -38.76 57.43 2.33
CA GLU F 134 -38.70 56.87 3.66
C GLU F 134 -40.05 56.85 4.37
N SER F 135 -41.15 56.89 3.64
CA SER F 135 -42.46 56.77 4.27
C SER F 135 -42.83 55.30 4.48
N GLU F 136 -42.93 54.55 3.39
CA GLU F 136 -43.14 53.11 3.48
C GLU F 136 -41.89 52.38 3.93
N MET F 137 -40.72 52.93 3.63
CA MET F 137 -39.45 52.40 4.10
C MET F 137 -39.39 52.40 5.62
N PHE F 138 -39.98 53.42 6.26
CA PHE F 138 -40.13 53.43 7.70
C PHE F 138 -40.94 52.23 8.18
N ARG F 139 -42.04 51.93 7.51
CA ARG F 139 -42.86 50.78 7.87
C ARG F 139 -42.11 49.48 7.65
N ASN F 140 -41.34 49.40 6.55
CA ASN F 140 -40.63 48.18 6.21
C ASN F 140 -39.53 47.88 7.23
N MET F 141 -38.68 48.87 7.50
CA MET F 141 -37.61 48.65 8.47
C MET F 141 -38.13 48.58 9.89
N LEU F 142 -39.30 49.17 10.15
CA LEU F 142 -39.86 49.08 11.48
C LEU F 142 -40.49 47.72 11.72
N LEU F 143 -41.05 47.11 10.67
CA LEU F 143 -41.72 45.83 10.82
C LEU F 143 -40.77 44.66 10.69
N THR F 144 -39.67 44.81 9.96
CA THR F 144 -38.77 43.69 9.77
C THR F 144 -37.92 43.38 11.00
N SER F 145 -37.89 44.27 11.99
CA SER F 145 -37.20 44.00 13.25
C SER F 145 -38.16 43.93 14.41
N SER F 146 -39.47 43.86 14.14
CA SER F 146 -40.55 43.81 15.13
C SER F 146 -40.51 45.02 16.06
N ASN F 147 -40.12 46.17 15.50
CA ASN F 147 -39.84 47.41 16.24
C ASN F 147 -38.86 47.14 17.39
N TYR F 148 -37.67 46.70 16.99
CA TYR F 148 -36.64 46.41 17.97
C TYR F 148 -36.11 47.70 18.58
N GLU F 149 -35.53 48.57 17.77
CA GLU F 149 -35.00 49.84 18.23
C GLU F 149 -35.23 50.87 17.15
N GLU F 150 -35.82 52.00 17.55
CA GLU F 150 -36.10 53.07 16.61
C GLU F 150 -34.84 53.77 16.14
N GLU F 151 -33.75 53.68 16.92
CA GLU F 151 -32.48 54.22 16.46
C GLU F 151 -31.93 53.42 15.30
N ILE F 152 -32.13 52.10 15.33
CA ILE F 152 -31.72 51.23 14.23
C ILE F 152 -32.49 51.57 12.96
N VAL F 153 -33.76 51.97 13.12
CA VAL F 153 -34.52 52.48 11.98
C VAL F 153 -33.99 53.82 11.52
N ASP F 154 -33.81 54.75 12.45
CA ASP F 154 -33.65 56.15 12.07
C ASP F 154 -32.24 56.47 11.62
N LYS F 155 -31.24 55.69 12.03
CA LYS F 155 -29.87 56.06 11.69
C LYS F 155 -29.57 55.77 10.22
N ILE F 156 -30.06 54.64 9.70
CA ILE F 156 -29.90 54.36 8.28
C ILE F 156 -30.76 55.31 7.44
N LEU F 157 -31.89 55.78 7.99
CA LEU F 157 -32.67 56.79 7.31
C LEU F 157 -31.93 58.13 7.28
N ASP F 158 -31.19 58.44 8.34
CA ASP F 158 -30.41 59.66 8.34
C ASP F 158 -29.21 59.56 7.42
N ILE F 159 -28.67 58.36 7.24
CA ILE F 159 -27.62 58.18 6.24
C ILE F 159 -28.20 58.32 4.84
N TYR F 160 -29.41 57.78 4.62
CA TYR F 160 -30.11 57.93 3.36
C TYR F 160 -30.63 59.34 3.13
N ARG F 161 -30.65 60.17 4.17
CA ARG F 161 -31.20 61.52 4.08
C ARG F 161 -30.35 62.41 3.18
N GLU F 162 -29.04 62.25 3.24
CA GLU F 162 -28.13 63.08 2.44
C GLU F 162 -27.39 62.27 1.39
N HIS F 163 -26.71 61.21 1.81
CA HIS F 163 -25.76 60.53 0.94
C HIS F 163 -26.45 59.49 0.07
N LYS F 164 -26.24 59.60 -1.24
CA LYS F 164 -26.78 58.64 -2.18
C LYS F 164 -26.04 57.31 -2.06
N ASN F 165 -26.74 56.21 -2.38
CA ASN F 165 -26.36 54.79 -2.46
C ASN F 165 -25.22 54.36 -1.52
N PRO F 166 -25.38 54.48 -0.20
CA PRO F 166 -24.23 54.36 0.69
C PRO F 166 -23.78 52.92 0.88
N ASN F 167 -22.48 52.78 1.13
CA ASN F 167 -21.93 51.50 1.60
C ASN F 167 -21.76 51.60 3.10
N ILE F 168 -22.37 50.67 3.82
CA ILE F 168 -22.39 50.74 5.28
C ILE F 168 -21.35 49.77 5.85
N HIS F 169 -20.44 50.31 6.64
CA HIS F 169 -19.46 49.49 7.35
C HIS F 169 -19.70 49.64 8.85
N LEU F 170 -19.44 48.55 9.57
CA LEU F 170 -19.79 48.45 10.99
C LEU F 170 -18.81 47.51 11.70
N GLU F 171 -18.39 47.91 12.90
CA GLU F 171 -17.34 47.23 13.63
C GLU F 171 -17.81 46.80 15.01
N LYS F 172 -17.25 45.69 15.47
CA LYS F 172 -17.57 45.17 16.79
C LYS F 172 -16.75 45.91 17.83
N SER F 173 -17.44 46.47 18.82
CA SER F 173 -16.74 47.29 19.77
C SER F 173 -17.48 47.32 21.09
N PRO F 174 -16.82 47.05 22.19
CA PRO F 174 -17.48 47.13 23.50
C PRO F 174 -17.42 48.53 24.09
N MET F 175 -18.12 49.47 23.47
CA MET F 175 -18.19 50.82 23.98
C MET F 175 -19.63 51.30 23.94
N LEU F 176 -20.02 52.07 24.95
CA LEU F 176 -21.36 52.63 25.07
C LEU F 176 -21.66 53.90 24.27
N PRO F 177 -20.77 54.98 24.19
CA PRO F 177 -21.22 56.20 23.50
C PRO F 177 -21.35 56.08 21.99
N ALA F 178 -21.60 57.24 21.35
CA ALA F 178 -22.21 57.31 20.02
C ALA F 178 -21.34 56.68 18.93
N ASP F 179 -22.01 56.23 17.88
CA ASP F 179 -21.37 55.61 16.73
C ASP F 179 -20.68 56.63 15.85
N GLU F 180 -20.02 56.12 14.82
CA GLU F 180 -19.05 56.88 14.03
C GLU F 180 -19.58 57.03 12.62
N VAL F 181 -20.27 58.13 12.35
CA VAL F 181 -20.64 58.43 10.98
C VAL F 181 -19.41 58.97 10.26
N LYS F 182 -18.78 58.12 9.45
CA LYS F 182 -17.51 58.47 8.80
C LYS F 182 -17.73 58.44 7.29
N MET F 183 -18.18 59.58 6.75
CA MET F 183 -18.41 59.74 5.32
C MET F 183 -17.06 60.01 4.65
N THR F 184 -16.43 58.93 4.19
CA THR F 184 -15.14 59.01 3.51
C THR F 184 -15.29 58.49 2.08
N LYS F 185 -14.84 59.29 1.12
CA LYS F 185 -14.90 58.90 -0.29
C LYS F 185 -13.73 57.98 -0.63
N GLU F 186 -14.02 56.69 -0.76
CA GLU F 186 -13.10 55.73 -1.35
C GLU F 186 -13.82 55.00 -2.47
N ILE F 187 -13.07 54.63 -3.50
CA ILE F 187 -13.59 53.86 -4.61
C ILE F 187 -12.97 52.47 -4.54
N TYR F 188 -13.76 51.50 -4.11
CA TYR F 188 -13.29 50.13 -3.99
C TYR F 188 -13.24 49.46 -5.34
N PHE F 189 -12.03 49.20 -5.82
CA PHE F 189 -11.82 48.39 -7.01
C PHE F 189 -10.44 47.74 -6.88
N GLU F 190 -10.20 46.70 -7.66
CA GLU F 190 -9.18 45.71 -7.37
C GLU F 190 -7.85 46.05 -8.02
N GLY F 191 -6.78 45.96 -7.23
CA GLY F 191 -5.42 46.06 -7.70
C GLY F 191 -4.47 45.78 -6.55
N SER F 192 -3.49 44.90 -6.77
CA SER F 192 -2.62 44.44 -5.69
C SER F 192 -1.25 44.15 -6.30
N PHE F 193 -0.45 43.34 -5.59
CA PHE F 193 0.88 43.06 -6.10
C PHE F 193 0.92 41.70 -6.80
N PRO F 194 1.59 41.59 -7.94
CA PRO F 194 2.03 40.26 -8.39
C PRO F 194 3.28 39.83 -7.62
N ILE F 195 4.20 40.78 -7.46
CA ILE F 195 5.43 40.65 -6.69
C ILE F 195 5.54 41.96 -5.92
N GLU F 196 6.14 41.92 -4.72
CA GLU F 196 6.27 43.10 -3.88
C GLU F 196 7.17 44.19 -4.48
N THR F 197 7.93 43.89 -5.54
CA THR F 197 8.70 44.90 -6.24
C THR F 197 7.86 45.87 -7.05
N GLN F 198 6.56 45.59 -7.21
CA GLN F 198 5.72 46.45 -8.01
C GLN F 198 5.12 47.60 -7.21
N VAL F 199 4.94 47.40 -5.91
CA VAL F 199 4.28 48.37 -5.04
C VAL F 199 5.36 49.24 -4.39
N PRO F 200 5.18 50.57 -4.31
CA PRO F 200 6.18 51.38 -3.60
C PRO F 200 6.21 51.15 -2.10
N ALA F 201 5.10 50.74 -1.50
CA ALA F 201 5.05 50.45 -0.07
C ALA F 201 4.91 48.95 0.17
N ASN F 202 4.97 48.58 1.45
CA ASN F 202 4.81 47.17 1.82
C ASN F 202 3.91 46.93 3.02
N GLY F 203 3.72 47.89 3.91
CA GLY F 203 2.85 47.69 5.05
C GLY F 203 1.38 47.71 4.67
N ALA F 204 0.90 48.87 4.21
CA ALA F 204 -0.46 49.00 3.70
C ALA F 204 -0.49 49.27 2.21
N TYR F 205 0.65 49.09 1.53
CA TYR F 205 0.82 49.17 0.07
C TYR F 205 0.53 50.57 -0.48
N VAL F 206 0.52 51.58 0.38
CA VAL F 206 -0.02 52.89 0.04
C VAL F 206 0.96 53.63 -0.87
N VAL F 207 0.52 53.91 -2.10
CA VAL F 207 1.29 54.76 -2.97
C VAL F 207 1.27 56.19 -2.44
N GLY F 208 2.34 56.93 -2.71
CA GLY F 208 2.57 58.24 -2.16
C GLY F 208 2.49 59.34 -3.20
N PRO F 209 1.37 59.35 -3.99
CA PRO F 209 1.41 59.73 -5.42
C PRO F 209 2.09 61.04 -5.79
N GLU F 210 3.19 60.91 -6.52
CA GLU F 210 3.96 62.05 -7.02
C GLU F 210 4.53 61.67 -8.38
N LYS F 211 4.33 62.58 -9.34
CA LYS F 211 4.67 62.45 -10.77
C LYS F 211 4.34 61.07 -11.34
N VAL F 212 3.13 60.60 -11.03
CA VAL F 212 2.76 59.22 -11.29
C VAL F 212 2.45 59.07 -12.78
N GLY F 213 3.43 58.55 -13.52
CA GLY F 213 3.28 58.32 -14.95
C GLY F 213 2.74 56.94 -15.21
N VAL F 214 1.49 56.88 -15.66
CA VAL F 214 0.77 55.63 -15.87
C VAL F 214 0.59 55.43 -17.36
N VAL F 215 1.09 54.31 -17.87
CA VAL F 215 0.87 53.91 -19.25
C VAL F 215 -0.26 52.87 -19.25
N LEU F 216 -1.10 52.92 -20.28
CA LEU F 216 -2.28 52.08 -20.32
C LEU F 216 -2.24 51.20 -21.57
N ILE F 217 -1.99 49.91 -21.36
CA ILE F 217 -2.53 48.93 -22.29
C ILE F 217 -3.72 48.40 -21.50
N ASP F 218 -4.86 49.06 -21.69
CA ASP F 218 -5.89 49.10 -20.66
C ASP F 218 -6.75 47.85 -20.67
N GLY F 219 -6.95 47.24 -21.82
CA GLY F 219 -7.83 46.10 -21.91
C GLY F 219 -7.10 44.79 -21.69
N SER F 220 -7.76 43.72 -22.16
CA SER F 220 -7.28 42.36 -22.02
C SER F 220 -6.10 42.14 -22.96
N ILE F 221 -4.90 42.46 -22.48
CA ILE F 221 -3.68 42.22 -23.25
C ILE F 221 -3.38 40.72 -23.23
N ARG F 222 -3.12 40.16 -24.40
CA ARG F 222 -2.89 38.73 -24.56
C ARG F 222 -1.49 38.41 -25.07
N ALA F 223 -0.81 39.39 -25.66
CA ALA F 223 0.41 39.15 -26.43
C ALA F 223 1.67 39.05 -25.57
N TYR F 224 1.54 38.70 -24.27
CA TYR F 224 2.62 38.37 -23.34
C TYR F 224 3.58 39.55 -23.20
N PRO F 225 3.20 40.62 -22.47
CA PRO F 225 4.01 41.85 -22.48
C PRO F 225 5.33 41.74 -21.74
N THR F 226 6.26 40.95 -22.27
CA THR F 226 7.62 40.92 -21.74
C THR F 226 8.50 41.99 -22.36
N GLN F 227 8.00 42.68 -23.39
CA GLN F 227 8.74 43.75 -24.04
C GLN F 227 8.52 45.10 -23.39
N LEU F 228 8.08 45.12 -22.14
CA LEU F 228 7.82 46.34 -21.41
C LEU F 228 9.06 46.93 -20.77
N ILE F 229 10.15 47.10 -21.53
CA ILE F 229 11.43 47.37 -20.90
C ILE F 229 12.10 48.64 -21.44
N ASN F 230 11.84 49.02 -22.69
CA ASN F 230 12.65 50.05 -23.34
C ASN F 230 12.20 51.46 -22.94
N ALA F 231 10.93 51.79 -23.15
CA ALA F 231 10.41 53.05 -22.62
C ALA F 231 10.31 53.00 -21.10
N LEU F 232 10.25 51.81 -20.52
CA LEU F 232 10.35 51.66 -19.08
C LEU F 232 11.71 52.13 -18.57
N LEU F 233 12.77 51.78 -19.29
CA LEU F 233 14.10 52.26 -18.94
C LEU F 233 14.27 53.73 -19.29
N ASN F 234 13.57 54.19 -20.33
CA ASN F 234 13.50 55.60 -20.67
C ASN F 234 12.73 56.41 -19.65
N ARG F 235 11.94 55.76 -18.79
CA ARG F 235 11.15 56.40 -17.75
C ARG F 235 11.50 55.79 -16.40
N PHE F 236 12.80 55.69 -16.12
CA PHE F 236 13.31 54.90 -15.00
C PHE F 236 12.97 55.53 -13.64
N ILE F 237 13.51 56.71 -13.36
CA ILE F 237 13.13 57.47 -12.17
C ILE F 237 12.36 58.73 -12.53
N ASP F 238 11.91 58.85 -13.77
CA ASP F 238 11.10 60.00 -14.18
C ASP F 238 9.67 59.89 -13.69
N ASN F 239 9.20 58.69 -13.36
CA ASN F 239 7.85 58.44 -12.87
C ASN F 239 7.74 57.08 -12.19
N PRO F 240 6.89 56.95 -11.17
CA PRO F 240 6.46 55.62 -10.74
C PRO F 240 5.55 55.01 -11.81
N VAL F 241 6.09 54.07 -12.56
CA VAL F 241 5.46 53.61 -13.79
C VAL F 241 4.35 52.64 -13.42
N VAL F 242 3.18 52.83 -14.01
CA VAL F 242 2.07 51.92 -13.80
C VAL F 242 1.57 51.47 -15.15
N LEU F 243 1.60 50.16 -15.38
CA LEU F 243 0.88 49.55 -16.48
C LEU F 243 -0.39 48.95 -15.91
N MET F 244 -1.53 49.35 -16.44
CA MET F 244 -2.81 48.86 -15.98
C MET F 244 -3.54 48.18 -17.12
N ALA F 245 -3.93 46.93 -16.89
CA ALA F 245 -4.66 46.15 -17.88
C ALA F 245 -5.94 45.58 -17.28
N ARG F 246 -6.64 44.75 -18.04
CA ARG F 246 -7.89 44.15 -17.57
C ARG F 246 -7.53 42.95 -16.69
N ASN F 247 -8.54 42.20 -16.23
CA ASN F 247 -8.33 41.04 -15.37
C ASN F 247 -7.52 39.94 -16.07
N PHE F 248 -7.56 39.86 -17.40
CA PHE F 248 -6.73 38.88 -18.11
C PHE F 248 -5.31 39.42 -18.25
N GLU F 249 -4.46 38.99 -17.34
CA GLU F 249 -3.02 39.03 -17.58
C GLU F 249 -2.53 37.62 -17.89
N PRO F 250 -1.60 37.44 -18.82
CA PRO F 250 -0.94 36.14 -18.97
C PRO F 250 0.08 35.88 -17.87
N GLU F 251 0.87 34.83 -18.01
CA GLU F 251 1.87 34.44 -17.01
C GLU F 251 3.20 35.16 -17.21
N VAL F 252 3.16 36.38 -17.73
CA VAL F 252 4.32 37.19 -18.05
C VAL F 252 4.97 37.74 -16.78
N ILE F 253 4.33 37.53 -15.62
CA ILE F 253 4.96 37.86 -14.34
C ILE F 253 6.21 37.03 -14.09
N ALA F 254 6.30 35.83 -14.68
CA ALA F 254 7.56 35.10 -14.71
C ALA F 254 8.58 35.80 -15.60
N ALA F 255 8.12 36.57 -16.59
CA ALA F 255 9.01 37.41 -17.39
C ALA F 255 9.13 38.82 -16.84
N ILE F 256 8.54 39.06 -15.67
CA ILE F 256 8.68 40.33 -14.95
C ILE F 256 9.65 40.21 -13.79
N ASN F 257 9.49 39.17 -12.96
CA ASN F 257 10.30 39.04 -11.76
C ASN F 257 11.76 38.71 -12.05
N ASN F 258 12.08 38.36 -13.30
CA ASN F 258 13.44 38.08 -13.72
C ASN F 258 14.00 39.14 -14.66
N GLU F 259 13.14 39.99 -15.24
CA GLU F 259 13.58 40.96 -16.23
C GLU F 259 13.30 42.40 -15.82
N ASN F 260 12.10 42.68 -15.35
CA ASN F 260 11.66 44.02 -15.01
C ASN F 260 11.88 44.31 -13.54
N GLN F 261 11.79 43.29 -12.68
CA GLN F 261 12.32 43.40 -11.33
C GLN F 261 13.84 43.54 -11.38
N ARG F 262 14.49 42.81 -12.29
CA ARG F 262 15.91 42.95 -12.55
C ARG F 262 16.15 44.09 -13.53
N LEU F 263 17.34 44.10 -14.15
CA LEU F 263 17.87 45.24 -14.93
C LEU F 263 16.88 45.74 -15.98
N GLY F 264 16.60 47.04 -15.91
CA GLY F 264 15.35 47.58 -16.41
C GLY F 264 14.38 47.61 -15.25
N THR F 265 14.78 48.26 -14.16
CA THR F 265 14.17 48.10 -12.83
C THR F 265 13.52 49.38 -12.31
N SER F 266 12.73 50.04 -13.15
CA SER F 266 12.01 51.24 -12.74
C SER F 266 10.90 50.87 -11.75
N ARG F 267 10.25 51.88 -11.18
CA ARG F 267 9.15 51.63 -10.25
C ARG F 267 7.89 51.26 -11.05
N ILE F 268 7.91 50.04 -11.56
CA ILE F 268 6.89 49.54 -12.47
C ILE F 268 5.74 48.95 -11.67
N PHE F 269 4.51 49.21 -12.11
CA PHE F 269 3.35 48.47 -11.67
C PHE F 269 2.74 47.75 -12.87
N ALA F 270 2.39 46.48 -12.69
CA ALA F 270 1.68 45.73 -13.71
C ALA F 270 0.86 44.66 -13.01
N TYR F 271 -0.42 44.94 -12.80
CA TYR F 271 -1.33 43.95 -12.23
C TYR F 271 -2.76 44.32 -12.67
N LYS F 272 -3.74 43.68 -12.07
CA LYS F 272 -5.10 43.59 -12.59
C LYS F 272 -5.93 44.83 -12.27
N VAL F 273 -7.10 44.88 -12.89
CA VAL F 273 -8.23 45.69 -12.47
C VAL F 273 -9.29 44.63 -12.24
N ASN F 274 -10.53 45.01 -11.93
CA ASN F 274 -11.59 44.05 -11.66
C ASN F 274 -12.01 43.30 -12.94
N ALA F 275 -13.05 42.49 -12.83
CA ALA F 275 -13.40 41.49 -13.85
C ALA F 275 -13.91 42.15 -15.13
N ALA F 276 -14.23 41.31 -16.12
CA ALA F 276 -14.54 41.77 -17.47
C ALA F 276 -15.91 42.44 -17.46
N GLY F 277 -15.91 43.75 -17.28
CA GLY F 277 -17.14 44.50 -17.21
C GLY F 277 -16.87 45.94 -17.58
N LEU F 278 -17.92 46.76 -17.45
CA LEU F 278 -17.81 48.14 -17.91
C LEU F 278 -17.09 49.03 -16.90
N LEU F 279 -16.80 48.52 -15.70
CA LEU F 279 -15.89 49.24 -14.83
C LEU F 279 -14.45 49.20 -15.30
N GLY F 280 -14.08 48.25 -16.17
CA GLY F 280 -12.78 48.31 -16.81
C GLY F 280 -12.59 49.51 -17.71
N ALA F 281 -13.70 50.09 -18.17
CA ALA F 281 -13.68 51.38 -18.83
C ALA F 281 -14.32 52.49 -18.00
N GLY F 282 -14.76 52.21 -16.78
CA GLY F 282 -15.27 53.28 -15.94
C GLY F 282 -14.42 53.72 -14.76
N THR F 283 -13.96 52.76 -13.96
CA THR F 283 -13.30 53.10 -12.70
C THR F 283 -11.82 53.35 -12.88
N ILE F 284 -11.25 52.97 -14.02
CA ILE F 284 -9.91 53.38 -14.35
C ILE F 284 -9.94 54.65 -15.19
N ASP F 285 -11.11 55.01 -15.72
CA ASP F 285 -11.31 56.15 -16.60
C ASP F 285 -11.63 57.43 -15.83
N ASP F 286 -12.50 57.33 -14.83
CA ASP F 286 -12.80 58.50 -14.02
C ASP F 286 -11.62 58.92 -13.16
N LEU F 287 -10.72 57.99 -12.85
CA LEU F 287 -9.43 58.31 -12.27
C LEU F 287 -8.35 58.47 -13.32
N GLY F 288 -8.73 58.59 -14.59
CA GLY F 288 -7.83 58.45 -15.71
C GLY F 288 -7.31 59.82 -16.12
N ARG F 289 -7.94 60.41 -17.14
CA ARG F 289 -7.64 61.78 -17.53
C ARG F 289 -7.95 62.76 -16.39
N LEU F 290 -8.96 62.46 -15.59
CA LEU F 290 -9.35 63.38 -14.52
C LEU F 290 -8.36 63.37 -13.37
N LEU F 291 -7.91 62.20 -12.93
CA LEU F 291 -7.05 62.10 -11.76
C LEU F 291 -5.83 61.22 -12.03
N ASN F 292 -5.15 61.47 -13.15
CA ASN F 292 -3.79 61.01 -13.46
C ASN F 292 -3.67 59.49 -13.50
N ILE F 293 -4.36 58.89 -14.47
CA ILE F 293 -3.98 57.56 -14.93
C ILE F 293 -3.73 57.65 -16.44
N GLY F 294 -4.72 58.08 -17.20
CA GLY F 294 -4.46 58.36 -18.59
C GLY F 294 -5.65 58.27 -19.52
N PRO F 295 -5.37 58.21 -20.82
CA PRO F 295 -6.43 58.32 -21.82
C PRO F 295 -7.18 57.01 -21.99
N VAL F 296 -8.20 57.07 -22.82
CA VAL F 296 -9.05 55.91 -23.11
C VAL F 296 -8.35 55.01 -24.12
N PHE F 297 -8.00 53.81 -23.69
CA PHE F 297 -7.41 52.81 -24.57
C PHE F 297 -8.24 51.54 -24.50
N ASP F 298 -8.53 50.95 -25.65
CA ASP F 298 -9.46 49.84 -25.75
C ASP F 298 -8.70 48.54 -25.49
N VAL F 299 -9.38 47.39 -25.59
CA VAL F 299 -8.73 46.10 -25.49
C VAL F 299 -7.90 45.86 -26.73
N ASN F 300 -6.58 45.88 -26.56
CA ASN F 300 -5.61 45.71 -27.64
C ASN F 300 -4.29 45.43 -26.93
N SER F 301 -3.24 45.16 -27.72
CA SER F 301 -1.91 45.01 -27.17
C SER F 301 -0.88 45.84 -27.91
N VAL F 302 -1.33 46.88 -28.61
CA VAL F 302 -0.42 47.72 -29.39
C VAL F 302 0.34 48.63 -28.43
N ASP F 303 1.55 49.02 -28.84
CA ASP F 303 2.51 49.87 -28.13
C ASP F 303 2.77 49.43 -26.68
N PRO F 304 3.58 48.38 -26.47
CA PRO F 304 4.16 48.15 -25.14
C PRO F 304 5.27 49.16 -24.83
N ALA F 305 6.05 48.92 -23.78
CA ALA F 305 6.97 49.95 -23.32
C ALA F 305 8.31 49.89 -24.05
N LEU F 306 8.28 49.54 -25.33
CA LEU F 306 9.28 50.06 -26.26
C LEU F 306 9.14 51.57 -26.38
N VAL F 307 7.93 52.05 -26.65
CA VAL F 307 7.62 53.47 -26.71
C VAL F 307 6.21 53.68 -26.15
N LYS F 308 6.05 54.73 -25.34
CA LYS F 308 4.80 54.94 -24.63
C LYS F 308 3.82 55.76 -25.48
N TYR F 309 2.58 55.79 -25.01
CA TYR F 309 1.57 56.65 -25.63
C TYR F 309 1.74 58.08 -25.15
N ASN F 310 1.57 58.29 -23.85
CA ASN F 310 1.71 59.58 -23.21
C ASN F 310 2.17 59.34 -21.77
N ASP F 311 3.11 60.15 -21.33
CA ASP F 311 3.62 60.08 -19.96
C ASP F 311 2.97 61.21 -19.18
N VAL F 312 1.75 60.99 -18.71
CA VAL F 312 1.06 61.93 -17.84
C VAL F 312 1.48 61.62 -16.40
N THR F 313 2.28 62.52 -15.82
CA THR F 313 2.89 62.30 -14.51
C THR F 313 2.34 63.23 -13.44
N LEU F 314 2.42 64.54 -13.66
CA LEU F 314 2.13 65.53 -12.62
C LEU F 314 0.70 66.04 -12.69
N TRP F 315 -0.26 65.19 -13.06
CA TRP F 315 -1.67 65.53 -12.97
C TRP F 315 -2.25 65.18 -11.59
N LEU F 316 -1.56 65.56 -10.53
CA LEU F 316 -2.01 65.25 -9.18
C LEU F 316 -3.15 66.18 -8.82
N GLY F 317 -4.38 65.74 -9.10
CA GLY F 317 -5.54 66.55 -8.89
C GLY F 317 -6.03 66.49 -7.46
N ARG F 318 -7.25 66.98 -7.26
CA ARG F 318 -7.85 66.96 -5.93
C ARG F 318 -8.30 65.54 -5.62
N LYS F 319 -7.46 64.79 -4.93
CA LYS F 319 -7.60 63.35 -4.80
C LYS F 319 -6.65 62.84 -3.72
N GLY F 320 -6.78 61.55 -3.39
CA GLY F 320 -5.70 60.78 -2.80
C GLY F 320 -5.70 59.36 -3.34
N ILE F 321 -4.62 58.89 -3.92
CA ILE F 321 -4.56 57.51 -4.41
C ILE F 321 -3.79 56.67 -3.41
N LEU F 322 -4.29 55.48 -3.10
CA LEU F 322 -3.53 54.52 -2.33
C LEU F 322 -3.76 53.12 -2.88
N LEU F 323 -2.68 52.46 -3.29
CA LEU F 323 -2.73 51.05 -3.63
C LEU F 323 -2.88 50.25 -2.34
N ASP F 324 -3.54 49.11 -2.44
CA ASP F 324 -3.78 48.25 -1.30
C ASP F 324 -3.89 46.82 -1.82
N LYS F 325 -4.50 45.93 -1.04
CA LYS F 325 -5.05 44.72 -1.62
C LYS F 325 -6.06 45.05 -2.71
N SER F 326 -6.86 46.09 -2.52
CA SER F 326 -7.66 46.70 -3.56
C SER F 326 -7.45 48.20 -3.51
N ILE F 327 -6.98 48.77 -4.63
CA ILE F 327 -6.59 50.18 -4.66
C ILE F 327 -7.81 51.09 -4.55
N GLU F 328 -7.69 52.13 -3.72
CA GLU F 328 -8.79 53.05 -3.47
C GLU F 328 -8.29 54.48 -3.47
N GLU F 329 -9.22 55.40 -3.20
CA GLU F 329 -8.93 56.82 -3.13
C GLU F 329 -9.33 57.34 -1.75
N VAL F 330 -8.91 58.57 -1.47
CA VAL F 330 -9.35 59.33 -0.31
C VAL F 330 -9.67 60.74 -0.79
N GLU F 331 -10.96 61.10 -0.74
CA GLU F 331 -11.45 62.48 -0.80
C GLU F 331 -11.10 63.14 -2.13
N SER F 332 -11.64 62.56 -3.19
CA SER F 332 -11.46 63.14 -4.51
C SER F 332 -12.53 64.19 -4.79
N ARG F 333 -12.10 65.27 -5.44
CA ARG F 333 -12.99 66.39 -5.71
C ARG F 333 -13.14 66.72 -7.19
N ALA F 334 -12.28 66.18 -8.05
CA ALA F 334 -12.48 66.33 -9.48
C ALA F 334 -13.73 65.57 -9.91
N ASP F 335 -14.39 66.07 -10.95
CA ASP F 335 -15.68 65.52 -11.38
C ASP F 335 -15.50 64.18 -12.10
N SER F 336 -15.11 63.19 -11.30
CA SER F 336 -14.87 61.85 -11.82
C SER F 336 -16.18 61.12 -12.04
N ILE F 337 -17.05 61.09 -11.03
CA ILE F 337 -18.33 60.42 -11.17
C ILE F 337 -19.29 61.23 -12.04
N LEU F 338 -19.07 62.53 -12.18
CA LEU F 338 -19.93 63.37 -13.00
C LEU F 338 -19.77 63.10 -14.48
N GLU F 339 -18.71 62.38 -14.87
CA GLU F 339 -18.53 61.96 -16.26
C GLU F 339 -19.61 60.97 -16.68
N GLY F 340 -19.73 59.86 -15.97
CA GLY F 340 -20.63 58.81 -16.40
C GLY F 340 -21.68 58.36 -15.41
N LEU F 341 -21.43 58.50 -14.12
CA LEU F 341 -22.37 58.02 -13.11
C LEU F 341 -23.63 58.87 -13.06
N ASP F 342 -23.53 60.16 -13.39
CA ASP F 342 -24.71 61.00 -13.49
C ASP F 342 -25.63 60.55 -14.61
N ASN F 343 -25.05 60.06 -15.71
CA ASN F 343 -25.84 59.49 -16.79
C ASN F 343 -26.55 58.22 -16.32
N ARG F 344 -25.91 57.43 -15.47
CA ARG F 344 -26.59 56.31 -14.86
C ARG F 344 -27.67 56.74 -13.87
N TYR F 345 -27.48 57.89 -13.23
CA TYR F 345 -28.45 58.32 -12.23
C TYR F 345 -29.69 58.87 -12.89
N GLU F 346 -29.54 59.48 -14.07
CA GLU F 346 -30.72 59.78 -14.86
C GLU F 346 -31.23 58.56 -15.64
N ALA F 347 -30.39 57.54 -15.81
CA ALA F 347 -30.85 56.25 -16.32
C ALA F 347 -31.52 55.40 -15.26
N LEU F 348 -31.51 55.88 -14.01
CA LEU F 348 -32.23 55.23 -12.90
C LEU F 348 -33.73 55.51 -12.93
N GLY F 349 -34.23 56.09 -14.02
CA GLY F 349 -35.65 56.04 -14.30
C GLY F 349 -36.14 54.69 -14.78
N ILE F 350 -35.22 53.76 -15.04
CA ILE F 350 -35.58 52.40 -15.42
C ILE F 350 -36.12 51.60 -14.23
N ILE F 351 -35.92 52.08 -13.00
CA ILE F 351 -36.19 51.31 -11.78
C ILE F 351 -37.65 50.91 -11.63
N GLU F 352 -38.57 51.61 -12.29
CA GLU F 352 -39.91 51.08 -12.50
C GLU F 352 -39.86 49.79 -13.32
N ARG F 353 -39.37 49.90 -14.56
CA ARG F 353 -39.29 48.73 -15.42
C ARG F 353 -38.23 47.76 -14.92
N GLN F 354 -37.01 48.25 -14.71
CA GLN F 354 -35.84 47.51 -14.24
C GLN F 354 -35.56 46.32 -15.16
N THR F 355 -35.16 46.68 -16.39
CA THR F 355 -34.76 45.72 -17.39
C THR F 355 -33.59 44.89 -16.88
N PRO F 356 -33.57 43.58 -17.21
CA PRO F 356 -32.53 42.69 -16.63
C PRO F 356 -31.12 43.04 -17.05
N ILE F 357 -30.88 43.14 -18.36
CA ILE F 357 -29.64 43.75 -18.84
C ILE F 357 -29.81 45.24 -18.56
N GLY F 358 -29.08 45.73 -17.56
CA GLY F 358 -29.37 47.04 -17.04
C GLY F 358 -29.38 47.04 -15.53
N ARG F 359 -29.90 45.96 -14.95
CA ARG F 359 -29.73 45.72 -13.51
C ARG F 359 -28.25 45.65 -13.16
N GLU F 360 -27.46 44.95 -13.98
CA GLU F 360 -26.03 44.92 -13.76
C GLU F 360 -25.41 46.26 -14.11
N LEU F 361 -25.90 46.90 -15.18
CA LEU F 361 -25.26 48.09 -15.74
C LEU F 361 -25.37 49.30 -14.82
N ASN F 362 -26.60 49.67 -14.46
CA ASN F 362 -26.89 50.86 -13.69
C ASN F 362 -26.49 50.70 -12.23
N ARG F 363 -26.33 49.46 -11.76
CA ARG F 363 -25.79 49.25 -10.43
C ARG F 363 -24.27 49.25 -10.46
N ARG F 364 -23.68 48.61 -11.46
CA ARG F 364 -22.24 48.48 -11.57
C ARG F 364 -21.57 49.80 -11.85
N ILE F 365 -22.23 50.67 -12.62
CA ILE F 365 -21.78 52.05 -12.78
C ILE F 365 -22.82 52.88 -12.04
N GLY F 366 -22.42 53.42 -10.89
CA GLY F 366 -23.34 54.23 -10.12
C GLY F 366 -23.25 53.96 -8.63
N ARG F 367 -22.93 52.73 -8.25
CA ARG F 367 -22.74 52.41 -6.84
C ARG F 367 -21.30 52.59 -6.42
N LEU F 368 -20.48 53.15 -7.30
CA LEU F 368 -19.09 53.52 -7.03
C LEU F 368 -18.97 55.01 -6.82
N ARG F 369 -19.93 55.60 -6.12
CA ARG F 369 -20.12 57.04 -6.16
C ARG F 369 -19.18 57.81 -5.25
N ALA F 370 -19.36 57.65 -3.95
CA ALA F 370 -18.85 58.63 -3.00
C ALA F 370 -18.71 57.97 -1.64
N ASN F 371 -18.82 58.79 -0.59
CA ASN F 371 -18.67 58.46 0.83
C ASN F 371 -19.31 57.13 1.24
N ASN F 372 -18.66 56.46 2.18
CA ASN F 372 -19.11 55.17 2.69
C ASN F 372 -18.99 55.19 4.21
N VAL F 373 -20.12 55.10 4.91
CA VAL F 373 -20.16 55.34 6.34
C VAL F 373 -19.68 54.10 7.09
N THR F 374 -18.70 54.29 7.98
CA THR F 374 -18.05 53.20 8.70
C THR F 374 -18.26 53.41 10.20
N ILE F 375 -19.16 52.63 10.80
CA ILE F 375 -19.55 52.83 12.19
C ILE F 375 -18.97 51.70 13.04
N LYS F 376 -19.23 51.77 14.35
CA LYS F 376 -19.01 50.67 15.27
C LYS F 376 -20.35 50.25 15.87
N VAL F 377 -20.33 49.20 16.68
CA VAL F 377 -21.53 48.78 17.37
C VAL F 377 -21.41 49.19 18.84
N THR F 378 -22.55 49.36 19.51
CA THR F 378 -22.58 49.71 20.92
C THR F 378 -23.23 48.58 21.72
N GLY F 379 -23.31 48.79 23.03
CA GLY F 379 -23.96 47.85 23.92
C GLY F 379 -23.40 47.88 25.32
N VAL F 380 -24.26 47.69 26.32
CA VAL F 380 -23.79 47.61 27.70
C VAL F 380 -23.23 46.24 28.04
N THR F 381 -23.38 45.27 27.15
CA THR F 381 -22.76 43.96 27.29
C THR F 381 -22.11 43.68 25.93
N VAL F 382 -21.31 42.62 25.83
CA VAL F 382 -20.88 42.15 24.53
C VAL F 382 -21.96 41.28 23.90
N SER F 383 -22.81 40.65 24.72
CA SER F 383 -23.85 39.77 24.21
C SER F 383 -24.93 40.54 23.47
N ASP F 384 -25.48 41.59 24.09
CA ASP F 384 -26.49 42.39 23.40
C ASP F 384 -25.88 43.21 22.27
N ALA F 385 -24.58 43.50 22.37
CA ALA F 385 -23.87 44.12 21.26
C ALA F 385 -23.84 43.19 20.06
N SER F 386 -23.59 41.90 20.29
CA SER F 386 -23.66 40.93 19.21
C SER F 386 -25.09 40.75 18.71
N GLU F 387 -26.06 40.89 19.60
CA GLU F 387 -27.47 40.79 19.21
C GLU F 387 -27.86 41.90 18.24
N ARG F 388 -27.65 43.15 18.63
CA ARG F 388 -27.95 44.27 17.74
C ARG F 388 -26.97 44.34 16.56
N TRP F 389 -25.78 43.75 16.68
CA TRP F 389 -24.90 43.54 15.55
C TRP F 389 -25.56 42.71 14.49
N ALA F 390 -26.09 41.55 14.89
CA ALA F 390 -26.75 40.66 13.94
C ALA F 390 -28.00 41.29 13.36
N ARG F 391 -28.79 41.98 14.19
CA ARG F 391 -30.01 42.57 13.67
C ARG F 391 -29.71 43.82 12.84
N TYR F 392 -28.58 44.47 13.07
CA TYR F 392 -28.23 45.62 12.25
C TYR F 392 -27.66 45.17 10.92
N GLU F 393 -26.95 44.03 10.94
CA GLU F 393 -26.64 43.31 9.71
C GLU F 393 -27.89 42.94 8.94
N ASP F 394 -28.97 42.61 9.66
CA ASP F 394 -30.22 42.33 8.98
C ASP F 394 -30.84 43.59 8.39
N VAL F 395 -30.77 44.72 9.10
CA VAL F 395 -31.50 45.89 8.64
C VAL F 395 -30.78 46.57 7.48
N MET F 396 -29.45 46.42 7.40
CA MET F 396 -28.73 47.12 6.34
C MET F 396 -29.02 46.52 4.97
N LYS F 397 -29.22 45.20 4.91
CA LYS F 397 -29.57 44.57 3.66
C LYS F 397 -30.99 44.90 3.27
N ALA F 398 -31.88 44.99 4.25
CA ALA F 398 -33.26 45.30 3.96
C ALA F 398 -33.42 46.73 3.46
N ALA F 399 -32.66 47.64 4.03
CA ALA F 399 -32.68 49.01 3.54
C ALA F 399 -31.98 49.13 2.19
N ARG F 400 -30.99 48.26 1.94
CA ARG F 400 -30.34 48.24 0.62
C ARG F 400 -31.31 47.77 -0.45
N THR F 401 -32.10 46.72 -0.16
CA THR F 401 -33.12 46.30 -1.13
C THR F 401 -34.20 47.35 -1.30
N GLY F 402 -34.51 48.10 -0.24
CA GLY F 402 -35.45 49.20 -0.39
C GLY F 402 -34.95 50.28 -1.32
N GLN F 403 -33.71 50.75 -1.10
CA GLN F 403 -33.13 51.75 -1.99
C GLN F 403 -32.82 51.21 -3.37
N GLN F 404 -32.70 49.90 -3.50
CA GLN F 404 -32.14 49.30 -4.70
C GLN F 404 -33.19 48.83 -5.68
N PHE F 405 -34.11 47.98 -5.23
CA PHE F 405 -34.94 47.20 -6.14
C PHE F 405 -36.43 47.29 -5.87
N GLY F 406 -36.86 48.20 -4.99
CA GLY F 406 -38.28 48.36 -4.72
C GLY F 406 -38.84 47.23 -3.88
N VAL F 407 -40.15 47.31 -3.63
CA VAL F 407 -40.85 46.39 -2.74
C VAL F 407 -42.17 46.00 -3.39
N ILE F 408 -42.42 44.70 -3.53
CA ILE F 408 -43.72 44.27 -4.04
C ILE F 408 -44.56 44.03 -2.79
N PRO F 409 -45.88 44.14 -2.86
CA PRO F 409 -46.70 43.54 -1.80
C PRO F 409 -46.55 42.03 -1.83
N GLY F 410 -46.46 41.43 -0.66
CA GLY F 410 -45.72 40.20 -0.44
C GLY F 410 -46.62 38.99 -0.60
N ILE F 411 -47.02 38.39 0.53
CA ILE F 411 -46.98 36.95 0.81
C ILE F 411 -47.24 36.08 -0.41
N GLY F 412 -48.35 36.30 -1.10
CA GLY F 412 -48.57 35.69 -2.38
C GLY F 412 -49.31 36.64 -3.26
N TYR F 413 -49.40 37.88 -2.79
CA TYR F 413 -50.33 38.86 -3.32
C TYR F 413 -49.97 39.26 -4.75
N GLY F 414 -48.67 39.28 -5.07
CA GLY F 414 -48.28 39.51 -6.45
C GLY F 414 -48.68 38.35 -7.35
N TYR F 415 -48.46 37.13 -6.88
CA TYR F 415 -48.85 35.94 -7.64
C TYR F 415 -50.34 35.82 -7.77
N LEU F 416 -51.10 36.37 -6.82
CA LEU F 416 -52.55 36.20 -6.88
C LEU F 416 -53.24 37.41 -7.45
N MET F 417 -52.53 38.50 -7.64
CA MET F 417 -52.98 39.48 -8.62
C MET F 417 -52.61 39.01 -10.02
N ALA F 418 -51.53 38.23 -10.14
CA ALA F 418 -51.24 37.55 -11.39
C ALA F 418 -52.26 36.46 -11.67
N SER F 419 -52.88 35.90 -10.63
CA SER F 419 -53.97 34.97 -10.85
C SER F 419 -55.17 35.64 -11.49
N LYS F 420 -55.53 36.84 -11.04
CA LYS F 420 -56.61 37.56 -11.69
C LYS F 420 -56.16 38.12 -13.02
N TRP F 421 -54.85 38.33 -13.19
CA TRP F 421 -54.27 38.65 -14.48
C TRP F 421 -54.24 37.45 -15.41
N LEU F 422 -54.44 36.26 -14.88
CA LEU F 422 -54.80 35.08 -15.66
C LEU F 422 -56.30 34.86 -15.70
N GLU F 423 -57.07 35.63 -14.94
CA GLU F 423 -58.50 35.66 -15.12
C GLU F 423 -58.92 36.79 -16.05
N ALA F 424 -58.43 38.01 -15.79
CA ALA F 424 -58.37 39.06 -16.81
C ALA F 424 -57.08 38.83 -17.60
N ASN F 425 -57.15 37.86 -18.48
CA ASN F 425 -55.95 37.28 -19.09
C ASN F 425 -55.75 37.80 -20.51
N VAL F 426 -54.74 37.23 -21.17
CA VAL F 426 -54.73 37.13 -22.62
C VAL F 426 -56.05 36.43 -22.94
N PRO F 427 -57.00 37.13 -23.56
CA PRO F 427 -58.42 36.77 -23.42
C PRO F 427 -58.82 35.48 -24.12
N GLN F 428 -57.91 34.84 -24.87
CA GLN F 428 -58.19 33.51 -25.40
C GLN F 428 -58.19 32.51 -24.25
N GLN F 429 -59.38 32.16 -23.78
CA GLN F 429 -59.49 30.99 -22.92
C GLN F 429 -59.25 29.77 -23.78
N SER F 430 -58.17 29.06 -23.50
CA SER F 430 -57.52 28.18 -24.47
C SER F 430 -58.34 26.92 -24.72
N ASP F 431 -58.69 26.67 -25.99
CA ASP F 431 -59.38 25.44 -26.35
C ASP F 431 -58.40 24.33 -26.67
N GLU F 432 -57.24 24.67 -27.23
CA GLU F 432 -56.21 23.67 -27.51
C GLU F 432 -55.64 23.13 -26.22
N LYS F 433 -55.66 21.80 -26.09
CA LYS F 433 -55.37 21.13 -24.83
C LYS F 433 -53.92 21.31 -24.40
N LEU F 434 -53.02 21.56 -25.36
CA LEU F 434 -51.69 22.02 -25.00
C LEU F 434 -51.74 23.39 -24.30
N GLU F 435 -52.39 24.37 -24.94
CA GLU F 435 -52.53 25.66 -24.28
C GLU F 435 -53.55 25.67 -23.16
N LYS F 436 -54.56 24.79 -23.21
CA LYS F 436 -55.50 24.68 -22.09
C LYS F 436 -54.80 24.14 -20.84
N CYS F 437 -53.96 23.12 -21.02
CA CYS F 437 -53.15 22.66 -19.91
C CYS F 437 -52.13 23.71 -19.52
N ARG F 438 -51.73 24.58 -20.44
CA ARG F 438 -50.81 25.66 -20.07
C ARG F 438 -51.47 26.66 -19.14
N ILE F 439 -52.69 27.12 -19.45
CA ILE F 439 -53.34 28.06 -18.55
C ILE F 439 -53.74 27.37 -17.25
N GLY F 440 -54.10 26.09 -17.30
CA GLY F 440 -54.39 25.36 -16.09
C GLY F 440 -53.19 25.08 -15.23
N LEU F 441 -51.99 25.11 -15.80
CA LEU F 441 -50.78 24.94 -15.00
C LEU F 441 -50.21 26.26 -14.47
N ILE F 442 -50.31 27.35 -15.22
CA ILE F 442 -49.91 28.64 -14.66
C ILE F 442 -50.95 29.13 -13.65
N GLU F 443 -52.17 28.59 -13.70
CA GLU F 443 -53.20 28.78 -12.70
C GLU F 443 -52.80 28.26 -11.33
N VAL F 444 -51.95 27.23 -11.28
CA VAL F 444 -51.57 26.61 -10.01
C VAL F 444 -50.19 27.17 -9.67
N LEU F 445 -49.92 28.38 -10.13
CA LEU F 445 -48.85 29.16 -9.55
C LEU F 445 -49.37 30.11 -8.48
N ARG F 446 -50.60 29.86 -8.03
CA ARG F 446 -51.15 30.24 -6.75
C ARG F 446 -50.52 29.44 -5.61
N ALA F 447 -49.69 28.44 -5.94
CA ALA F 447 -49.22 27.44 -5.00
C ALA F 447 -48.30 28.02 -3.94
N GLN F 448 -47.64 29.14 -4.22
CA GLN F 448 -46.76 29.72 -3.22
C GLN F 448 -47.54 30.28 -2.04
N TYR F 449 -48.54 31.11 -2.33
CA TYR F 449 -49.44 31.59 -1.29
C TYR F 449 -50.20 30.44 -0.68
N GLU F 450 -50.54 29.45 -1.50
CA GLU F 450 -51.35 28.33 -1.08
C GLU F 450 -50.61 27.46 -0.07
N HIS F 451 -49.36 27.12 -0.34
CA HIS F 451 -48.45 26.43 0.55
C HIS F 451 -48.04 27.26 1.75
N LEU F 452 -47.96 28.58 1.61
CA LEU F 452 -47.54 29.39 2.74
C LEU F 452 -48.65 29.51 3.78
N THR F 453 -49.88 29.76 3.37
CA THR F 453 -50.94 29.90 4.36
C THR F 453 -51.72 28.62 4.63
N GLY F 454 -51.52 27.57 3.83
CA GLY F 454 -52.20 26.31 4.08
C GLY F 454 -51.60 25.48 5.20
N HIS F 455 -50.60 26.02 5.89
CA HIS F 455 -50.26 25.54 7.23
C HIS F 455 -51.48 25.60 8.14
N ASP F 456 -52.31 26.65 7.98
CA ASP F 456 -53.65 26.70 8.56
C ASP F 456 -54.76 26.82 7.53
N GLY F 457 -54.49 27.42 6.37
CA GLY F 457 -55.52 27.77 5.42
C GLY F 457 -55.73 29.27 5.35
N SER F 458 -56.57 29.70 4.41
CA SER F 458 -57.19 28.85 3.39
C SER F 458 -57.06 29.53 2.04
N ALA F 459 -56.39 28.88 1.09
CA ALA F 459 -56.07 29.51 -0.19
C ALA F 459 -56.53 28.62 -1.33
N GLU F 460 -57.63 28.99 -1.96
CA GLU F 460 -58.07 28.38 -3.20
C GLU F 460 -58.40 29.50 -4.18
N ASN F 461 -58.52 29.15 -5.46
CA ASN F 461 -58.82 30.17 -6.46
C ASN F 461 -60.20 30.82 -6.37
N PRO F 462 -61.27 30.21 -5.84
CA PRO F 462 -62.44 31.03 -5.48
C PRO F 462 -62.37 31.65 -4.09
N ILE F 463 -61.24 31.54 -3.39
CA ILE F 463 -61.11 32.07 -2.04
C ILE F 463 -60.14 33.24 -2.15
N PHE F 464 -60.17 33.91 -3.30
CA PHE F 464 -59.43 35.16 -3.43
C PHE F 464 -59.94 36.21 -2.46
N ILE F 465 -61.20 36.61 -2.65
CA ILE F 465 -61.80 37.75 -1.95
C ILE F 465 -61.91 37.48 -0.45
N ASP F 466 -62.06 36.21 -0.07
CA ASP F 466 -62.27 35.87 1.33
C ASP F 466 -60.99 36.00 2.14
N LEU F 467 -59.92 35.31 1.73
CA LEU F 467 -58.75 35.20 2.58
C LEU F 467 -57.50 35.85 1.99
N VAL F 468 -57.42 35.97 0.66
CA VAL F 468 -56.23 36.56 0.06
C VAL F 468 -56.26 38.06 0.19
N THR F 469 -57.39 38.66 -0.17
CA THR F 469 -57.65 40.07 0.05
C THR F 469 -58.59 40.28 1.23
N GLY F 470 -58.60 39.33 2.16
CA GLY F 470 -59.26 39.52 3.45
C GLY F 470 -58.29 39.22 4.58
N GLN F 471 -57.87 40.23 5.33
CA GLN F 471 -58.35 41.60 5.21
C GLN F 471 -57.46 42.53 4.36
N GLU F 472 -57.89 42.73 3.10
CA GLU F 472 -57.57 43.87 2.21
C GLU F 472 -56.08 44.16 2.03
N SER F 473 -55.21 43.19 2.30
CA SER F 473 -53.78 43.46 2.23
C SER F 473 -53.07 42.16 1.86
N ASP F 474 -51.78 42.10 2.14
CA ASP F 474 -51.09 40.83 2.24
C ASP F 474 -51.54 40.18 3.55
N THR F 475 -52.20 39.03 3.46
CA THR F 475 -52.96 38.49 4.59
C THR F 475 -52.43 37.13 5.04
N PRO F 476 -51.49 37.11 5.98
CA PRO F 476 -51.25 35.89 6.76
C PRO F 476 -52.17 35.86 7.97
N MET F 477 -52.36 34.65 8.51
CA MET F 477 -53.38 34.41 9.53
C MET F 477 -52.87 34.78 10.92
N ASN F 478 -52.43 36.04 11.04
CA ASN F 478 -52.22 36.70 12.32
C ASN F 478 -52.97 38.02 12.40
N VAL F 479 -52.74 38.91 11.44
CA VAL F 479 -53.19 40.30 11.56
C VAL F 479 -53.76 40.77 10.23
N TYR F 480 -53.52 39.98 9.16
CA TYR F 480 -54.04 40.15 7.80
C TYR F 480 -53.50 41.40 7.08
N ASP F 481 -52.42 42.01 7.57
CA ASP F 481 -51.81 43.15 6.90
C ASP F 481 -50.36 43.27 7.33
N ASN F 482 -49.71 44.36 6.87
CA ASN F 482 -48.38 44.81 7.29
C ASN F 482 -47.31 43.74 7.03
N ALA F 483 -47.15 43.45 5.74
CA ALA F 483 -46.10 42.56 5.29
C ALA F 483 -45.65 43.03 3.92
N ALA F 484 -44.42 42.68 3.56
CA ALA F 484 -43.84 43.18 2.33
C ALA F 484 -42.70 42.28 1.92
N ALA F 485 -42.62 41.96 0.64
CA ALA F 485 -41.51 41.15 0.16
C ALA F 485 -40.52 41.98 -0.61
N THR F 486 -39.32 41.46 -0.72
CA THR F 486 -38.35 41.97 -1.68
C THR F 486 -38.88 41.76 -3.09
N MET F 487 -38.58 42.71 -3.98
CA MET F 487 -39.37 42.84 -5.20
C MET F 487 -38.82 42.00 -6.35
N ILE F 488 -37.60 42.31 -6.78
CA ILE F 488 -37.16 41.65 -8.00
C ILE F 488 -36.62 40.26 -7.65
N ALA F 489 -36.59 39.90 -6.37
CA ALA F 489 -36.52 38.50 -6.01
C ALA F 489 -37.71 37.77 -6.61
N LEU F 490 -38.94 38.15 -6.29
CA LEU F 490 -40.03 37.47 -6.95
C LEU F 490 -40.39 38.03 -8.31
N GLU F 491 -39.49 38.79 -8.95
CA GLU F 491 -39.59 38.96 -10.40
C GLU F 491 -38.57 38.10 -11.14
N GLY F 492 -37.29 38.27 -10.82
CA GLY F 492 -36.25 37.49 -11.46
C GLY F 492 -36.30 36.02 -11.08
N ALA F 493 -36.87 35.70 -9.92
CA ALA F 493 -37.03 34.31 -9.52
C ALA F 493 -38.08 33.63 -10.38
N TRP F 494 -39.16 34.34 -10.68
CA TRP F 494 -40.14 33.88 -11.65
C TRP F 494 -39.48 33.59 -12.99
N GLN F 495 -38.71 34.54 -13.49
CA GLN F 495 -38.07 34.38 -14.80
C GLN F 495 -37.07 33.23 -14.83
N THR F 496 -36.15 33.19 -13.87
CA THR F 496 -35.10 32.19 -13.94
C THR F 496 -35.60 30.81 -13.53
N ALA F 497 -36.68 30.71 -12.76
CA ALA F 497 -37.13 29.35 -12.53
C ALA F 497 -38.06 28.90 -13.62
N LYS F 498 -38.55 29.80 -14.48
CA LYS F 498 -39.08 29.26 -15.73
C LYS F 498 -37.95 28.76 -16.63
N THR F 499 -36.82 29.46 -16.63
CA THR F 499 -35.71 28.91 -17.42
C THR F 499 -34.94 27.81 -16.70
N LEU F 500 -35.42 27.32 -15.56
CA LEU F 500 -35.06 25.98 -15.12
C LEU F 500 -36.23 25.04 -14.95
N GLY F 501 -37.44 25.48 -15.23
CA GLY F 501 -38.55 24.57 -15.39
C GLY F 501 -38.72 24.17 -16.82
N LYS F 502 -38.06 24.87 -17.74
CA LYS F 502 -37.91 24.46 -19.12
C LYS F 502 -36.74 23.55 -19.33
N ILE F 503 -35.61 23.79 -18.67
CA ILE F 503 -34.57 22.79 -18.47
C ILE F 503 -35.12 21.90 -17.36
N SER F 504 -34.49 20.74 -17.11
CA SER F 504 -34.77 19.73 -16.09
C SER F 504 -36.00 18.89 -16.40
N ASN F 505 -36.79 19.24 -17.39
CA ASN F 505 -37.70 18.27 -17.96
C ASN F 505 -37.53 18.08 -19.46
N VAL F 506 -36.83 18.97 -20.14
CA VAL F 506 -36.36 18.69 -21.48
C VAL F 506 -34.93 18.13 -21.39
N MET F 507 -34.55 17.63 -20.22
CA MET F 507 -33.32 16.87 -20.08
C MET F 507 -33.62 15.36 -20.01
N GLY F 508 -32.73 14.56 -20.58
CA GLY F 508 -32.94 13.13 -20.61
C GLY F 508 -31.76 12.21 -20.35
N ARG F 509 -30.56 12.73 -20.04
CA ARG F 509 -29.40 11.86 -19.86
C ARG F 509 -28.50 12.31 -18.72
N SER F 510 -27.40 11.58 -18.57
CA SER F 510 -26.25 12.06 -17.81
C SER F 510 -25.03 11.30 -18.32
N ASN F 511 -24.25 11.92 -19.21
CA ASN F 511 -23.11 11.26 -19.82
C ASN F 511 -21.90 11.41 -18.92
N THR F 512 -20.72 11.05 -19.44
CA THR F 512 -19.46 11.38 -18.78
C THR F 512 -18.33 11.43 -19.79
N ASN F 513 -17.45 12.40 -19.60
CA ASN F 513 -16.11 12.42 -20.14
C ASN F 513 -15.29 13.37 -19.28
N TYR F 514 -13.98 13.39 -19.50
CA TYR F 514 -13.18 14.51 -19.04
C TYR F 514 -12.70 15.24 -20.28
N ALA F 515 -13.26 16.44 -20.49
CA ALA F 515 -13.11 17.26 -21.70
C ALA F 515 -13.47 16.49 -22.96
N THR G 1 -21.56 4.94 -0.08
CA THR G 1 -21.66 4.55 1.32
C THR G 1 -21.02 5.60 2.22
N GLU G 2 -21.50 6.83 2.12
CA GLU G 2 -20.90 7.95 2.84
C GLU G 2 -22.00 8.85 3.37
N ILE G 3 -21.60 10.05 3.75
CA ILE G 3 -22.50 11.03 4.31
C ILE G 3 -23.39 11.60 3.20
N SER G 4 -24.52 12.19 3.58
CA SER G 4 -25.58 12.39 2.62
C SER G 4 -26.58 13.43 3.12
N PHE G 5 -27.73 13.47 2.45
CA PHE G 5 -28.95 13.94 3.05
C PHE G 5 -29.41 13.09 4.22
N THR G 6 -30.47 13.57 4.84
CA THR G 6 -31.51 12.78 5.50
C THR G 6 -32.82 13.53 5.28
N ASN G 7 -33.91 12.80 5.05
CA ASN G 7 -35.18 13.46 4.72
C ASN G 7 -36.39 12.57 4.90
N LYS G 8 -37.36 12.93 5.75
CA LYS G 8 -37.17 13.62 7.03
C LYS G 8 -37.32 12.56 8.08
N ASN G 9 -37.96 11.47 7.68
CA ASN G 9 -38.05 10.35 8.60
C ASN G 9 -36.75 9.58 8.68
N ASP G 10 -35.75 9.95 7.88
CA ASP G 10 -34.37 9.66 8.17
C ASP G 10 -33.75 10.71 9.08
N THR G 11 -34.50 11.73 9.50
CA THR G 11 -33.93 12.61 10.50
C THR G 11 -34.91 13.01 11.59
N ARG G 12 -36.10 12.40 11.64
CA ARG G 12 -36.82 12.34 12.90
C ARG G 12 -36.21 11.29 13.81
N GLU G 13 -35.91 10.12 13.27
CA GLU G 13 -35.30 9.08 14.06
C GLU G 13 -33.80 9.04 13.87
N ILE G 14 -33.17 10.20 13.76
CA ILE G 14 -31.76 10.35 14.06
C ILE G 14 -31.53 11.46 15.07
N VAL G 15 -32.56 12.24 15.40
CA VAL G 15 -32.52 13.17 16.51
C VAL G 15 -33.50 12.79 17.58
N ASP G 16 -34.30 11.75 17.40
CA ASP G 16 -34.87 11.03 18.52
C ASP G 16 -33.92 9.93 18.96
N GLU G 17 -32.87 9.73 18.21
CA GLU G 17 -31.89 8.69 18.44
C GLU G 17 -30.73 9.21 19.25
N VAL G 18 -30.53 10.52 19.31
CA VAL G 18 -29.53 11.14 20.17
C VAL G 18 -30.12 12.15 21.11
N VAL G 19 -31.42 12.09 21.39
CA VAL G 19 -31.92 12.75 22.59
C VAL G 19 -32.59 11.61 23.36
N GLU G 20 -32.01 10.43 23.25
CA GLU G 20 -32.37 9.31 24.10
C GLU G 20 -31.15 8.80 24.84
N ASN G 21 -30.08 8.48 24.11
CA ASN G 21 -28.78 8.24 24.69
C ASN G 21 -27.97 9.51 24.79
N ALA G 22 -28.63 10.62 24.95
CA ALA G 22 -28.06 11.75 25.64
C ALA G 22 -28.95 12.18 26.79
N PHE G 23 -30.11 11.54 26.95
CA PHE G 23 -30.96 11.80 28.09
C PHE G 23 -30.76 10.76 29.18
N SER G 24 -30.70 9.48 28.81
CA SER G 24 -30.39 8.41 29.76
C SER G 24 -28.93 8.26 30.01
N SER G 25 -28.12 9.17 29.54
CA SER G 25 -26.73 9.23 29.95
C SER G 25 -26.48 10.17 31.10
N VAL G 26 -27.05 11.38 31.09
CA VAL G 26 -26.89 12.32 32.18
C VAL G 26 -28.17 12.50 32.98
N CYS G 27 -29.20 11.69 32.76
CA CYS G 27 -30.22 11.59 33.79
C CYS G 27 -29.90 10.46 34.74
N SER G 28 -28.77 9.77 34.51
CA SER G 28 -28.28 8.78 35.46
C SER G 28 -27.49 9.44 36.57
N THR G 29 -26.52 10.29 36.22
CA THR G 29 -25.67 10.90 37.21
C THR G 29 -26.35 12.02 38.00
N MET G 30 -27.64 12.19 37.89
CA MET G 30 -28.35 13.13 38.74
C MET G 30 -28.54 12.54 40.13
N GLY G 31 -28.42 13.38 41.14
CA GLY G 31 -28.91 13.06 42.46
C GLY G 31 -27.88 12.41 43.38
N PRO G 32 -28.35 11.88 44.51
CA PRO G 32 -27.47 11.11 45.38
C PRO G 32 -27.13 9.73 44.82
N ASN G 33 -28.09 9.08 44.17
CA ASN G 33 -27.85 7.79 43.53
C ASN G 33 -27.10 7.95 42.22
N GLY G 34 -25.89 8.49 42.26
CA GLY G 34 -25.31 8.91 41.01
C GLY G 34 -24.63 7.79 40.27
N ASN G 35 -25.35 7.23 39.32
CA ASN G 35 -24.96 6.04 38.61
C ASN G 35 -23.85 6.43 37.63
N TYR G 36 -22.62 5.95 37.86
CA TYR G 36 -21.36 6.44 37.33
C TYR G 36 -21.30 6.36 35.81
N VAL G 37 -20.26 6.96 35.22
CA VAL G 37 -20.04 6.91 33.78
C VAL G 37 -18.56 6.65 33.52
N VAL G 38 -18.25 5.63 32.73
CA VAL G 38 -16.85 5.26 32.47
C VAL G 38 -16.45 5.96 31.18
N ILE G 39 -15.71 7.04 31.34
CA ILE G 39 -15.26 7.85 30.23
C ILE G 39 -13.86 7.41 29.86
N ASN G 40 -13.68 6.99 28.62
CA ASN G 40 -12.36 6.66 28.14
C ASN G 40 -11.49 7.92 28.08
N GLN G 41 -10.19 7.71 28.06
CA GLN G 41 -9.22 8.75 27.78
C GLN G 41 -8.43 8.29 26.58
N LEU G 42 -7.29 8.92 26.37
CA LEU G 42 -6.22 8.17 25.73
C LEU G 42 -5.90 6.93 26.54
N ASN G 43 -5.83 7.07 27.85
CA ASN G 43 -5.33 6.10 28.80
C ASN G 43 -6.35 5.04 29.17
N SER G 44 -6.04 4.36 30.28
CA SER G 44 -7.01 3.71 31.13
C SER G 44 -8.11 4.69 31.53
N PRO G 45 -9.34 4.22 31.75
CA PRO G 45 -10.47 5.13 31.81
C PRO G 45 -10.55 5.91 33.10
N LYS G 46 -11.08 7.12 32.99
CA LYS G 46 -11.57 7.83 34.16
C LYS G 46 -13.00 7.40 34.42
N VAL G 47 -13.39 7.36 35.69
CA VAL G 47 -14.76 7.02 36.02
C VAL G 47 -15.33 8.20 36.80
N THR G 48 -16.45 8.73 36.32
CA THR G 48 -16.88 10.04 36.76
C THR G 48 -18.33 10.05 37.18
N LYS G 49 -18.60 10.93 38.14
CA LYS G 49 -19.94 11.38 38.44
C LYS G 49 -20.35 12.58 37.59
N ASP G 50 -19.54 13.65 37.61
CA ASP G 50 -20.00 14.99 37.25
C ASP G 50 -20.33 15.11 35.77
N GLY G 51 -21.54 15.56 35.48
CA GLY G 51 -22.16 15.39 34.18
C GLY G 51 -21.60 16.25 33.07
N VAL G 52 -20.81 17.26 33.42
CA VAL G 52 -20.17 18.10 32.40
C VAL G 52 -19.26 17.25 31.52
N SER G 53 -18.42 16.44 32.16
CA SER G 53 -17.49 15.62 31.40
C SER G 53 -18.19 14.51 30.65
N VAL G 54 -19.33 14.06 31.17
CA VAL G 54 -20.16 13.10 30.45
C VAL G 54 -20.72 13.72 29.18
N ALA G 55 -21.11 15.00 29.23
CA ALA G 55 -21.58 15.65 28.01
C ALA G 55 -20.44 15.93 27.06
N ARG G 56 -19.24 16.14 27.59
CA ARG G 56 -18.09 16.37 26.70
C ARG G 56 -17.67 15.08 26.02
N ALA G 57 -17.88 13.95 26.67
CA ALA G 57 -17.49 12.64 26.15
C ALA G 57 -18.64 11.98 25.43
N LEU G 58 -19.50 12.76 24.80
CA LEU G 58 -20.72 12.23 24.19
C LEU G 58 -20.38 11.95 22.74
N ASP G 59 -19.40 11.09 22.53
CA ASP G 59 -18.77 10.98 21.22
C ASP G 59 -19.28 9.73 20.55
N PHE G 60 -19.99 9.93 19.45
CA PHE G 60 -20.40 8.85 18.57
C PHE G 60 -19.38 8.71 17.46
N ASN G 61 -19.71 7.97 16.43
CA ASN G 61 -18.85 7.92 15.26
C ASN G 61 -19.60 8.13 13.96
N GLU G 62 -20.91 7.97 13.98
CA GLU G 62 -21.76 8.46 12.90
C GLU G 62 -21.65 9.97 12.84
N ALA G 63 -21.29 10.53 11.68
CA ALA G 63 -21.10 11.97 11.60
C ALA G 63 -22.40 12.74 11.75
N ARG G 64 -23.53 12.14 11.37
CA ARG G 64 -24.82 12.79 11.59
C ARG G 64 -25.15 12.86 13.06
N ARG G 65 -24.94 11.77 13.77
CA ARG G 65 -25.29 11.74 15.19
C ARG G 65 -24.31 12.50 16.04
N ASN G 66 -23.03 12.47 15.69
CA ASN G 66 -22.07 13.37 16.32
C ASN G 66 -22.45 14.82 16.06
N MET G 67 -22.86 15.12 14.83
CA MET G 67 -23.15 16.48 14.40
C MET G 67 -24.37 17.03 15.13
N ILE G 68 -25.31 16.16 15.50
CA ILE G 68 -26.50 16.63 16.19
C ILE G 68 -26.29 16.61 17.70
N ALA G 69 -25.44 15.72 18.20
CA ALA G 69 -25.10 15.82 19.60
C ALA G 69 -24.32 17.09 19.92
N LYS G 70 -23.64 17.67 18.93
CA LYS G 70 -22.96 18.92 19.21
C LYS G 70 -23.88 20.08 19.52
N ILE G 71 -25.13 20.08 19.05
CA ILE G 71 -26.00 21.21 19.35
C ILE G 71 -27.00 20.89 20.43
N ILE G 72 -26.86 19.75 21.11
CA ILE G 72 -27.63 19.54 22.33
C ILE G 72 -26.67 19.60 23.51
N THR G 73 -25.40 19.32 23.28
CA THR G 73 -24.48 19.47 24.40
C THR G 73 -23.97 20.91 24.54
N GLU G 74 -24.36 21.80 23.63
CA GLU G 74 -23.99 23.22 23.61
C GLU G 74 -24.39 24.05 24.84
N PRO G 75 -25.64 24.01 25.35
CA PRO G 75 -25.91 24.81 26.54
C PRO G 75 -25.33 24.20 27.80
N SER G 76 -24.95 22.92 27.77
CA SER G 76 -24.23 22.35 28.89
C SER G 76 -22.87 22.99 29.09
N ILE G 77 -22.20 23.38 28.01
CA ILE G 77 -20.94 24.10 28.15
C ILE G 77 -21.15 25.62 28.17
N LYS G 78 -22.29 26.10 27.68
CA LYS G 78 -22.64 27.49 27.95
C LYS G 78 -22.89 27.70 29.44
N THR G 79 -23.47 26.69 30.10
CA THR G 79 -23.63 26.71 31.55
C THR G 79 -22.28 26.69 32.24
N ASP G 80 -21.30 26.02 31.64
CA ASP G 80 -19.94 26.07 32.14
C ASP G 80 -19.35 27.46 32.01
N ALA G 81 -19.62 28.13 30.89
CA ALA G 81 -19.12 29.47 30.67
C ALA G 81 -19.76 30.48 31.62
N GLU G 82 -21.05 30.34 31.90
CA GLU G 82 -21.72 31.29 32.77
C GLU G 82 -21.47 30.97 34.24
N VAL G 83 -21.92 29.82 34.69
CA VAL G 83 -21.86 29.46 36.10
C VAL G 83 -20.99 28.22 36.34
N GLY G 84 -21.10 27.21 35.49
CA GLY G 84 -20.33 26.01 35.74
C GLY G 84 -21.18 24.83 36.12
N ASP G 85 -22.22 25.07 36.90
CA ASP G 85 -23.09 24.03 37.42
C ASP G 85 -24.50 24.28 36.96
N GLY G 86 -25.17 23.22 36.51
CA GLY G 86 -26.50 23.36 35.94
C GLY G 86 -26.55 22.64 34.61
N THR G 87 -25.45 21.98 34.29
CA THR G 87 -25.34 21.17 33.08
C THR G 87 -26.34 20.01 33.08
N THR G 88 -26.34 19.26 34.16
CA THR G 88 -27.18 18.08 34.28
C THR G 88 -28.64 18.42 34.43
N THR G 89 -28.98 19.67 34.68
CA THR G 89 -30.38 20.06 34.69
C THR G 89 -30.84 20.48 33.30
N THR G 90 -29.96 21.14 32.55
CA THR G 90 -30.26 21.57 31.19
C THR G 90 -30.50 20.38 30.27
N VAL G 91 -29.54 19.47 30.16
CA VAL G 91 -29.68 18.41 29.16
C VAL G 91 -30.70 17.37 29.56
N PHE G 92 -31.14 17.39 30.80
CA PHE G 92 -32.33 16.70 31.30
C PHE G 92 -33.61 17.35 30.81
N ILE G 93 -33.74 18.65 31.06
CA ILE G 93 -35.04 19.25 30.83
C ILE G 93 -35.21 19.65 29.38
N THR G 94 -34.14 19.59 28.57
CA THR G 94 -34.33 19.75 27.15
C THR G 94 -34.79 18.49 26.43
N TYR G 95 -34.79 17.34 27.08
CA TYR G 95 -35.57 16.23 26.55
C TYR G 95 -36.97 16.22 27.10
N HIS G 96 -37.14 16.60 28.36
CA HIS G 96 -38.52 16.69 28.82
C HIS G 96 -39.32 17.79 28.14
N LEU G 97 -38.67 18.82 27.60
CA LEU G 97 -39.35 19.81 26.75
C LEU G 97 -39.42 19.39 25.30
N TYR G 98 -38.95 18.20 24.97
CA TYR G 98 -39.03 17.70 23.60
C TYR G 98 -40.13 16.65 23.49
N GLN G 99 -41.24 16.92 24.16
CA GLN G 99 -42.56 16.47 23.80
C GLN G 99 -43.23 17.40 22.81
N LYS G 100 -42.44 18.29 22.19
CA LYS G 100 -42.81 19.23 21.13
C LYS G 100 -42.32 18.70 19.79
N PHE G 101 -42.53 17.39 19.58
CA PHE G 101 -42.22 16.76 18.31
C PHE G 101 -42.97 17.40 17.17
N LYS G 102 -44.23 17.78 17.42
CA LYS G 102 -45.14 18.18 16.36
C LYS G 102 -45.48 19.65 16.37
N ASP G 103 -45.54 20.27 17.54
CA ASP G 103 -46.16 21.58 17.69
C ASP G 103 -45.15 22.71 17.53
N ALA G 104 -44.40 22.70 16.44
CA ALA G 104 -43.39 23.71 16.20
C ALA G 104 -43.94 24.94 15.51
N MET G 105 -45.26 25.08 15.36
CA MET G 105 -45.79 26.21 14.61
C MET G 105 -45.72 27.49 15.43
N SER G 106 -45.59 28.61 14.72
CA SER G 106 -45.04 29.83 15.30
C SER G 106 -46.03 30.55 16.20
N PHE G 107 -47.25 30.76 15.73
CA PHE G 107 -48.16 31.62 16.45
C PHE G 107 -48.55 31.06 17.80
N ALA G 108 -49.30 29.95 17.79
CA ALA G 108 -50.01 29.51 18.98
C ALA G 108 -49.05 29.03 20.06
N ASN G 109 -48.31 27.98 19.75
CA ASN G 109 -47.45 27.31 20.71
C ASN G 109 -45.98 27.54 20.42
N THR G 110 -45.62 28.74 20.01
CA THR G 110 -44.40 29.37 20.51
C THR G 110 -44.66 30.75 21.08
N ARG G 111 -45.76 31.42 20.74
CA ARG G 111 -46.08 32.64 21.48
C ARG G 111 -46.54 32.31 22.90
N TYR G 112 -47.38 31.28 23.08
CA TYR G 112 -47.67 30.77 24.41
C TYR G 112 -46.62 29.83 24.92
N LEU G 113 -45.45 29.81 24.33
CA LEU G 113 -44.38 29.06 24.92
C LEU G 113 -43.19 29.98 25.12
N ASP G 114 -43.32 31.25 24.77
CA ASP G 114 -42.36 32.22 25.25
C ASP G 114 -42.97 33.18 26.24
N THR G 115 -44.24 33.57 26.08
CA THR G 115 -44.91 34.33 27.12
C THR G 115 -45.07 33.50 28.40
N LEU G 116 -45.37 32.22 28.24
CA LEU G 116 -45.62 31.38 29.42
C LEU G 116 -44.33 31.08 30.16
N ILE G 117 -43.25 30.80 29.42
CA ILE G 117 -41.94 30.65 30.04
C ILE G 117 -41.49 31.98 30.62
N LYS G 118 -41.93 33.10 30.06
CA LYS G 118 -41.56 34.37 30.65
C LYS G 118 -42.27 34.61 31.97
N GLN G 119 -43.53 34.20 32.09
CA GLN G 119 -44.20 34.29 33.39
C GLN G 119 -43.66 33.25 34.38
N VAL G 120 -43.16 32.12 33.88
CA VAL G 120 -42.49 31.15 34.73
C VAL G 120 -41.22 31.73 35.33
N LEU G 121 -40.36 32.30 34.49
CA LEU G 121 -39.15 32.92 35.03
C LEU G 121 -39.45 34.14 35.88
N GLN G 122 -40.55 34.83 35.58
CA GLN G 122 -41.01 35.90 36.45
C GLN G 122 -41.31 35.39 37.85
N TYR G 123 -42.10 34.33 37.94
CA TYR G 123 -42.50 33.83 39.26
C TYR G 123 -41.35 33.14 39.98
N ILE G 124 -40.46 32.50 39.22
CA ILE G 124 -39.30 31.87 39.85
C ILE G 124 -38.35 32.92 40.39
N GLY G 125 -38.09 33.96 39.61
CA GLY G 125 -37.28 35.07 40.09
C GLY G 125 -37.93 35.82 41.23
N THR G 126 -39.26 35.79 41.30
CA THR G 126 -39.95 36.27 42.48
C THR G 126 -39.70 35.35 43.67
N LEU G 127 -39.67 34.06 43.42
CA LEU G 127 -39.83 33.07 44.49
C LEU G 127 -38.52 32.77 45.21
N ILE G 128 -37.38 33.11 44.62
CA ILE G 128 -36.07 32.68 45.11
C ILE G 128 -35.73 33.42 46.41
N GLN G 129 -35.25 32.60 47.50
CA GLN G 129 -34.77 32.90 48.84
C GLN G 129 -33.39 33.52 48.78
N PRO G 130 -33.08 34.40 49.72
CA PRO G 130 -31.74 35.00 49.74
C PRO G 130 -30.72 34.01 50.26
N GLY G 131 -29.95 33.42 49.35
CA GLY G 131 -28.88 32.55 49.76
C GLY G 131 -27.60 33.33 49.86
N GLU G 132 -27.22 33.73 51.07
CA GLU G 132 -26.05 34.56 51.28
C GLU G 132 -25.13 34.00 52.34
N ILE G 133 -25.72 33.23 53.27
CA ILE G 133 -24.94 32.71 54.39
C ILE G 133 -24.02 31.58 53.92
N GLU G 134 -23.06 31.25 54.77
CA GLU G 134 -22.06 30.26 54.43
C GLU G 134 -22.44 28.84 54.85
N SER G 135 -23.39 28.67 55.77
CA SER G 135 -23.78 27.32 56.17
C SER G 135 -24.64 26.63 55.13
N GLU G 136 -25.38 27.39 54.32
CA GLU G 136 -26.10 26.82 53.19
C GLU G 136 -25.25 26.77 51.93
N MET G 137 -24.21 27.59 51.85
CA MET G 137 -23.17 27.33 50.86
C MET G 137 -22.43 26.03 51.19
N PHE G 138 -22.33 25.72 52.48
CA PHE G 138 -21.85 24.41 52.93
C PHE G 138 -22.86 23.32 52.62
N ARG G 139 -24.12 23.69 52.39
CA ARG G 139 -25.08 22.71 51.89
C ARG G 139 -24.94 22.52 50.38
N ASN G 140 -24.67 23.60 49.64
CA ASN G 140 -24.57 23.52 48.19
C ASN G 140 -23.27 22.86 47.75
N MET G 141 -22.25 22.89 48.61
CA MET G 141 -20.99 22.24 48.28
C MET G 141 -21.10 20.72 48.25
N LEU G 142 -22.17 20.17 48.84
CA LEU G 142 -22.46 18.75 48.68
C LEU G 142 -22.75 18.39 47.22
N LEU G 143 -23.32 19.32 46.46
CA LEU G 143 -23.69 19.07 45.08
C LEU G 143 -22.68 19.59 44.08
N THR G 144 -22.09 20.77 44.31
CA THR G 144 -21.19 21.29 43.29
C THR G 144 -19.86 20.56 43.23
N SER G 145 -19.52 19.80 44.26
CA SER G 145 -18.26 19.07 44.27
C SER G 145 -18.46 17.57 44.15
N SER G 146 -19.69 17.08 44.34
CA SER G 146 -19.98 15.68 44.67
C SER G 146 -19.10 15.22 45.83
N ASN G 147 -19.18 16.00 46.92
CA ASN G 147 -18.44 15.96 48.19
C ASN G 147 -16.99 15.46 48.06
N TYR G 148 -16.26 16.03 47.10
CA TYR G 148 -14.94 15.55 46.73
C TYR G 148 -13.87 16.00 47.71
N GLU G 149 -13.61 17.31 47.78
CA GLU G 149 -12.59 17.84 48.67
C GLU G 149 -13.21 18.98 49.45
N GLU G 150 -13.59 18.69 50.70
CA GLU G 150 -14.17 19.68 51.59
C GLU G 150 -13.13 20.61 52.18
N GLU G 151 -11.85 20.34 51.95
CA GLU G 151 -10.81 21.27 52.39
C GLU G 151 -10.80 22.52 51.54
N ILE G 152 -11.07 22.37 50.24
CA ILE G 152 -11.28 23.52 49.35
C ILE G 152 -12.47 24.33 49.82
N VAL G 153 -13.53 23.64 50.25
CA VAL G 153 -14.70 24.28 50.81
C VAL G 153 -14.35 25.05 52.07
N ASP G 154 -13.53 24.45 52.94
CA ASP G 154 -13.10 25.13 54.16
C ASP G 154 -12.27 26.36 53.85
N LYS G 155 -11.40 26.26 52.84
CA LYS G 155 -10.62 27.41 52.39
C LYS G 155 -11.53 28.53 51.92
N ILE G 156 -12.47 28.24 51.04
CA ILE G 156 -13.27 29.31 50.45
C ILE G 156 -14.28 29.87 51.45
N LEU G 157 -14.74 29.05 52.41
CA LEU G 157 -15.57 29.59 53.48
C LEU G 157 -14.75 30.40 54.47
N ASP G 158 -13.44 30.16 54.56
CA ASP G 158 -12.59 31.08 55.29
C ASP G 158 -12.38 32.37 54.51
N ILE G 159 -12.36 32.27 53.18
CA ILE G 159 -12.19 33.47 52.35
C ILE G 159 -13.39 34.37 52.48
N TYR G 160 -14.58 33.79 52.44
CA TYR G 160 -15.78 34.59 52.67
C TYR G 160 -16.17 34.63 54.14
N ARG G 161 -15.31 34.12 55.01
CA ARG G 161 -15.26 34.51 56.40
C ARG G 161 -14.38 35.74 56.59
N GLU G 162 -13.52 36.02 55.62
CA GLU G 162 -12.74 37.24 55.57
C GLU G 162 -13.61 38.31 54.90
N HIS G 163 -13.02 39.45 54.51
CA HIS G 163 -13.72 40.56 53.86
C HIS G 163 -14.44 40.11 52.59
N LYS G 164 -15.56 40.77 52.28
CA LYS G 164 -16.45 40.31 51.23
C LYS G 164 -15.79 40.45 49.87
N ASN G 165 -15.90 39.37 49.08
CA ASN G 165 -15.46 39.09 47.70
C ASN G 165 -14.21 39.84 47.23
N PRO G 166 -13.02 39.55 47.80
CA PRO G 166 -11.80 40.18 47.28
C PRO G 166 -11.37 39.56 45.95
N ASN G 167 -10.18 39.94 45.46
CA ASN G 167 -9.70 39.44 44.18
C ASN G 167 -9.38 37.97 44.33
N ILE G 168 -10.36 37.13 44.00
CA ILE G 168 -10.18 35.69 44.08
C ILE G 168 -9.22 35.26 42.98
N HIS G 169 -8.08 34.73 43.39
CA HIS G 169 -6.90 34.68 42.55
C HIS G 169 -6.87 33.40 41.71
N LEU G 170 -6.03 33.43 40.67
CA LEU G 170 -5.88 32.34 39.72
C LEU G 170 -4.43 31.88 39.80
N GLU G 171 -4.16 30.85 40.60
CA GLU G 171 -2.79 30.36 40.70
C GLU G 171 -2.78 28.88 41.08
N LYS G 172 -2.03 28.09 40.32
CA LYS G 172 -1.95 26.66 40.53
C LYS G 172 -0.84 26.34 41.53
N SER G 173 -0.48 25.07 41.64
CA SER G 173 0.46 24.64 42.67
C SER G 173 1.29 23.45 42.24
N PRO G 174 2.62 23.62 42.13
CA PRO G 174 3.48 22.47 41.84
C PRO G 174 3.80 21.64 43.08
N MET G 175 3.29 22.02 44.25
CA MET G 175 3.92 21.64 45.50
C MET G 175 2.95 21.03 46.52
N LEU G 176 3.54 20.26 47.45
CA LEU G 176 2.73 19.57 48.46
C LEU G 176 2.18 20.48 49.55
N PRO G 177 3.02 21.23 50.34
CA PRO G 177 2.42 21.89 51.51
C PRO G 177 1.67 23.17 51.18
N ALA G 178 1.30 23.94 52.20
CA ALA G 178 1.04 25.38 52.11
C ALA G 178 -0.13 25.72 51.19
N ASP G 179 -1.34 25.43 51.67
CA ASP G 179 -2.49 26.12 51.10
C ASP G 179 -2.30 27.60 51.38
N GLU G 180 -1.90 28.36 50.36
CA GLU G 180 -1.44 29.72 50.55
C GLU G 180 -2.62 30.67 50.44
N VAL G 181 -2.82 31.47 51.48
CA VAL G 181 -3.84 32.53 51.51
C VAL G 181 -3.15 33.80 51.97
N LYS G 182 -3.00 34.76 51.06
CA LYS G 182 -2.41 36.05 51.40
C LYS G 182 -3.37 37.15 50.98
N MET G 183 -3.28 38.30 51.66
CA MET G 183 -4.10 39.45 51.33
C MET G 183 -3.21 40.64 51.01
N THR G 184 -3.40 41.22 49.83
CA THR G 184 -2.77 42.48 49.47
C THR G 184 -3.86 43.53 49.26
N LYS G 185 -3.45 44.74 48.90
CA LYS G 185 -4.37 45.85 48.66
C LYS G 185 -4.28 46.19 47.18
N GLU G 186 -5.31 45.80 46.43
CA GLU G 186 -5.25 45.85 44.99
C GLU G 186 -6.59 46.25 44.40
N ILE G 187 -6.62 47.33 43.61
CA ILE G 187 -7.78 47.62 42.79
C ILE G 187 -7.39 47.48 41.33
N TYR G 188 -7.91 46.42 40.70
CA TYR G 188 -7.39 45.88 39.44
C TYR G 188 -8.46 45.96 38.36
N PHE G 189 -8.34 46.93 37.45
CA PHE G 189 -9.18 46.94 36.26
C PHE G 189 -8.44 47.62 35.11
N GLU G 190 -9.05 47.57 33.93
CA GLU G 190 -8.33 47.58 32.66
C GLU G 190 -7.63 48.89 32.36
N GLY G 191 -6.35 48.78 32.04
CA GLY G 191 -5.57 49.81 31.38
C GLY G 191 -4.22 49.24 31.06
N SER G 192 -3.80 49.27 29.79
CA SER G 192 -2.61 48.54 29.36
C SER G 192 -1.86 49.41 28.35
N PHE G 193 -0.96 48.78 27.59
CA PHE G 193 -0.05 49.59 26.79
C PHE G 193 -0.53 49.71 25.35
N PRO G 194 -0.45 50.90 24.75
CA PRO G 194 -0.53 50.96 23.28
C PRO G 194 0.73 50.42 22.62
N ILE G 195 1.88 50.97 23.00
CA ILE G 195 3.22 50.58 22.57
C ILE G 195 4.04 50.51 23.86
N GLU G 196 5.06 49.64 23.87
CA GLU G 196 5.92 49.52 25.04
C GLU G 196 6.76 50.77 25.29
N THR G 197 7.00 51.59 24.27
CA THR G 197 7.71 52.85 24.48
C THR G 197 6.82 53.93 25.07
N GLN G 198 5.51 53.70 25.16
CA GLN G 198 4.60 54.66 25.75
C GLN G 198 4.52 54.53 27.26
N VAL G 199 5.05 53.44 27.81
CA VAL G 199 4.94 53.08 29.21
C VAL G 199 6.32 53.24 29.83
N PRO G 200 6.45 53.78 31.07
CA PRO G 200 7.77 53.90 31.72
C PRO G 200 8.53 52.58 31.87
N ALA G 201 7.92 51.59 32.52
CA ALA G 201 8.54 50.28 32.62
C ALA G 201 8.10 49.40 31.46
N ASN G 202 8.58 48.16 31.46
CA ASN G 202 8.17 47.16 30.48
C ASN G 202 7.85 45.80 31.09
N GLY G 203 8.37 45.50 32.27
CA GLY G 203 8.01 44.26 32.94
C GLY G 203 6.65 44.31 33.60
N ALA G 204 6.51 45.16 34.62
CA ALA G 204 5.25 45.31 35.34
C ALA G 204 4.60 46.66 35.11
N TYR G 205 5.12 47.44 34.16
CA TYR G 205 4.55 48.69 33.65
C TYR G 205 4.46 49.78 34.73
N VAL G 206 5.28 49.66 35.77
CA VAL G 206 5.15 50.50 36.96
C VAL G 206 5.61 51.92 36.65
N VAL G 207 4.77 52.90 36.97
CA VAL G 207 5.18 54.29 36.91
C VAL G 207 6.22 54.54 37.99
N GLY G 208 7.29 55.24 37.63
CA GLY G 208 8.48 55.33 38.44
C GLY G 208 8.29 56.02 39.77
N PRO G 209 8.06 57.32 39.78
CA PRO G 209 7.77 58.01 41.03
C PRO G 209 6.36 57.74 41.51
N GLU G 210 6.03 58.32 42.65
CA GLU G 210 4.69 58.20 43.20
C GLU G 210 3.85 59.38 42.74
N LYS G 211 2.54 59.12 42.59
CA LYS G 211 1.45 60.07 42.29
C LYS G 211 1.78 60.99 41.11
N VAL G 212 2.08 60.33 39.99
CA VAL G 212 2.54 61.03 38.80
C VAL G 212 1.35 61.27 37.88
N GLY G 213 1.35 62.43 37.24
CA GLY G 213 0.14 63.01 36.68
C GLY G 213 -0.59 62.28 35.57
N VAL G 214 -1.91 62.21 35.70
CA VAL G 214 -2.79 61.54 34.75
C VAL G 214 -3.71 62.62 34.19
N VAL G 215 -3.94 62.60 32.86
CA VAL G 215 -4.58 63.69 32.11
C VAL G 215 -6.04 63.81 32.55
N LEU G 216 -6.65 64.94 32.22
CA LEU G 216 -8.05 65.18 32.55
C LEU G 216 -8.95 64.81 31.37
N ILE G 217 -8.78 63.59 30.85
CA ILE G 217 -9.60 63.05 29.77
C ILE G 217 -9.81 61.57 30.04
N ASP G 218 -11.07 61.16 30.14
CA ASP G 218 -11.45 59.76 30.31
C ASP G 218 -12.03 59.14 29.03
N GLY G 219 -13.03 59.80 28.46
CA GLY G 219 -13.79 59.22 27.37
C GLY G 219 -13.16 59.45 26.01
N SER G 220 -14.01 59.36 24.99
CA SER G 220 -13.60 59.56 23.60
C SER G 220 -13.29 61.03 23.38
N ILE G 221 -12.01 61.34 23.18
CA ILE G 221 -11.59 62.66 22.71
C ILE G 221 -11.56 62.59 21.19
N ARG G 222 -12.66 63.04 20.57
CA ARG G 222 -12.84 62.96 19.13
C ARG G 222 -12.37 64.24 18.43
N ALA G 223 -11.32 64.87 18.96
CA ALA G 223 -10.65 65.94 18.26
C ALA G 223 -9.57 65.44 17.31
N TYR G 224 -9.52 64.11 17.08
CA TYR G 224 -8.45 63.36 16.43
C TYR G 224 -7.15 63.75 17.12
N PRO G 225 -6.93 63.26 18.35
CA PRO G 225 -5.98 63.92 19.27
C PRO G 225 -4.51 63.78 18.92
N THR G 226 -4.13 64.17 17.71
CA THR G 226 -2.74 64.40 17.35
C THR G 226 -2.37 65.87 17.53
N GLN G 227 -3.27 66.64 18.14
CA GLN G 227 -3.12 68.08 18.38
C GLN G 227 -2.32 68.39 19.64
N LEU G 228 -1.56 67.41 20.15
CA LEU G 228 -0.77 67.56 21.36
C LEU G 228 0.47 68.39 21.12
N ILE G 229 0.28 69.70 20.93
CA ILE G 229 1.38 70.60 20.63
C ILE G 229 1.60 71.63 21.73
N ASN G 230 0.62 71.87 22.59
CA ASN G 230 0.78 72.76 23.73
C ASN G 230 0.47 72.08 25.05
N ALA G 231 -0.35 71.02 25.04
CA ALA G 231 -0.43 70.13 26.19
C ALA G 231 0.91 69.42 26.40
N LEU G 232 1.62 69.14 25.31
CA LEU G 232 3.02 68.72 25.38
C LEU G 232 3.90 69.84 25.89
N LEU G 233 3.62 71.09 25.52
CA LEU G 233 4.41 72.22 26.01
C LEU G 233 4.18 72.46 27.50
N ASN G 234 3.05 72.02 28.04
CA ASN G 234 2.82 72.13 29.47
C ASN G 234 3.74 71.20 30.26
N ARG G 235 3.91 69.97 29.78
CA ARG G 235 4.53 68.88 30.54
C ARG G 235 5.61 68.19 29.71
N PHE G 236 6.53 68.99 29.18
CA PHE G 236 7.52 68.50 28.21
C PHE G 236 8.51 67.52 28.83
N ILE G 237 9.10 67.89 29.96
CA ILE G 237 10.00 67.01 30.71
C ILE G 237 9.49 66.72 32.10
N ASP G 238 8.18 66.89 32.32
CA ASP G 238 7.66 66.90 33.68
C ASP G 238 7.14 65.54 34.10
N ASN G 239 6.17 65.01 33.38
CA ASN G 239 5.54 63.75 33.76
C ASN G 239 5.00 63.09 32.50
N PRO G 240 4.72 61.77 32.55
CA PRO G 240 3.91 61.15 31.49
C PRO G 240 2.54 61.77 31.31
N VAL G 241 2.24 62.16 30.08
CA VAL G 241 0.87 62.53 29.72
C VAL G 241 0.09 61.25 29.55
N VAL G 242 -0.67 60.88 30.57
CA VAL G 242 -1.34 59.58 30.65
C VAL G 242 -2.75 59.77 30.13
N LEU G 243 -2.95 59.53 28.84
CA LEU G 243 -4.25 59.71 28.21
C LEU G 243 -4.98 58.37 28.23
N MET G 244 -6.21 58.41 28.71
CA MET G 244 -7.10 57.26 28.69
C MET G 244 -8.32 57.61 27.86
N ALA G 245 -8.78 56.65 27.07
CA ALA G 245 -9.85 56.91 26.12
C ALA G 245 -10.83 55.74 26.15
N ARG G 246 -11.94 55.91 25.45
CA ARG G 246 -12.84 54.80 25.14
C ARG G 246 -12.37 54.25 23.79
N ASN G 247 -13.16 53.40 23.13
CA ASN G 247 -12.73 52.63 21.97
C ASN G 247 -12.54 53.47 20.70
N PHE G 248 -12.59 54.80 20.79
CA PHE G 248 -12.18 55.66 19.69
C PHE G 248 -10.66 55.61 19.57
N GLU G 249 -10.15 54.61 18.83
CA GLU G 249 -8.76 54.59 18.40
C GLU G 249 -8.72 54.51 16.89
N PRO G 250 -8.82 55.65 16.19
CA PRO G 250 -8.49 55.67 14.75
C PRO G 250 -6.98 55.70 14.54
N GLU G 251 -6.56 56.02 13.33
CA GLU G 251 -5.14 56.13 12.96
C GLU G 251 -4.32 57.15 13.75
N VAL G 252 -4.96 57.91 14.64
CA VAL G 252 -4.25 58.81 15.55
C VAL G 252 -3.34 58.04 16.51
N ILE G 253 -3.60 56.76 16.76
CA ILE G 253 -2.69 55.96 17.57
C ILE G 253 -1.39 55.68 16.81
N ALA G 254 -1.41 55.77 15.48
CA ALA G 254 -0.19 55.86 14.71
C ALA G 254 0.32 57.29 14.60
N ALA G 255 -0.54 58.28 14.85
CA ALA G 255 -0.13 59.68 14.88
C ALA G 255 0.34 60.13 16.25
N ILE G 256 0.52 59.18 17.18
CA ILE G 256 1.23 59.47 18.43
C ILE G 256 2.70 59.78 18.16
N ASN G 257 3.24 59.37 17.00
CA ASN G 257 4.59 59.73 16.59
C ASN G 257 4.77 61.23 16.40
N ASN G 258 3.68 61.99 16.21
CA ASN G 258 3.74 63.45 16.13
C ASN G 258 4.14 64.08 17.46
N GLU G 259 4.10 63.33 18.55
CA GLU G 259 4.74 63.71 19.80
C GLU G 259 5.94 62.84 20.13
N ASN G 260 5.82 61.53 19.94
CA ASN G 260 6.86 60.61 20.39
C ASN G 260 8.06 60.65 19.45
N GLN G 261 7.85 60.40 18.16
CA GLN G 261 8.92 60.44 17.17
C GLN G 261 9.27 61.86 16.76
N ARG G 262 8.27 62.74 16.69
CA ARG G 262 8.49 64.17 16.49
C ARG G 262 8.83 64.84 17.80
N LEU G 263 8.69 66.16 17.85
CA LEU G 263 9.02 66.94 19.03
C LEU G 263 8.18 66.51 20.24
N GLY G 264 8.82 66.49 21.41
CA GLY G 264 8.26 65.92 22.61
C GLY G 264 9.03 64.72 23.14
N THR G 265 9.86 64.95 24.14
CA THR G 265 10.61 63.89 24.82
C THR G 265 9.85 63.33 26.01
N SER G 266 8.55 63.61 26.10
CA SER G 266 7.76 63.18 27.24
C SER G 266 7.42 61.70 27.13
N ARG G 267 6.51 61.26 28.00
CA ARG G 267 6.20 59.86 28.18
C ARG G 267 4.72 59.69 27.86
N ILE G 268 4.36 60.14 26.65
CA ILE G 268 2.97 60.10 26.21
C ILE G 268 2.42 58.68 26.22
N PHE G 269 1.23 58.57 26.81
CA PHE G 269 0.47 57.33 26.94
C PHE G 269 -0.87 57.57 26.29
N ALA G 270 -1.41 56.57 25.58
CA ALA G 270 -2.75 56.69 24.99
C ALA G 270 -3.31 55.28 24.78
N TYR G 271 -4.15 54.83 25.69
CA TYR G 271 -4.74 53.50 25.50
C TYR G 271 -6.20 53.58 25.96
N LYS G 272 -6.92 52.47 25.82
CA LYS G 272 -8.33 52.37 26.13
C LYS G 272 -8.53 52.06 27.61
N VAL G 273 -9.79 52.09 28.01
CA VAL G 273 -10.23 52.01 29.39
C VAL G 273 -11.00 50.69 29.45
N ASN G 274 -11.67 50.40 30.57
CA ASN G 274 -12.44 49.18 30.79
C ASN G 274 -13.48 48.86 29.73
N ALA G 275 -14.06 47.67 29.82
CA ALA G 275 -14.95 47.16 28.78
C ALA G 275 -16.31 47.85 28.84
N ALA G 276 -17.27 47.31 28.10
CA ALA G 276 -18.56 47.94 27.88
C ALA G 276 -19.38 47.99 29.16
N GLY G 277 -19.40 49.15 29.81
CA GLY G 277 -20.21 49.33 30.99
C GLY G 277 -20.66 50.77 31.11
N LEU G 278 -21.53 51.01 32.09
CA LEU G 278 -22.16 52.30 32.29
C LEU G 278 -21.26 53.28 33.04
N LEU G 279 -19.95 53.08 33.03
CA LEU G 279 -19.04 53.96 33.76
C LEU G 279 -18.43 55.03 32.86
N GLY G 280 -19.21 55.57 31.92
CA GLY G 280 -18.72 56.65 31.07
C GLY G 280 -18.25 57.88 31.83
N ALA G 281 -18.85 58.14 32.99
CA ALA G 281 -18.29 59.09 33.95
C ALA G 281 -17.83 58.42 35.23
N GLY G 282 -17.84 57.08 35.29
CA GLY G 282 -17.56 56.37 36.52
C GLY G 282 -16.20 55.71 36.59
N THR G 283 -15.63 55.38 35.42
CA THR G 283 -14.32 54.75 35.38
C THR G 283 -13.20 55.74 35.59
N ILE G 284 -13.50 57.04 35.58
CA ILE G 284 -12.57 58.02 36.14
C ILE G 284 -13.13 58.61 37.43
N ASP G 285 -14.34 58.22 37.84
CA ASP G 285 -14.82 58.62 39.15
C ASP G 285 -14.22 57.75 40.24
N ASP G 286 -14.17 56.44 40.01
CA ASP G 286 -13.59 55.52 40.98
C ASP G 286 -12.09 55.73 41.13
N LEU G 287 -11.39 55.99 40.03
CA LEU G 287 -9.99 56.39 40.12
C LEU G 287 -9.87 57.81 40.65
N GLY G 288 -10.72 58.69 40.15
CA GLY G 288 -10.48 60.11 40.03
C GLY G 288 -10.59 60.95 41.29
N ARG G 289 -11.11 62.18 41.15
CA ARG G 289 -11.00 63.24 42.16
C ARG G 289 -11.54 62.86 43.54
N LEU G 290 -12.41 61.85 43.59
CA LEU G 290 -12.79 61.27 44.88
C LEU G 290 -11.64 60.53 45.54
N LEU G 291 -10.72 59.98 44.74
CA LEU G 291 -9.48 59.36 45.25
C LEU G 291 -8.25 59.99 44.60
N ASN G 292 -8.46 61.06 43.81
CA ASN G 292 -7.42 61.91 43.22
C ASN G 292 -6.51 61.12 42.27
N ILE G 293 -7.07 60.74 41.14
CA ILE G 293 -6.27 60.26 40.01
C ILE G 293 -6.63 61.08 38.76
N GLY G 294 -7.87 61.55 38.69
CA GLY G 294 -8.30 62.34 37.58
C GLY G 294 -9.51 63.17 37.95
N PRO G 295 -10.14 63.79 36.97
CA PRO G 295 -11.40 64.50 37.24
C PRO G 295 -12.58 63.53 37.20
N VAL G 296 -13.76 64.09 37.37
CA VAL G 296 -14.99 63.38 37.04
C VAL G 296 -15.35 63.84 35.62
N PHE G 297 -14.86 63.10 34.64
CA PHE G 297 -15.00 63.48 33.24
C PHE G 297 -16.14 62.71 32.59
N ASP G 298 -17.18 63.43 32.20
CA ASP G 298 -18.15 62.88 31.28
C ASP G 298 -17.56 62.92 29.88
N VAL G 299 -17.94 61.92 29.07
CA VAL G 299 -17.33 61.65 27.77
C VAL G 299 -17.59 62.80 26.81
N ASN G 300 -16.53 63.55 26.50
CA ASN G 300 -16.69 64.86 25.87
C ASN G 300 -15.40 65.15 25.11
N SER G 301 -15.43 66.23 24.33
CA SER G 301 -14.24 66.78 23.70
C SER G 301 -13.76 68.04 24.41
N VAL G 302 -14.11 68.20 25.68
CA VAL G 302 -13.69 69.36 26.46
C VAL G 302 -12.31 69.01 27.03
N ASP G 303 -11.49 70.05 27.31
CA ASP G 303 -10.04 69.98 27.51
C ASP G 303 -9.40 69.20 26.37
N PRO G 304 -9.33 69.79 25.16
CA PRO G 304 -8.88 69.02 23.99
C PRO G 304 -7.39 68.78 23.99
N ALA G 305 -6.88 68.23 22.88
CA ALA G 305 -5.47 67.87 22.80
C ALA G 305 -4.56 69.07 22.66
N LEU G 306 -5.08 70.27 22.40
CA LEU G 306 -4.25 71.47 22.29
C LEU G 306 -3.53 71.78 23.60
N VAL G 307 -4.27 72.14 24.64
CA VAL G 307 -3.67 72.61 25.89
C VAL G 307 -4.49 72.07 27.05
N LYS G 308 -3.82 71.86 28.19
CA LYS G 308 -4.45 71.42 29.42
C LYS G 308 -4.56 72.59 30.38
N TYR G 309 -5.12 72.37 31.56
CA TYR G 309 -4.91 73.33 32.63
C TYR G 309 -3.49 73.16 33.13
N ASN G 310 -3.23 72.00 33.72
CA ASN G 310 -1.93 71.48 34.11
C ASN G 310 -2.13 70.05 34.57
N ASP G 311 -1.19 69.18 34.23
CA ASP G 311 -1.15 67.82 34.73
C ASP G 311 0.16 67.62 35.46
N VAL G 312 0.22 68.06 36.72
CA VAL G 312 1.48 68.28 37.42
C VAL G 312 2.06 66.92 37.82
N THR G 313 3.34 66.93 38.17
CA THR G 313 4.07 65.68 38.45
C THR G 313 3.61 65.05 39.75
N LEU G 314 3.02 65.83 40.64
CA LEU G 314 2.43 65.33 41.87
C LEU G 314 0.91 65.44 41.86
N TRP G 315 0.27 65.13 40.73
CA TRP G 315 -1.16 65.36 40.56
C TRP G 315 -2.01 64.39 41.38
N LEU G 316 -1.52 63.18 41.63
CA LEU G 316 -2.41 62.17 42.18
C LEU G 316 -2.29 62.19 43.70
N GLY G 317 -2.83 61.16 44.36
CA GLY G 317 -2.83 61.10 45.81
C GLY G 317 -1.73 60.22 46.37
N ARG G 318 -1.48 60.35 47.68
CA ARG G 318 -0.39 59.63 48.34
C ARG G 318 -0.85 58.20 48.63
N LYS G 319 -0.73 57.35 47.62
CA LYS G 319 -1.12 55.95 47.72
C LYS G 319 -0.30 55.14 46.74
N GLY G 320 -0.57 53.84 46.66
CA GLY G 320 0.19 52.97 45.79
C GLY G 320 -0.32 52.97 44.37
N ILE G 321 0.41 53.60 43.45
CA ILE G 321 -0.09 53.85 42.10
C ILE G 321 0.90 53.25 41.11
N LEU G 322 0.46 52.29 40.31
CA LEU G 322 1.29 51.79 39.24
C LEU G 322 0.43 51.26 38.10
N LEU G 323 0.76 51.66 36.88
CA LEU G 323 0.13 51.06 35.72
C LEU G 323 0.62 49.63 35.56
N ASP G 324 -0.24 48.80 34.97
CA ASP G 324 0.12 47.40 34.73
C ASP G 324 -0.62 46.96 33.48
N LYS G 325 -0.78 45.64 33.30
CA LYS G 325 -1.71 45.15 32.28
C LYS G 325 -3.13 45.58 32.61
N SER G 326 -3.49 45.55 33.89
CA SER G 326 -4.62 46.30 34.41
C SER G 326 -4.14 46.97 35.68
N ILE G 327 -4.50 48.24 35.86
CA ILE G 327 -3.77 49.15 36.74
C ILE G 327 -3.91 48.72 38.20
N GLU G 328 -2.88 49.01 39.00
CA GLU G 328 -2.81 48.59 40.38
C GLU G 328 -2.76 49.81 41.29
N GLU G 329 -3.73 49.91 42.19
CA GLU G 329 -3.59 50.86 43.28
C GLU G 329 -3.77 50.16 44.61
N VAL G 330 -3.02 50.69 45.58
CA VAL G 330 -2.94 50.31 46.97
C VAL G 330 -3.38 51.56 47.73
N GLU G 331 -3.97 51.36 48.92
CA GLU G 331 -4.48 52.43 49.80
C GLU G 331 -5.55 53.25 49.08
N SER G 332 -6.67 52.58 48.85
CA SER G 332 -7.88 53.24 48.39
C SER G 332 -8.62 53.81 49.59
N ARG G 333 -8.92 55.10 49.55
CA ARG G 333 -9.33 55.77 50.78
C ARG G 333 -10.82 55.60 51.05
N ALA G 334 -11.68 56.17 50.22
CA ALA G 334 -13.11 56.14 50.52
C ALA G 334 -14.02 55.79 49.36
N ASP G 335 -13.68 56.10 48.11
CA ASP G 335 -14.66 56.04 47.04
C ASP G 335 -14.90 54.63 46.54
N SER G 336 -13.92 53.73 46.73
CA SER G 336 -14.15 52.31 46.50
C SER G 336 -15.26 51.81 47.39
N ILE G 337 -15.24 52.22 48.67
CA ILE G 337 -16.30 51.89 49.61
C ILE G 337 -17.61 52.54 49.17
N LEU G 338 -17.55 53.75 48.60
CA LEU G 338 -18.77 54.45 48.19
C LEU G 338 -19.46 53.77 47.03
N GLU G 339 -18.71 53.42 45.98
CA GLU G 339 -19.33 52.74 44.85
C GLU G 339 -19.64 51.29 45.18
N GLY G 340 -18.91 50.70 46.14
CA GLY G 340 -19.30 49.40 46.67
C GLY G 340 -20.62 49.46 47.41
N LEU G 341 -20.87 50.55 48.14
CA LEU G 341 -22.17 50.76 48.76
C LEU G 341 -23.24 51.02 47.71
N ASP G 342 -22.89 51.69 46.62
CA ASP G 342 -23.83 51.96 45.54
C ASP G 342 -24.32 50.67 44.89
N ASN G 343 -23.39 49.85 44.40
CA ASN G 343 -23.78 48.53 43.89
C ASN G 343 -24.21 47.57 45.00
N ARG G 344 -23.99 47.91 46.27
CA ARG G 344 -24.50 47.09 47.36
C ARG G 344 -25.98 47.35 47.57
N TYR G 345 -26.40 48.60 47.51
CA TYR G 345 -27.83 48.89 47.47
C TYR G 345 -28.46 48.36 46.18
N GLU G 346 -27.69 48.35 45.10
CA GLU G 346 -28.19 47.75 43.86
C GLU G 346 -28.31 46.24 43.98
N ALA G 347 -27.46 45.64 44.81
CA ALA G 347 -27.55 44.23 45.19
C ALA G 347 -28.56 44.00 46.30
N LEU G 348 -29.10 45.07 46.88
CA LEU G 348 -30.26 44.91 47.75
C LEU G 348 -31.55 44.98 46.96
N GLY G 349 -31.59 45.80 45.91
CA GLY G 349 -32.79 45.95 45.12
C GLY G 349 -33.05 44.86 44.10
N ILE G 350 -32.17 44.73 43.12
CA ILE G 350 -32.46 43.96 41.92
C ILE G 350 -31.66 42.65 41.88
N ILE G 351 -31.21 42.18 43.05
CA ILE G 351 -30.66 40.83 43.16
C ILE G 351 -31.71 39.77 42.95
N GLU G 352 -32.98 40.11 43.17
CA GLU G 352 -34.05 39.12 43.17
C GLU G 352 -34.39 38.69 41.76
N ARG G 353 -34.45 39.65 40.83
CA ARG G 353 -34.78 39.31 39.46
C ARG G 353 -33.57 38.84 38.67
N GLN G 354 -32.36 39.24 39.09
CA GLN G 354 -31.12 39.03 38.35
C GLN G 354 -31.22 39.66 36.97
N THR G 355 -31.19 41.00 36.93
CA THR G 355 -31.05 41.73 35.68
C THR G 355 -29.59 42.07 35.47
N PRO G 356 -28.88 41.40 34.56
CA PRO G 356 -27.46 41.76 34.36
C PRO G 356 -27.28 43.07 33.61
N ILE G 357 -28.29 43.49 32.86
CA ILE G 357 -28.17 44.72 32.08
C ILE G 357 -28.21 45.91 33.03
N GLY G 358 -27.14 46.71 33.01
CA GLY G 358 -27.04 47.91 33.79
C GLY G 358 -26.52 47.72 35.20
N ARG G 359 -26.48 46.48 35.68
CA ARG G 359 -26.20 46.22 37.08
C ARG G 359 -24.80 45.68 37.35
N GLU G 360 -24.15 45.08 36.36
CA GLU G 360 -22.96 44.30 36.68
C GLU G 360 -21.69 45.14 36.71
N LEU G 361 -21.85 46.43 37.01
CA LEU G 361 -20.82 47.15 37.76
C LEU G 361 -20.52 46.45 39.07
N ASN G 362 -21.56 45.85 39.67
CA ASN G 362 -21.50 45.05 40.89
C ASN G 362 -20.50 43.90 40.81
N ARG G 363 -20.23 43.33 39.63
CA ARG G 363 -19.25 42.27 39.53
C ARG G 363 -17.85 42.80 39.78
N ARG G 364 -17.49 43.88 39.11
CA ARG G 364 -16.23 44.57 39.32
C ARG G 364 -16.15 45.21 40.70
N ILE G 365 -17.29 45.55 41.29
CA ILE G 365 -17.34 45.84 42.72
C ILE G 365 -16.90 44.59 43.48
N GLY G 366 -15.80 44.72 44.20
CA GLY G 366 -15.13 43.56 44.75
C GLY G 366 -13.74 43.46 44.18
N ARG G 367 -13.61 43.64 42.87
CA ARG G 367 -12.31 44.05 42.36
C ARG G 367 -12.09 45.51 42.69
N LEU G 368 -13.11 46.34 42.45
CA LEU G 368 -13.09 47.76 42.71
C LEU G 368 -13.35 48.08 44.17
N ARG G 369 -14.28 47.39 44.81
CA ARG G 369 -14.54 47.66 46.22
C ARG G 369 -13.50 46.99 47.10
N ALA G 370 -13.39 45.68 47.02
CA ALA G 370 -12.48 44.93 47.88
C ALA G 370 -11.12 44.81 47.23
N ASN G 371 -10.15 44.30 47.99
CA ASN G 371 -8.77 44.37 47.50
C ASN G 371 -8.30 43.08 46.84
N ASN G 372 -8.04 42.03 47.63
CA ASN G 372 -7.27 40.90 47.12
C ASN G 372 -7.17 39.74 48.11
N VAL G 373 -7.23 38.51 47.59
CA VAL G 373 -6.76 37.30 48.26
C VAL G 373 -6.02 36.44 47.23
N THR G 374 -4.72 36.28 47.40
CA THR G 374 -3.91 35.43 46.54
C THR G 374 -3.82 34.03 47.14
N ILE G 375 -3.96 33.01 46.28
CA ILE G 375 -4.23 31.64 46.71
C ILE G 375 -3.26 30.65 46.05
N LYS G 376 -2.97 29.58 46.78
CA LYS G 376 -2.42 28.34 46.24
C LYS G 376 -2.96 27.14 46.99
N VAL G 377 -2.88 25.99 46.34
CA VAL G 377 -3.47 24.76 46.83
C VAL G 377 -2.37 23.72 47.07
N THR G 378 -2.77 22.50 47.43
CA THR G 378 -1.84 21.38 47.63
C THR G 378 -1.80 20.53 46.37
N GLY G 379 -0.87 20.84 45.46
CA GLY G 379 -0.72 20.06 44.26
C GLY G 379 0.53 19.20 44.22
N VAL G 380 0.39 17.89 44.43
CA VAL G 380 1.57 17.02 44.38
C VAL G 380 1.87 16.54 42.97
N THR G 381 0.89 16.55 42.08
CA THR G 381 1.03 16.01 40.73
C THR G 381 0.32 16.99 39.82
N VAL G 382 0.65 16.98 38.53
CA VAL G 382 0.02 17.91 37.58
C VAL G 382 -1.47 17.62 37.43
N SER G 383 -1.82 16.33 37.41
CA SER G 383 -3.18 15.92 37.08
C SER G 383 -4.17 16.28 38.19
N ASP G 384 -3.87 15.88 39.42
CA ASP G 384 -4.79 16.17 40.51
C ASP G 384 -4.78 17.63 40.92
N ALA G 385 -3.67 18.35 40.70
CA ALA G 385 -3.70 19.79 40.89
C ALA G 385 -4.58 20.46 39.85
N SER G 386 -4.57 19.94 38.62
CA SER G 386 -5.50 20.43 37.61
C SER G 386 -6.95 20.08 37.97
N GLU G 387 -7.16 18.93 38.60
CA GLU G 387 -8.51 18.51 38.98
C GLU G 387 -9.07 19.38 40.10
N ARG G 388 -8.31 19.53 41.19
CA ARG G 388 -8.73 20.41 42.26
C ARG G 388 -8.67 21.87 41.85
N TRP G 389 -7.89 22.19 40.83
CA TRP G 389 -7.92 23.51 40.22
C TRP G 389 -9.26 23.78 39.56
N ALA G 390 -9.72 22.82 38.74
CA ALA G 390 -11.02 22.96 38.09
C ALA G 390 -12.14 22.97 39.11
N ARG G 391 -12.05 22.14 40.14
CA ARG G 391 -13.11 22.10 41.15
C ARG G 391 -13.08 23.32 42.05
N TYR G 392 -11.88 23.89 42.26
CA TYR G 392 -11.75 25.15 42.97
C TYR G 392 -12.38 26.28 42.18
N GLU G 393 -12.17 26.29 40.87
CA GLU G 393 -12.84 27.25 40.01
C GLU G 393 -14.34 27.02 39.93
N ASP G 394 -14.77 25.78 40.16
CA ASP G 394 -16.20 25.51 40.20
C ASP G 394 -16.85 26.07 41.46
N VAL G 395 -16.26 25.79 42.63
CA VAL G 395 -16.91 26.14 43.88
C VAL G 395 -16.86 27.65 44.15
N MET G 396 -15.88 28.36 43.58
CA MET G 396 -15.90 29.81 43.72
C MET G 396 -17.01 30.44 42.90
N LYS G 397 -17.46 29.78 41.83
CA LYS G 397 -18.64 30.27 41.13
C LYS G 397 -19.90 30.00 41.93
N ALA G 398 -19.92 28.90 42.68
CA ALA G 398 -21.01 28.67 43.62
C ALA G 398 -21.02 29.73 44.72
N ALA G 399 -19.83 30.15 45.15
CA ALA G 399 -19.73 31.28 46.06
C ALA G 399 -20.17 32.58 45.42
N ARG G 400 -19.91 32.74 44.11
CA ARG G 400 -20.40 33.90 43.39
C ARG G 400 -21.91 33.92 43.30
N THR G 401 -22.51 32.75 43.13
CA THR G 401 -23.97 32.66 43.19
C THR G 401 -24.47 33.01 44.58
N GLY G 402 -23.86 32.43 45.62
CA GLY G 402 -24.20 32.73 46.99
C GLY G 402 -23.89 34.12 47.46
N GLN G 403 -23.18 34.93 46.68
CA GLN G 403 -23.02 36.33 47.06
C GLN G 403 -23.70 37.29 46.10
N GLN G 404 -23.37 37.26 44.81
CA GLN G 404 -23.99 38.17 43.86
C GLN G 404 -25.42 37.77 43.53
N PHE G 405 -25.75 36.49 43.58
CA PHE G 405 -27.00 35.99 43.01
C PHE G 405 -27.99 35.55 44.07
N GLY G 406 -27.59 34.60 44.91
CA GLY G 406 -28.49 33.93 45.82
C GLY G 406 -28.52 32.43 45.57
N VAL G 407 -29.36 31.76 46.35
CA VAL G 407 -29.51 30.31 46.31
C VAL G 407 -31.00 30.02 46.31
N ILE G 408 -31.46 29.24 45.35
CA ILE G 408 -32.87 28.88 45.25
C ILE G 408 -33.13 27.83 46.31
N PRO G 409 -34.34 27.73 46.86
CA PRO G 409 -34.73 26.53 47.60
C PRO G 409 -35.00 25.37 46.65
N GLY G 410 -35.58 24.32 47.23
CA GLY G 410 -35.63 22.97 46.69
C GLY G 410 -35.90 22.77 45.21
N ILE G 411 -35.36 21.69 44.67
CA ILE G 411 -35.04 21.60 43.25
C ILE G 411 -36.32 21.52 42.44
N GLY G 412 -37.11 20.49 42.69
CA GLY G 412 -38.44 20.41 42.12
C GLY G 412 -39.47 21.27 42.83
N TYR G 413 -39.15 21.79 44.02
CA TYR G 413 -40.00 22.80 44.66
C TYR G 413 -40.04 24.07 43.82
N GLY G 414 -38.93 24.42 43.20
CA GLY G 414 -38.82 25.44 42.19
C GLY G 414 -39.49 25.13 40.86
N TYR G 415 -40.18 24.01 40.77
CA TYR G 415 -41.12 23.78 39.71
C TYR G 415 -42.51 23.42 40.18
N LEU G 416 -42.65 22.71 41.29
CA LEU G 416 -43.98 22.40 41.77
C LEU G 416 -44.69 23.59 42.38
N MET G 417 -43.97 24.60 42.83
CA MET G 417 -44.68 25.82 43.19
C MET G 417 -44.89 26.72 41.99
N ALA G 418 -44.09 26.52 40.93
CA ALA G 418 -44.38 27.10 39.64
C ALA G 418 -45.57 26.44 38.98
N SER G 419 -45.89 25.21 39.37
CA SER G 419 -47.10 24.55 38.92
C SER G 419 -48.34 25.08 39.60
N LYS G 420 -48.19 25.64 40.80
CA LYS G 420 -49.25 26.46 41.37
C LYS G 420 -49.45 27.72 40.54
N TRP G 421 -48.35 28.23 39.97
CA TRP G 421 -48.38 29.50 39.25
C TRP G 421 -49.00 29.38 37.87
N LEU G 422 -48.84 28.27 37.17
CA LEU G 422 -49.57 28.05 35.92
C LEU G 422 -51.04 27.84 36.15
N GLU G 423 -51.45 27.49 37.37
CA GLU G 423 -52.83 27.60 37.77
C GLU G 423 -53.20 29.03 38.14
N ALA G 424 -52.25 29.78 38.69
CA ALA G 424 -52.46 31.20 38.93
C ALA G 424 -52.42 31.97 37.62
N ASN G 425 -51.64 31.49 36.65
CA ASN G 425 -51.63 32.05 35.32
C ASN G 425 -52.94 31.68 34.61
N VAL G 426 -53.17 32.31 33.46
CA VAL G 426 -54.36 32.16 32.64
C VAL G 426 -54.53 30.71 32.20
N PRO G 427 -55.58 30.04 32.65
CA PRO G 427 -55.73 28.59 32.38
C PRO G 427 -56.65 28.26 31.21
N GLN G 428 -57.15 29.26 30.49
CA GLN G 428 -58.24 29.05 29.55
C GLN G 428 -57.76 28.32 28.29
N GLN G 429 -58.72 27.79 27.55
CA GLN G 429 -58.49 27.47 26.15
C GLN G 429 -58.60 28.77 25.38
N SER G 430 -57.45 29.29 24.93
CA SER G 430 -57.38 30.53 24.17
C SER G 430 -57.73 30.27 22.71
N ASP G 431 -57.37 31.19 21.80
CA ASP G 431 -57.75 31.16 20.39
C ASP G 431 -57.36 29.88 19.64
N GLU G 432 -56.46 29.06 20.20
CA GLU G 432 -56.16 27.76 19.64
C GLU G 432 -56.24 26.71 20.75
N LYS G 433 -56.86 25.58 20.43
CA LYS G 433 -56.96 24.48 21.39
C LYS G 433 -55.59 23.87 21.66
N LEU G 434 -54.67 24.00 20.69
CA LEU G 434 -53.30 23.54 20.91
C LEU G 434 -52.62 24.36 21.98
N GLU G 435 -53.02 25.63 22.16
CA GLU G 435 -52.52 26.40 23.29
C GLU G 435 -53.01 25.85 24.63
N LYS G 436 -54.24 25.34 24.67
CA LYS G 436 -54.74 24.70 25.89
C LYS G 436 -54.01 23.39 26.15
N CYS G 437 -53.77 22.61 25.09
CA CYS G 437 -52.93 21.43 25.21
C CYS G 437 -51.52 21.80 25.63
N ARG G 438 -51.05 22.97 25.24
CA ARG G 438 -49.69 23.35 25.52
C ARG G 438 -49.54 23.85 26.95
N ILE G 439 -50.56 24.49 27.53
CA ILE G 439 -50.46 24.76 28.96
C ILE G 439 -50.68 23.48 29.75
N GLY G 440 -51.44 22.52 29.22
CA GLY G 440 -51.48 21.22 29.84
C GLY G 440 -50.16 20.49 29.82
N LEU G 441 -49.33 20.74 28.80
CA LEU G 441 -48.01 20.14 28.73
C LEU G 441 -46.93 20.92 29.45
N ILE G 442 -47.07 22.24 29.60
CA ILE G 442 -46.14 22.98 30.45
C ILE G 442 -46.61 22.93 31.90
N GLU G 443 -47.74 22.29 32.15
CA GLU G 443 -47.98 21.78 33.50
C GLU G 443 -47.01 20.65 33.87
N VAL G 444 -46.23 20.14 32.92
CA VAL G 444 -45.25 19.07 33.12
C VAL G 444 -43.89 19.76 33.17
N LEU G 445 -43.88 20.91 33.83
CA LEU G 445 -42.74 21.35 34.63
C LEU G 445 -42.28 20.30 35.63
N ARG G 446 -43.21 19.50 36.16
CA ARG G 446 -43.04 18.68 37.36
C ARG G 446 -42.07 17.52 37.18
N ALA G 447 -41.62 17.26 35.96
CA ALA G 447 -40.77 16.12 35.66
C ALA G 447 -39.41 16.21 36.31
N GLN G 448 -38.96 17.41 36.68
CA GLN G 448 -37.69 17.51 37.38
C GLN G 448 -37.81 16.87 38.75
N TYR G 449 -38.85 17.25 39.48
CA TYR G 449 -39.14 16.62 40.77
C TYR G 449 -39.43 15.14 40.61
N GLU G 450 -40.17 14.78 39.56
CA GLU G 450 -40.57 13.40 39.34
C GLU G 450 -39.38 12.48 39.12
N HIS G 451 -38.57 12.76 38.09
CA HIS G 451 -37.35 12.02 37.84
C HIS G 451 -36.34 12.13 38.98
N LEU G 452 -36.31 13.25 39.71
CA LEU G 452 -35.36 13.41 40.79
C LEU G 452 -35.66 12.49 41.96
N THR G 453 -36.85 12.64 42.56
CA THR G 453 -37.15 11.76 43.68
C THR G 453 -37.81 10.46 43.24
N GLY G 454 -37.77 10.14 41.95
CA GLY G 454 -37.92 8.74 41.62
C GLY G 454 -36.65 7.96 41.85
N HIS G 455 -35.51 8.65 41.95
CA HIS G 455 -34.29 7.99 42.35
C HIS G 455 -34.31 7.64 43.84
N ASP G 456 -35.02 8.43 44.65
CA ASP G 456 -35.06 8.23 46.08
C ASP G 456 -36.40 7.73 46.60
N GLY G 457 -37.50 8.22 46.08
CA GLY G 457 -38.80 7.88 46.66
C GLY G 457 -39.26 8.98 47.60
N SER G 458 -40.49 9.44 47.43
CA SER G 458 -41.41 8.96 46.39
C SER G 458 -41.74 10.07 45.40
N ALA G 459 -42.03 9.69 44.16
CA ALA G 459 -42.17 10.62 43.05
C ALA G 459 -43.64 10.93 42.76
N GLU G 460 -44.43 11.08 43.82
CA GLU G 460 -45.87 11.31 43.70
C GLU G 460 -46.13 12.71 43.15
N ASN G 461 -46.07 12.80 41.82
CA ASN G 461 -46.14 14.10 41.15
C ASN G 461 -47.48 14.87 41.20
N PRO G 462 -48.68 14.28 41.03
CA PRO G 462 -49.87 15.13 41.09
C PRO G 462 -50.34 15.43 42.50
N ILE G 463 -49.81 14.74 43.51
CA ILE G 463 -50.29 14.86 44.88
C ILE G 463 -49.44 15.92 45.57
N PHE G 464 -48.14 15.88 45.35
CA PHE G 464 -47.19 16.75 46.02
C PHE G 464 -47.19 18.18 45.49
N ILE G 465 -48.08 18.50 44.53
CA ILE G 465 -48.29 19.89 44.14
C ILE G 465 -48.87 20.68 45.29
N ASP G 466 -49.72 20.04 46.10
CA ASP G 466 -50.59 20.79 47.00
C ASP G 466 -49.84 21.29 48.24
N LEU G 467 -49.36 20.39 49.09
CA LEU G 467 -48.85 20.84 50.39
C LEU G 467 -47.55 20.21 50.83
N VAL G 468 -47.20 19.00 50.38
CA VAL G 468 -46.09 18.28 51.00
C VAL G 468 -44.74 18.84 50.55
N THR G 469 -44.61 19.21 49.28
CA THR G 469 -43.40 19.85 48.78
C THR G 469 -43.56 21.37 48.93
N GLY G 470 -43.41 21.85 50.16
CA GLY G 470 -43.32 23.27 50.42
C GLY G 470 -43.29 23.55 51.92
N GLN G 471 -42.39 24.43 52.37
CA GLN G 471 -41.40 25.10 51.53
C GLN G 471 -40.04 24.44 51.70
N GLU G 472 -39.08 24.86 50.86
CA GLU G 472 -37.74 24.28 50.64
C GLU G 472 -37.75 22.75 50.59
N SER G 473 -38.81 22.19 50.00
CA SER G 473 -39.15 20.78 50.21
C SER G 473 -39.24 20.09 48.86
N ASP G 474 -38.33 19.15 48.62
CA ASP G 474 -38.50 18.10 47.64
C ASP G 474 -38.30 16.81 48.41
N THR G 475 -39.38 16.32 49.01
CA THR G 475 -39.40 15.45 50.17
C THR G 475 -38.71 14.11 49.92
N PRO G 476 -37.52 13.86 50.51
CA PRO G 476 -36.94 12.52 50.43
C PRO G 476 -37.55 11.65 51.51
N MET G 477 -37.02 10.45 51.71
CA MET G 477 -37.44 9.66 52.87
C MET G 477 -36.48 9.91 54.03
N ASN G 478 -36.16 11.19 54.30
CA ASN G 478 -35.41 11.51 55.50
C ASN G 478 -36.08 12.57 56.36
N VAL G 479 -36.25 13.78 55.82
CA VAL G 479 -36.56 14.94 56.64
C VAL G 479 -37.60 15.83 55.95
N TYR G 480 -37.87 15.52 54.68
CA TYR G 480 -38.83 16.15 53.76
C TYR G 480 -38.42 17.52 53.23
N ASP G 481 -37.30 18.09 53.68
CA ASP G 481 -36.90 19.41 53.20
C ASP G 481 -35.38 19.52 53.25
N ASN G 482 -34.89 20.77 53.24
CA ASN G 482 -33.49 21.12 53.50
C ASN G 482 -32.54 20.48 52.48
N ALA G 483 -32.88 20.66 51.21
CA ALA G 483 -31.98 20.37 50.11
C ALA G 483 -32.23 21.43 49.05
N ALA G 484 -31.33 22.41 48.97
CA ALA G 484 -31.57 23.61 48.17
C ALA G 484 -30.45 23.72 47.14
N ALA G 485 -30.80 23.52 45.88
CA ALA G 485 -29.83 23.64 44.80
C ALA G 485 -29.46 25.10 44.57
N THR G 486 -28.47 25.32 43.72
CA THR G 486 -28.05 26.68 43.44
C THR G 486 -29.04 27.30 42.45
N MET G 487 -28.97 28.63 42.31
CA MET G 487 -30.04 29.47 41.78
C MET G 487 -29.96 29.70 40.28
N ILE G 488 -28.84 30.29 39.84
CA ILE G 488 -28.75 30.74 38.47
C ILE G 488 -28.59 29.56 37.53
N ALA G 489 -28.20 28.40 38.08
CA ALA G 489 -28.39 27.14 37.38
C ALA G 489 -29.84 26.95 36.99
N LEU G 490 -30.74 26.98 37.96
CA LEU G 490 -32.13 26.63 37.67
C LEU G 490 -32.84 27.73 36.90
N GLU G 491 -32.26 28.92 36.81
CA GLU G 491 -32.83 29.96 35.95
C GLU G 491 -32.25 29.93 34.54
N GLY G 492 -30.92 30.12 34.43
CA GLY G 492 -30.29 30.20 33.13
C GLY G 492 -30.35 28.90 32.36
N ALA G 493 -30.20 27.78 33.07
CA ALA G 493 -30.45 26.46 32.50
C ALA G 493 -31.82 26.35 31.89
N TRP G 494 -32.83 26.88 32.56
CA TRP G 494 -34.21 26.70 32.14
C TRP G 494 -34.50 27.47 30.87
N GLN G 495 -33.98 28.69 30.76
CA GLN G 495 -34.19 29.42 29.51
C GLN G 495 -33.39 28.82 28.36
N THR G 496 -32.15 28.39 28.63
CA THR G 496 -31.40 27.81 27.53
C THR G 496 -31.77 26.37 27.25
N ALA G 497 -32.67 25.78 28.00
CA ALA G 497 -33.21 24.51 27.53
C ALA G 497 -34.54 24.66 26.84
N LYS G 498 -35.29 25.73 27.08
CA LYS G 498 -36.40 25.96 26.15
C LYS G 498 -35.88 26.31 24.76
N THR G 499 -34.79 27.06 24.67
CA THR G 499 -34.36 27.37 23.31
C THR G 499 -33.75 26.17 22.62
N LEU G 500 -33.38 25.13 23.33
CA LEU G 500 -33.06 23.90 22.62
C LEU G 500 -34.21 22.95 22.43
N GLY G 501 -35.24 22.99 23.27
CA GLY G 501 -36.44 22.23 22.95
C GLY G 501 -37.24 22.86 21.86
N LYS G 502 -36.85 24.07 21.42
CA LYS G 502 -37.36 24.76 20.25
C LYS G 502 -36.37 24.79 19.10
N ILE G 503 -35.09 24.52 19.32
CA ILE G 503 -34.24 24.22 18.18
C ILE G 503 -34.36 22.77 17.77
N SER G 504 -34.05 21.82 18.64
CA SER G 504 -33.80 20.47 18.14
C SER G 504 -35.06 19.67 17.94
N ASN G 505 -36.19 20.34 17.73
CA ASN G 505 -37.41 19.76 17.18
C ASN G 505 -37.75 20.30 15.82
N VAL G 506 -37.55 21.59 15.57
CA VAL G 506 -37.89 22.22 14.33
C VAL G 506 -36.81 21.99 13.28
N MET G 507 -35.86 21.11 13.57
CA MET G 507 -34.83 20.69 12.65
C MET G 507 -35.41 19.75 11.61
N GLY G 508 -34.84 19.77 10.40
CA GLY G 508 -35.36 18.90 9.37
C GLY G 508 -34.41 18.17 8.44
N ARG G 509 -33.09 18.35 8.50
CA ARG G 509 -32.18 17.65 7.58
C ARG G 509 -30.86 17.37 8.25
N SER G 510 -29.87 17.10 7.40
CA SER G 510 -28.45 17.31 7.65
C SER G 510 -27.76 17.19 6.30
N ASN G 511 -27.04 18.22 5.87
CA ASN G 511 -26.40 18.15 4.57
C ASN G 511 -24.91 17.95 4.79
N THR G 512 -24.12 18.01 3.73
CA THR G 512 -22.66 18.02 3.88
C THR G 512 -22.00 18.83 2.77
N ASN G 513 -21.45 19.99 3.11
CA ASN G 513 -20.51 20.64 2.22
C ASN G 513 -19.24 21.01 2.95
N TYR G 514 -18.42 21.85 2.33
CA TYR G 514 -17.44 22.63 3.09
C TYR G 514 -17.64 24.08 2.62
N ALA G 515 -18.56 24.77 3.29
CA ALA G 515 -18.98 26.15 3.01
C ALA G 515 -19.41 26.34 1.56
#